data_8EAU
#
_entry.id   8EAU
#
_cell.length_a   1.00
_cell.length_b   1.00
_cell.length_c   1.00
_cell.angle_alpha   90.00
_cell.angle_beta   90.00
_cell.angle_gamma   90.00
#
_symmetry.space_group_name_H-M   'P 1'
#
loop_
_entity.id
_entity.type
_entity.pdbx_description
1 polymer 'V-type proton ATPase subunit a, vacuolar isoform'
2 polymer 'V0 assembly protein 1'
3 polymer "V-type proton ATPase subunit c''"
4 polymer 'V-type proton ATPase subunit d'
5 polymer 'V-type proton ATPase subunit e'
6 polymer 'Yeast V-ATPase subunit f'
7 polymer 'V-type proton ATPase subunit c'
8 polymer "V-type proton ATPase subunit c'"
9 polymer 'Vacuolar ATPase assembly integral membrane protein VMA21'
#
loop_
_entity_poly.entity_id
_entity_poly.type
_entity_poly.pdbx_seq_one_letter_code
_entity_poly.pdbx_strand_id
1 'polypeptide(L)'
;MAEKEEAIFRSAEMALVQFYIPQEISRDSAYTLGQLGLVQFRDLNSKVRAFQRTFVNEIRRLDNVERQYRYFYSLLKKHD
IKLYEGDTDKYLDGSGELYVPPSGSVIDDYVRNASYLEERLIQMEDATDQIEVQKNDLEQYRFILQSGDEFFLKGDNTDS
TSYMDEDMIDANGENIAAAIGASVNYVTGVIARDKVATLEQILWRVLRGNLFFKTVEIEQPVYDVKTREYKHKNAFIVFS
HGDLIIKRIRKIAESLDANLYDVDSSNEGRSQQLAKVNKNLSDLYTVLKTTSTTLESELYAIAKELDSWFQDVTREKAIF
EILNKSNYDTNRKILIAEGWIPRDELATLQARLGEMIARLGIDVPSIIQVLDTNHTPPTFHRTNKFTAGFQSICDCYGIA
QYREINAGLPTIVTFPFMFAIMFGDMGHGFLMTLAALSLVLNEKKINKMKRGEIFDMAFTGRYIILLMGVFSMYTGFLYN
DIFSKTMTIFKSGWKWPDHWKKGESITATSVGTYPIGLDWAWHGTENALLFSNSYKMKLSILMGFIHMTYSYFFSLANHL
YFNSMIDIIGNFIPGLLFMQGIFGYLSVCIVYKWAVDWVKDGKPAPGLLNMLINMFLSPGTIDDELYPHQAKVQVFLLLM
ALVCIPWLLLVKPLHFKFTHKKKSHEPLPSTEADASSEDLEAQQLISAMDADDAEEEEVGSGSHGEDFGDIMIHQVIHTI
EFCLNCVSHTASYLRLWALSLAHAQLSSVLWTMTIQIAFGFRGFVGVFMTVALFAMWFALTCAVLVLMEGTSAMLHSLRL
HWVESMSKFFVGEGLPYEPFAFEYKDMEVAVASASSSASS
;
a
2 'polypeptide(L)'
;MVFGQLYALFIFTLSCCISKTVQADSSKESSSFISFDKESNWDTISTISSTADVISSVDSAIAVFEFDNFSLLDNLMIDE
EYPFFNRFFANDVSLTVHDDSPLNISQSLSPIMEQFTVDELPESASDLLYEYSLDDKSIVLFKFTSDAYDLKKLDEFIDS
CLSFLEDKSGDNLTVVINSLGWAFEDEDGDDEYATEETLSHHDNNKGKEGDDDILSSIWTEGLLMCLIVSALLLFILIVA
LSWISNLDITYGALEKSTNPIKKNN
;
b
3 'polypeptide(L)'
;MNKESKDDDMSLGKFSFSHFLYYLVLIVVIVYGLYKLFTGHGSDINFGKFLLRTSPYMWANLGIALCVGLSVVGAAWGIF
ITGSSMIGAGVRAPRITTKNLISIIFCEVVAIYGLIIAIVFSSKLTVATAENMYSKSNLYTGYSLFWAGITVGASNLICG
IAVGITGATAAISDAADSALFVKILVIEIFGSILGLLGLIVGLLMAGKASEFQ
;
c
4 'polypeptide(L)'
;MEGVYFNIDNGFIEGVVRGYRNGLLSNNQYINLTQCDTLEDLKLQLSSTDYGNFLSSVSSESLTTSLIQEYASSKLYHEF
NYIRDQSSGSTRKFMDYITYGYMIDNVALMITGTIHDRDKGEILQRCHPLGWFDTLPTLSVATDLESLYETVLVDTPLAP
YFKNCFDTAEELDDMNIEIIRNKLYKAYLEDFYNFVTEEIPEPAKECMQTLLGFEADRRSINIALNSLQSSDIDPDLKSD
LLPNIGKLYPLATFHLAQAQDFEGVRAALANVYEYRGFLETGNLEDHFYQLEMELCRDAFTQQFAISTVWAWMKSKEQEV
RNITWIAECIAQNQRERINNYISVY
;
d
5 'polypeptide(L)' MSSFYTVVGVFIVVSAMSVLFWIMAPKNNQAVWRSTVILTLAMMFLMWAITFLCQLHPLVAPRRSDLRPEFAE e
6 'polypeptide(L)'
;MRPVVSTGKAWCCTVLSAFGVVILSVIAHLFNTNHESFVGSINDPEDGPAVAHTVYLAALVYLVFFVFCGFQVYLARRKP
SIELR
;
f
7 'polypeptide(L)'
;MTELCPVYAPFFGAIGCASAIIFTSLGAAYGTAKSGVGICATCVLRPDLLFKNIVPVIMAGIIAIYGLVVSVLVCYSLGQ
KQALYTGFIQLGAGLSVGLSGLAAGFAIGIVGDAGVRGSSQQPRLFVGMILILIFAEVLGLYGLIVALLLNSRATQDVVC
;
g,h,i,j,k,l,m,n
8 'polypeptide(L)'
;MSTQLASNIYAPLYAPFFGFAGCAAAMVLSCLGAAIGTAKSGIGIAGIGTFKPELIMKSLIPVVMSGILAIYGLVVAVLI
AGNLSPTEDYTLFNGFMHLSCGLCVGFACLSSGYAIGMVGDVGVRKYMHQPRLFVGIVLILIFSEVLGLYGMIVALILNT
RGSE
;
o
9 'polypeptide(L)' MAVDVPRAVINKLMLFTAAMVVLPVLTFFIIQQFTPNTLISGGLAAAMANVVLIVYIVVAFREDTEDHKVDGNKKED p
#
# COMPACT_ATOMS: atom_id res chain seq x y z
N GLU A 3 -24.14 -54.04 20.31
CA GLU A 3 -23.55 -53.57 19.05
C GLU A 3 -22.58 -52.43 19.31
N LYS A 4 -21.84 -52.04 18.28
CA LYS A 4 -20.89 -50.94 18.41
C LYS A 4 -21.63 -49.62 18.57
N GLU A 5 -21.29 -48.88 19.62
CA GLU A 5 -21.97 -47.63 19.91
C GLU A 5 -21.68 -46.58 18.85
N GLU A 6 -22.72 -45.90 18.39
CA GLU A 6 -22.53 -44.79 17.47
C GLU A 6 -21.79 -43.65 18.16
N ALA A 7 -20.89 -43.00 17.43
CA ALA A 7 -20.03 -41.98 17.99
C ALA A 7 -20.15 -40.66 17.22
N ILE A 8 -21.37 -40.25 16.92
CA ILE A 8 -21.58 -39.01 16.18
C ILE A 8 -22.08 -37.92 17.11
N PHE A 9 -22.85 -38.27 18.14
CA PHE A 9 -23.26 -37.27 19.12
C PHE A 9 -22.12 -36.94 20.08
N ARG A 10 -21.38 -37.96 20.51
CA ARG A 10 -20.17 -37.79 21.30
C ARG A 10 -19.14 -38.79 20.80
N SER A 11 -17.87 -38.49 21.05
CA SER A 11 -16.81 -39.36 20.56
C SER A 11 -16.88 -40.74 21.24
N ALA A 12 -16.38 -41.75 20.53
CA ALA A 12 -16.45 -43.11 21.02
C ALA A 12 -15.65 -43.27 22.31
N GLU A 13 -16.13 -44.14 23.19
CA GLU A 13 -15.49 -44.37 24.48
C GLU A 13 -14.19 -45.15 24.27
N MET A 14 -13.06 -44.53 24.61
CA MET A 14 -11.76 -45.16 24.45
C MET A 14 -11.37 -45.90 25.71
N ALA A 15 -10.60 -46.97 25.53
CA ALA A 15 -9.95 -47.68 26.61
C ALA A 15 -8.47 -47.83 26.28
N LEU A 16 -7.62 -47.64 27.28
CA LEU A 16 -6.18 -47.81 27.10
C LEU A 16 -5.84 -49.28 27.29
N VAL A 17 -5.16 -49.86 26.30
CA VAL A 17 -4.80 -51.27 26.31
C VAL A 17 -3.29 -51.39 26.39
N GLN A 18 -2.81 -52.20 27.31
CA GLN A 18 -1.39 -52.50 27.45
C GLN A 18 -1.14 -53.87 26.84
N PHE A 19 -0.24 -53.92 25.86
CA PHE A 19 0.04 -55.14 25.10
C PHE A 19 1.30 -55.79 25.65
N TYR A 20 1.15 -56.96 26.26
CA TYR A 20 2.29 -57.78 26.66
C TYR A 20 2.57 -58.75 25.51
N ILE A 21 3.48 -58.38 24.63
CA ILE A 21 3.78 -59.13 23.42
C ILE A 21 5.11 -59.84 23.60
N PRO A 22 5.16 -61.16 23.51
CA PRO A 22 6.46 -61.85 23.49
C PRO A 22 7.32 -61.35 22.33
N GLN A 23 8.62 -61.20 22.60
CA GLN A 23 9.51 -60.57 21.63
C GLN A 23 9.57 -61.36 20.33
N GLU A 24 9.37 -62.68 20.39
CA GLU A 24 9.49 -63.50 19.18
C GLU A 24 8.32 -63.27 18.22
N ILE A 25 7.13 -62.97 18.74
CA ILE A 25 5.94 -62.77 17.93
C ILE A 25 5.59 -61.30 17.73
N SER A 26 6.51 -60.39 18.06
CA SER A 26 6.24 -58.96 18.00
C SER A 26 5.87 -58.50 16.60
N ARG A 27 6.63 -58.93 15.59
CA ARG A 27 6.38 -58.50 14.22
C ARG A 27 5.01 -58.96 13.73
N ASP A 28 4.69 -60.24 13.95
CA ASP A 28 3.39 -60.76 13.55
C ASP A 28 2.27 -60.03 14.26
N SER A 29 2.41 -59.81 15.58
CA SER A 29 1.38 -59.10 16.32
C SER A 29 1.19 -57.69 15.80
N ALA A 30 2.30 -56.99 15.54
CA ALA A 30 2.22 -55.62 15.04
C ALA A 30 1.49 -55.58 13.71
N TYR A 31 1.78 -56.54 12.83
CA TYR A 31 1.03 -56.63 11.57
C TYR A 31 -0.44 -56.88 11.83
N THR A 32 -0.75 -57.78 12.76
CA THR A 32 -2.14 -58.15 13.01
C THR A 32 -2.95 -56.94 13.43
N LEU A 33 -2.50 -56.23 14.46
CA LEU A 33 -3.33 -55.12 14.94
C LEU A 33 -3.09 -53.84 14.14
N GLY A 34 -2.13 -53.83 13.22
CA GLY A 34 -2.03 -52.72 12.30
C GLY A 34 -2.99 -52.84 11.14
N GLN A 35 -3.12 -54.06 10.59
CA GLN A 35 -4.13 -54.28 9.56
C GLN A 35 -5.52 -54.39 10.15
N LEU A 36 -5.62 -54.63 11.46
CA LEU A 36 -6.91 -54.51 12.13
C LEU A 36 -7.36 -53.06 12.15
N GLY A 37 -6.47 -52.15 12.55
CA GLY A 37 -6.64 -50.74 12.28
C GLY A 37 -7.42 -49.95 13.31
N LEU A 38 -7.50 -50.40 14.56
CA LEU A 38 -8.25 -49.69 15.58
C LEU A 38 -7.41 -49.23 16.77
N VAL A 39 -6.09 -49.33 16.69
CA VAL A 39 -5.22 -49.03 17.83
C VAL A 39 -4.38 -47.80 17.50
N GLN A 40 -4.43 -46.80 18.38
CA GLN A 40 -3.52 -45.66 18.35
C GLN A 40 -2.52 -45.82 19.49
N PHE A 41 -1.26 -46.07 19.14
CA PHE A 41 -0.25 -46.41 20.13
C PHE A 41 0.25 -45.18 20.87
N ARG A 42 0.42 -45.34 22.18
CA ARG A 42 1.07 -44.32 22.99
C ARG A 42 2.58 -44.45 22.89
N ASP A 43 3.26 -43.31 22.82
CA ASP A 43 4.73 -43.28 22.69
C ASP A 43 5.33 -43.39 24.08
N LEU A 44 5.56 -44.63 24.52
CA LEU A 44 6.16 -44.84 25.83
C LEU A 44 7.61 -44.38 25.88
N ASN A 45 8.33 -44.47 24.76
CA ASN A 45 9.71 -44.04 24.66
C ASN A 45 9.84 -42.58 24.25
N SER A 46 8.86 -41.74 24.58
CA SER A 46 8.88 -40.34 24.18
C SER A 46 10.12 -39.61 24.69
N LYS A 47 10.58 -39.97 25.89
CA LYS A 47 11.72 -39.30 26.51
C LYS A 47 13.05 -39.97 26.20
N VAL A 48 13.08 -40.84 25.19
CA VAL A 48 14.31 -41.48 24.72
C VAL A 48 14.63 -40.91 23.35
N ARG A 49 15.87 -40.44 23.17
CA ARG A 49 16.26 -39.86 21.90
C ARG A 49 16.11 -40.89 20.78
N ALA A 50 15.68 -40.41 19.61
CA ALA A 50 15.28 -41.31 18.54
C ALA A 50 16.45 -42.15 18.03
N PHE A 51 17.66 -41.57 18.01
CA PHE A 51 18.81 -42.28 17.48
C PHE A 51 19.24 -43.46 18.34
N GLN A 52 18.77 -43.54 19.59
CA GLN A 52 19.13 -44.63 20.49
C GLN A 52 17.92 -45.48 20.87
N ARG A 53 16.84 -45.38 20.11
CA ARG A 53 15.61 -46.10 20.43
C ARG A 53 15.76 -47.57 20.04
N THR A 54 14.81 -48.38 20.51
CA THR A 54 14.99 -49.84 20.53
C THR A 54 15.18 -50.41 19.14
N PHE A 55 14.32 -50.03 18.18
CA PHE A 55 14.33 -50.62 16.85
C PHE A 55 14.85 -49.66 15.78
N VAL A 56 15.81 -48.81 16.14
CA VAL A 56 16.27 -47.76 15.23
C VAL A 56 16.94 -48.35 14.00
N ASN A 57 17.73 -49.41 14.16
CA ASN A 57 18.48 -49.95 13.02
C ASN A 57 17.57 -50.67 12.04
N GLU A 58 16.55 -51.37 12.55
CA GLU A 58 15.59 -52.02 11.67
C GLU A 58 14.84 -51.01 10.84
N ILE A 59 14.56 -49.83 11.40
CA ILE A 59 13.98 -48.76 10.60
C ILE A 59 15.00 -48.21 9.61
N ARG A 60 16.26 -48.08 10.05
CA ARG A 60 17.26 -47.44 9.20
C ARG A 60 17.51 -48.25 7.93
N ARG A 61 17.60 -49.57 8.06
CA ARG A 61 17.81 -50.42 6.89
C ARG A 61 16.62 -50.36 5.94
N LEU A 62 15.40 -50.37 6.49
CA LEU A 62 14.21 -50.27 5.64
C LEU A 62 14.07 -48.88 5.01
N ASP A 63 14.53 -47.84 5.72
CA ASP A 63 14.50 -46.50 5.16
C ASP A 63 15.50 -46.37 4.02
N ASN A 64 16.66 -47.02 4.15
CA ASN A 64 17.57 -47.10 3.02
C ASN A 64 16.93 -47.82 1.85
N VAL A 65 16.18 -48.89 2.13
CA VAL A 65 15.48 -49.60 1.06
C VAL A 65 14.45 -48.70 0.40
N GLU A 66 13.71 -47.92 1.19
CA GLU A 66 12.72 -47.00 0.62
C GLU A 66 13.39 -45.90 -0.20
N ARG A 67 14.53 -45.41 0.28
CA ARG A 67 15.34 -44.47 -0.50
C ARG A 67 15.69 -45.08 -1.86
N GLN A 68 16.13 -46.33 -1.85
CA GLN A 68 16.49 -46.99 -3.10
C GLN A 68 15.27 -47.14 -4.01
N TYR A 69 14.10 -47.46 -3.44
CA TYR A 69 12.90 -47.60 -4.25
C TYR A 69 12.46 -46.27 -4.86
N ARG A 70 12.50 -45.18 -4.08
CA ARG A 70 12.14 -43.90 -4.64
C ARG A 70 13.18 -43.42 -5.65
N TYR A 71 14.44 -43.81 -5.48
CA TYR A 71 15.44 -43.55 -6.51
C TYR A 71 15.11 -44.32 -7.79
N PHE A 72 14.65 -45.56 -7.66
CA PHE A 72 14.20 -46.32 -8.81
C PHE A 72 13.03 -45.62 -9.51
N TYR A 73 12.08 -45.12 -8.72
CA TYR A 73 10.96 -44.39 -9.30
C TYR A 73 11.42 -43.14 -10.03
N SER A 74 12.39 -42.41 -9.46
CA SER A 74 12.96 -41.26 -10.13
C SER A 74 13.60 -41.67 -11.45
N LEU A 75 14.31 -42.80 -11.47
CA LEU A 75 14.92 -43.29 -12.71
C LEU A 75 13.88 -43.65 -13.75
N LEU A 76 12.82 -44.34 -13.34
CA LEU A 76 11.74 -44.69 -14.27
C LEU A 76 11.10 -43.45 -14.86
N LYS A 77 10.87 -42.42 -14.04
CA LYS A 77 10.38 -41.15 -14.58
C LYS A 77 11.40 -40.53 -15.52
N LYS A 78 12.69 -40.65 -15.21
CA LYS A 78 13.73 -40.12 -16.08
C LYS A 78 13.68 -40.75 -17.46
N HIS A 79 13.43 -42.06 -17.53
CA HIS A 79 13.36 -42.78 -18.80
C HIS A 79 11.93 -43.09 -19.22
N ASP A 80 10.93 -42.51 -18.56
CA ASP A 80 9.53 -42.56 -18.99
C ASP A 80 9.01 -44.00 -19.04
N ILE A 81 8.92 -44.61 -17.85
CA ILE A 81 8.28 -45.91 -17.68
C ILE A 81 7.21 -45.77 -16.61
N LYS A 82 6.08 -46.46 -16.81
CA LYS A 82 4.93 -46.38 -15.92
C LYS A 82 4.87 -47.62 -15.03
N LEU A 83 4.62 -47.40 -13.74
CA LEU A 83 4.56 -48.50 -12.79
C LEU A 83 3.30 -49.32 -12.99
N TYR A 84 3.37 -50.59 -12.57
CA TYR A 84 2.22 -51.49 -12.72
C TYR A 84 1.06 -51.05 -11.84
N GLU A 85 1.33 -50.75 -10.58
CA GLU A 85 0.30 -50.32 -9.61
C GLU A 85 -0.84 -51.33 -9.53
N GLY A 86 -0.50 -52.61 -9.52
CA GLY A 86 -1.50 -53.65 -9.50
C GLY A 86 -2.26 -53.70 -8.18
N ASP A 87 -3.45 -54.30 -8.25
CA ASP A 87 -4.33 -54.45 -7.09
C ASP A 87 -3.96 -55.63 -6.21
N THR A 88 -2.81 -56.27 -6.44
CA THR A 88 -2.41 -57.42 -5.62
C THR A 88 -2.26 -57.02 -4.16
N ASP A 89 -1.64 -55.88 -3.90
CA ASP A 89 -1.52 -55.41 -2.51
C ASP A 89 -2.88 -55.09 -1.92
N LYS A 90 -3.78 -54.51 -2.72
CA LYS A 90 -5.13 -54.22 -2.23
C LYS A 90 -5.89 -55.50 -1.91
N TYR A 91 -5.74 -56.52 -2.76
CA TYR A 91 -6.39 -57.79 -2.50
C TYR A 91 -5.83 -58.48 -1.25
N LEU A 92 -4.50 -58.43 -1.08
CA LEU A 92 -3.88 -59.06 0.07
C LEU A 92 -4.23 -58.32 1.36
N ASP A 93 -4.05 -57.00 1.36
CA ASP A 93 -4.36 -56.18 2.53
C ASP A 93 -5.84 -55.85 2.51
N GLY A 94 -6.62 -56.54 3.36
CA GLY A 94 -8.07 -56.39 3.34
C GLY A 94 -8.56 -54.99 3.66
N SER A 95 -7.78 -54.20 4.39
CA SER A 95 -8.17 -52.85 4.80
C SER A 95 -9.54 -52.87 5.46
N GLY A 96 -9.68 -53.72 6.48
CA GLY A 96 -10.95 -53.95 7.13
C GLY A 96 -11.11 -55.40 7.55
N GLU A 97 -10.19 -56.25 7.11
CA GLU A 97 -10.11 -57.64 7.54
C GLU A 97 -8.72 -57.88 8.11
N LEU A 98 -8.67 -58.36 9.35
CA LEU A 98 -7.41 -58.51 10.07
C LEU A 98 -6.71 -59.84 9.82
N TYR A 99 -7.35 -60.77 9.12
CA TYR A 99 -6.79 -62.10 8.92
C TYR A 99 -5.99 -62.12 7.63
N VAL A 100 -4.75 -61.65 7.70
CA VAL A 100 -3.79 -61.70 6.59
C VAL A 100 -2.42 -62.03 7.16
N PRO A 101 -1.65 -62.92 6.55
CA PRO A 101 -0.32 -63.23 7.07
C PRO A 101 0.69 -62.16 6.67
N PRO A 102 1.65 -61.85 7.54
CA PRO A 102 2.67 -60.86 7.20
C PRO A 102 3.72 -61.43 6.27
N SER A 103 4.53 -60.53 5.72
CA SER A 103 5.66 -60.94 4.90
C SER A 103 6.67 -61.71 5.73
N GLY A 104 7.21 -62.78 5.17
CA GLY A 104 8.20 -63.59 5.86
C GLY A 104 9.59 -63.02 5.79
N SER A 105 10.59 -63.89 5.59
CA SER A 105 11.96 -63.44 5.37
C SER A 105 12.12 -62.64 4.09
N VAL A 106 11.05 -62.51 3.29
CA VAL A 106 11.12 -61.82 2.00
C VAL A 106 11.64 -60.40 2.16
N ILE A 107 11.46 -59.80 3.34
CA ILE A 107 11.93 -58.43 3.52
C ILE A 107 13.45 -58.37 3.47
N ASP A 108 14.14 -59.40 3.99
CA ASP A 108 15.60 -59.44 3.89
C ASP A 108 16.02 -59.59 2.42
N ASP A 109 15.28 -60.39 1.66
CA ASP A 109 15.52 -60.49 0.23
C ASP A 109 15.30 -59.14 -0.45
N TYR A 110 14.27 -58.40 -0.03
CA TYR A 110 14.06 -57.05 -0.54
C TYR A 110 15.27 -56.18 -0.26
N VAL A 111 15.80 -56.24 0.96
CA VAL A 111 16.94 -55.42 1.32
C VAL A 111 18.15 -55.77 0.47
N ARG A 112 18.43 -57.06 0.33
CA ARG A 112 19.57 -57.51 -0.48
C ARG A 112 19.40 -57.14 -1.95
N ASN A 113 18.25 -57.51 -2.53
CA ASN A 113 17.93 -57.17 -3.91
C ASN A 113 18.08 -55.68 -4.15
N ALA A 114 17.49 -54.87 -3.27
CA ALA A 114 17.56 -53.42 -3.42
C ALA A 114 19.00 -52.93 -3.37
N SER A 115 19.79 -53.41 -2.42
CA SER A 115 21.17 -52.96 -2.31
C SER A 115 21.98 -53.31 -3.56
N TYR A 116 21.79 -54.53 -4.07
CA TYR A 116 22.47 -54.95 -5.30
C TYR A 116 21.98 -54.14 -6.50
N LEU A 117 20.66 -54.04 -6.64
CA LEU A 117 20.06 -53.45 -7.83
C LEU A 117 20.35 -51.97 -7.92
N GLU A 118 20.39 -51.27 -6.79
CA GLU A 118 20.76 -49.87 -6.81
C GLU A 118 22.14 -49.68 -7.42
N GLU A 119 23.12 -50.50 -6.99
CA GLU A 119 24.45 -50.41 -7.56
C GLU A 119 24.44 -50.74 -9.04
N ARG A 120 23.67 -51.77 -9.43
CA ARG A 120 23.51 -52.11 -10.83
C ARG A 120 23.03 -50.92 -11.65
N LEU A 121 21.95 -50.28 -11.18
CA LEU A 121 21.41 -49.10 -11.86
C LEU A 121 22.40 -47.95 -11.87
N ILE A 122 23.13 -47.75 -10.78
CA ILE A 122 24.17 -46.71 -10.76
C ILE A 122 25.20 -46.97 -11.86
N GLN A 123 25.64 -48.22 -11.96
CA GLN A 123 26.66 -48.56 -12.97
C GLN A 123 26.15 -48.27 -14.37
N MET A 124 24.98 -48.81 -14.72
CA MET A 124 24.49 -48.62 -16.09
C MET A 124 24.09 -47.17 -16.36
N GLU A 125 23.57 -46.47 -15.35
CA GLU A 125 23.27 -45.05 -15.50
C GLU A 125 24.54 -44.25 -15.76
N ASP A 126 25.62 -44.56 -15.03
CA ASP A 126 26.88 -43.89 -15.29
C ASP A 126 27.37 -44.16 -16.71
N ALA A 127 27.24 -45.41 -17.17
CA ALA A 127 27.65 -45.74 -18.54
C ALA A 127 26.83 -44.95 -19.56
N THR A 128 25.50 -45.03 -19.46
CA THR A 128 24.62 -44.35 -20.41
C THR A 128 24.80 -42.84 -20.34
N ASP A 129 25.01 -42.29 -19.14
CA ASP A 129 25.21 -40.86 -18.98
C ASP A 129 26.52 -40.42 -19.65
N GLN A 130 27.61 -41.14 -19.41
CA GLN A 130 28.88 -40.78 -20.03
C GLN A 130 28.78 -40.82 -21.55
N ILE A 131 28.20 -41.90 -22.09
CA ILE A 131 28.08 -41.98 -23.55
C ILE A 131 27.14 -40.90 -24.07
N GLU A 132 26.12 -40.54 -23.30
CA GLU A 132 25.23 -39.45 -23.71
C GLU A 132 25.95 -38.11 -23.70
N VAL A 133 26.85 -37.92 -22.74
CA VAL A 133 27.67 -36.69 -22.71
C VAL A 133 28.49 -36.58 -23.98
N GLN A 134 29.21 -37.66 -24.31
CA GLN A 134 29.97 -37.60 -25.56
C GLN A 134 29.07 -37.54 -26.79
N LYS A 135 27.86 -38.10 -26.70
CA LYS A 135 26.86 -37.93 -27.75
C LYS A 135 26.55 -36.47 -28.00
N ASN A 136 26.18 -35.74 -26.94
CA ASN A 136 25.85 -34.33 -27.05
C ASN A 136 27.06 -33.53 -27.53
N ASP A 137 28.23 -33.82 -26.98
CA ASP A 137 29.46 -33.12 -27.38
C ASP A 137 29.70 -33.26 -28.88
N LEU A 138 29.64 -34.50 -29.38
CA LEU A 138 29.90 -34.73 -30.80
C LEU A 138 28.77 -34.19 -31.68
N GLU A 139 27.53 -34.19 -31.19
CA GLU A 139 26.46 -33.51 -31.92
C GLU A 139 26.75 -32.03 -32.08
N GLN A 140 27.20 -31.38 -30.99
CA GLN A 140 27.57 -29.97 -31.08
C GLN A 140 28.74 -29.78 -32.03
N TYR A 141 29.72 -30.69 -31.97
CA TYR A 141 30.86 -30.64 -32.89
C TYR A 141 30.39 -30.72 -34.34
N ARG A 142 29.47 -31.63 -34.63
CA ARG A 142 28.94 -31.76 -35.98
C ARG A 142 28.21 -30.49 -36.39
N PHE A 143 27.35 -29.96 -35.51
CA PHE A 143 26.64 -28.72 -35.82
C PHE A 143 27.60 -27.58 -36.11
N ILE A 144 28.74 -27.54 -35.41
CA ILE A 144 29.78 -26.57 -35.75
C ILE A 144 30.34 -26.84 -37.14
N LEU A 145 30.63 -28.11 -37.43
CA LEU A 145 31.28 -28.46 -38.69
C LEU A 145 30.32 -28.34 -39.87
N GLN A 146 29.01 -28.51 -39.64
CA GLN A 146 28.05 -28.40 -40.73
C GLN A 146 27.96 -26.99 -41.30
N SER A 147 28.47 -25.99 -40.57
CA SER A 147 28.46 -24.62 -41.05
C SER A 147 29.31 -24.47 -42.30
N GLY A 148 28.67 -24.17 -43.44
CA GLY A 148 29.41 -24.07 -44.68
C GLY A 148 30.41 -22.93 -44.68
N ASP A 149 29.98 -21.75 -44.24
CA ASP A 149 30.88 -20.60 -44.17
C ASP A 149 30.33 -19.63 -43.14
N GLU A 150 31.00 -19.55 -41.98
CA GLU A 150 30.77 -18.53 -40.96
C GLU A 150 32.08 -17.93 -40.49
N PHE A 151 33.05 -17.82 -41.40
CA PHE A 151 34.39 -17.38 -41.08
C PHE A 151 34.70 -16.07 -41.82
N PHE A 152 35.31 -15.12 -41.10
CA PHE A 152 35.73 -13.84 -41.67
C PHE A 152 37.15 -13.53 -41.18
N LEU A 153 37.70 -12.45 -41.72
CA LEU A 153 39.06 -12.02 -41.43
C LEU A 153 40.08 -13.12 -41.71
N VAL A 184 42.99 -13.86 -39.05
CA VAL A 184 44.23 -14.54 -38.67
C VAL A 184 43.91 -15.92 -38.11
N ASN A 185 43.28 -15.96 -36.95
CA ASN A 185 42.91 -17.20 -36.29
C ASN A 185 41.56 -17.02 -35.61
N TYR A 186 40.98 -18.13 -35.17
CA TYR A 186 39.65 -18.09 -34.54
C TYR A 186 39.52 -19.22 -33.54
N VAL A 187 38.56 -19.07 -32.64
CA VAL A 187 38.13 -20.14 -31.75
C VAL A 187 36.60 -20.16 -31.76
N THR A 188 36.05 -21.37 -31.69
CA THR A 188 34.60 -21.55 -31.83
C THR A 188 34.13 -22.63 -30.88
N GLY A 189 32.83 -22.63 -30.62
CA GLY A 189 32.26 -23.59 -29.70
C GLY A 189 30.76 -23.43 -29.61
N VAL A 190 30.19 -23.92 -28.52
CA VAL A 190 28.75 -23.87 -28.27
C VAL A 190 28.52 -23.38 -26.85
N ILE A 191 27.52 -22.50 -26.68
CA ILE A 191 27.13 -21.97 -25.38
C ILE A 191 25.63 -22.19 -25.22
N ALA A 192 25.18 -22.22 -23.97
CA ALA A 192 23.76 -22.12 -23.68
C ALA A 192 23.23 -20.77 -24.18
N ARG A 193 21.97 -20.76 -24.61
CA ARG A 193 21.44 -19.60 -25.31
C ARG A 193 21.41 -18.35 -24.44
N ASP A 194 21.26 -18.50 -23.13
CA ASP A 194 21.25 -17.32 -22.26
C ASP A 194 22.66 -16.78 -22.03
N LYS A 195 23.64 -17.67 -21.87
CA LYS A 195 25.00 -17.25 -21.52
C LYS A 195 25.73 -16.58 -22.66
N VAL A 196 25.26 -16.73 -23.91
CA VAL A 196 25.98 -16.17 -25.04
C VAL A 196 26.03 -14.64 -24.95
N ALA A 197 24.97 -14.02 -24.45
CA ALA A 197 24.95 -12.56 -24.34
C ALA A 197 26.01 -12.06 -23.36
N THR A 198 26.07 -12.65 -22.17
CA THR A 198 27.05 -12.19 -21.19
C THR A 198 28.46 -12.53 -21.62
N LEU A 199 28.66 -13.67 -22.29
CA LEU A 199 29.99 -13.98 -22.81
C LEU A 199 30.40 -12.99 -23.89
N GLU A 200 29.46 -12.60 -24.76
CA GLU A 200 29.76 -11.59 -25.77
C GLU A 200 30.14 -10.26 -25.13
N GLN A 201 29.41 -9.85 -24.10
CA GLN A 201 29.75 -8.61 -23.40
C GLN A 201 31.12 -8.70 -22.74
N ILE A 202 31.41 -9.83 -22.10
CA ILE A 202 32.69 -10.00 -21.42
C ILE A 202 33.83 -9.94 -22.43
N LEU A 203 33.68 -10.59 -23.58
CA LEU A 203 34.71 -10.51 -24.60
C LEU A 203 34.81 -9.11 -25.20
N TRP A 204 33.68 -8.40 -25.31
CA TRP A 204 33.69 -7.03 -25.81
C TRP A 204 34.43 -6.10 -24.87
N ARG A 205 34.49 -6.45 -23.59
CA ARG A 205 35.38 -5.73 -22.70
C ARG A 205 36.80 -6.32 -22.67
N VAL A 206 36.97 -7.59 -23.06
CA VAL A 206 38.30 -8.11 -23.34
C VAL A 206 38.88 -7.45 -24.58
N LEU A 207 38.08 -7.37 -25.65
CA LEU A 207 38.46 -6.70 -26.88
C LEU A 207 37.45 -5.57 -27.13
N ARG A 208 37.89 -4.35 -26.89
CA ARG A 208 37.02 -3.18 -26.95
C ARG A 208 37.16 -2.52 -28.32
N GLY A 209 36.06 -2.48 -29.06
CA GLY A 209 36.10 -2.01 -30.43
C GLY A 209 36.84 -2.93 -31.39
N ASN A 210 37.17 -4.14 -30.95
CA ASN A 210 37.94 -5.08 -31.76
C ASN A 210 37.34 -6.48 -31.79
N LEU A 211 36.18 -6.70 -31.17
CA LEU A 211 35.58 -8.02 -31.14
C LEU A 211 34.85 -8.29 -32.45
N PHE A 212 35.03 -9.49 -33.01
CA PHE A 212 34.24 -9.96 -34.14
C PHE A 212 33.53 -11.24 -33.71
N PHE A 213 32.20 -11.23 -33.75
CA PHE A 213 31.40 -12.28 -33.14
C PHE A 213 30.20 -12.62 -34.02
N LYS A 214 29.91 -13.90 -34.15
CA LYS A 214 28.68 -14.39 -34.74
C LYS A 214 28.17 -15.55 -33.91
N THR A 215 26.86 -15.80 -33.98
CA THR A 215 26.28 -16.94 -33.29
C THR A 215 25.13 -17.49 -34.12
N VAL A 216 24.88 -18.79 -33.97
CA VAL A 216 23.81 -19.48 -34.67
C VAL A 216 23.03 -20.29 -33.64
N GLU A 217 21.71 -20.08 -33.59
CA GLU A 217 20.89 -20.76 -32.61
C GLU A 217 20.64 -22.20 -33.02
N ILE A 218 20.92 -23.14 -32.11
CA ILE A 218 20.62 -24.55 -32.38
C ILE A 218 19.12 -24.75 -32.35
N GLU A 219 18.62 -25.56 -33.29
CA GLU A 219 17.18 -25.68 -33.50
C GLU A 219 16.47 -26.32 -32.32
N GLN A 220 17.15 -27.19 -31.58
CA GLN A 220 16.51 -27.93 -30.50
C GLN A 220 17.41 -27.96 -29.28
N PRO A 221 16.84 -28.04 -28.08
CA PRO A 221 17.66 -28.14 -26.87
C PRO A 221 18.29 -29.52 -26.73
N VAL A 222 19.37 -29.57 -25.95
CA VAL A 222 20.12 -30.80 -25.73
C VAL A 222 20.32 -31.01 -24.23
N TYR A 223 20.51 -32.27 -23.87
CA TYR A 223 20.55 -32.66 -22.46
C TYR A 223 21.84 -32.18 -21.80
N ASP A 224 21.71 -31.57 -20.62
CA ASP A 224 22.84 -31.11 -19.82
C ASP A 224 22.88 -31.87 -18.51
N VAL A 225 24.09 -32.29 -18.11
CA VAL A 225 24.24 -33.07 -16.88
C VAL A 225 23.94 -32.22 -15.66
N LYS A 226 24.46 -30.98 -15.63
CA LYS A 226 24.34 -30.14 -14.45
C LYS A 226 22.88 -29.85 -14.11
N THR A 227 22.08 -29.50 -15.13
CA THR A 227 20.66 -29.29 -14.92
C THR A 227 19.85 -30.58 -14.98
N ARG A 228 20.45 -31.67 -15.45
CA ARG A 228 19.74 -32.94 -15.64
C ARG A 228 18.50 -32.75 -16.51
N GLU A 229 18.60 -31.85 -17.47
CA GLU A 229 17.48 -31.51 -18.34
C GLU A 229 18.02 -30.81 -19.59
N TYR A 230 17.15 -30.68 -20.58
CA TYR A 230 17.54 -30.06 -21.84
C TYR A 230 17.70 -28.56 -21.68
N LYS A 231 18.68 -28.00 -22.39
CA LYS A 231 18.90 -26.56 -22.43
C LYS A 231 19.09 -26.10 -23.87
N HIS A 232 18.59 -24.91 -24.17
CA HIS A 232 18.81 -24.31 -25.48
C HIS A 232 20.26 -23.83 -25.59
N LYS A 233 20.87 -24.06 -26.76
CA LYS A 233 22.28 -23.79 -26.93
C LYS A 233 22.52 -23.03 -28.23
N ASN A 234 23.68 -22.37 -28.29
CA ASN A 234 24.06 -21.54 -29.43
C ASN A 234 25.52 -21.81 -29.79
N ALA A 235 25.77 -22.05 -31.07
CA ALA A 235 27.14 -22.08 -31.58
C ALA A 235 27.66 -20.64 -31.72
N PHE A 236 28.97 -20.48 -31.55
CA PHE A 236 29.57 -19.16 -31.63
C PHE A 236 30.92 -19.26 -32.30
N ILE A 237 31.41 -18.12 -32.77
CA ILE A 237 32.77 -18.02 -33.29
C ILE A 237 33.28 -16.60 -33.05
N VAL A 238 34.56 -16.49 -32.70
CA VAL A 238 35.23 -15.22 -32.55
C VAL A 238 36.59 -15.29 -33.23
N PHE A 239 37.07 -14.15 -33.70
CA PHE A 239 38.32 -14.08 -34.44
C PHE A 239 39.31 -13.21 -33.68
N SER A 240 40.59 -13.60 -33.73
CA SER A 240 41.63 -12.93 -32.98
C SER A 240 42.96 -13.12 -33.70
N HIS A 241 43.98 -12.38 -33.23
CA HIS A 241 45.28 -12.39 -33.88
C HIS A 241 46.43 -12.51 -32.91
N GLY A 242 46.17 -12.73 -31.62
CA GLY A 242 47.24 -12.83 -30.64
C GLY A 242 47.15 -14.05 -29.76
N ASP A 243 48.23 -14.83 -29.68
CA ASP A 243 48.18 -16.11 -28.98
C ASP A 243 47.79 -15.93 -27.52
N LEU A 244 48.31 -14.89 -26.87
CA LEU A 244 47.93 -14.61 -25.49
C LEU A 244 46.45 -14.29 -25.39
N ILE A 245 45.94 -13.43 -26.27
CA ILE A 245 44.54 -13.07 -26.18
C ILE A 245 43.64 -14.18 -26.72
N ILE A 246 44.14 -15.02 -27.64
CA ILE A 246 43.37 -16.21 -28.01
C ILE A 246 43.23 -17.14 -26.81
N LYS A 247 44.32 -17.33 -26.06
CA LYS A 247 44.24 -18.12 -24.84
C LYS A 247 43.28 -17.48 -23.84
N ARG A 248 43.29 -16.15 -23.73
CA ARG A 248 42.36 -15.47 -22.85
C ARG A 248 40.91 -15.72 -23.28
N ILE A 249 40.64 -15.65 -24.58
CA ILE A 249 39.29 -15.88 -25.08
C ILE A 249 38.84 -17.30 -24.77
N ARG A 250 39.71 -18.28 -25.04
CA ARG A 250 39.37 -19.67 -24.76
C ARG A 250 39.14 -19.90 -23.27
N LYS A 251 40.01 -19.34 -22.43
CA LYS A 251 39.91 -19.53 -20.99
C LYS A 251 38.73 -18.78 -20.38
N ILE A 252 38.32 -17.66 -20.97
CA ILE A 252 37.14 -16.95 -20.50
C ILE A 252 35.86 -17.56 -21.06
N ALA A 253 35.94 -18.29 -22.18
CA ALA A 253 34.77 -18.95 -22.74
C ALA A 253 34.50 -20.30 -22.10
N GLU A 254 35.55 -21.04 -21.73
CA GLU A 254 35.35 -22.30 -21.03
C GLU A 254 34.67 -22.07 -19.68
N SER A 255 35.11 -21.05 -18.95
CA SER A 255 34.25 -20.48 -17.92
C SER A 255 33.05 -19.83 -18.58
N LEU A 256 31.91 -19.88 -17.91
CA LEU A 256 30.58 -19.66 -18.48
C LEU A 256 30.16 -20.81 -19.38
N ASP A 257 30.88 -21.93 -19.33
CA ASP A 257 30.40 -23.24 -19.77
C ASP A 257 30.29 -23.39 -21.29
N ALA A 258 31.17 -22.74 -22.05
CA ALA A 258 31.22 -23.03 -23.48
C ALA A 258 32.05 -24.28 -23.75
N ASN A 259 31.58 -25.09 -24.68
CA ASN A 259 32.33 -26.27 -25.15
C ASN A 259 33.08 -25.87 -26.40
N LEU A 260 34.41 -25.79 -26.30
CA LEU A 260 35.24 -25.31 -27.39
C LEU A 260 35.60 -26.43 -28.35
N TYR A 261 35.72 -26.08 -29.63
CA TYR A 261 35.99 -27.05 -30.69
C TYR A 261 37.03 -26.51 -31.65
N ASP A 262 37.97 -27.37 -32.02
CA ASP A 262 38.96 -27.04 -33.04
C ASP A 262 38.40 -27.35 -34.42
N VAL A 263 38.48 -26.36 -35.32
CA VAL A 263 37.92 -26.47 -36.66
C VAL A 263 39.01 -26.15 -37.67
N ASP A 264 39.11 -26.99 -38.70
CA ASP A 264 40.10 -26.78 -39.75
C ASP A 264 39.88 -25.46 -40.46
N SER A 265 40.95 -24.93 -41.05
CA SER A 265 40.92 -23.63 -41.70
C SER A 265 40.39 -23.67 -43.13
N SER A 266 40.05 -24.84 -43.65
CA SER A 266 39.60 -24.95 -45.02
C SER A 266 38.43 -25.92 -45.09
N ASN A 267 37.64 -25.78 -46.16
CA ASN A 267 36.44 -26.60 -46.32
C ASN A 267 36.78 -28.08 -46.42
N GLU A 268 37.92 -28.41 -47.03
CA GLU A 268 38.32 -29.82 -47.14
C GLU A 268 38.63 -30.41 -45.78
N GLY A 269 39.40 -29.69 -44.95
CA GLY A 269 39.68 -30.18 -43.60
C GLY A 269 38.43 -30.27 -42.76
N ARG A 270 37.51 -29.30 -42.91
CA ARG A 270 36.25 -29.36 -42.19
C ARG A 270 35.42 -30.56 -42.63
N SER A 271 35.43 -30.87 -43.93
CA SER A 271 34.72 -32.06 -44.40
C SER A 271 35.34 -33.34 -43.85
N GLN A 272 36.68 -33.39 -43.78
CA GLN A 272 37.34 -34.55 -43.18
C GLN A 272 36.96 -34.71 -41.71
N GLN A 273 36.96 -33.60 -40.98
CA GLN A 273 36.58 -33.65 -39.56
C GLN A 273 35.12 -34.06 -39.41
N LEU A 274 34.26 -33.59 -40.30
CA LEU A 274 32.84 -33.98 -40.27
C LEU A 274 32.68 -35.47 -40.53
N ALA A 275 33.43 -36.01 -41.49
CA ALA A 275 33.34 -37.46 -41.74
C ALA A 275 33.81 -38.25 -40.53
N LYS A 276 34.93 -37.82 -39.91
CA LYS A 276 35.41 -38.49 -38.71
C LYS A 276 34.36 -38.42 -37.60
N VAL A 277 33.75 -37.26 -37.43
CA VAL A 277 32.73 -37.10 -36.39
C VAL A 277 31.55 -38.00 -36.68
N ASN A 278 31.11 -38.08 -37.94
CA ASN A 278 29.97 -38.92 -38.26
C ASN A 278 30.26 -40.39 -38.01
N LYS A 279 31.48 -40.84 -38.31
CA LYS A 279 31.84 -42.22 -38.01
C LYS A 279 31.84 -42.47 -36.49
N ASN A 280 32.37 -41.50 -35.72
CA ASN A 280 32.35 -41.63 -34.27
C ASN A 280 30.92 -41.65 -33.74
N LEU A 281 30.03 -40.84 -34.32
CA LEU A 281 28.62 -40.90 -33.96
C LEU A 281 28.01 -42.25 -34.30
N SER A 282 28.39 -42.83 -35.43
CA SER A 282 27.88 -44.15 -35.79
C SER A 282 28.24 -45.17 -34.71
N ASP A 283 29.51 -45.21 -34.32
CA ASP A 283 29.92 -46.14 -33.27
C ASP A 283 29.23 -45.83 -31.94
N LEU A 284 29.12 -44.54 -31.62
CA LEU A 284 28.52 -44.12 -30.36
C LEU A 284 27.06 -44.54 -30.29
N TYR A 285 26.31 -44.34 -31.38
CA TYR A 285 24.92 -44.79 -31.43
C TYR A 285 24.84 -46.31 -31.37
N THR A 286 25.80 -47.00 -32.00
CA THR A 286 25.81 -48.46 -31.96
C THR A 286 25.87 -48.96 -30.52
N VAL A 287 26.76 -48.37 -29.71
CA VAL A 287 26.82 -48.80 -28.32
C VAL A 287 25.65 -48.24 -27.49
N LEU A 288 25.19 -47.03 -27.81
CA LEU A 288 24.14 -46.38 -27.03
C LEU A 288 22.82 -47.13 -27.15
N LYS A 289 22.49 -47.62 -28.34
CA LYS A 289 21.24 -48.35 -28.52
C LYS A 289 21.19 -49.57 -27.59
N THR A 290 22.28 -50.34 -27.56
CA THR A 290 22.30 -51.53 -26.72
C THR A 290 22.25 -51.16 -25.23
N THR A 291 23.04 -50.15 -24.83
CA THR A 291 23.05 -49.77 -23.42
C THR A 291 21.67 -49.29 -22.97
N SER A 292 21.04 -48.43 -23.77
CA SER A 292 19.73 -47.91 -23.43
C SER A 292 18.68 -49.02 -23.42
N THR A 293 18.75 -49.95 -24.38
CA THR A 293 17.78 -51.03 -24.42
C THR A 293 17.90 -51.91 -23.17
N THR A 294 19.13 -52.26 -22.78
CA THR A 294 19.30 -53.07 -21.58
C THR A 294 18.83 -52.34 -20.33
N LEU A 295 19.21 -51.07 -20.20
CA LEU A 295 18.83 -50.30 -19.02
C LEU A 295 17.30 -50.16 -18.94
N GLU A 296 16.65 -49.86 -20.07
CA GLU A 296 15.21 -49.73 -20.08
C GLU A 296 14.53 -51.06 -19.81
N SER A 297 15.14 -52.17 -20.24
CA SER A 297 14.59 -53.47 -19.89
C SER A 297 14.64 -53.70 -18.38
N GLU A 298 15.75 -53.31 -17.74
CA GLU A 298 15.83 -53.42 -16.28
C GLU A 298 14.77 -52.55 -15.61
N LEU A 299 14.60 -51.32 -16.11
CA LEU A 299 13.58 -50.44 -15.53
C LEU A 299 12.17 -50.98 -15.75
N TYR A 300 11.92 -51.62 -16.90
CA TYR A 300 10.61 -52.22 -17.15
C TYR A 300 10.37 -53.40 -16.23
N ALA A 301 11.40 -54.20 -15.98
CA ALA A 301 11.28 -55.27 -14.99
C ALA A 301 10.99 -54.71 -13.61
N ILE A 302 11.62 -53.57 -13.28
CA ILE A 302 11.36 -52.89 -12.02
C ILE A 302 9.90 -52.46 -11.93
N ALA A 303 9.37 -51.87 -13.00
CA ALA A 303 8.04 -51.27 -12.94
C ALA A 303 6.95 -52.28 -12.58
N LYS A 304 7.08 -53.52 -13.08
CA LYS A 304 6.04 -54.51 -12.86
C LYS A 304 5.90 -54.94 -11.40
N GLU A 305 6.90 -54.67 -10.56
CA GLU A 305 6.88 -55.11 -9.18
C GLU A 305 7.30 -54.06 -8.16
N LEU A 306 7.81 -52.91 -8.60
CA LEU A 306 8.33 -51.92 -7.66
C LEU A 306 7.24 -51.43 -6.70
N ASP A 307 6.01 -51.30 -7.19
CA ASP A 307 4.93 -50.82 -6.34
C ASP A 307 4.68 -51.76 -5.16
N SER A 308 4.64 -53.06 -5.43
CA SER A 308 4.43 -54.03 -4.35
C SER A 308 5.60 -54.05 -3.38
N TRP A 309 6.83 -53.94 -3.89
CA TRP A 309 7.99 -53.83 -3.01
C TRP A 309 7.84 -52.63 -2.08
N PHE A 310 7.46 -51.48 -2.63
CA PHE A 310 7.33 -50.28 -1.80
C PHE A 310 6.22 -50.43 -0.77
N GLN A 311 5.08 -51.04 -1.17
CA GLN A 311 4.01 -51.26 -0.19
C GLN A 311 4.49 -52.13 0.96
N ASP A 312 5.17 -53.24 0.63
CA ASP A 312 5.63 -54.16 1.68
C ASP A 312 6.64 -53.47 2.59
N VAL A 313 7.58 -52.73 2.01
CA VAL A 313 8.62 -52.09 2.82
C VAL A 313 8.02 -50.97 3.66
N THR A 314 7.06 -50.22 3.12
CA THR A 314 6.38 -49.19 3.91
C THR A 314 5.66 -49.82 5.10
N ARG A 315 4.94 -50.92 4.87
CA ARG A 315 4.26 -51.58 5.98
C ARG A 315 5.26 -52.05 7.02
N GLU A 316 6.38 -52.63 6.60
CA GLU A 316 7.35 -53.16 7.57
C GLU A 316 7.98 -52.03 8.38
N LYS A 317 8.31 -50.92 7.71
CA LYS A 317 8.87 -49.77 8.42
C LYS A 317 7.88 -49.19 9.41
N ALA A 318 6.60 -49.06 9.01
CA ALA A 318 5.58 -48.62 9.94
C ALA A 318 5.48 -49.56 11.13
N ILE A 319 5.66 -50.86 10.87
CA ILE A 319 5.59 -51.86 11.94
C ILE A 319 6.67 -51.58 12.97
N PHE A 320 7.91 -51.39 12.51
CA PHE A 320 8.99 -51.10 13.46
C PHE A 320 8.82 -49.75 14.13
N GLU A 321 8.32 -48.75 13.42
CA GLU A 321 8.06 -47.46 14.05
C GLU A 321 7.00 -47.55 15.13
N ILE A 322 6.06 -48.48 14.99
CA ILE A 322 5.10 -48.75 16.06
C ILE A 322 5.79 -49.49 17.21
N LEU A 323 6.63 -50.47 16.88
CA LEU A 323 7.31 -51.25 17.92
C LEU A 323 8.23 -50.38 18.77
N ASN A 324 8.75 -49.28 18.22
CA ASN A 324 9.57 -48.38 19.02
C ASN A 324 8.81 -47.85 20.23
N LYS A 325 7.52 -47.64 20.08
CA LYS A 325 6.70 -47.06 21.14
C LYS A 325 6.37 -48.07 22.23
N SER A 326 6.94 -49.27 22.15
CA SER A 326 6.81 -50.29 23.16
C SER A 326 8.00 -50.26 24.10
N ASN A 327 7.74 -50.53 25.37
CA ASN A 327 8.81 -50.66 26.37
C ASN A 327 9.42 -52.05 26.25
N TYR A 328 10.68 -52.11 25.82
CA TYR A 328 11.37 -53.38 25.62
C TYR A 328 11.94 -53.84 26.95
N ASP A 329 11.17 -54.67 27.66
CA ASP A 329 11.65 -55.28 28.89
C ASP A 329 12.56 -56.44 28.53
N THR A 330 13.86 -56.30 28.79
CA THR A 330 14.82 -57.35 28.41
C THR A 330 14.74 -58.53 29.35
N ASN A 331 14.53 -58.29 30.65
CA ASN A 331 14.44 -59.39 31.61
C ASN A 331 13.26 -60.29 31.31
N ARG A 332 12.11 -59.70 30.96
CA ARG A 332 10.92 -60.48 30.60
C ARG A 332 10.85 -60.81 29.13
N LYS A 333 11.71 -60.22 28.29
CA LYS A 333 11.75 -60.48 26.85
C LYS A 333 10.39 -60.23 26.20
N ILE A 334 9.77 -59.10 26.56
CA ILE A 334 8.44 -58.74 26.06
C ILE A 334 8.43 -57.27 25.69
N LEU A 335 7.70 -56.95 24.61
CA LEU A 335 7.37 -55.57 24.27
C LEU A 335 6.10 -55.17 25.01
N ILE A 336 6.22 -54.22 25.93
CA ILE A 336 5.06 -53.70 26.67
C ILE A 336 4.55 -52.50 25.86
N ALA A 337 3.59 -52.77 24.98
CA ALA A 337 3.00 -51.72 24.16
C ALA A 337 1.77 -51.13 24.84
N GLU A 338 1.38 -49.96 24.39
CA GLU A 338 0.16 -49.31 24.85
C GLU A 338 -0.55 -48.67 23.67
N GLY A 339 -1.86 -48.60 23.74
CA GLY A 339 -2.63 -48.05 22.64
C GLY A 339 -4.05 -47.77 23.03
N TRP A 340 -4.65 -46.83 22.29
CA TRP A 340 -6.05 -46.46 22.46
C TRP A 340 -6.91 -47.22 21.44
N ILE A 341 -7.96 -47.88 21.94
CA ILE A 341 -8.90 -48.58 21.08
C ILE A 341 -10.31 -48.33 21.63
N PRO A 342 -11.32 -48.17 20.79
CA PRO A 342 -12.69 -48.06 21.31
C PRO A 342 -13.09 -49.32 22.05
N ARG A 343 -13.88 -49.13 23.12
CA ARG A 343 -14.28 -50.26 23.94
C ARG A 343 -15.13 -51.25 23.17
N ASP A 344 -16.03 -50.74 22.31
CA ASP A 344 -16.85 -51.63 21.50
C ASP A 344 -15.99 -52.47 20.55
N GLU A 345 -14.80 -51.99 20.21
CA GLU A 345 -13.85 -52.71 19.37
C GLU A 345 -12.85 -53.53 20.17
N LEU A 346 -12.89 -53.46 21.50
CA LEU A 346 -11.99 -54.25 22.34
C LEU A 346 -12.18 -55.74 22.08
N ALA A 347 -13.44 -56.17 21.97
CA ALA A 347 -13.73 -57.57 21.67
C ALA A 347 -13.16 -57.96 20.32
N THR A 348 -13.27 -57.09 19.32
CA THR A 348 -12.69 -57.36 18.00
C THR A 348 -11.17 -57.54 18.11
N LEU A 349 -10.51 -56.66 18.87
CA LEU A 349 -9.07 -56.81 19.06
C LEU A 349 -8.73 -58.15 19.70
N GLN A 350 -9.47 -58.51 20.75
CA GLN A 350 -9.22 -59.78 21.42
C GLN A 350 -9.40 -60.95 20.46
N ALA A 351 -10.46 -60.91 19.65
CA ALA A 351 -10.73 -61.98 18.70
C ALA A 351 -9.61 -62.10 17.66
N ARG A 352 -9.18 -60.95 17.11
CA ARG A 352 -8.21 -61.01 16.03
C ARG A 352 -6.84 -61.44 16.53
N LEU A 353 -6.45 -61.00 17.73
CA LEU A 353 -5.21 -61.50 18.30
C LEU A 353 -5.31 -62.98 18.65
N GLY A 354 -6.48 -63.42 19.12
CA GLY A 354 -6.70 -64.85 19.31
C GLY A 354 -6.59 -65.63 18.02
N GLU A 355 -6.94 -65.01 16.89
CA GLU A 355 -6.80 -65.66 15.59
C GLU A 355 -5.33 -65.74 15.18
N MET A 356 -4.59 -64.64 15.34
CA MET A 356 -3.19 -64.67 14.93
C MET A 356 -2.37 -65.61 15.81
N ILE A 357 -2.66 -65.65 17.12
CA ILE A 357 -1.92 -66.57 17.98
C ILE A 357 -2.23 -68.01 17.61
N ALA A 358 -3.47 -68.28 17.19
CA ALA A 358 -3.80 -69.59 16.67
C ALA A 358 -3.02 -69.89 15.40
N ARG A 359 -2.83 -68.87 14.56
CA ARG A 359 -1.98 -69.03 13.38
C ARG A 359 -0.56 -69.42 13.77
N LEU A 360 0.01 -68.70 14.74
CA LEU A 360 1.39 -68.95 15.14
C LEU A 360 1.52 -70.19 16.01
N GLY A 361 0.47 -70.53 16.77
CA GLY A 361 0.53 -71.67 17.66
C GLY A 361 1.46 -71.52 18.84
N ILE A 362 1.85 -70.29 19.19
CA ILE A 362 2.79 -70.10 20.28
C ILE A 362 2.17 -70.36 21.64
N ASP A 363 0.84 -70.26 21.75
CA ASP A 363 0.12 -70.42 23.02
C ASP A 363 0.59 -69.45 24.09
N VAL A 364 1.13 -68.31 23.67
CA VAL A 364 1.63 -67.27 24.57
C VAL A 364 0.45 -66.60 25.27
N PRO A 365 0.64 -65.93 26.41
CA PRO A 365 -0.50 -65.20 27.01
C PRO A 365 -1.04 -64.09 26.13
N SER A 366 -0.18 -63.39 25.38
CA SER A 366 -0.58 -62.28 24.51
C SER A 366 -1.59 -61.37 25.20
N ILE A 367 -1.15 -60.81 26.32
CA ILE A 367 -2.07 -60.21 27.29
C ILE A 367 -2.61 -58.90 26.73
N ILE A 368 -3.91 -58.87 26.46
CA ILE A 368 -4.65 -57.62 26.22
C ILE A 368 -5.11 -57.15 27.60
N GLN A 369 -4.25 -56.39 28.27
CA GLN A 369 -4.51 -55.90 29.61
C GLN A 369 -5.04 -54.47 29.50
N VAL A 370 -6.37 -54.34 29.45
CA VAL A 370 -6.96 -53.02 29.50
C VAL A 370 -6.78 -52.44 30.90
N LEU A 371 -6.47 -51.15 30.99
CA LEU A 371 -6.13 -50.54 32.26
C LEU A 371 -6.68 -49.13 32.32
N ASP A 372 -6.95 -48.68 33.55
CA ASP A 372 -7.38 -47.30 33.78
C ASP A 372 -6.21 -46.35 33.62
N THR A 373 -6.53 -45.11 33.25
CA THR A 373 -5.49 -44.10 33.04
C THR A 373 -6.09 -42.72 33.17
N ASN A 374 -5.23 -41.75 33.48
CA ASN A 374 -5.60 -40.35 33.51
C ASN A 374 -5.32 -39.63 32.20
N HIS A 375 -4.71 -40.31 31.23
CA HIS A 375 -4.38 -39.69 29.96
C HIS A 375 -5.64 -39.34 29.18
N THR A 376 -5.58 -38.24 28.44
CA THR A 376 -6.71 -37.81 27.64
C THR A 376 -6.87 -38.74 26.44
N PRO A 377 -8.01 -39.43 26.31
CA PRO A 377 -8.19 -40.36 25.19
C PRO A 377 -8.45 -39.60 23.90
N PRO A 378 -8.22 -40.23 22.76
CA PRO A 378 -8.46 -39.56 21.47
C PRO A 378 -9.94 -39.40 21.19
N THR A 379 -10.24 -38.46 20.30
CA THR A 379 -11.60 -38.11 19.92
C THR A 379 -11.92 -38.80 18.60
N PHE A 380 -12.57 -39.96 18.69
CA PHE A 380 -13.01 -40.72 17.53
C PHE A 380 -14.48 -40.46 17.26
N HIS A 381 -14.79 -39.98 16.06
CA HIS A 381 -16.16 -39.80 15.61
C HIS A 381 -16.41 -40.77 14.46
N ARG A 382 -17.39 -41.65 14.63
CA ARG A 382 -17.67 -42.72 13.67
C ARG A 382 -18.67 -42.19 12.67
N THR A 383 -18.21 -41.86 11.48
CA THR A 383 -18.97 -41.09 10.51
C THR A 383 -19.28 -41.92 9.27
N ASN A 384 -20.53 -41.82 8.82
CA ASN A 384 -20.95 -42.40 7.56
C ASN A 384 -20.50 -41.51 6.39
N LYS A 385 -20.78 -41.97 5.18
CA LYS A 385 -20.50 -41.14 4.00
C LYS A 385 -21.30 -39.85 4.03
N PHE A 386 -22.44 -39.85 4.71
CA PHE A 386 -23.29 -38.66 4.77
C PHE A 386 -22.70 -37.60 5.71
N THR A 387 -22.43 -37.99 6.96
CA THR A 387 -21.95 -37.06 7.97
C THR A 387 -20.45 -36.84 7.94
N ALA A 388 -19.71 -37.55 7.07
CA ALA A 388 -18.26 -37.40 7.04
C ALA A 388 -17.85 -35.98 6.65
N GLY A 389 -18.50 -35.41 5.64
CA GLY A 389 -18.14 -34.06 5.22
C GLY A 389 -18.42 -33.02 6.29
N PHE A 390 -19.57 -33.13 6.94
CA PHE A 390 -19.91 -32.20 8.01
C PHE A 390 -18.95 -32.35 9.19
N GLN A 391 -18.58 -33.58 9.52
CA GLN A 391 -17.60 -33.78 10.58
C GLN A 391 -16.25 -33.18 10.20
N SER A 392 -15.84 -33.35 8.95
CA SER A 392 -14.56 -32.79 8.51
C SER A 392 -14.56 -31.28 8.56
N ILE A 393 -15.68 -30.64 8.16
CA ILE A 393 -15.71 -29.18 8.17
C ILE A 393 -15.78 -28.65 9.60
N CYS A 394 -16.48 -29.36 10.50
CA CYS A 394 -16.60 -28.87 11.87
C CYS A 394 -15.30 -29.06 12.64
N ASP A 395 -14.62 -30.19 12.44
CA ASP A 395 -13.38 -30.45 13.15
C ASP A 395 -12.14 -29.92 12.43
N CYS A 396 -12.32 -29.22 11.31
CA CYS A 396 -11.21 -28.50 10.73
C CYS A 396 -10.84 -27.29 11.58
N TYR A 397 -11.83 -26.71 12.27
CA TYR A 397 -11.54 -25.66 13.25
C TYR A 397 -10.73 -26.23 14.40
N GLY A 398 -11.15 -27.36 14.95
CA GLY A 398 -10.47 -27.99 16.06
C GLY A 398 -11.13 -29.31 16.43
N ILE A 399 -10.35 -30.23 16.98
CA ILE A 399 -10.88 -31.55 17.32
C ILE A 399 -11.46 -31.50 18.73
N ALA A 400 -12.65 -32.06 18.88
CA ALA A 400 -13.42 -31.92 20.10
C ALA A 400 -12.72 -32.58 21.28
N GLN A 401 -12.96 -32.02 22.47
CA GLN A 401 -12.53 -32.65 23.71
C GLN A 401 -13.15 -34.04 23.82
N TYR A 402 -12.40 -34.95 24.43
CA TYR A 402 -12.82 -36.35 24.51
C TYR A 402 -14.23 -36.47 25.07
N ARG A 403 -15.13 -37.05 24.27
CA ARG A 403 -16.50 -37.37 24.66
C ARG A 403 -17.29 -36.13 25.05
N GLU A 404 -16.92 -34.97 24.52
CA GLU A 404 -17.80 -33.82 24.55
C GLU A 404 -18.74 -33.88 23.35
N ILE A 405 -19.75 -33.01 23.35
CA ILE A 405 -20.73 -33.02 22.28
C ILE A 405 -20.05 -32.71 20.95
N ASN A 406 -20.32 -33.53 19.94
CA ASN A 406 -19.78 -33.30 18.61
C ASN A 406 -20.60 -32.23 17.89
N ALA A 407 -19.92 -31.17 17.46
CA ALA A 407 -20.61 -30.09 16.77
C ALA A 407 -21.04 -30.49 15.37
N GLY A 408 -20.40 -31.50 14.80
CA GLY A 408 -20.71 -31.91 13.43
C GLY A 408 -22.13 -32.41 13.26
N LEU A 409 -22.67 -33.07 14.28
CA LEU A 409 -24.05 -33.57 14.17
C LEU A 409 -25.04 -32.43 14.05
N PRO A 410 -25.02 -31.39 14.90
CA PRO A 410 -25.84 -30.20 14.59
C PRO A 410 -25.45 -29.54 13.28
N THR A 411 -24.15 -29.55 12.95
CA THR A 411 -23.68 -28.88 11.74
C THR A 411 -24.34 -29.44 10.50
N ILE A 412 -24.58 -30.76 10.46
CA ILE A 412 -25.20 -31.40 9.30
C ILE A 412 -26.38 -30.59 8.78
N VAL A 413 -27.20 -30.07 9.69
CA VAL A 413 -28.37 -29.27 9.31
C VAL A 413 -28.06 -27.79 9.34
N THR A 414 -27.38 -27.32 10.39
CA THR A 414 -27.27 -25.87 10.57
C THR A 414 -26.38 -25.23 9.49
N PHE A 415 -25.30 -25.89 9.09
CA PHE A 415 -24.38 -25.28 8.13
C PHE A 415 -25.05 -25.13 6.76
N PRO A 416 -25.62 -26.18 6.18
CA PRO A 416 -26.34 -25.99 4.91
C PRO A 416 -27.48 -25.01 5.02
N PHE A 417 -28.13 -24.90 6.17
CA PHE A 417 -29.33 -24.10 6.21
C PHE A 417 -29.03 -22.62 6.49
N MET A 418 -27.97 -22.30 7.25
CA MET A 418 -27.46 -20.93 7.23
C MET A 418 -26.98 -20.55 5.84
N PHE A 419 -26.29 -21.48 5.16
CA PHE A 419 -25.92 -21.21 3.77
C PHE A 419 -27.16 -20.88 2.95
N ALA A 420 -28.25 -21.60 3.18
CA ALA A 420 -29.48 -21.39 2.43
C ALA A 420 -30.12 -20.06 2.74
N ILE A 421 -30.16 -19.68 4.02
CA ILE A 421 -30.71 -18.38 4.41
C ILE A 421 -29.96 -17.27 3.71
N MET A 422 -28.63 -17.41 3.61
CA MET A 422 -27.84 -16.40 2.92
C MET A 422 -28.02 -16.50 1.40
N PHE A 423 -28.22 -17.71 0.88
CA PHE A 423 -28.28 -17.94 -0.55
C PHE A 423 -29.69 -17.72 -1.08
N GLY A 424 -30.64 -18.55 -0.65
CA GLY A 424 -32.05 -18.23 -0.73
C GLY A 424 -32.65 -17.99 -2.10
N ASP A 425 -32.36 -18.85 -3.07
CA ASP A 425 -32.97 -18.75 -4.38
C ASP A 425 -33.31 -20.15 -4.87
N MET A 426 -34.51 -20.34 -5.42
CA MET A 426 -34.91 -21.67 -5.86
C MET A 426 -34.27 -22.05 -7.19
N GLY A 427 -34.06 -21.09 -8.08
CA GLY A 427 -33.35 -21.42 -9.31
C GLY A 427 -31.91 -21.82 -9.04
N HIS A 428 -31.22 -21.03 -8.23
CA HIS A 428 -29.83 -21.33 -7.90
C HIS A 428 -29.73 -22.51 -6.95
N GLY A 429 -30.67 -22.65 -6.02
CA GLY A 429 -30.71 -23.84 -5.18
C GLY A 429 -30.96 -25.09 -5.98
N PHE A 430 -31.82 -25.00 -7.01
CA PHE A 430 -32.08 -26.12 -7.89
C PHE A 430 -30.83 -26.50 -8.69
N LEU A 431 -30.12 -25.49 -9.20
CA LEU A 431 -28.86 -25.74 -9.89
C LEU A 431 -27.86 -26.43 -8.98
N MET A 432 -27.76 -25.95 -7.73
CA MET A 432 -26.84 -26.56 -6.78
C MET A 432 -27.26 -27.98 -6.44
N THR A 433 -28.57 -28.23 -6.31
CA THR A 433 -29.06 -29.57 -6.04
C THR A 433 -28.73 -30.52 -7.19
N LEU A 434 -28.90 -30.06 -8.43
CA LEU A 434 -28.54 -30.89 -9.58
C LEU A 434 -27.04 -31.17 -9.61
N ALA A 435 -26.23 -30.15 -9.32
CA ALA A 435 -24.78 -30.35 -9.28
C ALA A 435 -24.40 -31.39 -8.22
N ALA A 436 -25.00 -31.30 -7.04
CA ALA A 436 -24.72 -32.27 -5.98
C ALA A 436 -25.20 -33.66 -6.35
N LEU A 437 -26.40 -33.76 -6.94
CA LEU A 437 -26.93 -35.07 -7.32
C LEU A 437 -26.09 -35.73 -8.39
N SER A 438 -25.48 -34.93 -9.28
CA SER A 438 -24.56 -35.49 -10.26
C SER A 438 -23.38 -36.19 -9.60
N LEU A 439 -23.08 -35.86 -8.35
CA LEU A 439 -22.06 -36.54 -7.56
C LEU A 439 -22.63 -37.63 -6.66
N VAL A 440 -23.85 -37.46 -6.16
CA VAL A 440 -24.43 -38.42 -5.23
C VAL A 440 -25.01 -39.62 -5.98
N LEU A 441 -25.66 -39.38 -7.12
CA LEU A 441 -26.23 -40.49 -7.88
C LEU A 441 -25.14 -41.34 -8.52
N ASN A 442 -24.10 -40.70 -9.06
CA ASN A 442 -22.96 -41.39 -9.63
C ASN A 442 -21.88 -41.69 -8.58
N GLU A 443 -22.27 -41.73 -7.30
CA GLU A 443 -21.31 -41.79 -6.20
C GLU A 443 -20.34 -42.94 -6.36
N LYS A 444 -20.83 -44.12 -6.77
CA LYS A 444 -19.95 -45.26 -6.92
C LYS A 444 -18.99 -45.11 -8.10
N LYS A 445 -19.30 -44.24 -9.06
CA LYS A 445 -18.41 -44.08 -10.21
C LYS A 445 -17.28 -43.10 -9.93
N ILE A 446 -17.55 -41.99 -9.25
CA ILE A 446 -16.48 -41.06 -8.88
C ILE A 446 -15.63 -41.60 -7.74
N ASN A 447 -16.22 -42.36 -6.82
CA ASN A 447 -15.40 -43.15 -5.91
C ASN A 447 -14.62 -44.17 -6.72
N LYS A 448 -13.57 -44.73 -6.09
CA LYS A 448 -12.61 -45.61 -6.76
C LYS A 448 -12.14 -45.02 -8.09
N MET A 449 -12.02 -43.69 -8.13
CA MET A 449 -11.59 -42.97 -9.31
C MET A 449 -10.77 -41.77 -8.86
N LYS A 450 -9.72 -41.46 -9.63
CA LYS A 450 -8.90 -40.29 -9.32
C LYS A 450 -9.70 -39.01 -9.53
N ARG A 451 -9.54 -38.07 -8.61
CA ARG A 451 -10.41 -36.90 -8.55
C ARG A 451 -9.68 -35.57 -8.55
N GLY A 452 -8.35 -35.56 -8.61
CA GLY A 452 -7.64 -34.29 -8.48
C GLY A 452 -7.87 -33.69 -7.12
N GLU A 453 -8.00 -32.36 -7.08
CA GLU A 453 -8.20 -31.66 -5.82
C GLU A 453 -9.53 -30.92 -5.77
N ILE A 454 -9.80 -30.04 -6.74
CA ILE A 454 -11.06 -29.30 -6.72
C ILE A 454 -12.25 -30.24 -6.90
N PHE A 455 -12.14 -31.19 -7.82
CA PHE A 455 -13.22 -32.14 -8.03
C PHE A 455 -13.31 -33.11 -6.85
N ASP A 456 -12.18 -33.43 -6.23
CA ASP A 456 -12.20 -34.22 -5.00
C ASP A 456 -12.88 -33.44 -3.87
N MET A 457 -12.61 -32.14 -3.76
CA MET A 457 -13.29 -31.32 -2.77
C MET A 457 -14.80 -31.29 -3.02
N ALA A 458 -15.20 -31.19 -4.28
CA ALA A 458 -16.63 -31.23 -4.60
C ALA A 458 -17.24 -32.58 -4.22
N PHE A 459 -16.54 -33.68 -4.51
CA PHE A 459 -17.07 -35.00 -4.22
C PHE A 459 -17.19 -35.26 -2.73
N THR A 460 -16.16 -34.89 -1.96
CA THR A 460 -16.21 -35.16 -0.52
C THR A 460 -17.31 -34.35 0.17
N GLY A 461 -17.63 -33.18 -0.36
CA GLY A 461 -18.73 -32.37 0.13
C GLY A 461 -20.05 -32.59 -0.55
N ARG A 462 -20.20 -33.70 -1.30
CA ARG A 462 -21.38 -33.89 -2.14
C ARG A 462 -22.67 -33.85 -1.35
N TYR A 463 -22.69 -34.46 -0.15
CA TYR A 463 -23.89 -34.37 0.68
C TYR A 463 -24.05 -33.01 1.32
N ILE A 464 -22.93 -32.35 1.66
CA ILE A 464 -23.00 -30.97 2.11
C ILE A 464 -23.68 -30.12 1.04
N ILE A 465 -23.21 -30.23 -0.20
CA ILE A 465 -23.77 -29.45 -1.30
C ILE A 465 -25.23 -29.84 -1.57
N LEU A 466 -25.56 -31.13 -1.40
CA LEU A 466 -26.94 -31.55 -1.58
C LEU A 466 -27.86 -30.87 -0.57
N LEU A 467 -27.47 -30.87 0.70
CA LEU A 467 -28.29 -30.20 1.70
C LEU A 467 -28.32 -28.69 1.48
N MET A 468 -27.22 -28.09 1.04
CA MET A 468 -27.24 -26.69 0.68
C MET A 468 -28.26 -26.41 -0.40
N GLY A 469 -28.27 -27.23 -1.46
CA GLY A 469 -29.22 -27.03 -2.54
C GLY A 469 -30.66 -27.18 -2.10
N VAL A 470 -30.95 -28.22 -1.31
CA VAL A 470 -32.33 -28.47 -0.89
C VAL A 470 -32.81 -27.37 0.03
N PHE A 471 -32.03 -27.03 1.05
CA PHE A 471 -32.42 -25.96 1.95
C PHE A 471 -32.47 -24.62 1.24
N SER A 472 -31.65 -24.43 0.20
CA SER A 472 -31.72 -23.20 -0.58
C SER A 472 -32.99 -23.13 -1.39
N MET A 473 -33.45 -24.28 -1.91
CA MET A 473 -34.75 -24.29 -2.57
C MET A 473 -35.86 -23.94 -1.59
N TYR A 474 -35.82 -24.49 -0.38
CA TYR A 474 -36.82 -24.14 0.62
C TYR A 474 -36.76 -22.65 0.96
N THR A 475 -35.55 -22.13 1.16
CA THR A 475 -35.37 -20.72 1.51
C THR A 475 -35.84 -19.80 0.38
N GLY A 476 -35.50 -20.12 -0.86
CA GLY A 476 -35.98 -19.35 -1.99
C GLY A 476 -37.48 -19.42 -2.13
N PHE A 477 -38.09 -20.54 -1.73
CA PHE A 477 -39.54 -20.60 -1.66
C PHE A 477 -40.08 -19.63 -0.62
N LEU A 478 -39.45 -19.58 0.55
CA LEU A 478 -39.87 -18.62 1.57
C LEU A 478 -39.54 -17.19 1.14
N TYR A 479 -38.37 -16.98 0.55
CA TYR A 479 -38.07 -15.70 -0.09
C TYR A 479 -38.89 -15.47 -1.34
N ASN A 480 -39.60 -16.49 -1.83
CA ASN A 480 -40.41 -16.40 -3.05
C ASN A 480 -39.54 -15.95 -4.24
N ASP A 481 -38.37 -16.57 -4.36
CA ASP A 481 -37.43 -16.25 -5.43
C ASP A 481 -37.12 -17.51 -6.22
N ILE A 482 -37.36 -17.47 -7.53
CA ILE A 482 -36.78 -18.41 -8.48
C ILE A 482 -36.02 -17.55 -9.48
N PHE A 483 -34.69 -17.58 -9.40
CA PHE A 483 -33.88 -16.55 -10.04
C PHE A 483 -34.37 -15.18 -9.58
N SER A 484 -34.51 -14.24 -10.51
CA SER A 484 -35.00 -12.92 -10.12
C SER A 484 -36.50 -12.90 -9.81
N LYS A 485 -37.25 -13.87 -10.31
CA LYS A 485 -38.70 -13.78 -10.38
C LYS A 485 -39.38 -14.46 -9.19
N THR A 486 -40.63 -14.06 -8.95
CA THR A 486 -41.41 -14.55 -7.83
C THR A 486 -42.46 -15.56 -8.29
N MET A 487 -42.82 -16.47 -7.39
CA MET A 487 -43.90 -17.41 -7.59
C MET A 487 -45.25 -16.80 -7.23
N THR A 488 -46.27 -17.21 -7.97
CA THR A 488 -47.64 -16.75 -7.79
C THR A 488 -48.56 -17.95 -7.60
N ILE A 489 -48.21 -18.83 -6.66
CA ILE A 489 -48.97 -20.07 -6.48
C ILE A 489 -50.12 -19.97 -5.49
N PHE A 490 -50.19 -18.89 -4.71
CA PHE A 490 -51.32 -18.66 -3.82
C PHE A 490 -51.86 -17.25 -4.02
N LYS A 491 -53.09 -17.05 -3.56
CA LYS A 491 -53.71 -15.73 -3.59
C LYS A 491 -52.96 -14.78 -2.68
N SER A 492 -52.63 -13.61 -3.21
CA SER A 492 -51.87 -12.63 -2.44
C SER A 492 -52.68 -12.10 -1.27
N GLY A 493 -51.98 -11.78 -0.17
CA GLY A 493 -52.59 -11.10 0.94
C GLY A 493 -52.80 -9.61 0.72
N TRP A 494 -52.26 -9.08 -0.36
CA TRP A 494 -52.39 -7.68 -0.72
C TRP A 494 -53.22 -7.55 -1.99
N LYS A 495 -54.22 -6.68 -1.97
CA LYS A 495 -55.05 -6.42 -3.13
C LYS A 495 -54.91 -4.95 -3.53
N TRP A 496 -54.63 -4.72 -4.81
CA TRP A 496 -54.44 -3.37 -5.32
C TRP A 496 -55.80 -2.66 -5.40
N PRO A 497 -55.80 -1.33 -5.52
CA PRO A 497 -57.07 -0.61 -5.64
C PRO A 497 -57.87 -1.06 -6.85
N ASP A 498 -59.17 -0.74 -6.83
CA ASP A 498 -60.08 -1.23 -7.86
C ASP A 498 -59.69 -0.70 -9.24
N HIS A 499 -59.28 0.55 -9.32
CA HIS A 499 -58.88 1.14 -10.59
C HIS A 499 -57.86 2.23 -10.34
N TRP A 500 -57.02 2.47 -11.34
CA TRP A 500 -56.02 3.53 -11.25
C TRP A 500 -55.64 4.01 -12.64
N LYS A 501 -55.07 5.21 -12.69
CA LYS A 501 -54.52 5.73 -13.92
C LYS A 501 -53.11 5.21 -14.13
N LYS A 502 -52.73 5.04 -15.39
CA LYS A 502 -51.38 4.61 -15.73
C LYS A 502 -50.36 5.57 -15.13
N GLY A 503 -49.38 5.02 -14.41
CA GLY A 503 -48.38 5.81 -13.74
C GLY A 503 -48.73 6.25 -12.33
N GLU A 504 -49.94 5.97 -11.86
CA GLU A 504 -50.34 6.39 -10.51
C GLU A 504 -49.62 5.55 -9.46
N SER A 505 -49.18 6.22 -8.39
CA SER A 505 -48.47 5.57 -7.29
C SER A 505 -49.50 4.94 -6.35
N ILE A 506 -49.93 3.73 -6.71
CA ILE A 506 -50.96 3.03 -5.96
C ILE A 506 -50.36 2.34 -4.74
N THR A 507 -51.24 2.00 -3.79
CA THR A 507 -50.86 1.27 -2.58
C THR A 507 -51.85 0.12 -2.39
N ALA A 508 -51.32 -1.05 -2.04
CA ALA A 508 -52.16 -2.22 -1.85
C ALA A 508 -52.80 -2.21 -0.47
N THR A 509 -53.81 -3.06 -0.31
CA THR A 509 -54.54 -3.20 0.95
C THR A 509 -54.51 -4.66 1.39
N SER A 510 -54.42 -4.87 2.69
CA SER A 510 -54.22 -6.20 3.26
C SER A 510 -55.56 -6.93 3.33
N VAL A 511 -55.86 -7.69 2.26
CA VAL A 511 -57.01 -8.58 2.30
C VAL A 511 -56.71 -9.83 3.12
N GLY A 512 -55.45 -10.12 3.39
CA GLY A 512 -55.10 -11.28 4.16
C GLY A 512 -53.59 -11.38 4.31
N THR A 513 -53.13 -12.58 4.63
CA THR A 513 -51.70 -12.86 4.77
C THR A 513 -51.34 -14.06 3.91
N TYR A 514 -50.18 -13.99 3.29
CA TYR A 514 -49.78 -15.01 2.31
C TYR A 514 -49.41 -16.28 3.06
N PRO A 515 -49.89 -17.46 2.63
CA PRO A 515 -49.76 -18.67 3.44
C PRO A 515 -48.33 -19.05 3.80
N ILE A 516 -47.51 -19.33 2.80
CA ILE A 516 -46.12 -19.74 3.02
C ILE A 516 -45.24 -19.00 2.03
N GLY A 517 -44.18 -18.38 2.53
CA GLY A 517 -43.32 -17.56 1.72
C GLY A 517 -43.73 -16.10 1.69
N LEU A 518 -42.87 -15.28 1.11
CA LEU A 518 -43.18 -13.87 0.96
C LEU A 518 -44.25 -13.68 -0.11
N ASP A 519 -45.14 -12.71 0.13
CA ASP A 519 -46.20 -12.43 -0.83
C ASP A 519 -45.61 -11.95 -2.15
N TRP A 520 -46.12 -12.50 -3.25
CA TRP A 520 -45.67 -12.09 -4.58
C TRP A 520 -46.13 -10.69 -4.95
N ALA A 521 -47.04 -10.09 -4.18
CA ALA A 521 -47.43 -8.71 -4.42
C ALA A 521 -46.27 -7.75 -4.20
N TRP A 522 -45.24 -8.16 -3.47
CA TRP A 522 -44.08 -7.31 -3.23
C TRP A 522 -43.15 -7.25 -4.43
N HIS A 523 -43.27 -8.17 -5.39
CA HIS A 523 -42.41 -8.16 -6.55
C HIS A 523 -42.58 -6.88 -7.36
N GLY A 524 -41.46 -6.26 -7.72
CA GLY A 524 -41.46 -5.07 -8.54
C GLY A 524 -41.94 -3.80 -7.87
N THR A 525 -42.31 -3.86 -6.59
CA THR A 525 -42.71 -2.65 -5.89
C THR A 525 -41.49 -1.83 -5.49
N GLU A 526 -41.66 -0.51 -5.48
CA GLU A 526 -40.54 0.37 -5.17
C GLU A 526 -40.25 0.45 -3.68
N ASN A 527 -41.15 -0.04 -2.82
CA ASN A 527 -40.86 -0.19 -1.41
C ASN A 527 -40.65 -1.65 -1.01
N ALA A 528 -40.37 -2.52 -1.99
CA ALA A 528 -40.08 -3.91 -1.69
C ALA A 528 -38.86 -4.03 -0.79
N LEU A 529 -37.87 -3.15 -0.99
CA LEU A 529 -36.63 -3.24 -0.21
C LEU A 529 -36.88 -2.98 1.27
N LEU A 530 -37.78 -2.07 1.61
CA LEU A 530 -38.03 -1.79 3.03
C LEU A 530 -38.57 -3.01 3.75
N PHE A 531 -39.63 -3.62 3.21
CA PHE A 531 -40.21 -4.80 3.84
C PHE A 531 -39.23 -5.98 3.82
N SER A 532 -38.54 -6.18 2.69
CA SER A 532 -37.60 -7.28 2.60
C SER A 532 -36.46 -7.12 3.60
N ASN A 533 -35.96 -5.90 3.78
CA ASN A 533 -34.89 -5.66 4.74
C ASN A 533 -35.38 -5.86 6.16
N SER A 534 -36.57 -5.34 6.49
CA SER A 534 -37.11 -5.57 7.83
C SER A 534 -37.23 -7.06 8.11
N TYR A 535 -37.84 -7.79 7.17
CA TYR A 535 -38.03 -9.23 7.29
C TYR A 535 -36.70 -9.94 7.47
N LYS A 536 -35.75 -9.73 6.55
CA LYS A 536 -34.52 -10.50 6.56
C LYS A 536 -33.62 -10.11 7.74
N MET A 537 -33.63 -8.84 8.15
CA MET A 537 -32.82 -8.43 9.30
C MET A 537 -33.37 -9.03 10.59
N LYS A 538 -34.69 -8.96 10.78
CA LYS A 538 -35.27 -9.57 11.97
C LYS A 538 -35.14 -11.09 11.93
N LEU A 539 -35.24 -11.68 10.74
CA LEU A 539 -34.99 -13.12 10.59
C LEU A 539 -33.58 -13.47 10.98
N SER A 540 -32.60 -12.67 10.54
CA SER A 540 -31.21 -12.93 10.90
C SER A 540 -31.03 -12.86 12.41
N ILE A 541 -31.56 -11.81 13.05
CA ILE A 541 -31.41 -11.68 14.50
C ILE A 541 -32.06 -12.85 15.21
N LEU A 542 -33.30 -13.18 14.84
CA LEU A 542 -34.05 -14.22 15.53
C LEU A 542 -33.37 -15.57 15.38
N MET A 543 -33.02 -15.94 14.13
CA MET A 543 -32.49 -17.26 13.89
C MET A 543 -31.06 -17.39 14.42
N GLY A 544 -30.30 -16.29 14.38
CA GLY A 544 -28.99 -16.32 15.01
C GLY A 544 -29.08 -16.49 16.51
N PHE A 545 -30.03 -15.81 17.16
CA PHE A 545 -30.23 -16.04 18.59
C PHE A 545 -30.62 -17.48 18.86
N ILE A 546 -31.53 -18.04 18.06
CA ILE A 546 -31.98 -19.41 18.30
C ILE A 546 -30.82 -20.39 18.13
N HIS A 547 -30.01 -20.20 17.08
CA HIS A 547 -28.87 -21.08 16.85
C HIS A 547 -27.84 -20.95 17.97
N MET A 548 -27.57 -19.72 18.42
CA MET A 548 -26.64 -19.52 19.52
C MET A 548 -27.15 -20.17 20.80
N THR A 549 -28.44 -20.04 21.09
CA THR A 549 -29.00 -20.66 22.29
C THR A 549 -28.92 -22.18 22.21
N TYR A 550 -29.27 -22.75 21.04
CA TYR A 550 -29.20 -24.19 20.88
C TYR A 550 -27.78 -24.69 21.06
N SER A 551 -26.80 -23.98 20.50
CA SER A 551 -25.41 -24.39 20.66
C SER A 551 -24.94 -24.18 22.09
N TYR A 552 -25.40 -23.12 22.75
CA TYR A 552 -25.00 -22.83 24.12
C TYR A 552 -25.53 -23.88 25.08
N PHE A 553 -26.69 -24.46 24.80
CA PHE A 553 -27.19 -25.52 25.65
C PHE A 553 -26.34 -26.77 25.58
N PHE A 554 -25.50 -26.90 24.55
CA PHE A 554 -24.50 -27.96 24.57
C PHE A 554 -23.49 -27.74 25.69
N SER A 555 -23.27 -26.49 26.11
CA SER A 555 -22.44 -26.26 27.29
C SER A 555 -23.07 -26.89 28.52
N LEU A 556 -24.38 -26.70 28.70
CA LEU A 556 -25.08 -27.33 29.82
C LEU A 556 -25.00 -28.84 29.73
N ALA A 557 -25.21 -29.39 28.53
CA ALA A 557 -25.15 -30.84 28.39
C ALA A 557 -23.76 -31.38 28.65
N ASN A 558 -22.72 -30.65 28.25
CA ASN A 558 -21.34 -31.06 28.52
C ASN A 558 -21.05 -31.02 30.01
N HIS A 559 -21.47 -29.96 30.69
CA HIS A 559 -21.24 -29.86 32.13
C HIS A 559 -22.00 -30.97 32.87
N LEU A 560 -23.22 -31.27 32.44
CA LEU A 560 -23.96 -32.38 33.03
C LEU A 560 -23.25 -33.71 32.80
N TYR A 561 -22.75 -33.93 31.58
CA TYR A 561 -22.08 -35.20 31.28
C TYR A 561 -20.79 -35.32 32.07
N PHE A 562 -20.00 -34.25 32.13
CA PHE A 562 -18.76 -34.24 32.89
C PHE A 562 -18.97 -34.02 34.38
N ASN A 563 -20.23 -33.98 34.83
CA ASN A 563 -20.56 -33.82 36.24
C ASN A 563 -20.00 -32.52 36.81
N SER A 564 -19.93 -31.50 35.96
CA SER A 564 -19.36 -30.21 36.35
C SER A 564 -20.48 -29.21 36.67
N MET A 565 -21.16 -29.48 37.80
CA MET A 565 -22.21 -28.58 38.27
C MET A 565 -21.66 -27.18 38.55
N ILE A 566 -20.38 -27.09 38.90
CA ILE A 566 -19.78 -25.78 39.14
C ILE A 566 -19.77 -24.94 37.87
N ASP A 567 -19.54 -25.58 36.72
CA ASP A 567 -19.65 -24.86 35.46
C ASP A 567 -21.09 -24.47 35.15
N ILE A 568 -22.05 -25.30 35.55
CA ILE A 568 -23.45 -24.95 35.37
C ILE A 568 -23.81 -23.70 36.14
N ILE A 569 -23.45 -23.66 37.42
CA ILE A 569 -23.89 -22.55 38.27
C ILE A 569 -23.03 -21.30 38.05
N GLY A 570 -21.72 -21.47 37.87
CA GLY A 570 -20.85 -20.32 37.72
C GLY A 570 -20.76 -19.78 36.31
N ASN A 571 -20.95 -20.62 35.31
CA ASN A 571 -20.81 -20.21 33.92
C ASN A 571 -22.11 -20.30 33.14
N PHE A 572 -22.77 -21.46 33.14
CA PHE A 572 -23.93 -21.63 32.26
C PHE A 572 -25.09 -20.74 32.69
N ILE A 573 -25.47 -20.78 33.97
CA ILE A 573 -26.65 -20.03 34.41
C ILE A 573 -26.49 -18.53 34.22
N PRO A 574 -25.40 -17.89 34.69
CA PRO A 574 -25.32 -16.43 34.50
C PRO A 574 -25.13 -16.02 33.06
N GLY A 575 -24.35 -16.79 32.29
CA GLY A 575 -24.21 -16.48 30.88
C GLY A 575 -25.52 -16.61 30.12
N LEU A 576 -26.29 -17.63 30.45
CA LEU A 576 -27.62 -17.78 29.87
C LEU A 576 -28.52 -16.62 30.25
N LEU A 577 -28.50 -16.22 31.52
CA LEU A 577 -29.34 -15.10 31.94
C LEU A 577 -28.95 -13.83 31.19
N PHE A 578 -27.66 -13.55 31.06
CA PHE A 578 -27.20 -12.40 30.31
C PHE A 578 -27.69 -12.47 28.85
N MET A 579 -27.39 -13.59 28.20
CA MET A 579 -27.71 -13.74 26.78
C MET A 579 -29.20 -13.60 26.52
N GLN A 580 -30.02 -14.30 27.30
CA GLN A 580 -31.46 -14.16 27.12
C GLN A 580 -31.92 -12.75 27.46
N GLY A 581 -31.71 -12.30 28.70
CA GLY A 581 -32.21 -11.01 29.14
C GLY A 581 -31.82 -9.84 28.27
N ILE A 582 -30.81 -10.00 27.42
CA ILE A 582 -30.62 -8.96 26.42
C ILE A 582 -31.14 -9.37 25.05
N PHE A 583 -30.51 -10.38 24.44
CA PHE A 583 -30.79 -10.66 23.04
C PHE A 583 -32.00 -11.56 22.84
N GLY A 584 -32.27 -12.48 23.77
CA GLY A 584 -33.53 -13.21 23.70
C GLY A 584 -34.71 -12.34 24.04
N TYR A 585 -34.50 -11.35 24.92
CA TYR A 585 -35.48 -10.30 25.09
C TYR A 585 -35.76 -9.61 23.77
N LEU A 586 -34.69 -9.21 23.06
CA LEU A 586 -34.86 -8.61 21.74
C LEU A 586 -35.61 -9.56 20.78
N SER A 587 -35.30 -10.85 20.84
CA SER A 587 -35.93 -11.83 19.95
C SER A 587 -37.44 -11.97 20.21
N VAL A 588 -37.80 -12.25 21.46
CA VAL A 588 -39.22 -12.35 21.80
C VAL A 588 -39.90 -11.02 21.59
N CYS A 589 -39.14 -9.93 21.67
CA CYS A 589 -39.69 -8.61 21.41
C CYS A 589 -40.01 -8.43 19.94
N ILE A 590 -39.14 -8.94 19.05
CA ILE A 590 -39.41 -8.90 17.62
C ILE A 590 -40.67 -9.70 17.30
N VAL A 591 -40.76 -10.92 17.84
CA VAL A 591 -41.93 -11.74 17.51
C VAL A 591 -43.19 -11.14 18.13
N TYR A 592 -43.09 -10.49 19.29
CA TYR A 592 -44.25 -9.82 19.88
C TYR A 592 -44.68 -8.63 19.05
N LYS A 593 -43.72 -7.83 18.57
CA LYS A 593 -44.06 -6.70 17.72
C LYS A 593 -44.74 -7.15 16.43
N TRP A 594 -44.33 -8.30 15.89
CA TRP A 594 -45.11 -8.87 14.79
C TRP A 594 -46.47 -9.35 15.25
N ALA A 595 -46.59 -9.77 16.51
CA ALA A 595 -47.85 -10.33 17.01
C ALA A 595 -48.88 -9.27 17.35
N VAL A 596 -48.55 -7.99 17.28
CA VAL A 596 -49.45 -6.90 17.66
C VAL A 596 -49.85 -6.13 16.41
N ASP A 597 -51.15 -5.89 16.26
CA ASP A 597 -51.69 -5.13 15.14
C ASP A 597 -51.76 -3.67 15.56
N TRP A 598 -50.69 -2.92 15.28
CA TRP A 598 -50.57 -1.56 15.78
C TRP A 598 -51.59 -0.62 15.13
N VAL A 599 -51.82 -0.77 13.82
CA VAL A 599 -52.77 0.11 13.15
C VAL A 599 -54.18 -0.10 13.69
N LYS A 600 -54.53 -1.34 14.01
CA LYS A 600 -55.84 -1.61 14.61
C LYS A 600 -55.90 -1.14 16.06
N ASP A 601 -54.82 -1.33 16.81
CA ASP A 601 -54.79 -0.89 18.19
C ASP A 601 -54.76 0.62 18.32
N GLY A 602 -54.28 1.33 17.30
CA GLY A 602 -54.15 2.77 17.37
C GLY A 602 -52.95 3.27 18.14
N LYS A 603 -52.09 2.37 18.61
CA LYS A 603 -50.87 2.71 19.35
C LYS A 603 -49.70 2.88 18.39
N PRO A 604 -48.75 3.76 18.72
CA PRO A 604 -47.61 3.98 17.83
C PRO A 604 -46.69 2.77 17.81
N ALA A 605 -46.33 2.33 16.61
CA ALA A 605 -45.41 1.22 16.46
C ALA A 605 -44.05 1.61 17.01
N PRO A 606 -43.52 0.90 18.00
CA PRO A 606 -42.27 1.32 18.64
C PRO A 606 -41.09 1.27 17.67
N GLY A 607 -40.09 2.10 17.96
CA GLY A 607 -38.82 2.02 17.29
C GLY A 607 -37.97 0.97 17.99
N LEU A 608 -37.98 -0.24 17.45
CA LEU A 608 -37.46 -1.40 18.18
C LEU A 608 -35.96 -1.30 18.42
N LEU A 609 -35.20 -0.91 17.40
CA LEU A 609 -33.77 -0.73 17.59
C LEU A 609 -33.47 0.44 18.50
N ASN A 610 -34.25 1.51 18.37
CA ASN A 610 -34.11 2.65 19.28
C ASN A 610 -34.42 2.24 20.71
N MET A 611 -35.42 1.39 20.91
CA MET A 611 -35.73 0.91 22.25
C MET A 611 -34.61 0.04 22.80
N LEU A 612 -34.03 -0.82 21.95
CA LEU A 612 -32.89 -1.62 22.39
C LEU A 612 -31.72 -0.73 22.80
N ILE A 613 -31.47 0.34 22.06
CA ILE A 613 -30.41 1.27 22.42
C ILE A 613 -30.72 1.95 23.75
N ASN A 614 -31.97 2.42 23.91
CA ASN A 614 -32.36 3.10 25.14
C ASN A 614 -32.35 2.16 26.34
N MET A 615 -32.44 0.85 26.09
CA MET A 615 -32.34 -0.11 27.18
C MET A 615 -31.02 0.02 27.94
N PHE A 616 -29.98 0.52 27.28
CA PHE A 616 -28.66 0.68 27.88
C PHE A 616 -28.22 2.12 28.04
N LEU A 617 -28.41 2.95 27.01
CA LEU A 617 -27.90 4.32 27.04
C LEU A 617 -28.82 5.28 27.77
N SER A 618 -30.06 4.90 28.06
CA SER A 618 -30.98 5.74 28.79
C SER A 618 -32.10 4.90 29.38
N PRO A 619 -31.81 4.05 30.37
CA PRO A 619 -32.82 3.11 30.86
C PRO A 619 -34.01 3.83 31.51
N GLY A 620 -35.18 3.17 31.41
CA GLY A 620 -36.39 3.61 32.05
C GLY A 620 -37.28 4.49 31.21
N THR A 621 -36.72 5.29 30.31
CA THR A 621 -37.50 6.22 29.50
C THR A 621 -37.94 5.55 28.20
N ILE A 622 -38.86 4.58 28.35
CA ILE A 622 -39.38 3.87 27.21
C ILE A 622 -40.11 4.84 26.29
N ASP A 623 -39.75 4.81 25.01
CA ASP A 623 -40.25 5.82 24.08
C ASP A 623 -41.70 5.55 23.70
N ASP A 624 -41.95 4.41 23.06
CA ASP A 624 -43.30 3.99 22.70
C ASP A 624 -43.59 2.67 23.40
N GLU A 625 -44.63 2.67 24.23
CA GLU A 625 -44.94 1.51 25.07
C GLU A 625 -45.31 0.30 24.21
N LEU A 626 -44.43 -0.71 24.19
CA LEU A 626 -44.72 -1.94 23.47
C LEU A 626 -45.74 -2.79 24.20
N TYR A 627 -45.60 -2.90 25.52
CA TYR A 627 -46.46 -3.72 26.36
C TYR A 627 -46.47 -3.10 27.75
N PRO A 628 -47.51 -3.37 28.54
CA PRO A 628 -47.60 -2.73 29.87
C PRO A 628 -46.43 -3.11 30.76
N HIS A 629 -46.01 -2.16 31.59
CA HIS A 629 -44.90 -2.33 32.54
C HIS A 629 -43.59 -2.67 31.83
N GLN A 630 -43.43 -2.16 30.60
CA GLN A 630 -42.20 -2.41 29.86
C GLN A 630 -41.00 -1.77 30.52
N ALA A 631 -41.18 -0.61 31.18
CA ALA A 631 -40.06 0.05 31.83
C ALA A 631 -39.51 -0.81 32.96
N LYS A 632 -40.40 -1.36 33.80
CA LYS A 632 -39.96 -2.18 34.92
C LYS A 632 -39.24 -3.43 34.44
N VAL A 633 -39.81 -4.12 33.45
CA VAL A 633 -39.17 -5.33 32.92
C VAL A 633 -37.84 -4.98 32.26
N GLN A 634 -37.79 -3.87 31.54
CA GLN A 634 -36.56 -3.45 30.87
C GLN A 634 -35.45 -3.18 31.88
N VAL A 635 -35.75 -2.42 32.93
CA VAL A 635 -34.72 -2.12 33.91
C VAL A 635 -34.36 -3.36 34.72
N PHE A 636 -35.33 -4.27 34.94
CA PHE A 636 -35.02 -5.52 35.63
C PHE A 636 -34.06 -6.37 34.80
N LEU A 637 -34.30 -6.47 33.49
CA LEU A 637 -33.39 -7.21 32.64
C LEU A 637 -32.02 -6.56 32.58
N LEU A 638 -31.97 -5.22 32.55
CA LEU A 638 -30.69 -4.52 32.59
C LEU A 638 -29.93 -4.85 33.87
N LEU A 639 -30.62 -4.79 35.02
CA LEU A 639 -29.96 -5.08 36.29
C LEU A 639 -29.52 -6.54 36.36
N MET A 640 -30.34 -7.46 35.86
CA MET A 640 -29.99 -8.88 35.86
C MET A 640 -28.76 -9.14 34.99
N ALA A 641 -28.72 -8.53 33.80
CA ALA A 641 -27.55 -8.67 32.94
C ALA A 641 -26.31 -8.09 33.60
N LEU A 642 -26.45 -6.94 34.27
CA LEU A 642 -25.32 -6.36 34.99
C LEU A 642 -24.84 -7.28 36.11
N VAL A 643 -25.78 -7.85 36.88
CA VAL A 643 -25.45 -8.73 37.99
C VAL A 643 -24.76 -9.99 37.50
N CYS A 644 -25.14 -10.49 36.32
CA CYS A 644 -24.53 -11.70 35.80
C CYS A 644 -23.03 -11.54 35.54
N ILE A 645 -22.54 -10.31 35.46
CA ILE A 645 -21.11 -10.08 35.24
C ILE A 645 -20.34 -10.44 36.50
N PRO A 646 -20.62 -9.83 37.68
CA PRO A 646 -19.94 -10.30 38.90
C PRO A 646 -20.15 -11.77 39.17
N TRP A 647 -21.34 -12.29 38.87
CA TRP A 647 -21.62 -13.71 39.02
C TRP A 647 -20.62 -14.55 38.22
N LEU A 648 -20.47 -14.23 36.94
CA LEU A 648 -19.54 -14.95 36.08
C LEU A 648 -18.10 -14.81 36.58
N LEU A 649 -17.70 -13.60 36.95
CA LEU A 649 -16.33 -13.40 37.42
C LEU A 649 -16.05 -14.19 38.69
N LEU A 650 -16.99 -14.24 39.62
CA LEU A 650 -16.69 -14.65 40.99
C LEU A 650 -17.00 -16.12 41.26
N VAL A 651 -18.21 -16.59 40.90
CA VAL A 651 -18.71 -17.84 41.48
C VAL A 651 -17.79 -19.01 41.18
N LYS A 652 -17.35 -19.13 39.92
CA LYS A 652 -16.45 -20.24 39.58
C LYS A 652 -15.09 -20.13 40.26
N PRO A 653 -14.38 -18.98 40.23
CA PRO A 653 -13.09 -18.92 40.94
C PRO A 653 -13.19 -19.05 42.45
N LEU A 654 -14.21 -18.46 43.07
CA LEU A 654 -14.29 -18.48 44.52
C LEU A 654 -14.55 -19.89 45.05
N HIS A 655 -15.27 -20.71 44.29
CA HIS A 655 -15.43 -22.12 44.67
C HIS A 655 -14.07 -22.81 44.71
N PHE A 656 -13.23 -22.55 43.71
CA PHE A 656 -11.88 -23.11 43.72
C PHE A 656 -11.08 -22.61 44.91
N LYS A 657 -11.20 -21.32 45.21
CA LYS A 657 -10.46 -20.75 46.33
C LYS A 657 -10.87 -21.38 47.65
N PHE A 658 -12.17 -21.61 47.85
CA PHE A 658 -12.65 -22.09 49.14
C PHE A 658 -12.51 -23.60 49.28
N THR A 659 -12.91 -24.36 48.25
CA THR A 659 -13.20 -25.78 48.40
C THR A 659 -12.09 -26.70 47.90
N HIS A 660 -11.22 -26.23 47.01
CA HIS A 660 -10.23 -27.13 46.42
C HIS A 660 -9.27 -27.68 47.47
N LYS A 661 -8.81 -26.82 48.39
CA LYS A 661 -7.88 -27.22 49.45
C LYS A 661 -6.61 -27.88 48.90
N GLY A 709 -7.95 -16.83 43.91
CA GLY A 709 -7.90 -18.03 43.09
C GLY A 709 -6.94 -17.90 41.91
N ASP A 710 -6.34 -19.03 41.52
CA ASP A 710 -5.42 -19.04 40.39
C ASP A 710 -6.14 -18.94 39.05
N ILE A 711 -7.44 -19.26 39.01
CA ILE A 711 -8.21 -19.20 37.77
C ILE A 711 -8.94 -17.88 37.62
N MET A 712 -8.61 -16.88 38.45
CA MET A 712 -9.27 -15.57 38.35
C MET A 712 -8.99 -14.91 37.00
N ILE A 713 -7.75 -14.98 36.53
CA ILE A 713 -7.38 -14.32 35.28
C ILE A 713 -8.10 -14.97 34.10
N HIS A 714 -8.05 -16.31 34.04
CA HIS A 714 -8.73 -17.00 32.95
C HIS A 714 -10.22 -16.74 32.98
N GLN A 715 -10.84 -16.79 34.16
CA GLN A 715 -12.26 -16.55 34.26
C GLN A 715 -12.63 -15.12 33.86
N VAL A 716 -11.83 -14.14 34.28
CA VAL A 716 -12.19 -12.76 33.99
C VAL A 716 -12.05 -12.48 32.49
N ILE A 717 -10.97 -12.97 31.86
CA ILE A 717 -10.85 -12.76 30.42
C ILE A 717 -11.94 -13.51 29.67
N HIS A 718 -12.26 -14.73 30.12
CA HIS A 718 -13.30 -15.53 29.47
C HIS A 718 -14.66 -14.84 29.57
N THR A 719 -14.98 -14.29 30.74
CA THR A 719 -16.29 -13.66 30.90
C THR A 719 -16.38 -12.33 30.16
N ILE A 720 -15.30 -11.53 30.15
CA ILE A 720 -15.35 -10.29 29.38
C ILE A 720 -15.50 -10.60 27.89
N GLU A 721 -14.75 -11.57 27.38
CA GLU A 721 -14.90 -11.91 25.97
C GLU A 721 -16.27 -12.52 25.71
N PHE A 722 -16.85 -13.27 26.65
CA PHE A 722 -18.20 -13.79 26.46
C PHE A 722 -19.21 -12.65 26.35
N CYS A 723 -19.14 -11.68 27.26
CA CYS A 723 -20.09 -10.57 27.24
C CYS A 723 -19.96 -9.76 25.97
N LEU A 724 -18.73 -9.52 25.52
CA LEU A 724 -18.56 -8.75 24.28
C LEU A 724 -18.91 -9.57 23.05
N ASN A 725 -18.64 -10.88 23.08
CA ASN A 725 -18.93 -11.75 21.95
C ASN A 725 -20.43 -11.95 21.78
N CYS A 726 -21.21 -11.86 22.86
CA CYS A 726 -22.65 -11.90 22.68
C CYS A 726 -23.12 -10.78 21.76
N VAL A 727 -22.68 -9.54 22.03
CA VAL A 727 -23.05 -8.40 21.20
C VAL A 727 -22.47 -8.56 19.80
N SER A 728 -21.19 -8.92 19.70
CA SER A 728 -20.56 -9.00 18.38
C SER A 728 -21.15 -10.13 17.54
N HIS A 729 -21.60 -11.21 18.17
CA HIS A 729 -22.21 -12.33 17.46
C HIS A 729 -23.61 -11.96 16.99
N THR A 730 -24.39 -11.28 17.84
CA THR A 730 -25.69 -10.79 17.39
C THR A 730 -25.52 -9.85 16.21
N ALA A 731 -24.49 -9.00 16.24
CA ALA A 731 -24.21 -8.14 15.10
C ALA A 731 -23.80 -8.94 13.88
N SER A 732 -22.93 -9.94 14.06
CA SER A 732 -22.39 -10.69 12.93
C SER A 732 -23.44 -11.56 12.26
N TYR A 733 -24.47 -11.97 12.99
CA TYR A 733 -25.55 -12.72 12.34
C TYR A 733 -26.33 -11.88 11.34
N LEU A 734 -26.13 -10.57 11.32
CA LEU A 734 -26.73 -9.74 10.27
C LEU A 734 -26.25 -10.12 8.89
N ARG A 735 -25.13 -10.84 8.78
CA ARG A 735 -24.67 -11.23 7.46
C ARG A 735 -25.62 -12.20 6.77
N LEU A 736 -26.50 -12.88 7.50
CA LEU A 736 -27.56 -13.64 6.84
C LEU A 736 -28.39 -12.72 5.95
N TRP A 737 -28.91 -11.65 6.53
CA TRP A 737 -29.63 -10.64 5.75
C TRP A 737 -28.73 -10.00 4.70
N ALA A 738 -27.48 -9.73 5.06
CA ALA A 738 -26.59 -9.04 4.13
C ALA A 738 -26.38 -9.86 2.85
N LEU A 739 -26.00 -11.13 3.00
CA LEU A 739 -25.78 -11.96 1.83
C LEU A 739 -27.08 -12.29 1.12
N SER A 740 -28.19 -12.45 1.85
CA SER A 740 -29.47 -12.68 1.19
C SER A 740 -29.84 -11.52 0.29
N LEU A 741 -29.73 -10.30 0.82
CA LEU A 741 -30.06 -9.11 0.04
C LEU A 741 -29.12 -8.93 -1.13
N ALA A 742 -27.81 -9.15 -0.91
CA ALA A 742 -26.86 -9.02 -2.00
C ALA A 742 -27.12 -10.03 -3.09
N HIS A 743 -27.39 -11.29 -2.73
CA HIS A 743 -27.69 -12.30 -3.72
C HIS A 743 -28.95 -11.95 -4.50
N ALA A 744 -29.99 -11.49 -3.80
CA ALA A 744 -31.23 -11.11 -4.48
C ALA A 744 -30.98 -9.96 -5.44
N GLN A 745 -30.24 -8.95 -5.01
CA GLN A 745 -30.02 -7.78 -5.86
C GLN A 745 -29.11 -8.11 -7.05
N LEU A 746 -28.08 -8.92 -6.82
CA LEU A 746 -27.24 -9.35 -7.94
C LEU A 746 -28.03 -10.18 -8.94
N SER A 747 -28.89 -11.08 -8.46
CA SER A 747 -29.70 -11.88 -9.38
C SER A 747 -30.66 -11.00 -10.17
N SER A 748 -31.30 -10.04 -9.49
CA SER A 748 -32.23 -9.14 -10.19
C SER A 748 -31.50 -8.29 -11.22
N VAL A 749 -30.36 -7.72 -10.85
CA VAL A 749 -29.60 -6.88 -11.78
C VAL A 749 -29.09 -7.71 -12.95
N LEU A 750 -28.64 -8.94 -12.69
CA LEU A 750 -28.16 -9.79 -13.76
C LEU A 750 -29.29 -10.17 -14.72
N TRP A 751 -30.47 -10.46 -14.16
CA TRP A 751 -31.64 -10.74 -15.01
C TRP A 751 -31.98 -9.54 -15.87
N THR A 752 -31.98 -8.35 -15.28
CA THR A 752 -32.32 -7.14 -16.04
C THR A 752 -31.29 -6.86 -17.12
N MET A 753 -30.00 -7.04 -16.80
CA MET A 753 -28.93 -6.67 -17.72
C MET A 753 -28.77 -7.69 -18.85
N THR A 754 -28.95 -8.98 -18.56
CA THR A 754 -28.60 -10.02 -19.52
C THR A 754 -29.79 -10.51 -20.32
N ILE A 755 -30.81 -11.07 -19.66
CA ILE A 755 -31.85 -11.79 -20.39
C ILE A 755 -33.06 -10.92 -20.68
N GLN A 756 -33.44 -10.04 -19.74
CA GLN A 756 -34.67 -9.27 -19.91
C GLN A 756 -34.58 -8.30 -21.10
N ILE A 757 -33.37 -7.92 -21.52
CA ILE A 757 -33.21 -7.09 -22.70
C ILE A 757 -33.74 -7.81 -23.93
N ALA A 758 -33.53 -9.12 -24.00
CA ALA A 758 -33.92 -9.90 -25.17
C ALA A 758 -35.43 -9.88 -25.40
N PHE A 759 -36.21 -9.75 -24.32
CA PHE A 759 -37.66 -9.75 -24.46
C PHE A 759 -38.18 -8.53 -25.22
N GLY A 760 -37.36 -7.48 -25.33
CA GLY A 760 -37.81 -6.26 -25.99
C GLY A 760 -37.71 -6.25 -27.50
N PHE A 761 -37.04 -7.23 -28.10
CA PHE A 761 -36.84 -7.29 -29.54
C PHE A 761 -37.50 -8.54 -30.10
N ARG A 762 -37.97 -8.43 -31.35
CA ARG A 762 -38.74 -9.47 -32.00
C ARG A 762 -38.19 -9.75 -33.39
N GLY A 763 -38.71 -10.79 -34.03
CA GLY A 763 -38.14 -11.28 -35.26
C GLY A 763 -36.97 -12.21 -34.98
N PHE A 764 -36.33 -12.66 -36.06
CA PHE A 764 -35.18 -13.55 -35.88
C PHE A 764 -34.03 -12.85 -35.17
N VAL A 765 -33.94 -11.53 -35.25
CA VAL A 765 -32.99 -10.81 -34.39
C VAL A 765 -33.40 -10.97 -32.94
N GLY A 766 -34.71 -10.96 -32.66
CA GLY A 766 -35.16 -11.21 -31.31
C GLY A 766 -34.87 -12.62 -30.84
N VAL A 767 -35.03 -13.61 -31.73
CA VAL A 767 -34.70 -14.99 -31.37
C VAL A 767 -33.21 -15.13 -31.08
N PHE A 768 -32.38 -14.53 -31.93
CA PHE A 768 -30.94 -14.61 -31.72
C PHE A 768 -30.52 -13.92 -30.42
N MET A 769 -31.11 -12.74 -30.15
CA MET A 769 -30.81 -12.07 -28.89
C MET A 769 -31.27 -12.90 -27.71
N THR A 770 -32.44 -13.54 -27.80
CA THR A 770 -32.90 -14.37 -26.69
C THR A 770 -31.95 -15.53 -26.46
N VAL A 771 -31.50 -16.19 -27.53
CA VAL A 771 -30.59 -17.34 -27.37
C VAL A 771 -29.27 -16.89 -26.76
N ALA A 772 -28.66 -15.86 -27.34
CA ALA A 772 -27.34 -15.43 -26.87
C ALA A 772 -27.40 -14.84 -25.47
N LEU A 773 -28.45 -14.07 -25.18
CA LEU A 773 -28.58 -13.44 -23.88
C LEU A 773 -28.96 -14.46 -22.81
N PHE A 774 -29.69 -15.52 -23.16
CA PHE A 774 -29.87 -16.61 -22.22
C PHE A 774 -28.55 -17.34 -21.97
N ALA A 775 -27.74 -17.52 -23.02
CA ALA A 775 -26.43 -18.12 -22.81
C ALA A 775 -25.61 -17.30 -21.82
N MET A 776 -25.58 -15.98 -22.00
CA MET A 776 -24.88 -15.10 -21.07
C MET A 776 -25.48 -15.18 -19.68
N TRP A 777 -26.82 -15.13 -19.59
CA TRP A 777 -27.50 -15.14 -18.31
C TRP A 777 -27.19 -16.42 -17.53
N PHE A 778 -27.24 -17.57 -18.22
CA PHE A 778 -27.00 -18.84 -17.54
C PHE A 778 -25.53 -19.02 -17.19
N ALA A 779 -24.62 -18.57 -18.07
CA ALA A 779 -23.20 -18.64 -17.76
C ALA A 779 -22.87 -17.81 -16.54
N LEU A 780 -23.41 -16.60 -16.44
CA LEU A 780 -23.16 -15.76 -15.29
C LEU A 780 -23.90 -16.24 -14.04
N THR A 781 -25.08 -16.84 -14.22
CA THR A 781 -25.82 -17.40 -13.09
C THR A 781 -25.05 -18.55 -12.45
N CYS A 782 -24.55 -19.48 -13.27
CA CYS A 782 -23.75 -20.57 -12.75
C CYS A 782 -22.42 -20.06 -12.19
N ALA A 783 -21.71 -19.25 -12.98
CA ALA A 783 -20.42 -18.71 -12.55
C ALA A 783 -20.57 -17.77 -11.36
N VAL A 784 -21.23 -16.63 -11.56
CA VAL A 784 -21.20 -15.56 -10.56
C VAL A 784 -22.11 -15.87 -9.39
N LEU A 785 -23.32 -16.34 -9.66
CA LEU A 785 -24.29 -16.48 -8.57
C LEU A 785 -24.17 -17.82 -7.86
N VAL A 786 -24.29 -18.93 -8.59
CA VAL A 786 -24.27 -20.24 -7.96
C VAL A 786 -22.90 -20.57 -7.41
N LEU A 787 -21.85 -20.39 -8.22
CA LEU A 787 -20.52 -20.83 -7.83
C LEU A 787 -19.74 -19.72 -7.12
N MET A 788 -19.65 -18.54 -7.74
CA MET A 788 -18.85 -17.46 -7.18
C MET A 788 -19.42 -16.94 -5.87
N GLU A 789 -20.75 -16.92 -5.73
CA GLU A 789 -21.37 -16.38 -4.53
C GLU A 789 -21.94 -17.46 -3.61
N GLY A 790 -22.13 -18.68 -4.12
CA GLY A 790 -22.45 -19.79 -3.23
C GLY A 790 -21.30 -20.12 -2.30
N THR A 791 -20.07 -20.08 -2.81
CA THR A 791 -18.91 -20.28 -1.96
C THR A 791 -18.84 -19.20 -0.89
N SER A 792 -19.25 -17.97 -1.24
CA SER A 792 -19.32 -16.90 -0.25
C SER A 792 -20.26 -17.27 0.90
N ALA A 793 -21.44 -17.76 0.56
CA ALA A 793 -22.43 -18.11 1.58
C ALA A 793 -21.97 -19.29 2.42
N MET A 794 -21.34 -20.29 1.80
CA MET A 794 -20.88 -21.44 2.58
C MET A 794 -19.71 -21.06 3.49
N LEU A 795 -18.81 -20.19 3.03
CA LEU A 795 -17.73 -19.71 3.89
C LEU A 795 -18.27 -18.88 5.04
N HIS A 796 -19.29 -18.06 4.79
CA HIS A 796 -19.88 -17.31 5.89
C HIS A 796 -20.63 -18.21 6.86
N SER A 797 -21.27 -19.28 6.38
CA SER A 797 -21.87 -20.23 7.31
C SER A 797 -20.81 -20.95 8.14
N LEU A 798 -19.66 -21.24 7.52
CA LEU A 798 -18.52 -21.74 8.27
C LEU A 798 -18.11 -20.73 9.35
N ARG A 799 -18.15 -19.44 9.01
CA ARG A 799 -17.89 -18.39 10.00
C ARG A 799 -18.88 -18.47 11.16
N LEU A 800 -20.18 -18.52 10.85
CA LEU A 800 -21.19 -18.63 11.89
C LEU A 800 -20.98 -19.86 12.76
N HIS A 801 -20.46 -20.94 12.21
CA HIS A 801 -20.34 -22.14 13.02
C HIS A 801 -19.07 -22.16 13.85
N TRP A 802 -17.91 -21.96 13.23
CA TRP A 802 -16.65 -21.95 13.97
C TRP A 802 -16.65 -20.85 15.03
N VAL A 803 -17.26 -19.71 14.72
CA VAL A 803 -17.16 -18.54 15.58
C VAL A 803 -18.38 -18.43 16.50
N GLU A 804 -19.57 -18.29 15.90
CA GLU A 804 -20.75 -17.99 16.69
C GLU A 804 -21.32 -19.21 17.39
N SER A 805 -21.35 -20.35 16.69
CA SER A 805 -22.01 -21.53 17.23
C SER A 805 -21.11 -22.31 18.17
N MET A 806 -19.91 -22.68 17.70
CA MET A 806 -19.07 -23.60 18.47
C MET A 806 -18.43 -22.91 19.67
N SER A 807 -18.06 -21.63 19.54
CA SER A 807 -17.43 -20.95 20.66
C SER A 807 -18.32 -20.89 21.89
N LYS A 808 -19.64 -21.06 21.72
CA LYS A 808 -20.53 -21.13 22.86
C LYS A 808 -20.23 -22.36 23.72
N PHE A 809 -19.97 -23.50 23.07
CA PHE A 809 -19.85 -24.77 23.77
C PHE A 809 -18.58 -25.56 23.46
N PHE A 810 -17.96 -25.34 22.30
CA PHE A 810 -16.88 -26.21 21.84
C PHE A 810 -15.63 -25.97 22.66
N VAL A 811 -15.28 -26.92 23.53
CA VAL A 811 -14.03 -26.84 24.28
C VAL A 811 -12.85 -27.07 23.35
N GLY A 812 -12.95 -28.07 22.48
CA GLY A 812 -11.93 -28.30 21.48
C GLY A 812 -10.63 -28.84 22.04
N GLU A 813 -9.56 -28.61 21.27
CA GLU A 813 -8.19 -29.01 21.60
C GLU A 813 -8.11 -30.47 22.06
N GLY A 814 -8.86 -31.32 21.40
CA GLY A 814 -8.81 -32.75 21.64
C GLY A 814 -7.64 -33.40 20.93
N LEU A 815 -7.59 -34.73 21.04
CA LEU A 815 -6.50 -35.51 20.48
C LEU A 815 -7.02 -36.34 19.31
N PRO A 816 -6.48 -36.17 18.10
CA PRO A 816 -6.99 -36.92 16.95
C PRO A 816 -6.83 -38.42 17.14
N TYR A 817 -7.79 -39.17 16.62
CA TYR A 817 -7.79 -40.62 16.81
C TYR A 817 -6.70 -41.26 15.96
N GLU A 818 -6.82 -41.16 14.62
CA GLU A 818 -5.81 -41.53 13.64
C GLU A 818 -5.04 -42.80 14.04
N PRO A 819 -5.68 -43.96 14.04
CA PRO A 819 -5.03 -45.16 14.57
C PRO A 819 -3.94 -45.67 13.63
N PHE A 820 -3.20 -46.66 14.14
CA PHE A 820 -2.23 -47.38 13.31
C PHE A 820 -2.97 -48.31 12.36
N ALA A 821 -2.94 -47.97 11.07
CA ALA A 821 -3.61 -48.79 10.06
C ALA A 821 -2.84 -48.69 8.75
N PHE A 822 -2.81 -49.80 8.02
CA PHE A 822 -2.16 -49.82 6.72
C PHE A 822 -3.04 -49.13 5.68
N GLU A 823 -2.37 -48.58 4.67
CA GLU A 823 -3.04 -47.85 3.60
C GLU A 823 -2.28 -48.06 2.31
N TYR A 824 -2.95 -47.77 1.20
CA TYR A 824 -2.26 -47.73 -0.09
C TYR A 824 -1.43 -46.46 -0.18
N LYS A 825 -0.17 -46.53 0.25
CA LYS A 825 0.73 -45.39 0.17
C LYS A 825 1.32 -45.34 -1.23
N ASP A 826 0.61 -44.65 -2.12
CA ASP A 826 1.03 -44.57 -3.51
C ASP A 826 2.42 -43.95 -3.61
N MET A 827 3.14 -44.30 -4.68
CA MET A 827 4.52 -43.87 -4.82
C MET A 827 4.65 -42.40 -5.16
N GLU A 828 3.55 -41.66 -5.26
CA GLU A 828 3.63 -40.21 -5.33
C GLU A 828 4.20 -39.61 -4.05
N VAL A 829 4.27 -40.38 -2.96
CA VAL A 829 4.97 -39.95 -1.77
C VAL A 829 6.45 -39.71 -2.03
N ALA A 830 6.95 -40.12 -3.20
CA ALA A 830 8.31 -39.77 -3.59
C ALA A 830 8.49 -38.26 -3.69
N VAL A 831 7.40 -37.51 -3.87
CA VAL A 831 7.47 -36.06 -3.73
C VAL A 831 7.70 -35.69 -2.27
N ALA A 832 6.97 -36.32 -1.36
CA ALA A 832 7.24 -36.16 0.06
C ALA A 832 8.60 -36.75 0.41
N SER A 833 9.17 -36.26 1.52
CA SER A 833 10.49 -36.65 2.01
C SER A 833 11.61 -36.32 1.04
N ALA A 834 11.30 -35.71 -0.11
CA ALA A 834 12.31 -35.23 -1.05
C ALA A 834 12.07 -33.81 -1.52
N SER A 835 10.84 -33.29 -1.41
CA SER A 835 10.53 -31.90 -1.75
C SER A 835 9.73 -31.22 -0.65
N SER A 836 9.75 -31.76 0.57
CA SER A 836 8.96 -31.25 1.68
C SER A 836 9.89 -31.12 2.89
N SER A 837 10.49 -29.95 3.05
CA SER A 837 11.36 -29.67 4.18
C SER A 837 11.55 -28.16 4.35
N ASP B 211 -29.89 38.60 -2.98
CA ASP B 211 -29.84 39.35 -1.74
C ASP B 211 -28.58 38.96 -0.95
N ASP B 212 -28.36 39.62 0.18
CA ASP B 212 -27.19 39.36 1.01
C ASP B 212 -27.20 37.98 1.64
N ASP B 213 -28.34 37.28 1.63
CA ASP B 213 -28.41 35.95 2.23
C ASP B 213 -27.49 34.96 1.53
N ILE B 214 -27.15 35.21 0.26
CA ILE B 214 -26.22 34.34 -0.44
C ILE B 214 -24.80 34.54 0.11
N LEU B 215 -24.01 33.47 0.10
CA LEU B 215 -22.64 33.58 0.56
C LEU B 215 -21.71 34.06 -0.55
N SER B 216 -22.02 33.76 -1.80
CA SER B 216 -21.24 34.25 -2.93
C SER B 216 -22.05 34.08 -4.21
N SER B 217 -21.86 35.03 -5.13
CA SER B 217 -22.45 34.91 -6.45
C SER B 217 -21.68 33.93 -7.33
N ILE B 218 -20.38 33.77 -7.08
CA ILE B 218 -19.56 32.82 -7.81
C ILE B 218 -19.49 31.52 -7.04
N TRP B 219 -19.07 31.60 -5.78
CA TRP B 219 -18.94 30.43 -4.91
C TRP B 219 -20.26 30.14 -4.21
N THR B 220 -21.29 29.92 -5.02
CA THR B 220 -22.60 29.56 -4.49
C THR B 220 -22.51 28.26 -3.70
N GLU B 221 -23.46 28.08 -2.77
CA GLU B 221 -23.43 26.91 -1.92
C GLU B 221 -23.47 25.62 -2.73
N GLY B 222 -24.23 25.60 -3.81
CA GLY B 222 -24.30 24.41 -4.64
C GLY B 222 -22.96 24.08 -5.29
N LEU B 223 -22.36 25.07 -5.94
CA LEU B 223 -21.03 24.88 -6.52
C LEU B 223 -20.01 24.51 -5.45
N LEU B 224 -20.10 25.14 -4.28
CA LEU B 224 -19.13 24.90 -3.23
C LEU B 224 -19.20 23.46 -2.72
N MET B 225 -20.41 22.94 -2.51
CA MET B 225 -20.50 21.56 -2.04
C MET B 225 -20.27 20.55 -3.16
N CYS B 226 -20.58 20.90 -4.41
CA CYS B 226 -20.13 20.06 -5.53
C CYS B 226 -18.61 19.94 -5.52
N LEU B 227 -17.92 21.06 -5.34
CA LEU B 227 -16.46 21.04 -5.24
C LEU B 227 -16.00 20.22 -4.05
N ILE B 228 -16.69 20.34 -2.91
CA ILE B 228 -16.28 19.62 -1.71
C ILE B 228 -16.40 18.11 -1.92
N VAL B 229 -17.54 17.65 -2.45
CA VAL B 229 -17.72 16.22 -2.64
C VAL B 229 -16.80 15.69 -3.74
N SER B 230 -16.59 16.48 -4.80
CA SER B 230 -15.65 16.05 -5.84
C SER B 230 -14.22 16.00 -5.30
N ALA B 231 -13.87 16.90 -4.39
CA ALA B 231 -12.54 16.86 -3.78
C ALA B 231 -12.40 15.67 -2.83
N LEU B 232 -13.45 15.31 -2.11
CA LEU B 232 -13.41 14.10 -1.29
C LEU B 232 -13.22 12.86 -2.17
N LEU B 233 -13.98 12.77 -3.26
CA LEU B 233 -13.82 11.65 -4.18
C LEU B 233 -12.43 11.64 -4.80
N LEU B 234 -11.90 12.82 -5.15
CA LEU B 234 -10.57 12.91 -5.74
C LEU B 234 -9.49 12.54 -4.73
N PHE B 235 -9.68 12.88 -3.45
CA PHE B 235 -8.74 12.46 -2.42
C PHE B 235 -8.73 10.95 -2.27
N ILE B 236 -9.92 10.34 -2.24
CA ILE B 236 -9.98 8.87 -2.16
C ILE B 236 -9.36 8.26 -3.41
N LEU B 237 -9.58 8.88 -4.57
CA LEU B 237 -9.00 8.40 -5.82
C LEU B 237 -7.48 8.48 -5.79
N ILE B 238 -6.93 9.58 -5.27
CA ILE B 238 -5.48 9.76 -5.21
C ILE B 238 -4.87 8.73 -4.27
N VAL B 239 -5.53 8.47 -3.13
CA VAL B 239 -5.04 7.45 -2.21
C VAL B 239 -5.07 6.08 -2.88
N ALA B 240 -6.17 5.76 -3.58
CA ALA B 240 -6.29 4.49 -4.27
C ALA B 240 -5.20 4.34 -5.33
N LEU B 241 -4.96 5.40 -6.10
CA LEU B 241 -3.95 5.34 -7.15
C LEU B 241 -2.55 5.25 -6.57
N SER B 242 -2.30 5.87 -5.41
CA SER B 242 -1.01 5.70 -4.74
C SER B 242 -0.79 4.24 -4.35
N TRP B 243 -1.78 3.63 -3.71
CA TRP B 243 -1.65 2.21 -3.34
C TRP B 243 -1.46 1.34 -4.58
N ILE B 244 -2.22 1.61 -5.64
CA ILE B 244 -2.12 0.79 -6.86
C ILE B 244 -0.76 0.99 -7.53
N SER B 245 -0.21 2.21 -7.48
CA SER B 245 1.12 2.44 -8.03
C SER B 245 2.21 1.80 -7.17
N ASN B 246 1.92 1.54 -5.89
CA ASN B 246 2.86 0.80 -5.06
C ASN B 246 2.90 -0.69 -5.36
N LEU B 247 2.21 -1.16 -6.42
CA LEU B 247 2.20 -2.57 -6.79
C LEU B 247 3.46 -2.92 -7.57
N ASP B 248 4.51 -3.24 -6.83
CA ASP B 248 5.68 -3.84 -7.44
C ASP B 248 5.44 -5.35 -7.62
N ILE B 249 6.23 -5.96 -8.49
CA ILE B 249 6.08 -7.37 -8.84
C ILE B 249 7.23 -8.16 -8.23
N THR B 250 6.89 -9.29 -7.60
CA THR B 250 7.88 -10.19 -7.02
C THR B 250 8.46 -11.05 -8.15
N TYR B 251 9.43 -10.44 -8.85
CA TYR B 251 9.96 -11.05 -10.07
C TYR B 251 10.69 -12.36 -9.78
N GLY B 252 11.36 -12.44 -8.63
CA GLY B 252 12.27 -13.56 -8.38
C GLY B 252 11.62 -14.92 -8.47
N ALA B 253 10.38 -15.05 -7.99
CA ALA B 253 9.69 -16.32 -8.05
C ALA B 253 9.22 -16.67 -9.47
N LEU B 254 9.32 -15.73 -10.39
CA LEU B 254 8.81 -15.92 -11.75
C LEU B 254 9.73 -15.41 -12.84
N GLU B 255 10.97 -15.04 -12.51
CA GLU B 255 11.94 -14.56 -13.50
C GLU B 255 13.12 -15.52 -13.59
N LYS B 256 13.38 -16.01 -14.80
CA LYS B 256 14.65 -16.69 -15.13
C LYS B 256 15.00 -17.80 -14.15
N SER B 257 14.00 -18.60 -13.78
CA SER B 257 14.17 -19.74 -12.88
C SER B 257 14.84 -19.33 -11.56
N LYS C 14 15.07 20.13 -0.57
CA LYS C 14 14.04 19.16 -0.22
C LYS C 14 12.73 19.52 -0.93
N PHE C 15 12.17 18.56 -1.67
CA PHE C 15 10.99 18.82 -2.47
C PHE C 15 10.15 17.55 -2.58
N SER C 16 8.83 17.74 -2.56
CA SER C 16 7.88 16.69 -2.91
C SER C 16 6.63 17.37 -3.45
N PHE C 17 6.01 16.74 -4.45
CA PHE C 17 4.89 17.37 -5.13
C PHE C 17 3.71 17.57 -4.17
N SER C 18 3.44 16.59 -3.31
CA SER C 18 2.33 16.71 -2.37
C SER C 18 2.56 17.85 -1.39
N HIS C 19 3.77 17.95 -0.82
CA HIS C 19 4.06 19.07 0.07
C HIS C 19 4.10 20.39 -0.69
N PHE C 20 4.52 20.37 -1.96
CA PHE C 20 4.50 21.60 -2.74
C PHE C 20 3.07 22.11 -2.90
N LEU C 21 2.13 21.21 -3.20
CA LEU C 21 0.73 21.62 -3.28
C LEU C 21 0.18 22.05 -1.93
N TYR C 22 0.59 21.36 -0.85
CA TYR C 22 0.16 21.79 0.48
C TYR C 22 0.57 23.23 0.76
N TYR C 23 1.85 23.54 0.54
CA TYR C 23 2.32 24.90 0.78
C TYR C 23 1.70 25.89 -0.20
N LEU C 24 1.48 25.48 -1.45
CA LEU C 24 0.87 26.37 -2.43
C LEU C 24 -0.55 26.74 -2.03
N VAL C 25 -1.36 25.74 -1.66
CA VAL C 25 -2.73 26.04 -1.26
C VAL C 25 -2.75 26.81 0.06
N LEU C 26 -1.80 26.54 0.97
CA LEU C 26 -1.72 27.33 2.19
C LEU C 26 -1.45 28.80 1.87
N ILE C 27 -0.51 29.05 0.96
CA ILE C 27 -0.19 30.42 0.57
C ILE C 27 -1.38 31.07 -0.11
N VAL C 28 -2.07 30.34 -0.99
CA VAL C 28 -3.22 30.91 -1.69
C VAL C 28 -4.33 31.26 -0.72
N VAL C 29 -4.61 30.37 0.24
CA VAL C 29 -5.65 30.64 1.23
C VAL C 29 -5.27 31.83 2.10
N ILE C 30 -3.99 31.91 2.51
CA ILE C 30 -3.56 33.04 3.33
C ILE C 30 -3.69 34.35 2.56
N VAL C 31 -3.25 34.36 1.31
CA VAL C 31 -3.34 35.58 0.50
C VAL C 31 -4.79 35.98 0.27
N TYR C 32 -5.66 35.01 -0.01
CA TYR C 32 -7.07 35.31 -0.21
C TYR C 32 -7.70 35.85 1.06
N GLY C 33 -7.39 35.25 2.21
CA GLY C 33 -7.91 35.75 3.46
C GLY C 33 -7.46 37.15 3.77
N LEU C 34 -6.17 37.44 3.55
CA LEU C 34 -5.66 38.79 3.79
C LEU C 34 -6.28 39.78 2.81
N TYR C 35 -6.48 39.39 1.56
CA TYR C 35 -7.12 40.26 0.58
C TYR C 35 -8.55 40.60 1.02
N LYS C 36 -9.31 39.58 1.42
CA LYS C 36 -10.68 39.83 1.86
C LYS C 36 -10.72 40.67 3.13
N LEU C 37 -9.83 40.39 4.08
CA LEU C 37 -9.84 41.09 5.36
C LEU C 37 -9.45 42.55 5.20
N PHE C 38 -8.36 42.81 4.46
CA PHE C 38 -7.86 44.17 4.31
C PHE C 38 -8.87 45.06 3.59
N THR C 39 -9.52 44.54 2.54
CA THR C 39 -10.51 45.31 1.81
C THR C 39 -11.82 45.48 2.56
N GLY C 40 -11.89 45.04 3.82
CA GLY C 40 -13.10 45.14 4.59
C GLY C 40 -14.14 44.10 4.30
N HIS C 41 -13.83 43.13 3.44
CA HIS C 41 -14.76 42.06 3.07
C HIS C 41 -14.42 40.75 3.75
N GLY C 42 -13.93 40.80 4.99
CA GLY C 42 -13.61 39.59 5.72
C GLY C 42 -14.81 38.70 5.94
N SER C 43 -15.99 39.29 6.10
CA SER C 43 -17.23 38.55 6.30
C SER C 43 -17.66 37.81 5.04
N ASP C 44 -17.03 38.04 3.90
CA ASP C 44 -17.35 37.26 2.70
C ASP C 44 -16.96 35.81 2.88
N ILE C 45 -15.82 35.55 3.53
CA ILE C 45 -15.45 34.20 3.96
C ILE C 45 -16.31 33.89 5.18
N ASN C 46 -17.42 33.19 4.96
CA ASN C 46 -18.52 33.11 5.90
C ASN C 46 -18.92 31.67 6.15
N PHE C 47 -17.95 30.86 6.57
CA PHE C 47 -18.12 29.44 6.86
C PHE C 47 -19.42 29.13 7.60
N GLY C 48 -19.85 30.01 8.49
CA GLY C 48 -21.13 29.82 9.14
C GLY C 48 -22.30 29.84 8.17
N LYS C 49 -22.31 30.83 7.26
CA LYS C 49 -23.34 30.86 6.23
C LYS C 49 -23.19 29.70 5.26
N PHE C 50 -21.97 29.20 5.08
CA PHE C 50 -21.79 27.97 4.31
C PHE C 50 -22.49 26.80 4.98
N LEU C 51 -22.36 26.69 6.31
CA LEU C 51 -23.05 25.63 7.03
C LEU C 51 -24.56 25.80 6.98
N LEU C 52 -25.03 27.04 7.04
CA LEU C 52 -26.47 27.29 7.01
C LEU C 52 -27.07 27.00 5.65
N ARG C 53 -26.44 27.46 4.57
CA ARG C 53 -27.00 27.34 3.24
C ARG C 53 -26.87 25.94 2.67
N THR C 54 -25.84 25.20 3.07
CA THR C 54 -25.57 23.91 2.47
C THR C 54 -26.67 22.92 2.82
N SER C 55 -26.98 22.04 1.86
CA SER C 55 -28.06 21.09 2.03
C SER C 55 -27.76 20.15 3.20
N PRO C 56 -28.70 19.95 4.12
CA PRO C 56 -28.46 18.98 5.21
C PRO C 56 -28.23 17.56 4.73
N TYR C 57 -28.80 17.19 3.58
CA TYR C 57 -28.59 15.83 3.10
C TYR C 57 -27.15 15.56 2.72
N MET C 58 -26.39 16.57 2.27
CA MET C 58 -24.99 16.27 2.00
C MET C 58 -24.32 15.82 3.28
N TRP C 59 -24.58 16.53 4.37
CA TRP C 59 -24.02 16.17 5.67
C TRP C 59 -24.48 14.78 6.10
N ALA C 60 -25.77 14.50 5.97
CA ALA C 60 -26.30 13.23 6.45
C ALA C 60 -25.75 12.05 5.65
N ASN C 61 -25.81 12.14 4.31
CA ASN C 61 -25.33 11.03 3.50
C ASN C 61 -23.81 10.91 3.50
N LEU C 62 -23.09 12.02 3.64
CA LEU C 62 -21.65 11.94 3.87
C LEU C 62 -21.37 11.26 5.20
N GLY C 63 -22.16 11.56 6.23
CA GLY C 63 -21.98 10.87 7.50
C GLY C 63 -22.15 9.38 7.36
N ILE C 64 -23.22 8.94 6.69
CA ILE C 64 -23.47 7.52 6.53
C ILE C 64 -22.38 6.87 5.67
N ALA C 65 -22.07 7.49 4.53
CA ALA C 65 -21.09 6.92 3.61
C ALA C 65 -19.72 6.85 4.24
N LEU C 66 -19.29 7.90 4.93
CA LEU C 66 -17.99 7.87 5.59
C LEU C 66 -18.00 6.93 6.79
N CYS C 67 -19.12 6.83 7.52
CA CYS C 67 -19.20 5.84 8.59
C CYS C 67 -18.88 4.45 8.06
N VAL C 68 -19.67 3.99 7.08
CA VAL C 68 -19.47 2.63 6.60
C VAL C 68 -18.13 2.51 5.85
N GLY C 69 -17.74 3.55 5.11
CA GLY C 69 -16.53 3.47 4.33
C GLY C 69 -15.28 3.39 5.20
N LEU C 70 -15.21 4.23 6.23
CA LEU C 70 -14.05 4.21 7.12
C LEU C 70 -14.08 2.99 8.03
N SER C 71 -15.27 2.54 8.43
CA SER C 71 -15.34 1.28 9.17
C SER C 71 -14.81 0.14 8.32
N VAL C 72 -15.17 0.10 7.05
CA VAL C 72 -14.69 -0.95 6.15
C VAL C 72 -13.20 -0.79 5.88
N VAL C 73 -12.72 0.45 5.73
CA VAL C 73 -11.29 0.67 5.53
C VAL C 73 -10.50 0.16 6.72
N GLY C 74 -10.93 0.49 7.94
CA GLY C 74 -10.24 0.00 9.11
C GLY C 74 -10.31 -1.52 9.23
N ALA C 75 -11.50 -2.08 8.99
CA ALA C 75 -11.66 -3.53 9.05
C ALA C 75 -10.74 -4.21 8.04
N ALA C 76 -10.74 -3.74 6.80
CA ALA C 76 -9.90 -4.34 5.76
C ALA C 76 -8.42 -4.15 6.05
N TRP C 77 -8.06 -3.00 6.60
CA TRP C 77 -6.65 -2.72 6.87
C TRP C 77 -6.13 -3.65 7.96
N GLY C 78 -6.86 -3.75 9.07
CA GLY C 78 -6.53 -4.73 10.07
C GLY C 78 -6.56 -6.15 9.53
N ILE C 79 -7.55 -6.45 8.67
CA ILE C 79 -7.70 -7.80 8.15
C ILE C 79 -6.48 -8.19 7.33
N PHE C 80 -6.01 -7.33 6.42
CA PHE C 80 -4.89 -7.83 5.65
C PHE C 80 -3.61 -7.81 6.46
N ILE C 81 -3.44 -6.86 7.40
CA ILE C 81 -2.29 -6.92 8.29
C ILE C 81 -2.23 -8.27 8.98
N THR C 82 -3.26 -8.58 9.78
CA THR C 82 -3.22 -9.79 10.59
C THR C 82 -3.36 -11.06 9.75
N GLY C 83 -4.11 -11.01 8.65
CA GLY C 83 -4.26 -12.19 7.81
C GLY C 83 -2.97 -12.54 7.08
N SER C 84 -2.27 -11.53 6.54
CA SER C 84 -0.99 -11.80 5.92
C SER C 84 0.01 -12.31 6.95
N SER C 85 0.01 -11.72 8.15
CA SER C 85 0.92 -12.20 9.19
C SER C 85 0.62 -13.63 9.59
N MET C 86 -0.66 -13.99 9.73
CA MET C 86 -1.01 -15.33 10.17
C MET C 86 -0.90 -16.37 9.06
N ILE C 87 -1.02 -15.97 7.79
CA ILE C 87 -0.74 -16.88 6.70
C ILE C 87 0.76 -17.14 6.60
N GLY C 88 1.57 -16.09 6.74
CA GLY C 88 3.01 -16.29 6.76
C GLY C 88 3.46 -17.15 7.92
N ALA C 89 2.94 -16.85 9.12
CA ALA C 89 3.25 -17.68 10.28
C ALA C 89 2.64 -19.07 10.14
N GLY C 90 1.56 -19.18 9.36
CA GLY C 90 0.91 -20.46 9.16
C GLY C 90 1.63 -21.42 8.24
N VAL C 91 2.67 -20.94 7.54
CA VAL C 91 3.42 -21.81 6.64
C VAL C 91 4.08 -22.93 7.42
N ARG C 92 4.68 -22.61 8.57
CA ARG C 92 5.24 -23.63 9.43
C ARG C 92 4.19 -24.26 10.33
N ALA C 93 3.23 -23.46 10.79
CA ALA C 93 2.22 -23.91 11.75
C ALA C 93 0.84 -23.53 11.21
N PRO C 94 0.25 -24.35 10.35
CA PRO C 94 -1.12 -24.09 9.89
C PRO C 94 -2.14 -24.11 11.01
N ARG C 95 -1.81 -24.69 12.16
CA ARG C 95 -2.66 -24.63 13.34
C ARG C 95 -2.94 -23.19 13.77
N ILE C 96 -2.09 -22.25 13.39
CA ILE C 96 -2.23 -20.86 13.81
C ILE C 96 -3.51 -20.25 13.25
N THR C 97 -3.96 -20.73 12.09
CA THR C 97 -5.08 -20.09 11.40
C THR C 97 -6.33 -20.05 12.27
N THR C 98 -6.84 -21.23 12.66
CA THR C 98 -8.09 -21.26 13.40
C THR C 98 -7.93 -20.66 14.79
N LYS C 99 -6.75 -20.79 15.39
CA LYS C 99 -6.53 -20.23 16.72
C LYS C 99 -6.56 -18.71 16.71
N ASN C 100 -5.87 -18.08 15.76
CA ASN C 100 -5.76 -16.63 15.73
C ASN C 100 -6.82 -15.97 14.86
N LEU C 101 -7.72 -16.75 14.26
CA LEU C 101 -8.76 -16.17 13.42
C LEU C 101 -9.67 -15.22 14.18
N ILE C 102 -9.66 -15.28 15.52
CA ILE C 102 -10.42 -14.32 16.30
C ILE C 102 -9.98 -12.90 16.01
N SER C 103 -8.73 -12.73 15.55
CA SER C 103 -8.26 -11.41 15.15
C SER C 103 -9.01 -10.91 13.91
N ILE C 104 -9.11 -11.77 12.89
CA ILE C 104 -9.90 -11.42 11.70
C ILE C 104 -11.33 -11.13 12.11
N ILE C 105 -11.84 -11.92 13.06
CA ILE C 105 -13.22 -11.77 13.53
C ILE C 105 -13.44 -10.38 14.11
N PHE C 106 -12.57 -9.97 15.03
CA PHE C 106 -12.71 -8.66 15.66
C PHE C 106 -12.45 -7.53 14.68
N CYS C 107 -11.64 -7.77 13.64
CA CYS C 107 -11.51 -6.76 12.59
C CYS C 107 -12.81 -6.61 11.82
N GLU C 108 -13.47 -7.72 11.50
CA GLU C 108 -14.73 -7.67 10.76
C GLU C 108 -15.85 -7.03 11.60
N VAL C 109 -15.89 -7.36 12.89
CA VAL C 109 -16.90 -6.77 13.79
C VAL C 109 -16.84 -5.26 13.73
N VAL C 110 -15.65 -4.71 13.50
CA VAL C 110 -15.48 -3.28 13.34
C VAL C 110 -16.33 -2.75 12.19
N ALA C 111 -16.29 -3.42 11.04
CA ALA C 111 -17.11 -2.99 9.90
C ALA C 111 -18.58 -3.24 10.17
N ILE C 112 -18.90 -4.31 10.89
CA ILE C 112 -20.30 -4.56 11.24
C ILE C 112 -20.87 -3.42 12.07
N TYR C 113 -20.05 -2.86 12.96
CA TYR C 113 -20.46 -1.67 13.72
C TYR C 113 -20.84 -0.53 12.78
N GLY C 114 -20.00 -0.27 11.79
CA GLY C 114 -20.31 0.78 10.81
C GLY C 114 -21.59 0.49 10.06
N LEU C 115 -21.80 -0.77 9.68
CA LEU C 115 -23.03 -1.16 9.00
C LEU C 115 -24.25 -0.89 9.88
N ILE C 116 -24.17 -1.24 11.15
CA ILE C 116 -25.28 -1.01 12.07
C ILE C 116 -25.57 0.48 12.20
N ILE C 117 -24.53 1.28 12.36
CA ILE C 117 -24.71 2.73 12.49
C ILE C 117 -25.28 3.31 11.21
N ALA C 118 -24.84 2.80 10.05
CA ALA C 118 -25.40 3.26 8.78
C ALA C 118 -26.88 2.92 8.67
N ILE C 119 -27.29 1.75 9.14
CA ILE C 119 -28.71 1.40 9.16
C ILE C 119 -29.49 2.39 10.04
N VAL C 120 -28.98 2.62 11.25
CA VAL C 120 -29.66 3.50 12.20
C VAL C 120 -29.80 4.90 11.59
N PHE C 121 -28.74 5.40 10.97
CA PHE C 121 -28.78 6.74 10.41
C PHE C 121 -29.66 6.81 9.16
N SER C 122 -29.67 5.74 8.36
CA SER C 122 -30.56 5.69 7.21
C SER C 122 -32.02 5.74 7.64
N SER C 123 -32.31 5.25 8.84
CA SER C 123 -33.66 5.42 9.37
C SER C 123 -34.04 6.89 9.50
N LYS C 124 -33.05 7.78 9.64
CA LYS C 124 -33.33 9.21 9.77
C LYS C 124 -33.57 9.91 8.44
N LEU C 125 -33.14 9.33 7.32
CA LEU C 125 -33.25 9.99 6.02
C LEU C 125 -34.71 10.03 5.57
N THR C 126 -35.24 11.24 5.41
CA THR C 126 -36.62 11.44 5.00
C THR C 126 -36.67 12.72 4.19
N VAL C 127 -37.64 12.82 3.29
CA VAL C 127 -37.78 13.99 2.43
C VAL C 127 -38.36 15.13 3.25
N ALA C 128 -37.53 16.13 3.54
CA ALA C 128 -38.00 17.31 4.26
C ALA C 128 -38.65 18.29 3.30
N THR C 129 -39.69 18.97 3.79
CA THR C 129 -40.42 19.93 2.96
C THR C 129 -39.56 21.18 2.72
N ALA C 130 -39.74 21.78 1.54
CA ALA C 130 -38.98 22.97 1.18
C ALA C 130 -39.23 24.10 2.17
N GLU C 131 -40.48 24.25 2.63
CA GLU C 131 -40.80 25.28 3.62
C GLU C 131 -40.11 25.02 4.95
N ASN C 132 -39.69 23.78 5.20
CA ASN C 132 -39.06 23.40 6.46
C ASN C 132 -37.65 22.86 6.21
N MET C 133 -37.07 23.19 5.05
CA MET C 133 -35.85 22.52 4.60
C MET C 133 -34.68 22.81 5.54
N TYR C 134 -34.41 24.10 5.79
CA TYR C 134 -33.23 24.51 6.55
C TYR C 134 -33.55 24.93 7.98
N SER C 135 -34.52 24.28 8.60
CA SER C 135 -34.90 24.64 9.97
C SER C 135 -33.81 24.23 10.94
N LYS C 136 -34.01 24.61 12.21
CA LYS C 136 -33.10 24.22 13.27
C LYS C 136 -32.97 22.71 13.38
N SER C 137 -34.10 22.00 13.32
CA SER C 137 -34.08 20.55 13.49
C SER C 137 -33.37 19.86 12.33
N ASN C 138 -33.62 20.31 11.09
CA ASN C 138 -33.00 19.67 9.94
C ASN C 138 -31.50 19.93 9.91
N LEU C 139 -31.08 21.16 10.19
CA LEU C 139 -29.65 21.43 10.28
C LEU C 139 -29.01 20.63 11.39
N TYR C 140 -29.67 20.58 12.55
CA TYR C 140 -29.13 19.81 13.67
C TYR C 140 -28.94 18.35 13.29
N THR C 141 -29.95 17.74 12.68
CA THR C 141 -29.83 16.33 12.34
C THR C 141 -28.82 16.10 11.21
N GLY C 142 -28.70 17.05 10.28
CA GLY C 142 -27.66 16.92 9.27
C GLY C 142 -26.27 16.92 9.88
N TYR C 143 -25.99 17.89 10.74
CA TYR C 143 -24.69 17.94 11.40
C TYR C 143 -24.49 16.72 12.29
N SER C 144 -25.55 16.29 12.97
CA SER C 144 -25.46 15.15 13.88
C SER C 144 -25.10 13.89 13.12
N LEU C 145 -25.80 13.61 12.02
CA LEU C 145 -25.47 12.41 11.24
C LEU C 145 -24.09 12.52 10.62
N PHE C 146 -23.72 13.71 10.12
CA PHE C 146 -22.39 13.88 9.53
C PHE C 146 -21.30 13.56 10.54
N TRP C 147 -21.33 14.22 11.69
CA TRP C 147 -20.26 14.04 12.66
C TRP C 147 -20.34 12.71 13.39
N ALA C 148 -21.54 12.16 13.60
CA ALA C 148 -21.64 10.85 14.22
C ALA C 148 -21.14 9.77 13.27
N GLY C 149 -21.46 9.87 11.98
CA GLY C 149 -20.89 8.96 11.02
C GLY C 149 -19.39 9.06 10.94
N ILE C 150 -18.85 10.29 10.98
CA ILE C 150 -17.40 10.44 10.98
C ILE C 150 -16.80 9.86 12.25
N THR C 151 -17.42 10.10 13.40
CA THR C 151 -16.92 9.56 14.66
C THR C 151 -16.87 8.04 14.61
N VAL C 152 -17.98 7.40 14.25
CA VAL C 152 -18.03 5.95 14.21
C VAL C 152 -17.06 5.41 13.17
N GLY C 153 -17.04 6.00 11.97
CA GLY C 153 -16.18 5.51 10.93
C GLY C 153 -14.70 5.64 11.26
N ALA C 154 -14.30 6.81 11.78
CA ALA C 154 -12.89 7.02 12.09
C ALA C 154 -12.46 6.20 13.30
N SER C 155 -13.31 6.12 14.33
CA SER C 155 -13.00 5.24 15.46
C SER C 155 -12.89 3.80 15.00
N ASN C 156 -13.78 3.37 14.10
CA ASN C 156 -13.70 2.01 13.57
C ASN C 156 -12.45 1.80 12.73
N LEU C 157 -12.07 2.79 11.93
CA LEU C 157 -10.81 2.68 11.18
C LEU C 157 -9.63 2.50 12.13
N ILE C 158 -9.57 3.34 13.16
CA ILE C 158 -8.49 3.27 14.14
C ILE C 158 -8.48 1.92 14.83
N CYS C 159 -9.65 1.46 15.26
CA CYS C 159 -9.75 0.21 16.01
C CYS C 159 -9.45 -0.99 15.13
N GLY C 160 -9.89 -0.95 13.87
CA GLY C 160 -9.57 -2.04 12.97
C GLY C 160 -8.09 -2.16 12.71
N ILE C 161 -7.42 -1.02 12.48
CA ILE C 161 -5.97 -1.06 12.29
C ILE C 161 -5.28 -1.58 13.56
N ALA C 162 -5.72 -1.11 14.73
CA ALA C 162 -5.11 -1.54 15.98
C ALA C 162 -5.32 -3.03 16.22
N VAL C 163 -6.54 -3.52 16.00
CA VAL C 163 -6.84 -4.93 16.21
C VAL C 163 -6.09 -5.79 15.20
N GLY C 164 -5.92 -5.30 13.98
CA GLY C 164 -5.15 -6.06 13.01
C GLY C 164 -3.68 -6.15 13.39
N ILE C 165 -3.10 -5.05 13.85
CA ILE C 165 -1.70 -5.07 14.30
C ILE C 165 -1.56 -6.05 15.48
N THR C 166 -2.46 -5.94 16.45
CA THR C 166 -2.39 -6.79 17.63
C THR C 166 -2.59 -8.25 17.29
N GLY C 167 -3.52 -8.56 16.37
CA GLY C 167 -3.75 -9.93 15.97
C GLY C 167 -2.63 -10.51 15.13
N ALA C 168 -1.96 -9.66 14.34
CA ALA C 168 -0.75 -10.11 13.65
C ALA C 168 0.32 -10.49 14.64
N THR C 169 0.53 -9.64 15.66
CA THR C 169 1.50 -9.96 16.70
C THR C 169 1.09 -11.23 17.45
N ALA C 170 -0.21 -11.40 17.69
CA ALA C 170 -0.71 -12.59 18.38
C ALA C 170 -0.46 -13.86 17.56
N ALA C 171 -0.73 -13.79 16.25
CA ALA C 171 -0.50 -14.94 15.38
C ALA C 171 0.98 -15.32 15.38
N ILE C 172 1.85 -14.32 15.28
CA ILE C 172 3.28 -14.61 15.24
C ILE C 172 3.76 -15.18 16.58
N SER C 173 3.27 -14.62 17.68
CA SER C 173 3.65 -15.13 19.00
C SER C 173 3.12 -16.55 19.22
N ASP C 174 1.90 -16.82 18.76
CA ASP C 174 1.34 -18.17 18.85
C ASP C 174 2.15 -19.14 18.02
N ALA C 175 2.64 -18.70 16.86
CA ALA C 175 3.58 -19.51 16.09
C ALA C 175 4.84 -19.79 16.90
N ALA C 176 5.35 -18.76 17.59
CA ALA C 176 6.49 -18.98 18.48
C ALA C 176 6.13 -19.94 19.62
N ASP C 177 4.98 -19.71 20.26
CA ASP C 177 4.54 -20.55 21.36
C ASP C 177 3.06 -20.28 21.61
N SER C 178 2.27 -21.36 21.77
CA SER C 178 0.85 -21.22 21.96
C SER C 178 0.50 -20.53 23.28
N ALA C 179 1.39 -20.56 24.26
CA ALA C 179 1.12 -19.94 25.54
C ALA C 179 1.12 -18.41 25.48
N LEU C 180 1.83 -17.83 24.52
CA LEU C 180 1.88 -16.38 24.40
C LEU C 180 0.63 -15.79 23.75
N PHE C 181 -0.21 -16.63 23.14
CA PHE C 181 -1.40 -16.13 22.46
C PHE C 181 -2.40 -15.52 23.42
N VAL C 182 -2.58 -16.12 24.59
CA VAL C 182 -3.76 -15.82 25.42
C VAL C 182 -3.78 -14.36 25.84
N LYS C 183 -2.65 -13.84 26.32
CA LYS C 183 -2.64 -12.48 26.85
C LYS C 183 -2.68 -11.41 25.77
N ILE C 184 -2.38 -11.76 24.52
CA ILE C 184 -2.53 -10.80 23.43
C ILE C 184 -4.00 -10.70 23.02
N LEU C 185 -4.76 -11.77 23.22
CA LEU C 185 -6.19 -11.70 22.97
C LEU C 185 -6.86 -10.67 23.86
N VAL C 186 -6.33 -10.44 25.06
CA VAL C 186 -6.84 -9.38 25.92
C VAL C 186 -6.64 -8.02 25.26
N ILE C 187 -5.47 -7.83 24.63
CA ILE C 187 -5.21 -6.59 23.91
C ILE C 187 -6.20 -6.44 22.75
N GLU C 188 -6.48 -7.54 22.05
CA GLU C 188 -7.50 -7.49 21.00
C GLU C 188 -8.87 -7.13 21.56
N ILE C 189 -9.19 -7.63 22.75
CA ILE C 189 -10.44 -7.28 23.40
C ILE C 189 -10.51 -5.79 23.71
N PHE C 190 -9.40 -5.22 24.20
CA PHE C 190 -9.36 -3.77 24.42
C PHE C 190 -9.57 -3.01 23.11
N GLY C 191 -8.93 -3.48 22.03
CA GLY C 191 -9.12 -2.84 20.74
C GLY C 191 -10.56 -2.89 20.27
N SER C 192 -11.25 -4.01 20.56
CA SER C 192 -12.66 -4.11 20.17
C SER C 192 -13.55 -3.23 21.05
N ILE C 193 -13.21 -3.12 22.35
CA ILE C 193 -13.95 -2.23 23.23
C ILE C 193 -13.83 -0.79 22.77
N LEU C 194 -12.67 -0.42 22.22
CA LEU C 194 -12.52 0.94 21.68
C LEU C 194 -13.56 1.21 20.60
N GLY C 195 -13.70 0.28 19.65
CA GLY C 195 -14.69 0.46 18.60
C GLY C 195 -16.12 0.43 19.11
N LEU C 196 -16.38 -0.41 20.11
CA LEU C 196 -17.72 -0.44 20.71
C LEU C 196 -18.05 0.91 21.35
N LEU C 197 -17.08 1.50 22.06
CA LEU C 197 -17.28 2.82 22.64
C LEU C 197 -17.53 3.86 21.55
N GLY C 198 -16.78 3.79 20.45
CA GLY C 198 -17.03 4.69 19.34
C GLY C 198 -18.44 4.56 18.81
N LEU C 199 -18.93 3.32 18.67
CA LEU C 199 -20.30 3.10 18.20
C LEU C 199 -21.31 3.70 19.16
N ILE C 200 -21.15 3.46 20.47
CA ILE C 200 -22.15 3.96 21.40
C ILE C 200 -22.12 5.48 21.47
N VAL C 201 -20.94 6.08 21.31
CA VAL C 201 -20.87 7.55 21.30
C VAL C 201 -21.51 8.12 20.03
N GLY C 202 -21.32 7.44 18.89
CA GLY C 202 -22.06 7.84 17.70
C GLY C 202 -23.56 7.76 17.88
N LEU C 203 -24.02 6.68 18.53
CA LEU C 203 -25.44 6.55 18.83
C LEU C 203 -25.93 7.68 19.73
N LEU C 204 -25.14 8.04 20.74
CA LEU C 204 -25.52 9.13 21.63
C LEU C 204 -25.56 10.46 20.90
N MET C 205 -24.60 10.69 20.00
CA MET C 205 -24.59 11.94 19.23
C MET C 205 -25.81 12.03 18.34
N ALA C 206 -26.19 10.93 17.69
CA ALA C 206 -27.37 10.92 16.84
C ALA C 206 -28.64 10.53 17.58
N GLY C 207 -28.56 10.27 18.89
CA GLY C 207 -29.72 9.78 19.61
C GLY C 207 -30.89 10.75 19.62
N LYS C 208 -30.60 12.04 19.81
CA LYS C 208 -31.64 13.05 19.88
C LYS C 208 -31.81 13.82 18.58
N ALA C 209 -31.24 13.33 17.49
CA ALA C 209 -31.40 13.97 16.19
C ALA C 209 -32.67 13.45 15.54
N SER C 210 -33.61 14.35 15.26
CA SER C 210 -34.87 13.97 14.66
C SER C 210 -34.69 13.64 13.17
N GLU C 211 -35.71 13.01 12.60
CA GLU C 211 -35.74 12.78 11.17
C GLU C 211 -35.77 14.11 10.43
N PHE C 212 -35.47 14.06 9.14
CA PHE C 212 -35.66 15.22 8.29
C PHE C 212 -37.15 15.47 8.09
N GLN C 213 -37.60 16.68 8.43
CA GLN C 213 -39.01 17.01 8.37
C GLN C 213 -39.23 18.37 7.72
N MET D 1 2.68 4.50 11.88
CA MET D 1 3.21 3.55 12.85
C MET D 1 3.96 2.44 12.12
N GLU D 2 4.53 1.51 12.90
CA GLU D 2 5.36 0.45 12.31
C GLU D 2 4.54 -0.44 11.38
N GLY D 3 3.58 -1.17 11.93
CA GLY D 3 2.87 -2.20 11.21
C GLY D 3 1.72 -1.74 10.33
N VAL D 4 1.42 -0.45 10.30
CA VAL D 4 0.28 0.04 9.54
C VAL D 4 0.44 -0.29 8.05
N TYR D 5 1.61 0.06 7.50
CA TYR D 5 1.90 -0.20 6.09
C TYR D 5 2.81 -1.38 5.86
N PHE D 6 3.42 -1.92 6.92
CA PHE D 6 4.44 -2.95 6.76
C PHE D 6 3.89 -4.21 6.09
N ASN D 7 2.68 -4.63 6.49
CA ASN D 7 2.13 -5.90 6.03
C ASN D 7 1.58 -5.85 4.61
N ILE D 8 1.67 -4.71 3.93
CA ILE D 8 1.19 -4.65 2.55
C ILE D 8 2.03 -5.57 1.67
N ASP D 9 3.33 -5.60 1.88
CA ASP D 9 4.23 -6.46 1.13
C ASP D 9 5.02 -7.44 1.99
N ASN D 10 5.44 -7.02 3.18
CA ASN D 10 6.35 -7.80 4.00
C ASN D 10 5.66 -8.63 5.07
N GLY D 11 4.34 -8.54 5.20
CA GLY D 11 3.66 -9.28 6.25
C GLY D 11 3.82 -10.78 6.12
N PHE D 12 3.57 -11.31 4.92
CA PHE D 12 3.82 -12.72 4.65
C PHE D 12 5.30 -13.04 4.81
N ILE D 13 6.16 -12.19 4.24
CA ILE D 13 7.60 -12.43 4.30
C ILE D 13 8.07 -12.48 5.74
N GLU D 14 7.68 -11.49 6.55
CA GLU D 14 8.15 -11.40 7.92
C GLU D 14 7.58 -12.54 8.77
N GLY D 15 6.31 -12.90 8.52
CA GLY D 15 5.75 -14.04 9.23
C GLY D 15 6.49 -15.34 8.93
N VAL D 16 6.80 -15.57 7.65
CA VAL D 16 7.55 -16.77 7.28
C VAL D 16 8.96 -16.74 7.86
N VAL D 17 9.57 -15.56 7.92
CA VAL D 17 10.93 -15.46 8.44
C VAL D 17 10.96 -15.78 9.93
N ARG D 18 10.01 -15.26 10.71
CA ARG D 18 10.00 -15.68 12.11
C ARG D 18 9.49 -17.11 12.27
N GLY D 19 8.76 -17.64 11.29
CA GLY D 19 8.49 -19.07 11.29
C GLY D 19 9.76 -19.89 11.21
N TYR D 20 10.67 -19.49 10.31
CA TYR D 20 12.00 -20.09 10.29
C TYR D 20 12.73 -19.87 11.61
N ARG D 21 12.59 -18.67 12.19
CA ARG D 21 13.24 -18.38 13.46
C ARG D 21 12.78 -19.35 14.54
N ASN D 22 11.51 -19.75 14.51
CA ASN D 22 11.04 -20.78 15.44
C ASN D 22 11.67 -22.12 15.14
N GLY D 23 12.07 -22.36 13.89
CA GLY D 23 12.70 -23.60 13.49
C GLY D 23 14.18 -23.70 13.78
N LEU D 24 14.79 -22.63 14.28
CA LEU D 24 16.19 -22.67 14.67
C LEU D 24 16.39 -23.68 15.80
N LEU D 25 17.47 -24.43 15.73
CA LEU D 25 17.74 -25.45 16.74
C LEU D 25 17.89 -24.81 18.11
N SER D 26 17.20 -25.37 19.10
CA SER D 26 17.33 -24.93 20.47
C SER D 26 18.58 -25.55 21.10
N ASN D 27 18.95 -25.01 22.27
CA ASN D 27 20.09 -25.57 22.99
C ASN D 27 19.89 -27.05 23.28
N ASN D 28 18.65 -27.45 23.56
CA ASN D 28 18.36 -28.87 23.78
C ASN D 28 18.62 -29.69 22.54
N GLN D 29 18.25 -29.17 21.36
CA GLN D 29 18.47 -29.92 20.12
C GLN D 29 19.96 -29.99 19.78
N TYR D 30 20.70 -28.92 20.04
CA TYR D 30 22.16 -29.00 19.90
C TYR D 30 22.74 -30.03 20.84
N ILE D 31 22.22 -30.11 22.08
CA ILE D 31 22.69 -31.13 23.02
C ILE D 31 22.40 -32.53 22.48
N ASN D 32 21.18 -32.72 21.96
CA ASN D 32 20.82 -34.03 21.41
C ASN D 32 21.72 -34.42 20.25
N LEU D 33 22.05 -33.47 19.38
CA LEU D 33 23.01 -33.75 18.32
C LEU D 33 24.39 -34.06 18.89
N THR D 34 24.74 -33.39 19.99
CA THR D 34 26.04 -33.64 20.64
C THR D 34 26.13 -35.08 21.15
N GLN D 35 25.05 -35.58 21.76
CA GLN D 35 25.06 -36.93 22.30
C GLN D 35 25.06 -38.02 21.24
N CYS D 36 24.87 -37.65 19.97
CA CYS D 36 24.89 -38.65 18.91
C CYS D 36 26.27 -39.31 18.82
N ASP D 37 26.29 -40.50 18.19
CA ASP D 37 27.50 -41.29 18.13
C ASP D 37 27.94 -41.64 16.71
N THR D 38 27.19 -41.21 15.70
CA THR D 38 27.55 -41.49 14.31
C THR D 38 26.85 -40.49 13.41
N LEU D 39 27.36 -40.37 12.18
CA LEU D 39 26.77 -39.44 11.23
C LEU D 39 25.35 -39.83 10.85
N GLU D 40 25.07 -41.13 10.74
CA GLU D 40 23.69 -41.55 10.49
C GLU D 40 22.79 -41.21 11.67
N ASP D 41 23.30 -41.37 12.90
CA ASP D 41 22.52 -40.98 14.07
C ASP D 41 22.26 -39.48 14.08
N LEU D 42 23.26 -38.67 13.71
CA LEU D 42 23.03 -37.24 13.59
C LEU D 42 22.01 -36.93 12.51
N LYS D 43 22.08 -37.65 11.38
CA LYS D 43 21.10 -37.46 10.31
C LYS D 43 19.69 -37.69 10.82
N LEU D 44 19.48 -38.80 11.54
CA LEU D 44 18.15 -39.11 12.05
C LEU D 44 17.70 -38.08 13.08
N GLN D 45 18.58 -37.76 14.03
CA GLN D 45 18.25 -36.81 15.09
C GLN D 45 17.91 -35.44 14.52
N LEU D 46 18.67 -35.00 13.51
CA LEU D 46 18.43 -33.71 12.89
C LEU D 46 17.17 -33.74 12.03
N SER D 47 16.86 -34.91 11.44
CA SER D 47 15.57 -35.07 10.77
C SER D 47 14.42 -34.98 11.75
N SER D 48 14.65 -35.31 13.03
CA SER D 48 13.62 -35.09 14.04
C SER D 48 13.38 -33.61 14.30
N THR D 49 14.26 -32.72 13.84
CA THR D 49 14.10 -31.29 14.01
C THR D 49 13.38 -30.70 12.80
N ASP D 50 13.38 -29.36 12.71
CA ASP D 50 12.70 -28.67 11.62
C ASP D 50 13.43 -28.82 10.29
N TYR D 51 14.64 -29.38 10.28
CA TYR D 51 15.30 -29.68 9.02
C TYR D 51 14.56 -30.77 8.24
N GLY D 52 13.94 -31.71 8.94
CA GLY D 52 13.17 -32.74 8.29
C GLY D 52 14.04 -33.65 7.45
N ASN D 53 13.42 -34.23 6.42
CA ASN D 53 14.10 -35.20 5.56
C ASN D 53 14.79 -34.46 4.42
N PHE D 54 15.96 -33.89 4.73
CA PHE D 54 16.76 -33.18 3.74
C PHE D 54 17.91 -34.01 3.23
N LEU D 55 18.54 -34.80 4.11
CA LEU D 55 19.49 -35.83 3.73
C LEU D 55 18.81 -37.15 3.38
N SER D 56 17.50 -37.12 3.15
CA SER D 56 16.76 -38.36 2.92
C SER D 56 17.30 -39.14 1.72
N SER D 57 17.88 -38.44 0.75
CA SER D 57 18.46 -39.09 -0.42
C SER D 57 19.88 -39.57 -0.20
N VAL D 58 20.44 -39.36 0.99
CA VAL D 58 21.84 -39.69 1.27
C VAL D 58 21.89 -40.93 2.14
N SER D 59 22.63 -41.95 1.67
CA SER D 59 22.89 -43.13 2.46
C SER D 59 24.00 -42.87 3.48
N SER D 60 24.06 -43.74 4.49
CA SER D 60 25.05 -43.58 5.55
C SER D 60 26.48 -43.66 5.01
N GLU D 61 26.70 -44.44 3.96
CA GLU D 61 28.05 -44.55 3.38
C GLU D 61 28.44 -43.30 2.61
N SER D 62 27.49 -42.71 1.88
CA SER D 62 27.77 -41.45 1.20
C SER D 62 27.80 -40.28 2.17
N LEU D 63 27.14 -40.43 3.33
CA LEU D 63 27.02 -39.34 4.29
C LEU D 63 28.37 -38.97 4.87
N THR D 64 28.76 -37.70 4.69
CA THR D 64 29.99 -37.16 5.24
C THR D 64 29.71 -35.76 5.77
N THR D 65 30.64 -35.25 6.57
CA THR D 65 30.49 -33.90 7.12
C THR D 65 30.33 -32.85 6.01
N SER D 66 31.08 -33.02 4.92
CA SER D 66 30.96 -32.09 3.80
C SER D 66 29.56 -32.11 3.22
N LEU D 67 28.98 -33.30 3.05
CA LEU D 67 27.63 -33.39 2.53
C LEU D 67 26.61 -32.78 3.49
N ILE D 68 26.80 -32.99 4.80
CA ILE D 68 25.90 -32.41 5.78
C ILE D 68 25.95 -30.88 5.72
N GLN D 69 27.16 -30.32 5.66
CA GLN D 69 27.31 -28.88 5.55
C GLN D 69 26.69 -28.36 4.26
N GLU D 70 26.93 -29.06 3.15
CA GLU D 70 26.41 -28.61 1.87
C GLU D 70 24.88 -28.64 1.85
N TYR D 71 24.28 -29.69 2.41
CA TYR D 71 22.82 -29.78 2.44
C TYR D 71 22.21 -28.74 3.39
N ALA D 72 22.83 -28.50 4.54
CA ALA D 72 22.32 -27.47 5.44
C ALA D 72 22.41 -26.09 4.78
N SER D 73 23.54 -25.80 4.14
CA SER D 73 23.70 -24.53 3.44
C SER D 73 22.71 -24.42 2.29
N SER D 74 22.47 -25.53 1.58
CA SER D 74 21.51 -25.51 0.47
C SER D 74 20.11 -25.24 0.97
N LYS D 75 19.72 -25.83 2.09
CA LYS D 75 18.40 -25.57 2.65
C LYS D 75 18.28 -24.11 3.07
N LEU D 76 19.31 -23.57 3.73
CA LEU D 76 19.30 -22.15 4.07
C LEU D 76 19.20 -21.27 2.83
N TYR D 77 19.93 -21.61 1.78
CA TYR D 77 19.96 -20.77 0.60
C TYR D 77 18.64 -20.86 -0.16
N HIS D 78 18.01 -22.04 -0.17
CA HIS D 78 16.69 -22.18 -0.77
C HIS D 78 15.65 -21.38 0.01
N GLU D 79 15.73 -21.39 1.35
CA GLU D 79 14.80 -20.57 2.14
C GLU D 79 15.01 -19.08 1.88
N PHE D 80 16.27 -18.65 1.84
CA PHE D 80 16.57 -17.24 1.57
C PHE D 80 16.11 -16.84 0.18
N ASN D 81 16.34 -17.70 -0.82
CA ASN D 81 15.93 -17.39 -2.17
C ASN D 81 14.42 -17.45 -2.34
N TYR D 82 13.73 -18.27 -1.54
CA TYR D 82 12.28 -18.21 -1.51
C TYR D 82 11.80 -16.86 -0.98
N ILE D 83 12.35 -16.44 0.17
CA ILE D 83 11.93 -15.17 0.76
C ILE D 83 12.24 -14.02 -0.20
N ARG D 84 13.40 -14.07 -0.85
CA ARG D 84 13.78 -13.03 -1.81
C ARG D 84 12.88 -13.05 -3.04
N ASP D 85 12.54 -14.25 -3.52
CA ASP D 85 11.64 -14.38 -4.66
C ASP D 85 10.27 -13.81 -4.33
N GLN D 86 9.79 -14.05 -3.12
CA GLN D 86 8.49 -13.52 -2.71
C GLN D 86 8.57 -12.04 -2.34
N SER D 87 9.76 -11.47 -2.32
CA SER D 87 9.97 -10.07 -1.95
C SER D 87 9.84 -9.16 -3.17
N SER D 88 9.60 -7.88 -2.89
CA SER D 88 9.51 -6.88 -3.94
C SER D 88 9.96 -5.53 -3.38
N GLY D 89 10.41 -4.66 -4.28
CA GLY D 89 10.72 -3.29 -3.91
C GLY D 89 11.84 -3.19 -2.88
N SER D 90 11.54 -2.48 -1.79
CA SER D 90 12.56 -2.14 -0.80
C SER D 90 13.16 -3.38 -0.16
N THR D 91 12.31 -4.35 0.23
CA THR D 91 12.83 -5.57 0.85
C THR D 91 13.63 -6.40 -0.16
N ARG D 92 13.20 -6.40 -1.43
CA ARG D 92 13.96 -7.10 -2.45
C ARG D 92 15.36 -6.50 -2.62
N LYS D 93 15.44 -5.16 -2.60
CA LYS D 93 16.75 -4.51 -2.67
C LYS D 93 17.57 -4.79 -1.42
N PHE D 94 16.92 -4.81 -0.25
CA PHE D 94 17.60 -5.15 1.00
C PHE D 94 18.24 -6.53 0.92
N MET D 95 17.49 -7.52 0.43
CA MET D 95 18.02 -8.86 0.28
C MET D 95 19.10 -8.93 -0.79
N ASP D 96 18.96 -8.18 -1.88
CA ASP D 96 20.03 -8.13 -2.87
C ASP D 96 21.31 -7.58 -2.26
N TYR D 97 21.20 -6.54 -1.45
CA TYR D 97 22.37 -6.00 -0.76
C TYR D 97 22.97 -7.03 0.19
N ILE D 98 22.13 -7.80 0.87
CA ILE D 98 22.65 -8.91 1.68
C ILE D 98 23.47 -9.85 0.81
N THR D 99 22.98 -10.15 -0.39
CA THR D 99 23.71 -11.03 -1.30
C THR D 99 25.02 -10.42 -1.77
N TYR D 100 25.09 -9.09 -1.86
CA TYR D 100 26.33 -8.45 -2.34
C TYR D 100 27.53 -8.78 -1.46
N GLY D 101 27.33 -8.99 -0.16
CA GLY D 101 28.45 -9.39 0.68
C GLY D 101 29.03 -10.72 0.27
N TYR D 102 28.16 -11.71 0.03
CA TYR D 102 28.63 -12.99 -0.47
C TYR D 102 29.20 -12.87 -1.88
N MET D 103 28.70 -11.91 -2.67
CA MET D 103 29.29 -11.66 -3.99
C MET D 103 30.73 -11.20 -3.84
N ILE D 104 30.99 -10.28 -2.91
CA ILE D 104 32.35 -9.81 -2.67
C ILE D 104 33.23 -10.94 -2.16
N ASP D 105 32.70 -11.76 -1.25
CA ASP D 105 33.46 -12.92 -0.78
C ASP D 105 33.83 -13.84 -1.93
N ASN D 106 32.87 -14.10 -2.83
CA ASN D 106 33.15 -14.95 -3.99
C ASN D 106 34.19 -14.31 -4.89
N VAL D 107 34.11 -12.99 -5.11
CA VAL D 107 35.09 -12.31 -5.94
C VAL D 107 36.49 -12.53 -5.38
N ALA D 108 36.66 -12.25 -4.08
CA ALA D 108 37.97 -12.38 -3.46
C ALA D 108 38.45 -13.82 -3.46
N LEU D 109 37.55 -14.78 -3.23
CA LEU D 109 37.95 -16.17 -3.17
C LEU D 109 38.35 -16.70 -4.56
N MET D 110 37.65 -16.24 -5.60
CA MET D 110 37.89 -16.77 -6.94
C MET D 110 39.08 -16.11 -7.63
N ILE D 111 39.41 -14.85 -7.30
CA ILE D 111 40.53 -14.20 -7.96
C ILE D 111 41.86 -14.79 -7.49
N THR D 112 41.80 -15.65 -6.47
CA THR D 112 43.03 -16.24 -5.93
C THR D 112 43.82 -17.04 -6.96
N GLY D 113 43.17 -17.46 -8.05
CA GLY D 113 43.86 -18.18 -9.09
C GLY D 113 44.84 -17.32 -9.87
N ILE D 123 41.25 -26.04 -7.05
CA ILE D 123 41.03 -24.67 -7.51
C ILE D 123 39.84 -24.06 -6.78
N LEU D 124 39.81 -22.73 -6.70
CA LEU D 124 38.76 -22.02 -5.98
C LEU D 124 37.56 -21.80 -6.89
N GLN D 125 36.42 -22.39 -6.53
CA GLN D 125 35.17 -22.21 -7.26
C GLN D 125 34.40 -21.04 -6.67
N ARG D 126 33.12 -20.92 -7.03
CA ARG D 126 32.29 -19.87 -6.45
C ARG D 126 32.14 -20.07 -4.94
N CYS D 127 31.89 -21.31 -4.51
CA CYS D 127 31.88 -21.74 -3.12
C CYS D 127 30.79 -21.05 -2.30
N HIS D 128 29.94 -20.24 -2.91
CA HIS D 128 28.81 -19.67 -2.17
C HIS D 128 27.67 -19.32 -3.11
N PRO D 129 26.56 -20.07 -3.05
CA PRO D 129 25.46 -19.83 -4.00
C PRO D 129 24.87 -18.43 -3.98
N LEU D 130 24.79 -17.78 -2.82
CA LEU D 130 24.14 -16.47 -2.77
C LEU D 130 24.98 -15.36 -3.40
N GLY D 131 26.29 -15.56 -3.48
CA GLY D 131 27.15 -14.58 -4.11
C GLY D 131 27.32 -14.77 -5.60
N TRP D 132 26.53 -15.65 -6.21
CA TRP D 132 26.69 -15.92 -7.63
C TRP D 132 26.16 -14.77 -8.47
N PHE D 133 26.89 -14.48 -9.56
CA PHE D 133 26.43 -13.58 -10.60
C PHE D 133 26.94 -14.10 -11.93
N ASP D 134 26.35 -13.59 -13.02
CA ASP D 134 26.52 -14.21 -14.33
C ASP D 134 28.00 -14.33 -14.71
N THR D 135 28.82 -13.36 -14.32
CA THR D 135 30.23 -13.34 -14.70
C THR D 135 31.15 -13.78 -13.56
N LEU D 136 30.61 -14.42 -12.53
CA LEU D 136 31.44 -14.86 -11.41
C LEU D 136 32.50 -15.89 -11.82
N PRO D 137 32.21 -16.95 -12.57
CA PRO D 137 33.27 -17.90 -12.93
C PRO D 137 34.38 -17.29 -13.77
N THR D 138 34.11 -16.17 -14.46
CA THR D 138 35.19 -15.45 -15.14
C THR D 138 36.27 -15.02 -14.17
N LEU D 139 35.92 -14.86 -12.88
CA LEU D 139 36.90 -14.44 -11.90
C LEU D 139 37.90 -15.54 -11.57
N SER D 140 37.53 -16.81 -11.79
CA SER D 140 38.51 -17.88 -11.66
C SER D 140 39.63 -17.73 -12.68
N VAL D 141 39.32 -17.12 -13.82
CA VAL D 141 40.28 -17.03 -14.92
C VAL D 141 40.80 -15.61 -15.07
N ALA D 142 40.48 -14.71 -14.14
CA ALA D 142 40.93 -13.32 -14.19
C ALA D 142 42.17 -13.18 -13.33
N THR D 143 43.30 -13.64 -13.87
CA THR D 143 44.56 -13.52 -13.17
C THR D 143 45.05 -12.08 -13.09
N ASP D 144 44.77 -11.29 -14.13
CA ASP D 144 45.20 -9.90 -14.19
C ASP D 144 44.21 -9.04 -13.41
N LEU D 145 44.64 -8.56 -12.24
CA LEU D 145 43.78 -7.72 -11.42
C LEU D 145 43.47 -6.39 -12.10
N GLU D 146 44.33 -5.96 -13.04
CA GLU D 146 44.09 -4.70 -13.74
C GLU D 146 42.81 -4.77 -14.57
N SER D 147 42.52 -5.92 -15.15
CA SER D 147 41.34 -6.09 -16.01
C SER D 147 40.07 -6.37 -15.21
N LEU D 148 40.18 -6.42 -13.88
CA LEU D 148 39.10 -6.89 -13.03
C LEU D 148 37.82 -6.09 -13.24
N TYR D 149 37.85 -4.79 -12.93
CA TYR D 149 36.64 -3.99 -12.96
C TYR D 149 36.17 -3.75 -14.39
N GLU D 150 37.05 -3.23 -15.24
CA GLU D 150 36.65 -2.84 -16.59
C GLU D 150 36.32 -4.02 -17.49
N THR D 151 36.63 -5.26 -17.06
CA THR D 151 36.23 -6.43 -17.82
C THR D 151 35.06 -7.18 -17.17
N VAL D 152 35.16 -7.50 -15.89
CA VAL D 152 34.22 -8.43 -15.26
C VAL D 152 33.21 -7.70 -14.38
N LEU D 153 33.71 -6.99 -13.36
CA LEU D 153 32.83 -6.50 -12.30
C LEU D 153 31.96 -5.33 -12.71
N VAL D 154 32.29 -4.64 -13.82
CA VAL D 154 31.49 -3.49 -14.23
C VAL D 154 30.06 -3.91 -14.55
N ASP D 155 29.86 -5.15 -15.00
CA ASP D 155 28.50 -5.64 -15.25
C ASP D 155 27.78 -6.01 -13.97
N THR D 156 28.50 -6.22 -12.88
CA THR D 156 27.94 -6.73 -11.64
C THR D 156 27.43 -5.59 -10.77
N PRO D 157 26.57 -5.90 -9.78
CA PRO D 157 26.15 -4.86 -8.84
C PRO D 157 27.27 -4.29 -7.99
N LEU D 158 28.45 -4.90 -8.01
CA LEU D 158 29.60 -4.39 -7.28
C LEU D 158 30.27 -3.19 -7.96
N ALA D 159 29.82 -2.82 -9.16
CA ALA D 159 30.42 -1.70 -9.87
C ALA D 159 30.49 -0.41 -9.07
N PRO D 160 29.46 0.03 -8.35
CA PRO D 160 29.60 1.27 -7.56
C PRO D 160 30.63 1.19 -6.44
N TYR D 161 31.04 -0.02 -6.04
CA TYR D 161 31.94 -0.15 -4.89
C TYR D 161 33.41 -0.01 -5.27
N PHE D 162 33.83 -0.58 -6.39
CA PHE D 162 35.24 -0.53 -6.75
C PHE D 162 35.64 0.89 -7.17
N LYS D 163 36.92 1.19 -6.98
CA LYS D 163 37.47 2.50 -7.34
C LYS D 163 38.96 2.39 -7.65
N ASN D 176 47.41 -9.47 -0.80
CA ASN D 176 47.19 -8.57 -1.93
C ASN D 176 45.69 -8.41 -2.21
N ILE D 177 45.02 -9.54 -2.42
CA ILE D 177 43.58 -9.53 -2.68
C ILE D 177 42.82 -8.97 -1.50
N GLU D 178 43.36 -9.13 -0.27
CA GLU D 178 42.70 -8.60 0.91
C GLU D 178 42.45 -7.10 0.80
N ILE D 179 43.31 -6.37 0.11
CA ILE D 179 43.08 -4.94 -0.11
C ILE D 179 41.81 -4.74 -0.93
N ILE D 180 41.65 -5.50 -2.02
CA ILE D 180 40.46 -5.39 -2.85
C ILE D 180 39.23 -5.81 -2.08
N ARG D 181 39.31 -6.93 -1.36
CA ARG D 181 38.18 -7.41 -0.58
C ARG D 181 37.73 -6.37 0.44
N ASN D 182 38.69 -5.78 1.16
CA ASN D 182 38.34 -4.84 2.22
C ASN D 182 37.88 -3.49 1.66
N LYS D 183 38.42 -3.06 0.53
CA LYS D 183 37.88 -1.85 -0.12
C LYS D 183 36.44 -2.09 -0.57
N LEU D 184 36.17 -3.25 -1.17
CA LEU D 184 34.81 -3.58 -1.58
C LEU D 184 33.88 -3.63 -0.37
N TYR D 185 34.33 -4.22 0.73
CA TYR D 185 33.50 -4.24 1.94
C TYR D 185 33.28 -2.84 2.51
N LYS D 186 34.29 -1.99 2.50
CA LYS D 186 34.10 -0.62 2.97
C LYS D 186 33.02 0.08 2.16
N ALA D 187 33.15 0.06 0.83
CA ALA D 187 32.18 0.73 -0.01
C ALA D 187 30.79 0.09 0.14
N TYR D 188 30.74 -1.24 0.18
CA TYR D 188 29.48 -1.96 0.29
C TYR D 188 28.77 -1.64 1.59
N LEU D 189 29.49 -1.70 2.71
CA LEU D 189 28.88 -1.43 4.01
C LEU D 189 28.43 0.02 4.13
N GLU D 190 29.23 0.96 3.60
CA GLU D 190 28.81 2.35 3.64
C GLU D 190 27.55 2.57 2.80
N ASP D 191 27.52 2.01 1.59
CA ASP D 191 26.35 2.14 0.74
C ASP D 191 25.12 1.49 1.36
N PHE D 192 25.30 0.33 1.98
CA PHE D 192 24.17 -0.37 2.58
C PHE D 192 23.68 0.32 3.84
N TYR D 193 24.58 0.94 4.61
CA TYR D 193 24.14 1.77 5.73
C TYR D 193 23.33 2.96 5.22
N ASN D 194 23.78 3.59 4.14
CA ASN D 194 23.03 4.69 3.56
C ASN D 194 21.65 4.22 3.08
N PHE D 195 21.60 3.07 2.43
CA PHE D 195 20.34 2.52 1.95
C PHE D 195 19.40 2.20 3.11
N VAL D 196 19.94 1.63 4.19
CA VAL D 196 19.13 1.35 5.38
C VAL D 196 18.57 2.64 5.95
N THR D 197 19.42 3.68 6.06
CA THR D 197 18.96 4.95 6.60
C THR D 197 17.87 5.57 5.74
N GLU D 198 18.01 5.47 4.41
CA GLU D 198 17.10 6.19 3.52
C GLU D 198 15.79 5.44 3.30
N GLU D 199 15.84 4.13 3.07
CA GLU D 199 14.73 3.40 2.48
C GLU D 199 14.05 2.41 3.42
N ILE D 200 14.43 2.35 4.70
CA ILE D 200 13.96 1.33 5.62
C ILE D 200 13.23 2.02 6.77
N PRO D 201 12.07 1.53 7.18
CA PRO D 201 11.32 2.19 8.26
C PRO D 201 12.06 2.18 9.58
N GLU D 202 11.53 2.98 10.52
CA GLU D 202 12.28 3.35 11.72
C GLU D 202 12.78 2.18 12.56
N PRO D 203 11.95 1.19 12.97
CA PRO D 203 12.48 0.13 13.83
C PRO D 203 13.51 -0.72 13.12
N ALA D 204 13.20 -1.13 11.90
CA ALA D 204 14.17 -1.86 11.08
C ALA D 204 15.37 -0.99 10.74
N LYS D 205 15.16 0.32 10.59
CA LYS D 205 16.29 1.22 10.35
C LYS D 205 17.27 1.18 11.51
N GLU D 206 16.78 1.35 12.74
CA GLU D 206 17.65 1.31 13.91
C GLU D 206 18.31 -0.05 14.05
N CYS D 207 17.54 -1.13 13.90
CA CYS D 207 18.10 -2.46 14.07
C CYS D 207 19.20 -2.75 13.05
N MET D 208 18.94 -2.41 11.78
CA MET D 208 19.94 -2.65 10.74
C MET D 208 21.15 -1.74 10.91
N GLN D 209 20.95 -0.50 11.35
CA GLN D 209 22.10 0.37 11.60
C GLN D 209 22.97 -0.18 12.71
N THR D 210 22.36 -0.71 13.78
CA THR D 210 23.16 -1.33 14.83
C THR D 210 23.88 -2.58 14.33
N LEU D 211 23.18 -3.41 13.54
CA LEU D 211 23.80 -4.62 13.02
C LEU D 211 24.96 -4.30 12.10
N LEU D 212 24.82 -3.25 11.29
CA LEU D 212 25.92 -2.82 10.42
C LEU D 212 27.05 -2.19 11.21
N GLY D 213 26.73 -1.51 12.31
CA GLY D 213 27.78 -1.05 13.19
C GLY D 213 28.60 -2.21 13.73
N PHE D 214 27.93 -3.28 14.15
CA PHE D 214 28.65 -4.47 14.60
C PHE D 214 29.46 -5.11 13.47
N GLU D 215 28.87 -5.21 12.27
CA GLU D 215 29.56 -5.83 11.15
C GLU D 215 30.80 -5.03 10.77
N ALA D 216 30.67 -3.70 10.70
CA ALA D 216 31.81 -2.86 10.37
C ALA D 216 32.84 -2.87 11.48
N ASP D 217 32.42 -2.99 12.74
CA ASP D 217 33.38 -3.12 13.84
C ASP D 217 34.17 -4.42 13.71
N ARG D 218 33.48 -5.52 13.40
CA ARG D 218 34.18 -6.79 13.20
C ARG D 218 35.16 -6.70 12.04
N ARG D 219 34.71 -6.11 10.92
CA ARG D 219 35.59 -5.94 9.77
C ARG D 219 36.81 -5.08 10.12
N SER D 220 36.59 -3.99 10.86
CA SER D 220 37.69 -3.11 11.23
C SER D 220 38.69 -3.82 12.14
N ILE D 221 38.19 -4.56 13.13
CA ILE D 221 39.08 -5.25 14.06
C ILE D 221 39.87 -6.33 13.34
N ASN D 222 39.19 -7.11 12.49
CA ASN D 222 39.88 -8.17 11.76
C ASN D 222 40.90 -7.59 10.79
N ILE D 223 40.56 -6.50 10.12
CA ILE D 223 41.48 -5.88 9.17
C ILE D 223 42.68 -5.28 9.88
N ALA D 224 42.45 -4.70 11.07
CA ALA D 224 43.57 -4.19 11.87
C ALA D 224 44.49 -5.32 12.31
N LEU D 225 43.91 -6.45 12.73
CA LEU D 225 44.74 -7.58 13.14
C LEU D 225 45.44 -8.24 11.96
N ASN D 226 44.90 -8.08 10.75
CA ASN D 226 45.61 -8.52 9.54
C ASN D 226 46.75 -7.59 9.20
N SER D 227 46.51 -6.27 9.29
CA SER D 227 47.55 -5.27 9.09
C SER D 227 48.66 -5.39 10.13
N LEU D 228 48.34 -5.95 11.30
CA LEU D 228 49.37 -6.21 12.31
C LEU D 228 50.49 -7.08 11.75
N GLN D 229 50.18 -7.95 10.79
CA GLN D 229 51.15 -8.88 10.23
C GLN D 229 51.84 -8.36 8.98
N SER D 230 51.57 -7.12 8.56
CA SER D 230 52.16 -6.55 7.36
C SER D 230 52.79 -5.21 7.68
N SER D 231 54.05 -5.03 7.28
CA SER D 231 54.75 -3.77 7.52
C SER D 231 54.30 -2.67 6.57
N ASP D 232 53.72 -3.03 5.43
CA ASP D 232 53.31 -2.05 4.41
C ASP D 232 51.93 -1.46 4.70
N ILE D 233 51.35 -1.74 5.86
CA ILE D 233 49.99 -1.28 6.18
C ILE D 233 50.14 0.10 6.81
N ASP D 234 50.14 1.12 5.95
CA ASP D 234 50.21 2.50 6.42
C ASP D 234 48.91 2.89 7.12
N PRO D 235 48.97 3.84 8.06
CA PRO D 235 47.73 4.29 8.70
C PRO D 235 46.75 4.94 7.74
N ASP D 236 47.25 5.69 6.75
CA ASP D 236 46.38 6.29 5.76
C ASP D 236 45.88 5.26 4.75
N LEU D 237 46.65 4.20 4.52
CA LEU D 237 46.18 3.13 3.63
C LEU D 237 44.92 2.47 4.18
N LYS D 238 44.86 2.27 5.49
CA LYS D 238 43.67 1.70 6.10
C LYS D 238 42.44 2.60 5.99
N SER D 239 42.65 3.89 5.70
CA SER D 239 41.50 4.78 5.50
C SER D 239 40.66 4.35 4.31
N ASP D 240 41.29 3.76 3.28
CA ASP D 240 40.57 3.15 2.17
C ASP D 240 39.93 1.83 2.56
N LEU D 241 40.19 1.35 3.77
CA LEU D 241 39.88 -0.01 4.18
C LEU D 241 38.96 -0.10 5.39
N LEU D 242 39.08 0.81 6.35
CA LEU D 242 38.22 0.81 7.53
C LEU D 242 36.89 1.49 7.20
N PRO D 243 35.75 0.82 7.38
CA PRO D 243 34.46 1.42 6.96
C PRO D 243 34.10 2.71 7.67
N ASN D 244 34.60 2.95 8.89
CA ASN D 244 34.22 4.12 9.69
C ASN D 244 32.71 4.17 9.92
N ILE D 245 32.12 3.02 10.26
CA ILE D 245 30.71 2.91 10.54
C ILE D 245 30.53 2.19 11.87
N GLY D 246 29.57 2.64 12.66
CA GLY D 246 29.24 2.01 13.92
C GLY D 246 29.82 2.74 15.11
N LYS D 247 29.69 2.08 16.28
CA LYS D 247 30.10 2.69 17.53
C LYS D 247 31.59 3.02 17.56
N LEU D 248 32.41 2.21 16.89
CA LEU D 248 33.84 2.50 16.83
C LEU D 248 34.15 3.73 16.00
N TYR D 249 33.22 4.17 15.18
CA TYR D 249 33.47 5.31 14.32
C TYR D 249 33.11 6.62 15.02
N PRO D 250 33.83 7.71 14.73
CA PRO D 250 35.09 7.70 13.97
C PRO D 250 36.30 7.44 14.86
N LEU D 251 36.10 7.57 16.18
CA LEU D 251 37.22 7.67 17.11
C LEU D 251 38.01 6.36 17.18
N ALA D 252 37.36 5.28 17.59
CA ALA D 252 38.05 4.00 17.69
C ALA D 252 38.52 3.52 16.32
N THR D 253 37.79 3.84 15.26
CA THR D 253 38.24 3.53 13.91
C THR D 253 39.54 4.25 13.59
N PHE D 254 39.63 5.53 13.94
CA PHE D 254 40.87 6.27 13.71
C PHE D 254 42.01 5.71 14.56
N HIS D 255 41.72 5.32 15.80
CA HIS D 255 42.75 4.73 16.65
C HIS D 255 43.26 3.41 16.07
N LEU D 256 42.35 2.58 15.55
CA LEU D 256 42.78 1.37 14.86
C LEU D 256 43.60 1.69 13.62
N ALA D 257 43.25 2.76 12.90
CA ALA D 257 44.04 3.18 11.76
C ALA D 257 45.46 3.55 12.18
N GLN D 258 45.60 4.29 13.29
CA GLN D 258 46.91 4.64 13.80
C GLN D 258 47.58 3.49 14.56
N ALA D 259 46.82 2.46 14.91
CA ALA D 259 47.37 1.36 15.70
C ALA D 259 48.44 0.62 14.92
N GLN D 260 49.53 0.28 15.60
CA GLN D 260 50.64 -0.46 15.01
C GLN D 260 50.63 -1.93 15.37
N ASP D 261 50.08 -2.31 16.52
CA ASP D 261 50.15 -3.67 17.00
C ASP D 261 48.91 -4.00 17.83
N PHE D 262 48.90 -5.21 18.39
CA PHE D 262 47.75 -5.68 19.17
C PHE D 262 47.50 -4.77 20.38
N GLU D 263 48.56 -4.21 20.96
CA GLU D 263 48.39 -3.25 22.04
C GLU D 263 47.62 -2.02 21.57
N GLY D 264 47.91 -1.56 20.35
CA GLY D 264 47.13 -0.46 19.79
C GLY D 264 45.67 -0.81 19.63
N VAL D 265 45.37 -2.05 19.21
CA VAL D 265 43.99 -2.49 19.08
C VAL D 265 43.29 -2.49 20.44
N ARG D 266 43.97 -2.99 21.47
CA ARG D 266 43.40 -2.97 22.81
C ARG D 266 43.15 -1.54 23.29
N ALA D 267 44.10 -0.65 23.06
CA ALA D 267 43.92 0.74 23.46
C ALA D 267 42.76 1.40 22.71
N ALA D 268 42.60 1.06 21.44
CA ALA D 268 41.49 1.60 20.65
C ALA D 268 40.15 1.09 21.18
N LEU D 269 40.05 -0.21 21.44
CA LEU D 269 38.79 -0.76 21.92
C LEU D 269 38.51 -0.45 23.38
N ALA D 270 39.49 0.05 24.13
CA ALA D 270 39.23 0.49 25.49
C ALA D 270 38.27 1.68 25.54
N ASN D 271 38.07 2.36 24.42
CA ASN D 271 37.31 3.60 24.38
C ASN D 271 35.81 3.39 24.10
N VAL D 272 35.35 2.14 24.07
CA VAL D 272 33.94 1.86 23.78
C VAL D 272 33.36 0.96 24.87
N TYR D 273 32.03 1.00 24.99
CA TYR D 273 31.34 0.17 25.96
C TYR D 273 31.29 -1.28 25.50
N GLU D 274 30.64 -1.54 24.37
CA GLU D 274 30.58 -2.89 23.82
C GLU D 274 31.93 -3.28 23.22
N TYR D 275 32.15 -4.59 23.14
CA TYR D 275 33.38 -5.16 22.56
C TYR D 275 34.63 -4.71 23.32
N ARG D 276 34.47 -4.37 24.60
CA ARG D 276 35.59 -4.03 25.47
C ARG D 276 35.83 -5.17 26.44
N GLY D 277 37.06 -5.67 26.47
CA GLY D 277 37.38 -6.85 27.25
C GLY D 277 36.97 -8.16 26.62
N PHE D 278 36.55 -8.14 25.35
CA PHE D 278 36.13 -9.35 24.65
C PHE D 278 37.08 -9.72 23.50
N LEU D 279 38.20 -9.02 23.37
CA LEU D 279 39.29 -9.46 22.50
C LEU D 279 40.59 -9.69 23.26
N GLU D 280 40.68 -9.25 24.52
CA GLU D 280 41.86 -9.49 25.33
C GLU D 280 41.93 -10.91 25.88
N THR D 281 40.81 -11.63 25.87
CA THR D 281 40.77 -12.98 26.40
C THR D 281 39.79 -13.82 25.59
N GLY D 282 40.02 -15.13 25.58
CA GLY D 282 39.14 -16.04 24.88
C GLY D 282 39.34 -15.99 23.37
N ASN D 283 38.50 -16.76 22.67
CA ASN D 283 38.56 -16.83 21.22
C ASN D 283 37.80 -15.67 20.61
N LEU D 284 38.47 -14.92 19.73
CA LEU D 284 37.87 -13.71 19.17
C LEU D 284 36.67 -14.03 18.28
N GLU D 285 36.78 -15.07 17.47
CA GLU D 285 35.65 -15.47 16.61
C GLU D 285 34.46 -15.86 17.45
N ASP D 286 34.68 -16.58 18.56
CA ASP D 286 33.59 -16.95 19.45
C ASP D 286 32.90 -15.72 20.02
N HIS D 287 33.68 -14.70 20.41
CA HIS D 287 33.08 -13.49 20.97
C HIS D 287 32.30 -12.71 19.92
N PHE D 288 32.85 -12.57 18.71
CA PHE D 288 32.09 -11.91 17.66
C PHE D 288 30.80 -12.65 17.35
N TYR D 289 30.85 -13.99 17.27
CA TYR D 289 29.64 -14.75 16.99
C TYR D 289 28.65 -14.64 18.15
N GLN D 290 29.14 -14.63 19.39
CA GLN D 290 28.25 -14.48 20.54
C GLN D 290 27.54 -13.14 20.51
N LEU D 291 28.28 -12.06 20.26
CA LEU D 291 27.66 -10.74 20.20
C LEU D 291 26.70 -10.63 19.02
N GLU D 292 27.05 -11.28 17.90
CA GLU D 292 26.15 -11.30 16.75
C GLU D 292 24.84 -12.01 17.09
N MET D 293 24.93 -13.12 17.82
CA MET D 293 23.72 -13.81 18.24
C MET D 293 22.91 -12.98 19.22
N GLU D 294 23.57 -12.23 20.11
CA GLU D 294 22.84 -11.29 20.97
C GLU D 294 22.07 -10.28 20.12
N LEU D 295 22.74 -9.69 19.14
CA LEU D 295 22.11 -8.65 18.33
C LEU D 295 20.98 -9.23 17.49
N CYS D 296 21.15 -10.44 16.95
CA CYS D 296 20.07 -11.05 16.17
C CYS D 296 18.87 -11.40 17.04
N ARG D 297 19.12 -11.93 18.24
CA ARG D 297 18.04 -12.19 19.18
C ARG D 297 17.28 -10.92 19.52
N ASP D 298 18.02 -9.83 19.75
CA ASP D 298 17.37 -8.55 20.02
C ASP D 298 16.59 -8.06 18.81
N ALA D 299 17.15 -8.23 17.61
CA ALA D 299 16.47 -7.79 16.40
C ALA D 299 15.19 -8.56 16.15
N PHE D 300 15.14 -9.83 16.57
CA PHE D 300 13.90 -10.59 16.43
C PHE D 300 12.75 -10.03 17.26
N THR D 301 13.06 -9.22 18.29
CA THR D 301 12.00 -8.69 19.15
C THR D 301 11.13 -7.67 18.44
N GLN D 302 11.67 -6.92 17.48
CA GLN D 302 10.86 -6.01 16.70
C GLN D 302 9.89 -6.78 15.82
N GLN D 303 8.62 -6.38 15.82
CA GLN D 303 7.56 -7.19 15.26
C GLN D 303 7.24 -6.85 13.81
N PHE D 304 7.53 -5.63 13.36
CA PHE D 304 7.24 -5.20 11.99
C PHE D 304 8.48 -4.60 11.37
N ALA D 305 9.60 -5.31 11.49
CA ALA D 305 10.89 -4.86 11.00
C ALA D 305 11.47 -5.88 10.05
N ILE D 306 12.06 -5.41 8.96
CA ILE D 306 12.73 -6.29 8.00
C ILE D 306 14.09 -6.75 8.49
N SER D 307 14.62 -6.15 9.56
CA SER D 307 15.86 -6.62 10.17
C SER D 307 15.74 -8.05 10.66
N THR D 308 14.52 -8.52 10.88
CA THR D 308 14.29 -9.92 11.21
C THR D 308 14.91 -10.84 10.16
N VAL D 309 14.92 -10.40 8.89
CA VAL D 309 15.54 -11.20 7.84
C VAL D 309 17.05 -11.33 8.06
N TRP D 310 17.73 -10.23 8.36
CA TRP D 310 19.16 -10.29 8.65
C TRP D 310 19.44 -11.16 9.85
N ALA D 311 18.64 -10.99 10.91
CA ALA D 311 18.82 -11.81 12.11
C ALA D 311 18.64 -13.29 11.78
N TRP D 312 17.64 -13.62 10.96
CA TRP D 312 17.42 -15.01 10.56
C TRP D 312 18.60 -15.54 9.76
N MET D 313 19.08 -14.77 8.79
CA MET D 313 20.21 -15.20 7.98
C MET D 313 21.42 -15.52 8.83
N LYS D 314 21.80 -14.58 9.71
CA LYS D 314 22.97 -14.81 10.57
C LYS D 314 22.74 -16.00 11.51
N SER D 315 21.56 -16.11 12.09
CA SER D 315 21.26 -17.22 12.99
C SER D 315 21.38 -18.55 12.27
N LYS D 316 20.83 -18.63 11.05
CA LYS D 316 20.91 -19.87 10.28
C LYS D 316 22.34 -20.19 9.89
N GLU D 317 23.12 -19.18 9.50
CA GLU D 317 24.52 -19.42 9.18
C GLU D 317 25.25 -20.00 10.38
N GLN D 318 25.03 -19.40 11.56
CA GLN D 318 25.65 -19.93 12.78
C GLN D 318 25.15 -21.34 13.09
N GLU D 319 23.87 -21.60 12.84
CA GLU D 319 23.31 -22.93 13.03
C GLU D 319 24.00 -23.95 12.13
N VAL D 320 24.21 -23.60 10.86
CA VAL D 320 24.89 -24.49 9.94
C VAL D 320 26.33 -24.72 10.38
N ARG D 321 26.99 -23.66 10.88
CA ARG D 321 28.33 -23.83 11.43
C ARG D 321 28.33 -24.80 12.60
N ASN D 322 27.38 -24.63 13.54
CA ASN D 322 27.32 -25.50 14.71
C ASN D 322 27.06 -26.95 14.30
N ILE D 323 26.13 -27.16 13.36
CA ILE D 323 25.81 -28.51 12.90
C ILE D 323 27.04 -29.15 12.26
N THR D 324 27.75 -28.40 11.41
CA THR D 324 28.96 -28.92 10.78
C THR D 324 30.02 -29.23 11.84
N TRP D 325 30.13 -28.37 12.85
CA TRP D 325 31.05 -28.59 13.96
C TRP D 325 30.76 -29.92 14.65
N ILE D 326 29.50 -30.13 15.01
CA ILE D 326 29.11 -31.38 15.67
C ILE D 326 29.35 -32.58 14.76
N ALA D 327 29.05 -32.42 13.47
CA ALA D 327 29.29 -33.50 12.52
C ALA D 327 30.77 -33.88 12.49
N GLU D 328 31.65 -32.88 12.51
CA GLU D 328 33.08 -33.15 12.60
C GLU D 328 33.43 -33.85 13.91
N CYS D 329 32.90 -33.36 15.03
CA CYS D 329 33.23 -33.91 16.33
C CYS D 329 32.72 -35.34 16.51
N ILE D 330 31.79 -35.79 15.68
CA ILE D 330 31.38 -37.19 15.72
C ILE D 330 31.93 -38.01 14.57
N ALA D 331 32.47 -37.37 13.54
CA ALA D 331 33.10 -38.10 12.43
C ALA D 331 34.57 -38.34 12.67
N GLN D 332 35.25 -37.40 13.35
CA GLN D 332 36.67 -37.54 13.69
C GLN D 332 36.86 -37.67 15.20
N ASN D 333 35.79 -37.92 15.94
CA ASN D 333 35.80 -37.89 17.40
C ASN D 333 36.31 -36.55 17.90
N GLN D 334 37.33 -36.56 18.75
CA GLN D 334 37.82 -35.34 19.39
C GLN D 334 36.66 -34.58 20.04
N ARG D 335 35.82 -35.32 20.77
CA ARG D 335 34.56 -34.80 21.27
C ARG D 335 34.73 -33.75 22.36
N GLU D 336 35.96 -33.53 22.85
CA GLU D 336 36.17 -32.46 23.83
C GLU D 336 35.75 -31.10 23.28
N ARG D 337 35.82 -30.93 21.96
CA ARG D 337 35.46 -29.66 21.32
C ARG D 337 33.99 -29.57 20.92
N ILE D 338 33.20 -30.62 21.20
CA ILE D 338 31.83 -30.67 20.69
C ILE D 338 30.93 -29.60 21.28
N ASN D 339 31.26 -29.08 22.47
CA ASN D 339 30.38 -28.17 23.19
C ASN D 339 30.70 -26.70 22.95
N ASN D 340 31.66 -26.39 22.10
CA ASN D 340 32.07 -25.01 21.86
C ASN D 340 31.29 -24.32 20.75
N TYR D 341 30.14 -24.88 20.34
CA TYR D 341 29.30 -24.20 19.38
C TYR D 341 28.68 -22.94 20.01
N ILE D 342 28.28 -22.01 19.16
CA ILE D 342 27.75 -20.72 19.58
C ILE D 342 26.25 -20.71 19.31
N SER D 343 25.46 -20.49 20.36
CA SER D 343 24.01 -20.44 20.21
C SER D 343 23.40 -19.65 21.36
N VAL D 344 22.36 -18.88 21.04
CA VAL D 344 21.49 -18.27 22.05
C VAL D 344 20.13 -18.93 22.12
N TYR D 345 19.79 -19.78 21.15
CA TYR D 345 18.49 -20.45 21.12
C TYR D 345 18.57 -21.84 21.76
N SER E 2 -56.76 -15.39 9.90
CA SER E 2 -55.64 -16.20 10.38
C SER E 2 -54.70 -15.36 11.23
N SER E 3 -54.97 -15.31 12.53
CA SER E 3 -54.18 -14.51 13.47
C SER E 3 -52.93 -15.29 13.89
N PHE E 4 -52.28 -14.80 14.94
CA PHE E 4 -51.02 -15.39 15.40
C PHE E 4 -51.15 -16.87 15.71
N TYR E 5 -52.31 -17.30 16.21
CA TYR E 5 -52.45 -18.66 16.73
C TYR E 5 -52.37 -19.73 15.65
N THR E 6 -52.47 -19.37 14.37
CA THR E 6 -52.19 -20.35 13.33
C THR E 6 -50.73 -20.76 13.35
N VAL E 7 -49.83 -19.84 13.72
CA VAL E 7 -48.44 -20.18 13.93
C VAL E 7 -48.32 -21.20 15.06
N VAL E 8 -49.08 -20.99 16.15
CA VAL E 8 -49.06 -21.93 17.26
C VAL E 8 -49.58 -23.30 16.82
N GLY E 9 -50.63 -23.32 15.99
CA GLY E 9 -51.14 -24.59 15.49
C GLY E 9 -50.12 -25.34 14.66
N VAL E 10 -49.46 -24.64 13.74
CA VAL E 10 -48.40 -25.26 12.95
C VAL E 10 -47.26 -25.72 13.85
N PHE E 11 -46.92 -24.93 14.87
CA PHE E 11 -45.96 -25.38 15.86
C PHE E 11 -46.39 -26.69 16.50
N ILE E 12 -47.67 -26.80 16.83
CA ILE E 12 -48.18 -28.01 17.46
C ILE E 12 -48.00 -29.21 16.54
N VAL E 13 -48.38 -29.08 15.28
CA VAL E 13 -48.26 -30.21 14.36
C VAL E 13 -46.79 -30.56 14.12
N VAL E 14 -45.93 -29.53 14.02
CA VAL E 14 -44.50 -29.76 13.83
C VAL E 14 -43.91 -30.48 15.03
N SER E 15 -44.29 -30.06 16.24
CA SER E 15 -43.82 -30.71 17.46
C SER E 15 -44.32 -32.15 17.53
N ALA E 16 -45.57 -32.39 17.12
CA ALA E 16 -46.07 -33.76 17.08
C ALA E 16 -45.24 -34.62 16.14
N MET E 17 -44.93 -34.10 14.95
CA MET E 17 -44.09 -34.83 14.02
C MET E 17 -42.70 -35.08 14.57
N SER E 18 -42.11 -34.07 15.23
CA SER E 18 -40.75 -34.20 15.74
C SER E 18 -40.69 -35.22 16.87
N VAL E 19 -41.65 -35.19 17.80
CA VAL E 19 -41.68 -36.17 18.87
C VAL E 19 -41.92 -37.57 18.30
N LEU E 20 -42.85 -37.68 17.36
CA LEU E 20 -43.14 -38.96 16.74
C LEU E 20 -41.89 -39.56 16.10
N PHE E 21 -41.16 -38.75 15.33
CA PHE E 21 -39.96 -39.25 14.68
C PHE E 21 -38.86 -39.57 15.69
N TRP E 22 -38.73 -38.73 16.73
CA TRP E 22 -37.77 -39.02 17.80
C TRP E 22 -38.04 -40.38 18.40
N ILE E 23 -39.32 -40.73 18.56
CA ILE E 23 -39.68 -42.06 19.05
C ILE E 23 -39.34 -43.12 18.01
N MET E 24 -39.65 -42.85 16.75
CA MET E 24 -39.57 -43.84 15.68
C MET E 24 -38.34 -43.69 14.79
N ALA E 25 -37.31 -43.01 15.27
CA ALA E 25 -36.08 -42.90 14.48
C ALA E 25 -35.45 -44.28 14.31
N PRO E 26 -35.00 -44.61 13.10
CA PRO E 26 -34.36 -45.92 12.89
C PRO E 26 -33.13 -46.09 13.76
N LYS E 27 -32.92 -47.31 14.25
CA LYS E 27 -31.85 -47.57 15.19
C LYS E 27 -30.47 -47.64 14.53
N ASN E 28 -30.42 -47.79 13.21
CA ASN E 28 -29.14 -47.97 12.53
C ASN E 28 -28.25 -46.73 12.70
N ASN E 29 -28.79 -45.55 12.41
CA ASN E 29 -28.10 -44.28 12.55
C ASN E 29 -28.95 -43.33 13.39
N GLN E 30 -29.39 -43.82 14.55
CA GLN E 30 -30.45 -43.16 15.30
C GLN E 30 -30.10 -41.72 15.64
N ALA E 31 -28.88 -41.46 16.09
CA ALA E 31 -28.50 -40.10 16.43
C ALA E 31 -28.58 -39.19 15.22
N VAL E 32 -28.08 -39.65 14.07
CA VAL E 32 -28.12 -38.83 12.86
C VAL E 32 -29.56 -38.55 12.45
N TRP E 33 -30.42 -39.57 12.47
CA TRP E 33 -31.83 -39.39 12.12
C TRP E 33 -32.51 -38.40 13.06
N ARG E 34 -32.57 -38.72 14.35
CA ARG E 34 -33.29 -37.87 15.27
C ARG E 34 -32.54 -36.61 15.63
N SER E 35 -31.42 -36.30 14.98
CA SER E 35 -30.88 -34.96 15.02
C SER E 35 -31.18 -34.19 13.74
N THR E 36 -30.88 -34.77 12.57
CA THR E 36 -31.07 -34.06 11.31
C THR E 36 -32.54 -33.78 11.04
N VAL E 37 -33.41 -34.78 11.21
CA VAL E 37 -34.83 -34.56 10.93
C VAL E 37 -35.41 -33.53 11.89
N ILE E 38 -35.07 -33.64 13.18
CA ILE E 38 -35.62 -32.72 14.18
C ILE E 38 -35.13 -31.29 13.92
N LEU E 39 -33.84 -31.13 13.61
CA LEU E 39 -33.33 -29.78 13.36
C LEU E 39 -33.87 -29.22 12.06
N THR E 40 -34.04 -30.03 11.03
CA THR E 40 -34.67 -29.53 9.82
C THR E 40 -36.09 -29.07 10.09
N LEU E 41 -36.87 -29.88 10.81
CA LEU E 41 -38.23 -29.46 11.15
C LEU E 41 -38.22 -28.17 11.94
N ALA E 42 -37.35 -28.07 12.94
CA ALA E 42 -37.29 -26.89 13.79
C ALA E 42 -36.95 -25.65 12.99
N MET E 43 -35.88 -25.71 12.19
CA MET E 43 -35.42 -24.51 11.49
C MET E 43 -36.37 -24.13 10.36
N MET E 44 -36.89 -25.12 9.62
CA MET E 44 -37.89 -24.83 8.60
C MET E 44 -39.12 -24.18 9.20
N PHE E 45 -39.60 -24.70 10.33
CA PHE E 45 -40.74 -24.09 10.99
C PHE E 45 -40.42 -22.68 11.46
N LEU E 46 -39.25 -22.47 12.07
CA LEU E 46 -38.91 -21.15 12.58
C LEU E 46 -38.84 -20.13 11.45
N MET E 47 -38.22 -20.50 10.34
CA MET E 47 -38.13 -19.58 9.21
C MET E 47 -39.51 -19.31 8.61
N TRP E 48 -40.34 -20.35 8.46
CA TRP E 48 -41.68 -20.14 7.96
C TRP E 48 -42.48 -19.24 8.88
N ALA E 49 -42.36 -19.45 10.19
CA ALA E 49 -43.09 -18.64 11.16
C ALA E 49 -42.65 -17.19 11.10
N ILE E 50 -41.36 -16.94 10.94
CA ILE E 50 -40.88 -15.57 10.79
C ILE E 50 -41.43 -14.94 9.52
N THR E 51 -41.40 -15.69 8.41
CA THR E 51 -41.91 -15.17 7.15
C THR E 51 -43.40 -14.87 7.22
N PHE E 52 -44.14 -15.69 7.97
CA PHE E 52 -45.57 -15.49 8.12
C PHE E 52 -45.88 -14.33 9.07
N LEU E 53 -45.09 -14.22 10.15
CA LEU E 53 -45.34 -13.19 11.14
C LEU E 53 -45.03 -11.80 10.60
N CYS E 54 -43.93 -11.66 9.85
CA CYS E 54 -43.62 -10.35 9.28
C CYS E 54 -44.74 -9.86 8.36
N GLN E 55 -45.51 -10.79 7.80
CA GLN E 55 -46.65 -10.46 6.96
C GLN E 55 -47.98 -10.47 7.71
N LEU E 56 -47.98 -10.89 8.98
CA LEU E 56 -49.23 -11.06 9.71
C LEU E 56 -49.92 -9.73 9.95
N HIS E 57 -49.19 -8.75 10.50
CA HIS E 57 -49.70 -7.41 10.78
C HIS E 57 -48.71 -6.39 10.23
N PRO E 58 -48.63 -6.25 8.92
CA PRO E 58 -47.58 -5.40 8.33
C PRO E 58 -47.76 -3.94 8.70
N LEU E 59 -46.62 -3.26 8.84
CA LEU E 59 -46.59 -1.82 9.01
C LEU E 59 -46.29 -1.08 7.72
N VAL E 60 -45.98 -1.81 6.65
CA VAL E 60 -45.70 -1.24 5.34
C VAL E 60 -46.53 -2.02 4.31
N ALA E 61 -47.08 -1.30 3.34
CA ALA E 61 -47.89 -1.92 2.31
C ALA E 61 -47.23 -1.76 0.95
N PRO E 62 -47.45 -2.70 0.02
CA PRO E 62 -46.88 -2.56 -1.32
C PRO E 62 -47.26 -1.24 -1.96
N ARG E 63 -46.28 -0.60 -2.58
CA ARG E 63 -46.45 0.74 -3.13
C ARG E 63 -45.62 0.83 -4.40
N ARG E 64 -46.28 1.11 -5.53
CA ARG E 64 -45.62 1.14 -6.83
C ARG E 64 -46.42 2.04 -7.76
N SER E 65 -45.72 2.55 -8.78
CA SER E 65 -46.34 3.41 -9.78
C SER E 65 -46.46 2.76 -11.15
N ASP E 66 -45.85 1.59 -11.36
CA ASP E 66 -45.72 1.01 -12.68
C ASP E 66 -46.65 -0.18 -12.94
N LEU E 67 -47.65 -0.40 -12.10
CA LEU E 67 -48.54 -1.54 -12.30
C LEU E 67 -49.50 -1.26 -13.45
N ARG E 68 -49.54 -2.16 -14.42
CA ARG E 68 -50.35 -1.96 -15.62
C ARG E 68 -51.83 -2.09 -15.28
N PRO E 69 -52.69 -1.18 -15.74
CA PRO E 69 -54.08 -1.15 -15.26
C PRO E 69 -54.91 -2.37 -15.63
N GLU E 70 -54.50 -3.17 -16.61
CA GLU E 70 -55.28 -4.34 -16.97
C GLU E 70 -55.30 -5.39 -15.87
N PHE E 71 -54.39 -5.29 -14.89
CA PHE E 71 -54.29 -6.25 -13.80
C PHE E 71 -55.07 -5.83 -12.57
N ALA E 72 -55.98 -4.86 -12.70
CA ALA E 72 -56.74 -4.37 -11.56
C ALA E 72 -57.78 -5.37 -11.05
N GLU E 73 -58.06 -6.41 -11.82
CA GLU E 73 -59.07 -7.40 -11.44
C GLU E 73 -58.69 -8.11 -10.15
N VAL F 5 -18.21 -31.54 -30.89
CA VAL F 5 -17.78 -32.88 -31.29
C VAL F 5 -17.16 -33.60 -30.10
N SER F 6 -16.25 -32.91 -29.41
CA SER F 6 -15.61 -33.49 -28.24
C SER F 6 -16.63 -33.73 -27.13
N THR F 7 -16.35 -34.72 -26.28
CA THR F 7 -17.29 -35.09 -25.23
C THR F 7 -17.51 -33.96 -24.23
N GLY F 8 -16.46 -33.21 -23.90
CA GLY F 8 -16.62 -32.12 -22.95
C GLY F 8 -17.53 -31.03 -23.46
N LYS F 9 -17.29 -30.56 -24.69
CA LYS F 9 -18.15 -29.55 -25.28
C LYS F 9 -19.55 -30.11 -25.49
N ALA F 10 -19.66 -31.38 -25.89
CA ALA F 10 -20.97 -32.00 -26.08
C ALA F 10 -21.77 -31.96 -24.79
N TRP F 11 -21.17 -32.38 -23.68
CA TRP F 11 -21.87 -32.35 -22.40
C TRP F 11 -22.21 -30.94 -21.97
N CYS F 12 -21.26 -30.01 -22.11
CA CYS F 12 -21.50 -28.63 -21.71
C CYS F 12 -22.69 -28.05 -22.47
N CYS F 13 -22.69 -28.18 -23.79
CA CYS F 13 -23.78 -27.62 -24.58
C CYS F 13 -25.07 -28.39 -24.39
N THR F 14 -25.01 -29.69 -24.13
CA THR F 14 -26.22 -30.46 -23.85
C THR F 14 -26.90 -29.96 -22.59
N VAL F 15 -26.12 -29.78 -21.52
CA VAL F 15 -26.69 -29.30 -20.26
C VAL F 15 -27.22 -27.88 -20.42
N LEU F 16 -26.42 -27.01 -21.05
CA LEU F 16 -26.84 -25.62 -21.22
C LEU F 16 -28.11 -25.54 -22.06
N SER F 17 -28.20 -26.36 -23.11
CA SER F 17 -29.38 -26.33 -23.97
C SER F 17 -30.59 -26.96 -23.30
N ALA F 18 -30.38 -27.94 -22.43
CA ALA F 18 -31.51 -28.49 -21.66
C ALA F 18 -32.10 -27.42 -20.75
N PHE F 19 -31.24 -26.72 -20.01
CA PHE F 19 -31.72 -25.59 -19.22
C PHE F 19 -32.33 -24.52 -20.11
N GLY F 20 -31.77 -24.28 -21.29
CA GLY F 20 -32.36 -23.33 -22.21
C GLY F 20 -33.78 -23.70 -22.59
N VAL F 21 -33.98 -24.95 -22.99
CA VAL F 21 -35.31 -25.41 -23.37
C VAL F 21 -36.28 -25.22 -22.21
N VAL F 22 -35.91 -25.71 -21.02
CA VAL F 22 -36.84 -25.68 -19.90
C VAL F 22 -37.16 -24.24 -19.50
N ILE F 23 -36.13 -23.41 -19.31
CA ILE F 23 -36.32 -22.08 -18.76
C ILE F 23 -37.00 -21.18 -19.79
N LEU F 24 -36.56 -21.21 -21.04
CA LEU F 24 -37.22 -20.37 -22.04
C LEU F 24 -38.63 -20.87 -22.34
N SER F 25 -38.89 -22.17 -22.22
CA SER F 25 -40.25 -22.66 -22.38
C SER F 25 -41.16 -22.11 -21.30
N VAL F 26 -40.70 -22.15 -20.04
CA VAL F 26 -41.55 -21.65 -18.97
C VAL F 26 -41.70 -20.13 -19.06
N ILE F 27 -40.65 -19.42 -19.48
CA ILE F 27 -40.76 -17.98 -19.67
C ILE F 27 -41.75 -17.65 -20.79
N ALA F 28 -41.68 -18.39 -21.89
CA ALA F 28 -42.62 -18.18 -22.99
C ALA F 28 -44.05 -18.48 -22.55
N HIS F 29 -44.23 -19.52 -21.73
CA HIS F 29 -45.56 -19.82 -21.23
C HIS F 29 -46.08 -18.69 -20.33
N LEU F 30 -45.21 -18.15 -19.46
CA LEU F 30 -45.64 -17.10 -18.55
C LEU F 30 -45.94 -15.79 -19.30
N PHE F 31 -45.18 -15.50 -20.37
CA PHE F 31 -45.54 -14.37 -21.22
C PHE F 31 -46.85 -14.64 -21.97
N ASN F 32 -47.04 -15.88 -22.43
CA ASN F 32 -48.22 -16.22 -23.21
C ASN F 32 -49.49 -16.20 -22.35
N THR F 33 -49.35 -16.42 -21.05
CA THR F 33 -50.48 -16.38 -20.13
C THR F 33 -50.63 -15.02 -19.45
N ASN F 34 -49.82 -14.03 -19.87
CA ASN F 34 -49.89 -12.67 -19.35
C ASN F 34 -49.70 -12.66 -17.82
N HIS F 35 -48.70 -13.40 -17.36
CA HIS F 35 -48.39 -13.44 -15.94
C HIS F 35 -47.90 -12.07 -15.48
N GLU F 36 -48.37 -11.64 -14.31
CA GLU F 36 -48.09 -10.29 -13.84
C GLU F 36 -46.60 -10.06 -13.64
N SER F 37 -45.87 -11.07 -13.17
CA SER F 37 -44.44 -10.91 -12.91
C SER F 37 -43.64 -10.65 -14.18
N PHE F 38 -44.22 -10.91 -15.36
CA PHE F 38 -43.54 -10.68 -16.62
C PHE F 38 -44.19 -9.61 -17.48
N VAL F 39 -45.46 -9.29 -17.25
CA VAL F 39 -46.20 -8.34 -18.08
C VAL F 39 -46.84 -7.23 -17.26
N GLY F 40 -46.90 -7.36 -15.94
CA GLY F 40 -47.68 -6.44 -15.12
C GLY F 40 -47.12 -5.03 -15.06
N SER F 41 -45.86 -4.85 -15.40
CA SER F 41 -45.23 -3.53 -15.30
C SER F 41 -45.37 -2.76 -16.60
N ILE F 42 -45.46 -1.43 -16.48
CA ILE F 42 -45.40 -0.55 -17.65
C ILE F 42 -44.09 -0.72 -18.40
N ASN F 43 -43.01 -1.07 -17.70
CA ASN F 43 -41.71 -1.23 -18.33
C ASN F 43 -41.54 -2.55 -19.04
N ASP F 44 -42.46 -3.49 -18.83
CA ASP F 44 -42.43 -4.79 -19.51
C ASP F 44 -42.94 -4.66 -20.93
N PRO F 45 -42.68 -5.65 -21.78
CA PRO F 45 -43.28 -5.66 -23.12
C PRO F 45 -44.79 -5.62 -23.04
N GLU F 46 -45.40 -4.88 -23.97
CA GLU F 46 -46.82 -4.56 -23.87
C GLU F 46 -47.72 -5.71 -24.30
N ASP F 47 -47.24 -6.64 -25.13
CA ASP F 47 -48.07 -7.69 -25.69
C ASP F 47 -47.40 -9.03 -25.35
N GLY F 48 -47.94 -9.72 -24.35
CA GLY F 48 -47.41 -10.96 -23.87
C GLY F 48 -47.14 -12.01 -24.93
N PRO F 49 -48.19 -12.45 -25.63
CA PRO F 49 -48.00 -13.55 -26.60
C PRO F 49 -46.97 -13.26 -27.68
N ALA F 50 -46.79 -12.00 -28.07
CA ALA F 50 -45.83 -11.70 -29.13
C ALA F 50 -44.40 -12.05 -28.70
N VAL F 51 -43.99 -11.58 -27.53
CA VAL F 51 -42.66 -11.93 -27.03
C VAL F 51 -42.61 -13.39 -26.62
N ALA F 52 -43.74 -13.94 -26.18
CA ALA F 52 -43.80 -15.37 -25.87
C ALA F 52 -43.43 -16.19 -27.10
N HIS F 53 -43.88 -15.77 -28.28
CA HIS F 53 -43.58 -16.52 -29.50
C HIS F 53 -42.08 -16.53 -29.80
N THR F 54 -41.40 -15.40 -29.63
CA THR F 54 -39.97 -15.38 -29.92
C THR F 54 -39.17 -16.11 -28.85
N VAL F 55 -39.61 -16.06 -27.59
CA VAL F 55 -38.94 -16.85 -26.56
C VAL F 55 -39.14 -18.34 -26.82
N TYR F 56 -40.32 -18.71 -27.34
CA TYR F 56 -40.58 -20.10 -27.71
C TYR F 56 -39.68 -20.52 -28.87
N LEU F 57 -39.48 -19.64 -29.85
CA LEU F 57 -38.56 -19.94 -30.94
C LEU F 57 -37.13 -20.10 -30.45
N ALA F 58 -36.72 -19.28 -29.49
CA ALA F 58 -35.40 -19.46 -28.89
C ALA F 58 -35.30 -20.78 -28.14
N ALA F 59 -36.38 -21.16 -27.45
CA ALA F 59 -36.41 -22.48 -26.81
C ALA F 59 -36.27 -23.59 -27.83
N LEU F 60 -36.87 -23.43 -29.00
CA LEU F 60 -36.69 -24.42 -30.06
C LEU F 60 -35.27 -24.42 -30.62
N VAL F 61 -34.62 -23.26 -30.67
CA VAL F 61 -33.22 -23.22 -31.08
C VAL F 61 -32.36 -24.01 -30.09
N TYR F 62 -32.58 -23.79 -28.79
CA TYR F 62 -31.87 -24.59 -27.79
C TYR F 62 -32.29 -26.06 -27.84
N LEU F 63 -33.51 -26.35 -28.27
CA LEU F 63 -33.90 -27.75 -28.48
C LEU F 63 -33.08 -28.38 -29.59
N VAL F 64 -32.88 -27.65 -30.68
CA VAL F 64 -32.03 -28.13 -31.77
C VAL F 64 -30.62 -28.39 -31.25
N PHE F 65 -30.07 -27.44 -30.49
CA PHE F 65 -28.73 -27.63 -29.93
C PHE F 65 -28.67 -28.83 -28.99
N PHE F 66 -29.69 -28.99 -28.14
CA PHE F 66 -29.73 -30.10 -27.20
C PHE F 66 -29.75 -31.43 -27.91
N VAL F 67 -30.64 -31.57 -28.91
CA VAL F 67 -30.77 -32.83 -29.62
C VAL F 67 -29.51 -33.11 -30.43
N PHE F 68 -28.94 -32.08 -31.06
CA PHE F 68 -27.71 -32.27 -31.82
C PHE F 68 -26.59 -32.78 -30.92
N CYS F 69 -26.34 -32.07 -29.82
CA CYS F 69 -25.24 -32.45 -28.94
C CYS F 69 -25.50 -33.80 -28.28
N GLY F 70 -26.76 -34.16 -28.06
CA GLY F 70 -27.05 -35.53 -27.68
C GLY F 70 -26.60 -36.51 -28.74
N PHE F 71 -26.83 -36.19 -30.02
CA PHE F 71 -26.29 -37.03 -31.09
C PHE F 71 -24.78 -37.11 -31.07
N GLN F 72 -24.09 -36.10 -30.53
CA GLN F 72 -22.66 -36.28 -30.27
C GLN F 72 -22.33 -36.65 -28.83
N VAL F 73 -23.31 -37.07 -28.03
CA VAL F 73 -23.00 -37.73 -26.76
C VAL F 73 -23.18 -39.24 -26.94
N MET G 1 -36.18 25.44 -12.71
CA MET G 1 -35.77 24.62 -11.57
C MET G 1 -36.50 25.05 -10.31
N THR G 2 -36.29 24.30 -9.23
CA THR G 2 -36.93 24.59 -7.95
C THR G 2 -35.87 24.52 -6.85
N GLU G 3 -36.27 24.95 -5.64
CA GLU G 3 -35.36 24.90 -4.51
C GLU G 3 -34.99 23.47 -4.16
N LEU G 4 -35.95 22.54 -4.26
CA LEU G 4 -35.69 21.15 -3.96
C LEU G 4 -34.96 20.44 -5.10
N CYS G 5 -35.13 20.90 -6.34
CA CYS G 5 -34.59 20.24 -7.51
C CYS G 5 -33.72 21.22 -8.30
N PRO G 6 -32.55 21.57 -7.78
CA PRO G 6 -31.65 22.45 -8.51
C PRO G 6 -31.04 21.75 -9.73
N VAL G 7 -30.58 22.57 -10.67
CA VAL G 7 -29.99 22.03 -11.90
C VAL G 7 -28.71 21.26 -11.60
N TYR G 8 -28.03 21.60 -10.51
CA TYR G 8 -26.82 20.91 -10.09
C TYR G 8 -27.09 19.67 -9.25
N ALA G 9 -28.36 19.37 -8.95
CA ALA G 9 -28.67 18.16 -8.21
C ALA G 9 -28.20 16.89 -8.92
N PRO G 10 -28.42 16.70 -10.22
CA PRO G 10 -27.95 15.46 -10.86
C PRO G 10 -26.44 15.29 -10.87
N PHE G 11 -25.66 16.33 -10.57
CA PHE G 11 -24.22 16.16 -10.48
C PHE G 11 -23.83 15.11 -9.45
N PHE G 12 -24.44 15.19 -8.25
CA PHE G 12 -24.12 14.23 -7.21
C PHE G 12 -24.53 12.83 -7.61
N GLY G 13 -25.70 12.67 -8.25
CA GLY G 13 -26.11 11.36 -8.68
C GLY G 13 -25.19 10.76 -9.73
N ALA G 14 -24.84 11.56 -10.74
CA ALA G 14 -23.93 11.07 -11.78
C ALA G 14 -22.55 10.75 -11.22
N ILE G 15 -22.05 11.61 -10.32
CA ILE G 15 -20.73 11.37 -9.77
C ILE G 15 -20.74 10.19 -8.82
N GLY G 16 -21.86 9.93 -8.13
CA GLY G 16 -21.96 8.72 -7.33
C GLY G 16 -22.03 7.47 -8.19
N CYS G 17 -22.77 7.53 -9.29
CA CYS G 17 -22.79 6.43 -10.25
C CYS G 17 -21.39 6.13 -10.76
N ALA G 18 -20.65 7.18 -11.13
CA ALA G 18 -19.27 6.99 -11.55
C ALA G 18 -18.42 6.45 -10.42
N SER G 19 -18.59 7.00 -9.21
CA SER G 19 -17.74 6.66 -8.07
C SER G 19 -17.87 5.20 -7.69
N ALA G 20 -19.10 4.68 -7.69
CA ALA G 20 -19.29 3.27 -7.35
C ALA G 20 -18.41 2.38 -8.23
N ILE G 21 -18.63 2.44 -9.54
CA ILE G 21 -17.89 1.56 -10.44
C ILE G 21 -16.41 1.87 -10.42
N ILE G 22 -16.04 3.16 -10.32
CA ILE G 22 -14.62 3.52 -10.37
C ILE G 22 -13.88 2.95 -9.17
N PHE G 23 -14.34 3.27 -7.95
CA PHE G 23 -13.59 2.83 -6.78
C PHE G 23 -13.67 1.33 -6.58
N THR G 24 -14.83 0.72 -6.87
CA THR G 24 -14.88 -0.74 -6.82
C THR G 24 -13.96 -1.36 -7.87
N SER G 25 -13.79 -0.71 -9.02
CA SER G 25 -12.91 -1.24 -10.05
C SER G 25 -11.44 -1.07 -9.70
N LEU G 26 -11.05 0.02 -9.05
CA LEU G 26 -9.68 0.13 -8.55
C LEU G 26 -9.42 -0.86 -7.42
N GLY G 27 -10.39 -1.07 -6.53
CA GLY G 27 -10.22 -2.12 -5.53
C GLY G 27 -10.05 -3.48 -6.16
N ALA G 28 -10.90 -3.79 -7.13
CA ALA G 28 -10.81 -5.06 -7.84
C ALA G 28 -9.51 -5.17 -8.63
N ALA G 29 -9.02 -4.07 -9.19
CA ALA G 29 -7.77 -4.10 -9.93
C ALA G 29 -6.59 -4.34 -9.01
N TYR G 30 -6.56 -3.70 -7.84
CA TYR G 30 -5.51 -3.97 -6.88
C TYR G 30 -5.56 -5.43 -6.44
N GLY G 31 -6.76 -5.93 -6.14
CA GLY G 31 -6.88 -7.33 -5.75
C GLY G 31 -6.42 -8.27 -6.83
N THR G 32 -6.88 -8.04 -8.06
CA THR G 32 -6.53 -8.90 -9.18
C THR G 32 -5.03 -8.83 -9.46
N ALA G 33 -4.43 -7.65 -9.44
CA ALA G 33 -3.02 -7.53 -9.72
C ALA G 33 -2.16 -8.21 -8.66
N LYS G 34 -2.43 -7.91 -7.38
CA LYS G 34 -1.64 -8.50 -6.31
C LYS G 34 -1.79 -10.01 -6.28
N SER G 35 -3.04 -10.50 -6.31
CA SER G 35 -3.27 -11.93 -6.27
C SER G 35 -2.78 -12.62 -7.54
N GLY G 36 -2.80 -11.93 -8.68
CA GLY G 36 -2.30 -12.53 -9.91
C GLY G 36 -0.79 -12.63 -9.93
N VAL G 37 -0.11 -11.63 -9.37
CA VAL G 37 1.33 -11.76 -9.16
C VAL G 37 1.61 -12.96 -8.26
N GLY G 38 0.82 -13.10 -7.18
CA GLY G 38 0.98 -14.28 -6.33
C GLY G 38 0.76 -15.58 -7.08
N ILE G 39 -0.30 -15.63 -7.89
CA ILE G 39 -0.62 -16.86 -8.63
C ILE G 39 0.48 -17.19 -9.63
N CYS G 40 0.95 -16.19 -10.37
CA CYS G 40 1.96 -16.45 -11.38
C CYS G 40 3.29 -16.82 -10.76
N ALA G 41 3.63 -16.22 -9.62
CA ALA G 41 4.82 -16.63 -8.89
C ALA G 41 4.69 -18.06 -8.37
N THR G 42 3.52 -18.40 -7.85
CA THR G 42 3.31 -19.71 -7.24
C THR G 42 3.29 -20.83 -8.28
N CYS G 43 2.56 -20.64 -9.37
CA CYS G 43 2.25 -21.71 -10.30
C CYS G 43 3.36 -21.96 -11.31
N VAL G 44 4.46 -21.20 -11.25
CA VAL G 44 5.66 -21.59 -11.99
C VAL G 44 6.14 -22.94 -11.48
N LEU G 45 6.17 -23.12 -10.16
CA LEU G 45 6.58 -24.38 -9.57
C LEU G 45 5.45 -25.41 -9.59
N ARG G 46 4.25 -25.01 -9.13
CA ARG G 46 3.13 -25.92 -8.93
C ARG G 46 1.92 -25.39 -9.70
N PRO G 47 1.88 -25.56 -11.02
CA PRO G 47 0.69 -25.13 -11.77
C PRO G 47 -0.57 -25.91 -11.43
N ASP G 48 -0.44 -27.06 -10.76
CA ASP G 48 -1.61 -27.83 -10.36
C ASP G 48 -2.53 -27.05 -9.45
N LEU G 49 -2.02 -26.02 -8.77
CA LEU G 49 -2.79 -25.21 -7.84
C LEU G 49 -3.41 -23.98 -8.50
N LEU G 50 -3.50 -23.93 -9.83
CA LEU G 50 -4.09 -22.77 -10.50
C LEU G 50 -5.53 -22.52 -10.04
N PHE G 51 -6.37 -23.55 -10.07
CA PHE G 51 -7.79 -23.35 -9.80
C PHE G 51 -8.10 -23.22 -8.31
N LYS G 52 -7.14 -23.52 -7.44
CA LYS G 52 -7.24 -23.06 -6.06
C LYS G 52 -6.84 -21.59 -5.96
N ASN G 53 -5.66 -21.25 -6.48
CA ASN G 53 -5.13 -19.90 -6.33
C ASN G 53 -5.95 -18.85 -7.05
N ILE G 54 -6.85 -19.26 -7.96
CA ILE G 54 -7.66 -18.30 -8.70
C ILE G 54 -8.71 -17.62 -7.84
N VAL G 55 -8.96 -18.11 -6.63
CA VAL G 55 -10.06 -17.57 -5.82
C VAL G 55 -9.89 -16.08 -5.51
N PRO G 56 -8.73 -15.59 -5.06
CA PRO G 56 -8.64 -14.15 -4.72
C PRO G 56 -8.94 -13.19 -5.87
N VAL G 57 -8.49 -13.49 -7.09
CA VAL G 57 -8.82 -12.61 -8.21
C VAL G 57 -10.32 -12.65 -8.50
N ILE G 58 -10.93 -13.82 -8.32
CA ILE G 58 -12.37 -13.97 -8.48
C ILE G 58 -13.12 -13.10 -7.49
N MET G 59 -12.69 -13.11 -6.22
CA MET G 59 -13.33 -12.28 -5.21
C MET G 59 -13.13 -10.80 -5.51
N ALA G 60 -11.93 -10.42 -5.96
CA ALA G 60 -11.74 -9.06 -6.44
C ALA G 60 -12.75 -8.72 -7.53
N GLY G 61 -12.97 -9.65 -8.47
CA GLY G 61 -13.94 -9.41 -9.52
C GLY G 61 -15.35 -9.22 -9.01
N ILE G 62 -15.76 -10.02 -8.01
CA ILE G 62 -17.11 -9.85 -7.46
C ILE G 62 -17.24 -8.50 -6.76
N ILE G 63 -16.12 -7.96 -6.23
CA ILE G 63 -16.18 -6.59 -5.70
C ILE G 63 -16.61 -5.62 -6.79
N ALA G 64 -15.99 -5.70 -7.96
CA ALA G 64 -16.37 -4.83 -9.07
C ALA G 64 -17.78 -5.14 -9.54
N ILE G 65 -18.23 -6.38 -9.39
CA ILE G 65 -19.62 -6.72 -9.71
C ILE G 65 -20.59 -6.00 -8.77
N TYR G 66 -20.26 -5.96 -7.48
CA TYR G 66 -21.06 -5.17 -6.54
C TYR G 66 -21.09 -3.71 -6.95
N GLY G 67 -19.93 -3.19 -7.36
CA GLY G 67 -19.88 -1.80 -7.82
C GLY G 67 -20.74 -1.57 -9.05
N LEU G 68 -20.69 -2.49 -10.01
CA LEU G 68 -21.54 -2.42 -11.19
C LEU G 68 -23.02 -2.40 -10.81
N VAL G 69 -23.41 -3.29 -9.89
CA VAL G 69 -24.80 -3.35 -9.43
C VAL G 69 -25.23 -1.99 -8.89
N VAL G 70 -24.44 -1.43 -7.97
CA VAL G 70 -24.81 -0.15 -7.37
C VAL G 70 -24.85 0.95 -8.41
N SER G 71 -23.86 0.98 -9.30
CA SER G 71 -23.83 2.02 -10.32
C SER G 71 -25.05 1.96 -11.22
N VAL G 72 -25.46 0.75 -11.60
CA VAL G 72 -26.66 0.60 -12.44
C VAL G 72 -27.89 1.08 -11.68
N LEU G 73 -28.03 0.65 -10.42
CA LEU G 73 -29.22 1.00 -9.65
C LEU G 73 -29.33 2.50 -9.43
N VAL G 74 -28.23 3.17 -9.13
CA VAL G 74 -28.28 4.62 -8.96
C VAL G 74 -28.43 5.31 -10.32
N CYS G 75 -27.90 4.72 -11.39
CA CYS G 75 -28.01 5.31 -12.71
C CYS G 75 -29.47 5.39 -13.14
N TYR G 76 -30.23 4.34 -12.90
CA TYR G 76 -31.64 4.39 -13.28
C TYR G 76 -32.50 5.18 -12.29
N SER G 77 -31.90 5.78 -11.27
CA SER G 77 -32.59 6.75 -10.42
C SER G 77 -32.28 8.19 -10.81
N LEU G 78 -31.46 8.41 -11.84
CA LEU G 78 -31.05 9.76 -12.23
C LEU G 78 -32.12 10.46 -13.04
N GLY G 79 -32.17 11.78 -12.92
CA GLY G 79 -33.06 12.59 -13.73
C GLY G 79 -32.58 14.03 -13.76
N GLN G 80 -32.99 14.74 -14.82
CA GLN G 80 -32.58 16.12 -14.97
C GLN G 80 -33.12 17.00 -13.85
N LYS G 81 -34.39 16.82 -13.50
CA LYS G 81 -35.04 17.59 -12.45
C LYS G 81 -35.23 16.74 -11.19
N GLN G 82 -34.29 15.84 -10.94
CA GLN G 82 -34.32 15.04 -9.73
C GLN G 82 -34.03 15.91 -8.51
N ALA G 83 -34.59 15.52 -7.38
CA ALA G 83 -34.43 16.29 -6.15
C ALA G 83 -32.99 16.26 -5.68
N LEU G 84 -32.64 17.25 -4.85
CA LEU G 84 -31.33 17.24 -4.22
C LEU G 84 -31.24 16.13 -3.18
N TYR G 85 -32.37 15.76 -2.58
CA TYR G 85 -32.41 14.62 -1.68
C TYR G 85 -31.94 13.34 -2.36
N THR G 86 -32.54 13.02 -3.52
CA THR G 86 -32.14 11.81 -4.23
C THR G 86 -30.75 11.95 -4.81
N GLY G 87 -30.33 13.17 -5.16
CA GLY G 87 -28.96 13.37 -5.61
C GLY G 87 -27.96 12.97 -4.55
N PHE G 88 -28.18 13.41 -3.31
CA PHE G 88 -27.26 13.04 -2.24
C PHE G 88 -27.47 11.59 -1.78
N ILE G 89 -28.67 11.04 -1.96
CA ILE G 89 -28.86 9.61 -1.73
C ILE G 89 -27.98 8.80 -2.66
N GLN G 90 -28.00 9.14 -3.95
CA GLN G 90 -27.16 8.46 -4.93
C GLN G 90 -25.68 8.69 -4.65
N LEU G 91 -25.31 9.91 -4.25
CA LEU G 91 -23.92 10.18 -3.89
C LEU G 91 -23.49 9.33 -2.71
N GLY G 92 -24.33 9.24 -1.68
CA GLY G 92 -23.97 8.44 -0.52
C GLY G 92 -23.85 6.97 -0.85
N ALA G 93 -24.78 6.44 -1.65
CA ALA G 93 -24.70 5.04 -2.05
C ALA G 93 -23.42 4.77 -2.83
N GLY G 94 -23.15 5.60 -3.84
CA GLY G 94 -21.95 5.39 -4.64
C GLY G 94 -20.68 5.52 -3.84
N LEU G 95 -20.60 6.53 -2.98
CA LEU G 95 -19.40 6.72 -2.17
C LEU G 95 -19.21 5.58 -1.18
N SER G 96 -20.27 5.15 -0.52
CA SER G 96 -20.17 4.06 0.44
C SER G 96 -19.66 2.80 -0.25
N VAL G 97 -20.33 2.40 -1.34
CA VAL G 97 -19.94 1.15 -1.99
C VAL G 97 -18.54 1.29 -2.59
N GLY G 98 -18.21 2.45 -3.15
CA GLY G 98 -16.90 2.62 -3.76
C GLY G 98 -15.78 2.53 -2.76
N LEU G 99 -15.87 3.29 -1.67
CA LEU G 99 -14.81 3.26 -0.66
C LEU G 99 -14.72 1.90 0.00
N SER G 100 -15.88 1.29 0.30
CA SER G 100 -15.87 -0.02 0.94
C SER G 100 -15.27 -1.09 0.03
N GLY G 101 -15.67 -1.10 -1.24
CA GLY G 101 -15.11 -2.06 -2.17
C GLY G 101 -13.65 -1.80 -2.49
N LEU G 102 -13.22 -0.53 -2.44
CA LEU G 102 -11.81 -0.21 -2.59
C LEU G 102 -10.99 -0.82 -1.47
N ALA G 103 -11.41 -0.59 -0.22
CA ALA G 103 -10.71 -1.18 0.91
C ALA G 103 -10.76 -2.70 0.86
N ALA G 104 -11.92 -3.26 0.50
CA ALA G 104 -12.05 -4.71 0.41
C ALA G 104 -11.15 -5.28 -0.67
N GLY G 105 -11.02 -4.58 -1.81
CA GLY G 105 -10.15 -5.05 -2.87
C GLY G 105 -8.69 -4.98 -2.48
N PHE G 106 -8.28 -3.93 -1.77
CA PHE G 106 -6.92 -3.88 -1.26
C PHE G 106 -6.63 -5.03 -0.31
N ALA G 107 -7.54 -5.26 0.63
CA ALA G 107 -7.38 -6.38 1.57
C ALA G 107 -7.36 -7.72 0.83
N ILE G 108 -8.25 -7.89 -0.14
CA ILE G 108 -8.30 -9.14 -0.91
C ILE G 108 -6.99 -9.35 -1.66
N GLY G 109 -6.46 -8.30 -2.29
CA GLY G 109 -5.20 -8.46 -2.98
C GLY G 109 -4.08 -8.89 -2.08
N ILE G 110 -3.92 -8.20 -0.95
CA ILE G 110 -2.80 -8.51 -0.05
C ILE G 110 -2.98 -9.91 0.55
N VAL G 111 -4.17 -10.20 1.07
CA VAL G 111 -4.42 -11.49 1.70
C VAL G 111 -4.33 -12.62 0.68
N GLY G 112 -4.80 -12.39 -0.54
CA GLY G 112 -4.73 -13.43 -1.56
C GLY G 112 -3.31 -13.71 -1.99
N ASP G 113 -2.49 -12.67 -2.14
CA ASP G 113 -1.08 -12.89 -2.42
C ASP G 113 -0.44 -13.74 -1.33
N ALA G 114 -0.55 -13.29 -0.07
CA ALA G 114 0.04 -14.03 1.04
C ALA G 114 -0.50 -15.45 1.09
N GLY G 115 -1.80 -15.61 0.85
CA GLY G 115 -2.43 -16.91 0.99
C GLY G 115 -2.02 -17.88 -0.09
N VAL G 116 -1.99 -17.44 -1.34
CA VAL G 116 -1.57 -18.36 -2.41
C VAL G 116 -0.13 -18.77 -2.17
N ARG G 117 0.72 -17.85 -1.73
CA ARG G 117 2.10 -18.22 -1.44
C ARG G 117 2.17 -19.25 -0.31
N GLY G 118 1.48 -18.99 0.79
CA GLY G 118 1.52 -19.92 1.91
C GLY G 118 0.91 -21.27 1.59
N SER G 119 -0.26 -21.28 0.96
CA SER G 119 -0.94 -22.51 0.59
C SER G 119 -0.23 -23.24 -0.54
N SER G 120 0.74 -22.61 -1.20
CA SER G 120 1.68 -23.36 -2.01
C SER G 120 2.80 -23.95 -1.18
N GLN G 121 3.24 -23.25 -0.13
CA GLN G 121 4.19 -23.85 0.79
C GLN G 121 3.52 -24.81 1.76
N GLN G 122 2.31 -24.49 2.21
CA GLN G 122 1.59 -25.29 3.21
C GLN G 122 0.16 -25.50 2.74
N PRO G 123 -0.16 -26.67 2.18
CA PRO G 123 -1.51 -26.87 1.61
C PRO G 123 -2.64 -26.71 2.61
N ARG G 124 -2.40 -26.94 3.90
CA ARG G 124 -3.46 -26.76 4.88
C ARG G 124 -3.86 -25.30 5.04
N LEU G 125 -3.08 -24.37 4.51
CA LEU G 125 -3.40 -22.95 4.59
C LEU G 125 -4.44 -22.51 3.57
N PHE G 126 -4.93 -23.41 2.71
CA PHE G 126 -5.95 -23.02 1.74
C PHE G 126 -7.24 -22.59 2.42
N VAL G 127 -7.73 -23.40 3.36
CA VAL G 127 -8.96 -23.06 4.05
C VAL G 127 -8.78 -21.76 4.82
N GLY G 128 -7.60 -21.56 5.42
CA GLY G 128 -7.31 -20.31 6.11
C GLY G 128 -7.30 -19.10 5.18
N MET G 129 -6.55 -19.19 4.09
CA MET G 129 -6.59 -18.20 3.02
C MET G 129 -8.00 -17.80 2.68
N ILE G 130 -8.80 -18.79 2.24
CA ILE G 130 -10.11 -18.50 1.69
C ILE G 130 -11.02 -17.95 2.77
N LEU G 131 -10.87 -18.42 4.02
CA LEU G 131 -11.74 -17.93 5.08
C LEU G 131 -11.37 -16.52 5.55
N ILE G 132 -10.11 -16.13 5.42
CA ILE G 132 -9.76 -14.73 5.65
C ILE G 132 -10.23 -13.88 4.47
N LEU G 133 -10.11 -14.44 3.27
CA LEU G 133 -10.38 -13.68 2.05
C LEU G 133 -11.88 -13.39 1.92
N ILE G 134 -12.73 -14.34 2.33
CA ILE G 134 -14.17 -14.08 2.39
C ILE G 134 -14.46 -12.98 3.41
N PHE G 135 -13.70 -12.95 4.50
CA PHE G 135 -13.89 -11.91 5.52
C PHE G 135 -13.46 -10.54 5.01
N ALA G 136 -12.56 -10.51 4.04
CA ALA G 136 -12.23 -9.24 3.38
C ALA G 136 -13.30 -8.87 2.36
N GLU G 137 -13.80 -9.86 1.61
CA GLU G 137 -14.85 -9.63 0.62
C GLU G 137 -16.10 -9.05 1.27
N VAL G 138 -16.44 -9.57 2.45
CA VAL G 138 -17.67 -9.16 3.12
C VAL G 138 -17.69 -7.68 3.45
N LEU G 139 -16.52 -7.03 3.51
CA LEU G 139 -16.52 -5.60 3.78
C LEU G 139 -17.03 -4.79 2.59
N GLY G 140 -16.59 -5.16 1.39
CA GLY G 140 -17.22 -4.61 0.19
C GLY G 140 -18.68 -4.99 0.10
N LEU G 141 -19.01 -6.18 0.57
CA LEU G 141 -20.42 -6.59 0.65
C LEU G 141 -21.23 -5.66 1.55
N TYR G 142 -20.67 -5.31 2.72
CA TYR G 142 -21.34 -4.38 3.62
C TYR G 142 -21.53 -3.02 2.97
N GLY G 143 -20.52 -2.54 2.25
CA GLY G 143 -20.67 -1.30 1.52
C GLY G 143 -21.77 -1.38 0.48
N LEU G 144 -21.85 -2.51 -0.23
CA LEU G 144 -22.96 -2.76 -1.15
C LEU G 144 -24.30 -2.68 -0.42
N ILE G 145 -24.37 -3.28 0.77
CA ILE G 145 -25.63 -3.29 1.51
C ILE G 145 -26.05 -1.87 1.87
N VAL G 146 -25.11 -1.07 2.34
CA VAL G 146 -25.43 0.32 2.67
C VAL G 146 -25.85 1.08 1.42
N ALA G 147 -25.16 0.85 0.30
CA ALA G 147 -25.55 1.49 -0.94
C ALA G 147 -26.98 1.11 -1.34
N LEU G 148 -27.34 -0.16 -1.15
CA LEU G 148 -28.70 -0.60 -1.47
C LEU G 148 -29.72 0.04 -0.54
N LEU G 149 -29.41 0.10 0.75
CA LEU G 149 -30.31 0.72 1.71
C LEU G 149 -30.55 2.18 1.35
N LEU G 150 -29.48 2.93 1.06
CA LEU G 150 -29.64 4.32 0.64
C LEU G 150 -30.44 4.42 -0.65
N ASN G 151 -30.09 3.61 -1.66
CA ASN G 151 -30.76 3.71 -2.96
C ASN G 151 -32.23 3.35 -2.86
N SER G 152 -32.62 2.55 -1.87
CA SER G 152 -34.03 2.25 -1.67
C SER G 152 -34.85 3.49 -1.34
N ARG G 153 -34.19 4.56 -0.89
CA ARG G 153 -34.84 5.80 -0.54
C ARG G 153 -34.72 6.87 -1.62
N ALA G 154 -34.14 6.55 -2.77
CA ALA G 154 -34.05 7.50 -3.88
C ALA G 154 -35.44 7.65 -4.49
N THR G 155 -36.10 8.75 -4.17
CA THR G 155 -37.50 9.04 -4.53
C THR G 155 -38.48 8.07 -3.86
N THR H 2 -31.37 28.91 -20.98
CA THR H 2 -32.10 28.90 -19.72
C THR H 2 -31.20 28.41 -18.58
N GLU H 3 -31.77 28.32 -17.37
CA GLU H 3 -31.02 27.83 -16.23
C GLU H 3 -30.80 26.33 -16.28
N LEU H 4 -31.66 25.58 -16.96
CA LEU H 4 -31.44 24.15 -17.14
C LEU H 4 -30.30 23.88 -18.11
N CYS H 5 -30.01 24.82 -19.01
CA CYS H 5 -28.99 24.67 -20.03
C CYS H 5 -28.05 25.87 -19.99
N PRO H 6 -27.23 25.98 -18.95
CA PRO H 6 -26.29 27.10 -18.86
C PRO H 6 -25.17 26.98 -19.87
N VAL H 7 -24.49 28.09 -20.11
CA VAL H 7 -23.43 28.13 -21.11
C VAL H 7 -22.23 27.27 -20.70
N TYR H 8 -22.03 27.04 -19.40
CA TYR H 8 -20.93 26.20 -18.96
C TYR H 8 -21.29 24.72 -18.95
N ALA H 9 -22.52 24.37 -19.33
CA ALA H 9 -22.90 22.96 -19.38
C ALA H 9 -22.01 22.11 -20.29
N PRO H 10 -21.63 22.55 -21.50
CA PRO H 10 -20.79 21.68 -22.34
C PRO H 10 -19.38 21.49 -21.81
N PHE H 11 -18.94 22.24 -20.79
CA PHE H 11 -17.64 22.01 -20.20
C PHE H 11 -17.52 20.59 -19.64
N PHE H 12 -18.51 20.18 -18.84
CA PHE H 12 -18.48 18.85 -18.26
C PHE H 12 -18.55 17.77 -19.33
N GLY H 13 -19.36 17.99 -20.36
CA GLY H 13 -19.43 17.02 -21.43
C GLY H 13 -18.14 16.88 -22.21
N ALA H 14 -17.51 18.01 -22.54
CA ALA H 14 -16.25 17.98 -23.26
C ALA H 14 -15.15 17.34 -22.43
N ILE H 15 -15.10 17.65 -21.13
CA ILE H 15 -14.05 17.04 -20.32
C ILE H 15 -14.36 15.58 -19.99
N GLY H 16 -15.62 15.17 -19.98
CA GLY H 16 -15.91 13.73 -19.91
C GLY H 16 -15.49 13.01 -21.17
N CYS H 17 -15.78 13.60 -22.33
CA CYS H 17 -15.29 13.07 -23.60
C CYS H 17 -13.78 12.93 -23.58
N ALA H 18 -13.09 13.97 -23.11
CA ALA H 18 -11.64 13.91 -23.02
C ALA H 18 -11.20 12.83 -22.04
N SER H 19 -11.79 12.81 -20.86
CA SER H 19 -11.33 11.94 -19.77
C SER H 19 -11.50 10.47 -20.12
N ALA H 20 -12.59 10.13 -20.81
CA ALA H 20 -12.78 8.75 -21.23
C ALA H 20 -11.54 8.24 -21.97
N ILE H 21 -11.20 8.87 -23.09
CA ILE H 21 -10.07 8.42 -23.89
C ILE H 21 -8.76 8.62 -23.15
N ILE H 22 -8.63 9.71 -22.38
CA ILE H 22 -7.36 9.98 -21.70
C ILE H 22 -7.04 8.90 -20.69
N PHE H 23 -7.99 8.59 -19.80
CA PHE H 23 -7.70 7.63 -18.75
C PHE H 23 -7.71 6.19 -19.25
N THR H 24 -8.56 5.87 -20.23
CA THR H 24 -8.46 4.54 -20.83
C THR H 24 -7.14 4.38 -21.58
N SER H 25 -6.64 5.43 -22.22
CA SER H 25 -5.35 5.37 -22.88
C SER H 25 -4.22 5.26 -21.87
N LEU H 26 -4.35 5.92 -20.72
CA LEU H 26 -3.35 5.76 -19.66
C LEU H 26 -3.32 4.32 -19.16
N GLY H 27 -4.49 3.73 -18.93
CA GLY H 27 -4.54 2.35 -18.48
C GLY H 27 -4.00 1.40 -19.53
N ALA H 28 -4.39 1.59 -20.78
CA ALA H 28 -3.89 0.76 -21.86
C ALA H 28 -2.39 0.94 -22.06
N ALA H 29 -1.88 2.15 -21.87
CA ALA H 29 -0.44 2.40 -21.98
C ALA H 29 0.32 1.72 -20.85
N TYR H 30 -0.20 1.79 -19.63
CA TYR H 30 0.46 1.10 -18.53
C TYR H 30 0.49 -0.40 -18.77
N GLY H 31 -0.66 -0.96 -19.17
CA GLY H 31 -0.70 -2.39 -19.48
C GLY H 31 0.24 -2.75 -20.60
N THR H 32 0.22 -1.99 -21.69
CA THR H 32 1.06 -2.27 -22.84
C THR H 32 2.54 -2.18 -22.46
N ALA H 33 2.93 -1.15 -21.71
CA ALA H 33 4.34 -0.99 -21.36
C ALA H 33 4.81 -2.08 -20.41
N LYS H 34 4.04 -2.36 -19.36
CA LYS H 34 4.46 -3.36 -18.38
C LYS H 34 4.51 -4.75 -19.02
N SER H 35 3.42 -5.15 -19.68
CA SER H 35 3.43 -6.44 -20.33
C SER H 35 4.41 -6.49 -21.48
N GLY H 36 4.74 -5.34 -22.10
CA GLY H 36 5.68 -5.34 -23.20
C GLY H 36 7.11 -5.51 -22.74
N VAL H 37 7.48 -4.92 -21.61
CA VAL H 37 8.79 -5.20 -21.06
C VAL H 37 8.87 -6.65 -20.61
N GLY H 38 7.76 -7.19 -20.08
CA GLY H 38 7.74 -8.61 -19.79
C GLY H 38 7.98 -9.47 -21.02
N ILE H 39 7.27 -9.14 -22.11
CA ILE H 39 7.40 -9.91 -23.35
C ILE H 39 8.80 -9.79 -23.92
N CYS H 40 9.37 -8.58 -23.91
CA CYS H 40 10.70 -8.38 -24.45
C CYS H 40 11.75 -9.09 -23.60
N ALA H 41 11.53 -9.19 -22.29
CA ALA H 41 12.46 -9.92 -21.43
C ALA H 41 12.37 -11.42 -21.66
N THR H 42 11.16 -11.94 -21.90
CA THR H 42 11.01 -13.38 -22.03
C THR H 42 11.36 -13.88 -23.43
N CYS H 43 10.94 -13.17 -24.46
CA CYS H 43 11.06 -13.65 -25.83
C CYS H 43 12.50 -13.68 -26.33
N VAL H 44 13.44 -13.06 -25.61
CA VAL H 44 14.85 -13.21 -25.98
C VAL H 44 15.26 -14.68 -25.90
N LEU H 45 14.86 -15.36 -24.82
CA LEU H 45 15.15 -16.77 -24.64
C LEU H 45 14.08 -17.67 -25.25
N ARG H 46 12.85 -17.18 -25.37
CA ARG H 46 11.71 -17.99 -25.82
C ARG H 46 11.01 -17.27 -26.96
N PRO H 47 11.64 -17.19 -28.13
CA PRO H 47 11.03 -16.42 -29.23
C PRO H 47 9.69 -16.96 -29.70
N ASP H 48 9.50 -18.28 -29.69
CA ASP H 48 8.27 -18.86 -30.22
C ASP H 48 7.04 -18.51 -29.39
N LEU H 49 7.23 -18.13 -28.12
CA LEU H 49 6.11 -17.75 -27.28
C LEU H 49 5.52 -16.39 -27.63
N LEU H 50 6.17 -15.65 -28.53
CA LEU H 50 5.77 -14.28 -28.84
C LEU H 50 4.29 -14.18 -29.22
N PHE H 51 3.79 -15.15 -29.99
CA PHE H 51 2.39 -15.11 -30.38
C PHE H 51 1.47 -15.25 -29.18
N LYS H 52 1.87 -16.08 -28.21
CA LYS H 52 0.99 -16.37 -27.08
C LYS H 52 1.06 -15.28 -26.01
N ASN H 53 2.27 -14.90 -25.59
CA ASN H 53 2.41 -14.03 -24.43
C ASN H 53 2.13 -12.57 -24.73
N ILE H 54 1.79 -12.22 -25.97
CA ILE H 54 1.41 -10.85 -26.29
C ILE H 54 -0.06 -10.58 -26.00
N VAL H 55 -0.78 -11.54 -25.41
CA VAL H 55 -2.20 -11.33 -25.12
C VAL H 55 -2.47 -10.16 -24.18
N PRO H 56 -1.70 -9.91 -23.11
CA PRO H 56 -2.05 -8.76 -22.26
C PRO H 56 -2.02 -7.43 -23.00
N VAL H 57 -1.17 -7.30 -24.01
CA VAL H 57 -1.19 -6.10 -24.84
C VAL H 57 -2.52 -6.00 -25.59
N ILE H 58 -3.01 -7.11 -26.11
CA ILE H 58 -4.33 -7.16 -26.73
C ILE H 58 -5.40 -6.69 -25.74
N MET H 59 -5.32 -7.17 -24.51
CA MET H 59 -6.34 -6.81 -23.52
C MET H 59 -6.27 -5.34 -23.13
N ALA H 60 -5.06 -4.76 -23.10
CA ALA H 60 -4.95 -3.32 -22.90
C ALA H 60 -5.56 -2.55 -24.07
N GLY H 61 -5.33 -3.03 -25.29
CA GLY H 61 -5.95 -2.42 -26.45
C GLY H 61 -7.47 -2.46 -26.38
N ILE H 62 -8.02 -3.51 -25.79
CA ILE H 62 -9.47 -3.56 -25.56
C ILE H 62 -9.92 -2.39 -24.69
N ILE H 63 -9.17 -2.10 -23.63
CA ILE H 63 -9.49 -0.97 -22.77
C ILE H 63 -9.46 0.33 -23.57
N ALA H 64 -8.43 0.48 -24.41
CA ALA H 64 -8.35 1.67 -25.24
C ALA H 64 -9.53 1.78 -26.20
N ILE H 65 -9.99 0.66 -26.74
CA ILE H 65 -11.15 0.69 -27.64
C ILE H 65 -12.41 1.07 -26.87
N TYR H 66 -12.57 0.59 -25.64
CA TYR H 66 -13.68 1.02 -24.81
C TYR H 66 -13.65 2.54 -24.62
N GLY H 67 -12.49 3.08 -24.30
CA GLY H 67 -12.37 4.52 -24.13
C GLY H 67 -12.70 5.27 -25.40
N LEU H 68 -12.21 4.79 -26.54
CA LEU H 68 -12.55 5.41 -27.82
C LEU H 68 -14.05 5.42 -28.05
N VAL H 69 -14.71 4.29 -27.78
CA VAL H 69 -16.14 4.18 -28.02
C VAL H 69 -16.90 5.19 -27.16
N VAL H 70 -16.59 5.23 -25.86
CA VAL H 70 -17.33 6.14 -24.98
C VAL H 70 -17.03 7.60 -25.33
N SER H 71 -15.78 7.90 -25.67
CA SER H 71 -15.44 9.26 -26.07
C SER H 71 -16.22 9.69 -27.31
N VAL H 72 -16.34 8.81 -28.29
CA VAL H 72 -17.05 9.16 -29.51
C VAL H 72 -18.55 9.33 -29.23
N LEU H 73 -19.11 8.46 -28.39
CA LEU H 73 -20.52 8.62 -28.01
C LEU H 73 -20.76 9.94 -27.31
N VAL H 74 -19.89 10.30 -26.37
CA VAL H 74 -20.05 11.56 -25.66
C VAL H 74 -19.86 12.74 -26.62
N CYS H 75 -18.95 12.59 -27.59
CA CYS H 75 -18.75 13.63 -28.58
C CYS H 75 -20.03 13.88 -29.38
N TYR H 76 -20.60 12.82 -29.96
CA TYR H 76 -21.85 13.01 -30.70
C TYR H 76 -23.00 13.42 -29.81
N SER H 77 -22.89 13.23 -28.49
CA SER H 77 -23.93 13.73 -27.59
C SER H 77 -23.71 15.17 -27.17
N LEU H 78 -22.60 15.80 -27.58
CA LEU H 78 -22.30 17.17 -27.20
C LEU H 78 -23.10 18.17 -28.01
N GLY H 79 -23.50 19.26 -27.36
CA GLY H 79 -24.15 20.36 -28.05
C GLY H 79 -23.87 21.66 -27.32
N GLN H 80 -24.06 22.77 -28.04
CA GLN H 80 -23.83 24.09 -27.44
C GLN H 80 -24.86 24.37 -26.36
N LYS H 81 -26.13 24.08 -26.63
CA LYS H 81 -27.21 24.34 -25.69
C LYS H 81 -27.65 23.08 -24.95
N GLN H 82 -26.73 22.14 -24.77
CA GLN H 82 -27.04 20.91 -24.05
C GLN H 82 -27.30 21.20 -22.58
N ALA H 83 -28.10 20.33 -21.96
CA ALA H 83 -28.48 20.54 -20.58
C ALA H 83 -27.29 20.35 -19.64
N LEU H 84 -27.38 20.97 -18.47
CA LEU H 84 -26.38 20.75 -17.44
C LEU H 84 -26.43 19.32 -16.92
N TYR H 85 -27.64 18.74 -16.84
CA TYR H 85 -27.78 17.32 -16.56
C TYR H 85 -27.03 16.48 -17.58
N THR H 86 -27.16 16.83 -18.86
CA THR H 86 -26.42 16.12 -19.89
C THR H 86 -24.91 16.26 -19.67
N GLY H 87 -24.47 17.45 -19.23
CA GLY H 87 -23.06 17.62 -18.92
C GLY H 87 -22.59 16.71 -17.80
N PHE H 88 -23.35 16.66 -16.71
CA PHE H 88 -22.98 15.78 -15.60
C PHE H 88 -23.01 14.32 -16.01
N ILE H 89 -23.98 13.92 -16.82
CA ILE H 89 -24.06 12.51 -17.22
C ILE H 89 -22.91 12.15 -18.14
N GLN H 90 -22.55 13.04 -19.06
CA GLN H 90 -21.42 12.80 -19.94
C GLN H 90 -20.12 12.76 -19.14
N LEU H 91 -19.97 13.64 -18.15
CA LEU H 91 -18.82 13.58 -17.26
C LEU H 91 -18.78 12.28 -16.48
N GLY H 92 -19.94 11.82 -15.99
CA GLY H 92 -19.98 10.58 -15.26
C GLY H 92 -19.62 9.38 -16.12
N ALA H 93 -20.14 9.33 -17.34
CA ALA H 93 -19.79 8.25 -18.25
C ALA H 93 -18.31 8.28 -18.59
N GLY H 94 -17.77 9.46 -18.89
CA GLY H 94 -16.36 9.57 -19.19
C GLY H 94 -15.48 9.12 -18.05
N LEU H 95 -15.77 9.62 -16.84
CA LEU H 95 -14.98 9.23 -15.68
C LEU H 95 -15.13 7.75 -15.37
N SER H 96 -16.35 7.22 -15.47
CA SER H 96 -16.57 5.80 -15.23
C SER H 96 -15.69 4.96 -16.13
N VAL H 97 -15.84 5.12 -17.45
CA VAL H 97 -15.08 4.28 -18.37
C VAL H 97 -13.59 4.56 -18.22
N GLY H 98 -13.20 5.82 -18.10
CA GLY H 98 -11.79 6.18 -18.01
C GLY H 98 -11.09 5.60 -16.81
N LEU H 99 -11.63 5.82 -15.61
CA LEU H 99 -10.95 5.35 -14.40
C LEU H 99 -11.12 3.85 -14.20
N SER H 100 -12.26 3.27 -14.60
CA SER H 100 -12.38 1.82 -14.54
C SER H 100 -11.42 1.16 -15.52
N GLY H 101 -11.23 1.73 -16.71
CA GLY H 101 -10.26 1.20 -17.64
C GLY H 101 -8.83 1.48 -17.23
N LEU H 102 -8.60 2.56 -16.47
CA LEU H 102 -7.28 2.79 -15.89
C LEU H 102 -6.94 1.70 -14.88
N ALA H 103 -7.90 1.39 -14.01
CA ALA H 103 -7.70 0.30 -13.06
C ALA H 103 -7.49 -1.02 -13.78
N ALA H 104 -8.33 -1.29 -14.79
CA ALA H 104 -8.19 -2.52 -15.57
C ALA H 104 -6.85 -2.57 -16.29
N GLY H 105 -6.36 -1.44 -16.79
CA GLY H 105 -5.08 -1.42 -17.46
C GLY H 105 -3.93 -1.65 -16.51
N PHE H 106 -4.01 -1.08 -15.30
CA PHE H 106 -2.98 -1.38 -14.29
C PHE H 106 -2.97 -2.86 -13.95
N ALA H 107 -4.16 -3.44 -13.72
CA ALA H 107 -4.24 -4.86 -13.43
C ALA H 107 -3.70 -5.70 -14.57
N ILE H 108 -4.07 -5.34 -15.81
CA ILE H 108 -3.60 -6.09 -16.98
C ILE H 108 -2.09 -5.98 -17.09
N GLY H 109 -1.52 -4.79 -16.88
CA GLY H 109 -0.09 -4.64 -16.97
C GLY H 109 0.65 -5.48 -15.95
N ILE H 110 0.24 -5.40 -14.69
CA ILE H 110 0.93 -6.15 -13.65
C ILE H 110 0.78 -7.65 -13.87
N VAL H 111 -0.45 -8.11 -14.11
CA VAL H 111 -0.69 -9.54 -14.31
C VAL H 111 0.00 -10.03 -15.56
N GLY H 112 -0.04 -9.26 -16.65
CA GLY H 112 0.61 -9.68 -17.87
C GLY H 112 2.11 -9.79 -17.72
N ASP H 113 2.74 -8.80 -17.07
CA ASP H 113 4.17 -8.90 -16.81
C ASP H 113 4.49 -10.16 -16.02
N ALA H 114 3.81 -10.33 -14.87
CA ALA H 114 4.10 -11.48 -14.01
C ALA H 114 3.86 -12.78 -14.73
N GLY H 115 2.74 -12.89 -15.43
CA GLY H 115 2.38 -14.15 -16.07
C GLY H 115 3.19 -14.47 -17.30
N VAL H 116 3.59 -13.45 -18.07
CA VAL H 116 4.46 -13.70 -19.21
C VAL H 116 5.81 -14.21 -18.74
N ARG H 117 6.38 -13.56 -17.72
CA ARG H 117 7.66 -14.04 -17.23
C ARG H 117 7.53 -15.42 -16.59
N GLY H 118 6.40 -15.69 -15.93
CA GLY H 118 6.19 -17.01 -15.37
C GLY H 118 6.03 -18.09 -16.42
N SER H 119 5.21 -17.80 -17.44
CA SER H 119 4.91 -18.79 -18.48
C SER H 119 6.08 -19.02 -19.41
N SER H 120 7.02 -18.07 -19.50
CA SER H 120 8.27 -18.37 -20.19
C SER H 120 8.97 -19.56 -19.55
N GLN H 121 8.75 -19.79 -18.25
CA GLN H 121 9.24 -20.95 -17.53
C GLN H 121 8.27 -22.11 -17.55
N GLN H 122 6.99 -21.85 -17.24
CA GLN H 122 5.97 -22.89 -17.06
C GLN H 122 4.87 -22.70 -18.09
N PRO H 123 4.88 -23.47 -19.19
CA PRO H 123 3.85 -23.31 -20.21
C PRO H 123 2.42 -23.45 -19.69
N ARG H 124 2.20 -24.32 -18.71
CA ARG H 124 0.86 -24.53 -18.17
C ARG H 124 0.29 -23.28 -17.52
N LEU H 125 1.14 -22.33 -17.13
CA LEU H 125 0.69 -21.10 -16.49
C LEU H 125 -0.07 -20.19 -17.45
N PHE H 126 0.00 -20.46 -18.76
CA PHE H 126 -0.61 -19.58 -19.75
C PHE H 126 -2.12 -19.48 -19.56
N VAL H 127 -2.78 -20.61 -19.32
CA VAL H 127 -4.23 -20.60 -19.11
C VAL H 127 -4.59 -19.79 -17.87
N GLY H 128 -3.83 -19.96 -16.79
CA GLY H 128 -4.06 -19.15 -15.60
C GLY H 128 -3.88 -17.67 -15.86
N MET H 129 -2.81 -17.31 -16.58
CA MET H 129 -2.59 -15.93 -16.96
C MET H 129 -3.79 -15.37 -17.72
N ILE H 130 -4.28 -16.11 -18.71
CA ILE H 130 -5.42 -15.65 -19.50
C ILE H 130 -6.64 -15.46 -18.62
N LEU H 131 -6.90 -16.42 -17.73
CA LEU H 131 -8.09 -16.31 -16.89
C LEU H 131 -8.00 -15.08 -15.98
N ILE H 132 -6.83 -14.84 -15.41
CA ILE H 132 -6.68 -13.67 -14.53
C ILE H 132 -6.78 -12.38 -15.34
N LEU H 133 -6.19 -12.36 -16.53
CA LEU H 133 -6.27 -11.17 -17.38
C LEU H 133 -7.70 -10.87 -17.79
N ILE H 134 -8.50 -11.91 -18.05
CA ILE H 134 -9.90 -11.69 -18.34
C ILE H 134 -10.62 -11.12 -17.12
N PHE H 135 -10.30 -11.65 -15.94
CA PHE H 135 -10.89 -11.07 -14.72
C PHE H 135 -10.47 -9.63 -14.51
N ALA H 136 -9.29 -9.26 -15.00
CA ALA H 136 -8.86 -7.86 -14.93
C ALA H 136 -9.52 -7.00 -16.00
N GLU H 137 -9.80 -7.58 -17.16
CA GLU H 137 -10.38 -6.85 -18.29
C GLU H 137 -11.86 -6.61 -18.09
N VAL H 138 -12.55 -7.52 -17.41
CA VAL H 138 -13.98 -7.30 -17.16
C VAL H 138 -14.20 -6.08 -16.29
N LEU H 139 -13.17 -5.63 -15.55
CA LEU H 139 -13.30 -4.38 -14.82
C LEU H 139 -13.50 -3.20 -15.77
N GLY H 140 -12.71 -3.15 -16.83
CA GLY H 140 -12.92 -2.14 -17.85
C GLY H 140 -14.22 -2.36 -18.60
N LEU H 141 -14.61 -3.62 -18.79
CA LEU H 141 -15.90 -3.91 -19.41
C LEU H 141 -17.05 -3.36 -18.57
N TYR H 142 -16.98 -3.52 -17.24
CA TYR H 142 -17.98 -2.94 -16.35
C TYR H 142 -18.00 -1.42 -16.44
N GLY H 143 -16.81 -0.81 -16.45
CA GLY H 143 -16.75 0.63 -16.63
C GLY H 143 -17.40 1.07 -17.93
N LEU H 144 -17.17 0.31 -19.00
CA LEU H 144 -17.81 0.59 -20.28
C LEU H 144 -19.32 0.47 -20.18
N ILE H 145 -19.81 -0.57 -19.51
CA ILE H 145 -21.24 -0.78 -19.38
C ILE H 145 -21.89 0.40 -18.66
N VAL H 146 -21.28 0.82 -17.55
CA VAL H 146 -21.79 1.97 -16.81
C VAL H 146 -21.79 3.23 -17.67
N ALA H 147 -20.67 3.46 -18.38
CA ALA H 147 -20.59 4.64 -19.24
C ALA H 147 -21.64 4.61 -20.34
N LEU H 148 -21.88 3.44 -20.92
CA LEU H 148 -22.89 3.32 -21.98
C LEU H 148 -24.29 3.57 -21.45
N LEU H 149 -24.62 3.00 -20.29
CA LEU H 149 -25.92 3.24 -19.69
C LEU H 149 -26.12 4.73 -19.40
N LEU H 150 -25.12 5.36 -18.77
CA LEU H 150 -25.19 6.79 -18.50
C LEU H 150 -25.42 7.57 -19.79
N ASN H 151 -24.58 7.34 -20.81
CA ASN H 151 -24.70 8.11 -22.04
C ASN H 151 -26.02 7.86 -22.74
N SER H 152 -26.59 6.66 -22.59
CA SER H 152 -27.93 6.41 -23.10
C SER H 152 -28.96 7.27 -22.37
N ARG H 153 -28.78 7.47 -21.07
CA ARG H 153 -29.68 8.32 -20.31
C ARG H 153 -29.30 9.79 -20.33
N ALA H 154 -28.25 10.17 -21.07
CA ALA H 154 -27.79 11.56 -21.04
C ALA H 154 -28.82 12.51 -21.63
N THR H 155 -29.60 12.07 -22.62
CA THR H 155 -30.53 12.96 -23.30
C THR H 155 -31.99 12.49 -23.24
N GLN H 156 -32.28 11.45 -22.48
CA GLN H 156 -33.65 10.97 -22.36
C GLN H 156 -34.43 11.85 -21.40
N ASP H 157 -35.61 12.29 -21.84
CA ASP H 157 -36.50 13.14 -21.03
C ASP H 157 -35.81 14.44 -20.60
N VAL H 158 -34.96 14.99 -21.46
CA VAL H 158 -34.20 16.18 -21.15
C VAL H 158 -34.83 17.36 -21.87
N VAL H 159 -35.04 18.46 -21.15
CA VAL H 159 -35.64 19.67 -21.71
C VAL H 159 -34.66 20.82 -21.57
N CYS H 160 -34.85 21.83 -22.41
CA CYS H 160 -34.01 23.02 -22.39
C CYS H 160 -34.79 24.23 -21.90
N THR I 2 -22.00 39.10 -25.10
CA THR I 2 -22.85 37.97 -25.44
C THR I 2 -22.69 36.84 -24.43
N GLU I 3 -23.81 36.32 -23.92
CA GLU I 3 -23.76 35.26 -22.92
C GLU I 3 -23.14 33.99 -23.50
N LEU I 4 -23.51 33.63 -24.72
CA LEU I 4 -22.98 32.41 -25.34
C LEU I 4 -21.56 32.56 -25.83
N CYS I 5 -21.08 33.78 -26.02
CA CYS I 5 -19.73 34.03 -26.54
C CYS I 5 -19.01 35.03 -25.65
N PRO I 6 -18.70 34.63 -24.41
CA PRO I 6 -18.05 35.56 -23.48
C PRO I 6 -16.62 35.86 -23.90
N VAL I 7 -16.10 36.96 -23.36
CA VAL I 7 -14.76 37.41 -23.72
C VAL I 7 -13.69 36.41 -23.32
N TYR I 8 -13.94 35.63 -22.26
CA TYR I 8 -12.97 34.64 -21.81
C TYR I 8 -13.11 33.30 -22.53
N ALA I 9 -14.04 33.19 -23.47
CA ALA I 9 -14.19 31.95 -24.24
C ALA I 9 -12.91 31.51 -24.96
N PRO I 10 -12.14 32.39 -25.62
CA PRO I 10 -10.94 31.91 -26.33
C PRO I 10 -9.84 31.42 -25.41
N PHE I 11 -9.92 31.66 -24.10
CA PHE I 11 -8.90 31.12 -23.19
C PHE I 11 -8.83 29.60 -23.28
N PHE I 12 -9.99 28.94 -23.20
CA PHE I 12 -10.01 27.49 -23.29
C PHE I 12 -9.52 27.00 -24.64
N GLY I 13 -9.84 27.71 -25.72
CA GLY I 13 -9.34 27.32 -27.03
C GLY I 13 -7.83 27.46 -27.13
N ALA I 14 -7.30 28.56 -26.62
CA ALA I 14 -5.86 28.80 -26.68
C ALA I 14 -5.10 27.78 -25.86
N ILE I 15 -5.56 27.49 -24.63
CA ILE I 15 -4.88 26.50 -23.82
C ILE I 15 -5.15 25.08 -24.30
N GLY I 16 -6.22 24.84 -25.06
CA GLY I 16 -6.36 23.58 -25.75
C GLY I 16 -5.38 23.42 -26.88
N CYS I 17 -5.19 24.49 -27.67
CA CYS I 17 -4.16 24.49 -28.70
C CYS I 17 -2.78 24.30 -28.08
N ALA I 18 -2.53 24.93 -26.94
CA ALA I 18 -1.28 24.72 -26.23
C ALA I 18 -1.13 23.26 -25.82
N SER I 19 -2.10 22.74 -25.06
CA SER I 19 -2.01 21.39 -24.53
C SER I 19 -1.84 20.35 -25.63
N ALA I 20 -2.56 20.51 -26.74
CA ALA I 20 -2.51 19.53 -27.83
C ALA I 20 -1.07 19.27 -28.28
N ILE I 21 -0.26 20.31 -28.37
CA ILE I 21 1.15 20.13 -28.70
C ILE I 21 1.99 19.84 -27.47
N ILE I 22 1.74 20.54 -26.35
CA ILE I 22 2.59 20.40 -25.17
C ILE I 22 2.63 18.97 -24.67
N PHE I 23 1.47 18.33 -24.53
CA PHE I 23 1.44 17.01 -23.93
C PHE I 23 1.83 15.92 -24.91
N THR I 24 1.44 16.05 -26.19
CA THR I 24 1.91 15.11 -27.19
C THR I 24 3.43 15.18 -27.36
N SER I 25 3.98 16.40 -27.35
CA SER I 25 5.42 16.55 -27.42
C SER I 25 6.11 16.06 -26.16
N LEU I 26 5.45 16.17 -25.00
CA LEU I 26 6.02 15.61 -23.77
C LEU I 26 6.04 14.09 -23.83
N GLY I 27 4.94 13.49 -24.29
CA GLY I 27 4.92 12.05 -24.48
C GLY I 27 5.93 11.58 -25.52
N ALA I 28 6.01 12.29 -26.64
CA ALA I 28 7.03 11.99 -27.64
C ALA I 28 8.44 12.19 -27.12
N ALA I 29 8.63 13.15 -26.21
CA ALA I 29 9.94 13.36 -25.60
C ALA I 29 10.31 12.18 -24.71
N TYR I 30 9.38 11.77 -23.84
CA TYR I 30 9.61 10.57 -23.04
C TYR I 30 9.88 9.36 -23.91
N GLY I 31 9.06 9.16 -24.94
CA GLY I 31 9.26 8.02 -25.82
C GLY I 31 10.61 8.05 -26.49
N THR I 32 10.98 9.20 -27.06
CA THR I 32 12.25 9.32 -27.76
C THR I 32 13.43 9.18 -26.82
N ALA I 33 13.34 9.71 -25.60
CA ALA I 33 14.46 9.61 -24.67
C ALA I 33 14.60 8.20 -24.12
N LYS I 34 13.49 7.64 -23.64
CA LYS I 34 13.50 6.32 -23.04
C LYS I 34 13.94 5.26 -24.05
N SER I 35 13.46 5.39 -25.30
CA SER I 35 13.90 4.46 -26.33
C SER I 35 15.30 4.78 -26.83
N GLY I 36 15.69 6.06 -26.85
CA GLY I 36 16.99 6.43 -27.37
C GLY I 36 18.13 5.94 -26.51
N VAL I 37 17.97 6.01 -25.19
CA VAL I 37 19.01 5.47 -24.31
C VAL I 37 19.17 3.98 -24.53
N GLY I 38 18.05 3.26 -24.70
CA GLY I 38 18.14 1.85 -25.02
C GLY I 38 18.83 1.60 -26.35
N ILE I 39 18.54 2.44 -27.34
CA ILE I 39 19.17 2.30 -28.66
C ILE I 39 20.68 2.52 -28.54
N CYS I 40 21.09 3.55 -27.79
CA CYS I 40 22.50 3.82 -27.62
C CYS I 40 23.20 2.69 -26.88
N ALA I 41 22.62 2.24 -25.76
CA ALA I 41 23.17 1.10 -25.03
C ALA I 41 23.12 -0.18 -25.85
N THR I 42 22.30 -0.22 -26.90
CA THR I 42 22.22 -1.38 -27.78
C THR I 42 23.30 -1.36 -28.85
N CYS I 43 23.43 -0.24 -29.56
CA CYS I 43 24.34 -0.13 -30.68
C CYS I 43 25.80 0.00 -30.25
N VAL I 44 26.07 0.24 -28.97
CA VAL I 44 27.44 0.19 -28.49
C VAL I 44 27.99 -1.23 -28.63
N LEU I 45 27.14 -2.23 -28.44
CA LEU I 45 27.57 -3.61 -28.63
C LEU I 45 27.45 -4.05 -30.08
N ARG I 46 26.40 -3.61 -30.77
CA ARG I 46 26.10 -4.08 -32.13
C ARG I 46 25.49 -2.93 -32.93
N PRO I 47 26.34 -2.06 -33.49
CA PRO I 47 25.82 -0.88 -34.19
C PRO I 47 25.14 -1.17 -35.51
N ASP I 48 25.31 -2.37 -36.08
CA ASP I 48 24.77 -2.64 -37.41
C ASP I 48 23.26 -2.59 -37.47
N LEU I 49 22.58 -2.70 -36.33
CA LEU I 49 21.12 -2.63 -36.27
C LEU I 49 20.61 -1.25 -35.88
N LEU I 50 21.39 -0.20 -36.12
CA LEU I 50 21.01 1.15 -35.74
C LEU I 50 19.70 1.58 -36.38
N PHE I 51 19.63 1.53 -37.72
CA PHE I 51 18.44 1.94 -38.43
C PHE I 51 17.28 0.97 -38.25
N LYS I 52 17.55 -0.25 -37.79
CA LYS I 52 16.48 -1.16 -37.42
C LYS I 52 15.92 -0.82 -36.04
N ASN I 53 16.76 -0.33 -35.13
CA ASN I 53 16.34 0.00 -33.77
C ASN I 53 15.77 1.40 -33.64
N ILE I 54 15.92 2.26 -34.65
CA ILE I 54 15.35 3.61 -34.54
C ILE I 54 13.84 3.64 -34.68
N VAL I 55 13.17 2.48 -34.80
CA VAL I 55 11.71 2.47 -35.00
C VAL I 55 10.95 3.14 -33.86
N PRO I 56 11.17 2.79 -32.58
CA PRO I 56 10.37 3.40 -31.52
C PRO I 56 10.50 4.91 -31.46
N VAL I 57 11.66 5.45 -31.83
CA VAL I 57 11.83 6.90 -31.88
C VAL I 57 10.88 7.51 -32.92
N ILE I 58 10.79 6.90 -34.10
CA ILE I 58 9.87 7.38 -35.13
C ILE I 58 8.42 7.27 -34.65
N MET I 59 8.08 6.14 -34.04
CA MET I 59 6.71 5.97 -33.55
C MET I 59 6.37 7.01 -32.48
N ALA I 60 7.34 7.39 -31.65
CA ALA I 60 7.11 8.43 -30.67
C ALA I 60 6.96 9.79 -31.34
N GLY I 61 7.78 10.07 -32.35
CA GLY I 61 7.66 11.33 -33.07
C GLY I 61 6.29 11.49 -33.74
N ILE I 62 5.73 10.37 -34.21
CA ILE I 62 4.40 10.41 -34.82
C ILE I 62 3.37 10.94 -33.83
N ILE I 63 3.54 10.65 -32.54
CA ILE I 63 2.64 11.19 -31.52
C ILE I 63 2.67 12.71 -31.50
N ALA I 64 3.87 13.28 -31.52
CA ALA I 64 3.98 14.73 -31.60
C ALA I 64 3.41 15.27 -32.89
N ILE I 65 3.48 14.48 -33.96
CA ILE I 65 2.84 14.89 -35.22
C ILE I 65 1.34 14.98 -35.06
N TYR I 66 0.74 13.99 -34.39
CA TYR I 66 -0.70 14.04 -34.10
C TYR I 66 -1.03 15.30 -33.31
N GLY I 67 -0.23 15.59 -32.29
CA GLY I 67 -0.45 16.79 -31.49
C GLY I 67 -0.34 18.05 -32.32
N LEU I 68 0.64 18.10 -33.21
CA LEU I 68 0.80 19.24 -34.11
C LEU I 68 -0.43 19.42 -34.98
N VAL I 69 -0.94 18.31 -35.54
CA VAL I 69 -2.13 18.37 -36.40
C VAL I 69 -3.31 18.98 -35.64
N VAL I 70 -3.57 18.46 -34.44
CA VAL I 70 -4.70 18.95 -33.66
C VAL I 70 -4.48 20.41 -33.26
N SER I 71 -3.26 20.75 -32.86
CA SER I 71 -2.96 22.13 -32.50
C SER I 71 -3.22 23.07 -33.66
N VAL I 72 -2.82 22.69 -34.86
CA VAL I 72 -3.04 23.52 -36.04
C VAL I 72 -4.54 23.70 -36.29
N LEU I 73 -5.29 22.61 -36.27
CA LEU I 73 -6.71 22.71 -36.56
C LEU I 73 -7.43 23.58 -35.54
N VAL I 74 -7.24 23.31 -34.25
CA VAL I 74 -7.90 24.13 -33.24
C VAL I 74 -7.40 25.56 -33.29
N CYS I 75 -6.13 25.76 -33.65
CA CYS I 75 -5.60 27.12 -33.78
C CYS I 75 -6.33 27.90 -34.86
N TYR I 76 -6.59 27.27 -35.99
CA TYR I 76 -7.39 27.94 -37.01
C TYR I 76 -8.87 27.97 -36.66
N SER I 77 -9.30 27.24 -35.64
CA SER I 77 -10.66 27.35 -35.15
C SER I 77 -10.85 28.48 -34.14
N LEU I 78 -9.78 29.13 -33.68
CA LEU I 78 -9.88 30.16 -32.66
C LEU I 78 -10.37 31.48 -33.24
N GLY I 79 -11.20 32.18 -32.47
CA GLY I 79 -11.66 33.51 -32.84
C GLY I 79 -11.89 34.34 -31.59
N GLN I 80 -11.85 35.66 -31.78
CA GLN I 80 -12.06 36.56 -30.65
C GLN I 80 -13.47 36.44 -30.09
N LYS I 81 -14.47 36.37 -30.97
CA LYS I 81 -15.86 36.30 -30.58
C LYS I 81 -16.40 34.88 -30.66
N GLN I 82 -15.54 33.89 -30.47
CA GLN I 82 -15.98 32.50 -30.53
C GLN I 82 -16.80 32.14 -29.30
N ALA I 83 -17.66 31.14 -29.48
CA ALA I 83 -18.55 30.73 -28.40
C ALA I 83 -17.76 30.11 -27.25
N LEU I 84 -18.38 30.10 -26.08
CA LEU I 84 -17.78 29.38 -24.95
C LEU I 84 -17.86 27.87 -25.17
N TYR I 85 -18.90 27.40 -25.86
CA TYR I 85 -18.99 26.00 -26.23
C TYR I 85 -17.80 25.55 -27.06
N THR I 86 -17.46 26.30 -28.11
CA THR I 86 -16.32 25.90 -28.93
C THR I 86 -15.02 26.01 -28.15
N GLY I 87 -14.95 26.92 -27.17
CA GLY I 87 -13.79 26.94 -26.29
C GLY I 87 -13.66 25.67 -25.47
N PHE I 88 -14.77 25.23 -24.85
CA PHE I 88 -14.73 24.00 -24.09
C PHE I 88 -14.38 22.81 -24.96
N ILE I 89 -14.91 22.76 -26.18
CA ILE I 89 -14.69 21.57 -27.00
C ILE I 89 -13.30 21.58 -27.61
N GLN I 90 -12.72 22.76 -27.90
CA GLN I 90 -11.32 22.81 -28.31
C GLN I 90 -10.41 22.42 -27.16
N LEU I 91 -10.75 22.82 -25.94
CA LEU I 91 -10.03 22.33 -24.76
C LEU I 91 -10.13 20.82 -24.64
N GLY I 92 -11.32 20.28 -24.88
CA GLY I 92 -11.50 18.84 -24.81
C GLY I 92 -10.68 18.09 -25.85
N ALA I 93 -10.67 18.60 -27.09
CA ALA I 93 -9.85 17.99 -28.14
C ALA I 93 -8.37 18.09 -27.80
N GLY I 94 -7.92 19.26 -27.31
CA GLY I 94 -6.53 19.42 -26.96
C GLY I 94 -6.11 18.47 -25.85
N LEU I 95 -6.91 18.38 -24.79
CA LEU I 95 -6.60 17.47 -23.70
C LEU I 95 -6.66 16.01 -24.16
N SER I 96 -7.66 15.66 -24.95
CA SER I 96 -7.77 14.31 -25.49
C SER I 96 -6.49 13.91 -26.20
N VAL I 97 -6.13 14.65 -27.26
CA VAL I 97 -4.96 14.27 -28.04
C VAL I 97 -3.70 14.39 -27.20
N GLY I 98 -3.57 15.43 -26.39
CA GLY I 98 -2.35 15.63 -25.62
C GLY I 98 -2.09 14.52 -24.63
N LEU I 99 -3.08 14.19 -23.80
CA LEU I 99 -2.85 13.19 -22.77
C LEU I 99 -2.92 11.78 -23.32
N SER I 100 -3.71 11.53 -24.36
CA SER I 100 -3.63 10.23 -25.02
C SER I 100 -2.26 10.02 -25.64
N GLY I 101 -1.70 11.05 -26.27
CA GLY I 101 -0.35 10.96 -26.79
C GLY I 101 0.71 10.89 -25.71
N LEU I 102 0.45 11.51 -24.56
CA LEU I 102 1.36 11.36 -23.43
C LEU I 102 1.42 9.92 -22.97
N ALA I 103 0.25 9.28 -22.83
CA ALA I 103 0.20 7.86 -22.49
C ALA I 103 0.87 7.02 -23.56
N ALA I 104 0.59 7.33 -24.84
CA ALA I 104 1.19 6.57 -25.93
C ALA I 104 2.71 6.70 -25.92
N GLY I 105 3.22 7.91 -25.71
CA GLY I 105 4.66 8.09 -25.66
C GLY I 105 5.31 7.43 -24.47
N PHE I 106 4.64 7.46 -23.32
CA PHE I 106 5.09 6.71 -22.15
C PHE I 106 5.24 5.23 -22.48
N ALA I 107 4.17 4.64 -23.03
CA ALA I 107 4.20 3.22 -23.37
C ALA I 107 5.28 2.93 -24.42
N ILE I 108 5.33 3.73 -25.48
CA ILE I 108 6.29 3.50 -26.55
C ILE I 108 7.70 3.61 -26.04
N GLY I 109 7.99 4.62 -25.21
CA GLY I 109 9.33 4.75 -24.67
C GLY I 109 9.73 3.53 -23.86
N ILE I 110 8.86 3.09 -22.95
CA ILE I 110 9.23 1.98 -22.09
C ILE I 110 9.42 0.70 -22.92
N VAL I 111 8.43 0.37 -23.77
CA VAL I 111 8.51 -0.90 -24.47
C VAL I 111 9.58 -0.87 -25.53
N GLY I 112 9.86 0.28 -26.16
CA GLY I 112 10.95 0.36 -27.10
C GLY I 112 12.31 0.26 -26.41
N ASP I 113 12.43 0.84 -25.22
CA ASP I 113 13.65 0.68 -24.43
C ASP I 113 13.93 -0.79 -24.18
N ALA I 114 12.90 -1.56 -23.82
CA ALA I 114 13.11 -3.00 -23.68
C ALA I 114 13.35 -3.67 -25.03
N GLY I 115 12.62 -3.24 -26.05
CA GLY I 115 12.56 -3.98 -27.29
C GLY I 115 13.79 -3.86 -28.15
N VAL I 116 14.44 -2.70 -28.14
CA VAL I 116 15.67 -2.56 -28.93
C VAL I 116 16.73 -3.51 -28.38
N ARG I 117 16.86 -3.58 -27.05
CA ARG I 117 17.78 -4.53 -26.42
C ARG I 117 17.41 -5.96 -26.80
N GLY I 118 16.13 -6.32 -26.64
CA GLY I 118 15.71 -7.68 -26.96
C GLY I 118 15.94 -8.04 -28.41
N SER I 119 15.61 -7.13 -29.33
CA SER I 119 15.79 -7.38 -30.76
C SER I 119 17.25 -7.56 -31.10
N SER I 120 18.13 -6.75 -30.50
CA SER I 120 19.55 -6.95 -30.73
C SER I 120 20.01 -8.31 -30.21
N GLN I 121 19.49 -8.72 -29.05
CA GLN I 121 19.86 -10.04 -28.54
C GLN I 121 19.11 -11.17 -29.25
N GLN I 122 17.94 -10.89 -29.78
CA GLN I 122 17.14 -11.90 -30.50
C GLN I 122 16.39 -11.21 -31.63
N PRO I 123 16.85 -11.40 -32.88
CA PRO I 123 16.22 -10.66 -34.00
C PRO I 123 14.75 -10.96 -34.18
N ARG I 124 14.28 -12.15 -33.83
CA ARG I 124 12.87 -12.47 -33.97
C ARG I 124 11.98 -11.59 -33.10
N LEU I 125 12.53 -11.03 -32.02
CA LEU I 125 11.77 -10.16 -31.15
C LEU I 125 11.52 -8.79 -31.78
N PHE I 126 12.17 -8.49 -32.91
CA PHE I 126 11.96 -7.21 -33.58
C PHE I 126 10.49 -7.03 -33.96
N VAL I 127 9.89 -8.04 -34.58
CA VAL I 127 8.50 -7.93 -35.00
C VAL I 127 7.58 -7.83 -33.78
N GLY I 128 7.91 -8.53 -32.70
CA GLY I 128 7.11 -8.40 -31.48
C GLY I 128 7.16 -7.00 -30.91
N MET I 129 8.36 -6.43 -30.84
CA MET I 129 8.52 -5.05 -30.39
C MET I 129 7.73 -4.10 -31.28
N ILE I 130 7.79 -4.31 -32.61
CA ILE I 130 7.00 -3.50 -33.53
C ILE I 130 5.52 -3.59 -33.19
N LEU I 131 5.04 -4.81 -32.92
CA LEU I 131 3.65 -5.03 -32.58
C LEU I 131 3.24 -4.27 -31.32
N ILE I 132 4.03 -4.40 -30.26
CA ILE I 132 3.70 -3.71 -29.02
C ILE I 132 3.79 -2.21 -29.20
N LEU I 133 4.76 -1.74 -30.00
CA LEU I 133 4.86 -0.33 -30.33
C LEU I 133 3.62 0.14 -31.07
N ILE I 134 3.10 -0.66 -31.99
CA ILE I 134 1.88 -0.29 -32.71
C ILE I 134 0.69 -0.21 -31.75
N PHE I 135 0.58 -1.18 -30.85
CA PHE I 135 -0.51 -1.14 -29.86
C PHE I 135 -0.38 0.05 -28.93
N ALA I 136 0.84 0.50 -28.66
CA ALA I 136 1.00 1.72 -27.87
C ALA I 136 0.68 2.96 -28.71
N GLU I 137 1.08 2.95 -29.98
CA GLU I 137 0.91 4.12 -30.85
C GLU I 137 -0.55 4.36 -31.17
N VAL I 138 -1.33 3.28 -31.30
CA VAL I 138 -2.75 3.45 -31.58
C VAL I 138 -3.47 4.12 -30.42
N LEU I 139 -2.88 4.14 -29.22
CA LEU I 139 -3.46 4.94 -28.15
C LEU I 139 -3.46 6.43 -28.51
N GLY I 140 -2.32 6.91 -29.00
CA GLY I 140 -2.26 8.27 -29.51
C GLY I 140 -3.12 8.47 -30.73
N LEU I 141 -3.21 7.44 -31.58
CA LEU I 141 -4.09 7.53 -32.74
C LEU I 141 -5.55 7.69 -32.32
N TYR I 142 -5.98 6.95 -31.30
CA TYR I 142 -7.34 7.09 -30.78
C TYR I 142 -7.54 8.48 -30.21
N GLY I 143 -6.55 8.99 -29.46
CA GLY I 143 -6.64 10.36 -28.98
C GLY I 143 -6.78 11.36 -30.12
N LEU I 144 -6.06 11.13 -31.21
CA LEU I 144 -6.19 11.96 -32.40
C LEU I 144 -7.59 11.89 -32.99
N ILE I 145 -8.14 10.68 -33.06
CA ILE I 145 -9.48 10.51 -33.62
C ILE I 145 -10.51 11.28 -32.79
N VAL I 146 -10.42 11.14 -31.47
CA VAL I 146 -11.34 11.86 -30.59
C VAL I 146 -11.18 13.36 -30.74
N ALA I 147 -9.93 13.83 -30.79
CA ALA I 147 -9.69 15.26 -30.95
C ALA I 147 -10.21 15.78 -32.29
N LEU I 148 -10.06 14.99 -33.36
CA LEU I 148 -10.56 15.41 -34.67
C LEU I 148 -12.08 15.46 -34.69
N LEU I 149 -12.72 14.49 -34.06
CA LEU I 149 -14.18 14.50 -33.99
C LEU I 149 -14.68 15.69 -33.19
N LEU I 150 -14.03 15.97 -32.05
CA LEU I 150 -14.40 17.14 -31.25
C LEU I 150 -14.18 18.43 -32.04
N ASN I 151 -13.05 18.55 -32.74
CA ASN I 151 -12.77 19.77 -33.49
C ASN I 151 -13.77 19.97 -34.62
N SER I 152 -14.14 18.89 -35.31
CA SER I 152 -15.17 19.00 -36.34
C SER I 152 -16.49 19.46 -35.75
N ARG I 153 -16.81 18.96 -34.55
CA ARG I 153 -18.03 19.35 -33.85
C ARG I 153 -17.94 20.77 -33.29
N ALA I 154 -16.74 21.35 -33.26
CA ALA I 154 -16.52 22.56 -32.46
C ALA I 154 -17.38 23.73 -32.92
N THR I 155 -17.51 23.94 -34.22
CA THR I 155 -18.15 25.14 -34.74
C THR I 155 -19.27 24.79 -35.72
N GLN I 156 -19.93 23.66 -35.48
CA GLN I 156 -21.08 23.25 -36.27
C GLN I 156 -22.34 23.46 -35.46
N ASP I 157 -23.33 24.13 -36.05
CA ASP I 157 -24.61 24.43 -35.41
C ASP I 157 -24.41 25.31 -34.17
N VAL I 158 -23.39 26.16 -34.20
CA VAL I 158 -23.03 27.00 -33.07
C VAL I 158 -23.51 28.42 -33.33
N VAL I 159 -24.22 29.00 -32.37
CA VAL I 159 -24.69 30.37 -32.49
C VAL I 159 -23.70 31.32 -31.82
N THR J 2 -13.00 48.66 -21.70
CA THR J 2 -13.62 47.91 -22.78
C THR J 2 -13.75 46.43 -22.39
N GLU J 3 -14.91 45.84 -22.70
CA GLU J 3 -15.15 44.45 -22.33
C GLU J 3 -14.21 43.50 -23.07
N LEU J 4 -14.02 43.72 -24.38
CA LEU J 4 -13.14 42.87 -25.16
C LEU J 4 -11.67 43.17 -24.94
N CYS J 5 -11.34 44.34 -24.38
CA CYS J 5 -9.96 44.73 -24.15
C CYS J 5 -9.79 45.18 -22.70
N PRO J 6 -9.92 44.26 -21.75
CA PRO J 6 -9.82 44.63 -20.33
C PRO J 6 -8.40 45.04 -19.96
N VAL J 7 -8.30 45.74 -18.83
CA VAL J 7 -7.00 46.23 -18.38
C VAL J 7 -6.05 45.08 -18.07
N TYR J 8 -6.57 43.95 -17.59
CA TYR J 8 -5.74 42.80 -17.26
C TYR J 8 -5.40 41.94 -18.47
N ALA J 9 -5.86 42.31 -19.67
CA ALA J 9 -5.54 41.54 -20.87
C ALA J 9 -4.05 41.40 -21.12
N PRO J 10 -3.20 42.44 -21.00
CA PRO J 10 -1.77 42.23 -21.26
C PRO J 10 -1.08 41.33 -20.26
N PHE J 11 -1.72 40.99 -19.14
CA PHE J 11 -1.13 40.06 -18.19
C PHE J 11 -0.83 38.72 -18.86
N PHE J 12 -1.83 38.15 -19.54
CA PHE J 12 -1.62 36.89 -20.23
C PHE J 12 -0.57 37.00 -21.32
N GLY J 13 -0.51 38.15 -22.01
CA GLY J 13 0.52 38.32 -23.02
C GLY J 13 1.91 38.37 -22.44
N ALA J 14 2.08 39.07 -21.32
CA ALA J 14 3.38 39.12 -20.66
C ALA J 14 3.77 37.76 -20.11
N ILE J 15 2.80 37.02 -19.54
CA ILE J 15 3.12 35.68 -19.05
C ILE J 15 3.48 34.75 -20.20
N GLY J 16 2.84 34.91 -21.36
CA GLY J 16 3.23 34.12 -22.52
C GLY J 16 4.62 34.47 -23.00
N CYS J 17 4.92 35.77 -23.08
CA CYS J 17 6.25 36.22 -23.47
C CYS J 17 7.31 35.68 -22.52
N ALA J 18 7.02 35.72 -21.22
CA ALA J 18 7.98 35.23 -20.23
C ALA J 18 8.15 33.72 -20.35
N SER J 19 7.04 32.98 -20.37
CA SER J 19 7.13 31.52 -20.39
C SER J 19 7.82 31.01 -21.64
N ALA J 20 7.63 31.69 -22.78
CA ALA J 20 8.25 31.26 -24.02
C ALA J 20 9.76 31.16 -23.89
N ILE J 21 10.37 32.08 -23.16
CA ILE J 21 11.81 31.99 -22.94
C ILE J 21 12.15 31.18 -21.68
N ILE J 22 11.34 31.28 -20.62
CA ILE J 22 11.63 30.61 -19.37
C ILE J 22 11.64 29.10 -19.53
N PHE J 23 10.51 28.52 -19.92
CA PHE J 23 10.43 27.06 -19.99
C PHE J 23 11.40 26.51 -21.04
N THR J 24 11.52 27.22 -22.15
CA THR J 24 12.49 26.85 -23.17
C THR J 24 13.90 26.86 -22.61
N SER J 25 14.22 27.85 -21.77
CA SER J 25 15.55 27.92 -21.17
C SER J 25 15.77 26.82 -20.16
N LEU J 26 14.75 26.43 -19.41
CA LEU J 26 14.89 25.25 -18.54
C LEU J 26 15.13 23.99 -19.34
N GLY J 27 14.40 23.81 -20.44
CA GLY J 27 14.64 22.68 -21.30
C GLY J 27 16.05 22.66 -21.85
N ALA J 28 16.50 23.79 -22.40
CA ALA J 28 17.85 23.90 -22.93
C ALA J 28 18.90 23.73 -21.85
N ALA J 29 18.63 24.22 -20.64
CA ALA J 29 19.55 24.06 -19.54
C ALA J 29 19.70 22.60 -19.14
N TYR J 30 18.58 21.88 -19.06
CA TYR J 30 18.63 20.46 -18.77
C TYR J 30 19.40 19.70 -19.84
N GLY J 31 19.10 20.00 -21.11
CA GLY J 31 19.81 19.35 -22.19
C GLY J 31 21.30 19.62 -22.16
N THR J 32 21.68 20.89 -22.01
CA THR J 32 23.08 21.26 -21.95
C THR J 32 23.77 20.64 -20.75
N ALA J 33 23.11 20.62 -19.59
CA ALA J 33 23.67 20.04 -18.38
C ALA J 33 23.97 18.55 -18.56
N LYS J 34 22.93 17.76 -18.83
CA LYS J 34 23.12 16.32 -18.93
C LYS J 34 24.08 15.96 -20.07
N SER J 35 23.91 16.60 -21.23
CA SER J 35 24.79 16.33 -22.35
C SER J 35 26.23 16.70 -22.03
N GLY J 36 26.45 17.82 -21.34
CA GLY J 36 27.81 18.18 -20.94
C GLY J 36 28.42 17.18 -20.00
N VAL J 37 27.62 16.65 -19.07
CA VAL J 37 28.12 15.57 -18.21
C VAL J 37 28.52 14.37 -19.04
N GLY J 38 27.69 14.00 -20.01
CA GLY J 38 28.04 12.89 -20.90
C GLY J 38 29.30 13.17 -21.69
N ILE J 39 29.53 14.43 -22.06
CA ILE J 39 30.75 14.80 -22.77
C ILE J 39 31.97 14.67 -21.87
N CYS J 40 31.87 15.18 -20.65
CA CYS J 40 33.00 15.11 -19.71
C CYS J 40 33.33 13.66 -19.38
N ALA J 41 32.30 12.83 -19.19
CA ALA J 41 32.53 11.46 -18.75
C ALA J 41 33.30 10.62 -19.76
N THR J 42 33.39 11.07 -21.01
CA THR J 42 34.04 10.30 -22.07
C THR J 42 35.25 11.02 -22.65
N CYS J 43 35.14 12.31 -22.92
CA CYS J 43 36.24 13.06 -23.54
C CYS J 43 37.45 13.20 -22.63
N VAL J 44 37.32 12.89 -21.34
CA VAL J 44 38.49 12.78 -20.48
C VAL J 44 39.38 11.66 -20.98
N LEU J 45 38.79 10.57 -21.48
CA LEU J 45 39.56 9.49 -22.07
C LEU J 45 40.23 9.93 -23.36
N ARG J 46 39.52 10.71 -24.18
CA ARG J 46 40.07 11.21 -25.44
C ARG J 46 39.45 12.56 -25.79
N PRO J 47 40.21 13.64 -25.71
CA PRO J 47 39.64 14.98 -25.95
C PRO J 47 39.14 15.19 -27.37
N ASP J 48 39.63 14.41 -28.35
CA ASP J 48 39.20 14.58 -29.73
C ASP J 48 37.72 14.29 -29.92
N LEU J 49 37.10 13.53 -29.02
CA LEU J 49 35.68 13.23 -29.13
C LEU J 49 34.80 14.43 -28.79
N LEU J 50 35.37 15.48 -28.18
CA LEU J 50 34.57 16.62 -27.76
C LEU J 50 33.89 17.31 -28.93
N PHE J 51 34.60 17.46 -30.05
CA PHE J 51 34.05 18.18 -31.19
C PHE J 51 32.80 17.51 -31.75
N LYS J 52 32.69 16.20 -31.58
CA LYS J 52 31.48 15.49 -31.97
C LYS J 52 30.48 15.39 -30.82
N ASN J 53 30.96 15.43 -29.59
CA ASN J 53 30.11 15.26 -28.42
C ASN J 53 29.27 16.50 -28.11
N ILE J 54 29.64 17.66 -28.66
CA ILE J 54 28.97 18.91 -28.30
C ILE J 54 27.65 19.10 -29.02
N VAL J 55 27.29 18.19 -29.94
CA VAL J 55 26.07 18.36 -30.73
C VAL J 55 24.82 18.51 -29.87
N PRO J 56 24.57 17.67 -28.86
CA PRO J 56 23.37 17.86 -28.02
C PRO J 56 23.30 19.23 -27.36
N VAL J 57 24.45 19.78 -26.96
CA VAL J 57 24.48 21.12 -26.40
C VAL J 57 23.99 22.13 -27.43
N ILE J 58 24.42 21.97 -28.68
CA ILE J 58 24.01 22.86 -29.75
C ILE J 58 22.51 22.74 -30.02
N MET J 59 21.98 21.51 -29.99
CA MET J 59 20.55 21.34 -30.23
C MET J 59 19.71 21.94 -29.12
N ALA J 60 20.16 21.81 -27.86
CA ALA J 60 19.46 22.47 -26.77
C ALA J 60 19.52 23.98 -26.94
N GLY J 61 20.67 24.52 -27.34
CA GLY J 61 20.74 25.95 -27.63
C GLY J 61 19.79 26.38 -28.73
N ILE J 62 19.63 25.53 -29.75
CA ILE J 62 18.68 25.83 -30.82
C ILE J 62 17.25 25.86 -30.30
N ILE J 63 16.92 24.96 -29.38
CA ILE J 63 15.61 25.03 -28.72
C ILE J 63 15.45 26.38 -28.04
N ALA J 64 16.47 26.79 -27.28
CA ALA J 64 16.42 28.08 -26.61
C ALA J 64 16.25 29.22 -27.61
N ILE J 65 16.80 29.06 -28.82
CA ILE J 65 16.61 30.08 -29.85
C ILE J 65 15.17 30.11 -30.33
N TYR J 66 14.53 28.94 -30.45
CA TYR J 66 13.09 28.91 -30.71
C TYR J 66 12.33 29.71 -29.65
N GLY J 67 12.65 29.44 -28.38
CA GLY J 67 11.99 30.15 -27.30
C GLY J 67 12.21 31.66 -27.38
N LEU J 68 13.45 32.06 -27.68
CA LEU J 68 13.76 33.49 -27.83
C LEU J 68 12.96 34.12 -28.96
N VAL J 69 12.86 33.43 -30.09
CA VAL J 69 12.12 33.97 -31.23
C VAL J 69 10.66 34.20 -30.85
N VAL J 70 10.04 33.19 -30.22
CA VAL J 70 8.65 33.35 -29.84
C VAL J 70 8.50 34.46 -28.81
N SER J 71 9.46 34.57 -27.88
CA SER J 71 9.38 35.61 -26.87
C SER J 71 9.44 37.00 -27.48
N VAL J 72 10.35 37.23 -28.44
CA VAL J 72 10.44 38.56 -29.04
C VAL J 72 9.21 38.85 -29.89
N LEU J 73 8.66 37.84 -30.57
CA LEU J 73 7.44 38.06 -31.34
C LEU J 73 6.27 38.45 -30.44
N VAL J 74 6.11 37.73 -29.31
CA VAL J 74 5.05 38.07 -28.38
C VAL J 74 5.28 39.44 -27.76
N CYS J 75 6.55 39.78 -27.50
CA CYS J 75 6.87 41.08 -26.93
C CYS J 75 6.44 42.21 -27.87
N TYR J 76 6.80 42.11 -29.15
CA TYR J 76 6.38 43.14 -30.10
C TYR J 76 4.91 43.06 -30.46
N SER J 77 4.24 41.94 -30.15
CA SER J 77 2.79 41.88 -30.33
C SER J 77 2.02 42.49 -29.16
N LEU J 78 2.68 42.73 -28.03
CA LEU J 78 2.02 43.19 -26.83
C LEU J 78 1.58 44.65 -26.94
N GLY J 79 0.60 45.00 -26.12
CA GLY J 79 0.11 46.37 -26.08
C GLY J 79 -0.79 46.57 -24.89
N GLN J 80 -0.90 47.83 -24.47
CA GLN J 80 -1.71 48.17 -23.29
C GLN J 80 -3.18 47.88 -23.53
N LYS J 81 -3.69 48.26 -24.70
CA LYS J 81 -5.11 48.10 -25.01
C LYS J 81 -5.37 46.87 -25.87
N GLN J 82 -4.49 45.88 -25.81
CA GLN J 82 -4.66 44.67 -26.61
C GLN J 82 -5.87 43.89 -26.13
N ALA J 83 -6.50 43.18 -27.06
CA ALA J 83 -7.70 42.42 -26.74
C ALA J 83 -7.37 41.27 -25.79
N LEU J 84 -8.37 40.85 -25.03
CA LEU J 84 -8.19 39.70 -24.15
C LEU J 84 -7.94 38.43 -24.96
N TYR J 85 -8.56 38.34 -26.14
CA TYR J 85 -8.24 37.25 -27.06
C TYR J 85 -6.76 37.26 -27.43
N THR J 86 -6.21 38.45 -27.68
CA THR J 86 -4.78 38.55 -27.97
C THR J 86 -3.96 38.05 -26.78
N GLY J 87 -4.38 38.38 -25.57
CA GLY J 87 -3.68 37.89 -24.39
C GLY J 87 -3.72 36.38 -24.29
N PHE J 88 -4.89 35.79 -24.48
CA PHE J 88 -4.99 34.33 -24.45
C PHE J 88 -4.16 33.68 -25.55
N ILE J 89 -4.15 34.27 -26.74
CA ILE J 89 -3.39 33.70 -27.85
C ILE J 89 -1.90 33.77 -27.57
N GLN J 90 -1.43 34.91 -27.06
CA GLN J 90 -0.02 35.05 -26.73
C GLN J 90 0.38 34.10 -25.61
N LEU J 91 -0.47 33.95 -24.61
CA LEU J 91 -0.21 32.96 -23.56
C LEU J 91 -0.15 31.55 -24.12
N GLY J 92 -1.06 31.22 -25.03
CA GLY J 92 -1.05 29.91 -25.63
C GLY J 92 0.21 29.64 -26.44
N ALA J 93 0.65 30.63 -27.22
CA ALA J 93 1.87 30.47 -27.99
C ALA J 93 3.09 30.34 -27.08
N GLY J 94 3.15 31.17 -26.03
CA GLY J 94 4.24 31.08 -25.09
C GLY J 94 4.31 29.73 -24.40
N LEU J 95 3.16 29.26 -23.89
CA LEU J 95 3.13 27.96 -23.24
C LEU J 95 3.46 26.83 -24.21
N SER J 96 2.91 26.89 -25.43
CA SER J 96 3.21 25.90 -26.45
C SER J 96 4.72 25.78 -26.64
N VAL J 97 5.36 26.87 -27.04
CA VAL J 97 6.79 26.79 -27.36
C VAL J 97 7.59 26.47 -26.10
N GLY J 98 7.25 27.09 -24.96
CA GLY J 98 8.04 26.87 -23.77
C GLY J 98 8.01 25.43 -23.29
N LEU J 99 6.82 24.86 -23.17
CA LEU J 99 6.73 23.51 -22.63
C LEU J 99 7.10 22.44 -23.66
N SER J 100 6.82 22.66 -24.94
CA SER J 100 7.28 21.73 -25.96
C SER J 100 8.80 21.74 -26.06
N GLY J 101 9.41 22.93 -25.97
CA GLY J 101 10.86 23.00 -25.95
C GLY J 101 11.46 22.48 -24.67
N LEU J 102 10.73 22.58 -23.55
CA LEU J 102 11.17 21.94 -22.32
C LEU J 102 11.20 20.43 -22.47
N ALA J 103 10.14 19.85 -23.05
CA ALA J 103 10.13 18.42 -23.31
C ALA J 103 11.24 18.02 -24.27
N ALA J 104 11.42 18.81 -25.34
CA ALA J 104 12.47 18.52 -26.31
C ALA J 104 13.86 18.61 -25.67
N GLY J 105 14.08 19.61 -24.83
CA GLY J 105 15.36 19.74 -24.15
C GLY J 105 15.62 18.63 -23.16
N PHE J 106 14.58 18.18 -22.45
CA PHE J 106 14.73 17.03 -21.57
C PHE J 106 15.09 15.78 -22.36
N ALA J 107 14.38 15.55 -23.47
CA ALA J 107 14.65 14.39 -24.30
C ALA J 107 16.06 14.44 -24.87
N ILE J 108 16.48 15.61 -25.36
CA ILE J 108 17.82 15.75 -25.92
C ILE J 108 18.88 15.60 -24.84
N GLY J 109 18.63 16.13 -23.64
CA GLY J 109 19.57 15.91 -22.56
C GLY J 109 19.77 14.44 -22.27
N ILE J 110 18.67 13.69 -22.16
CA ILE J 110 18.75 12.26 -21.85
C ILE J 110 19.48 11.53 -22.98
N VAL J 111 19.02 11.72 -24.23
CA VAL J 111 19.57 10.94 -25.33
C VAL J 111 20.99 11.37 -25.65
N GLY J 112 21.32 12.66 -25.50
CA GLY J 112 22.68 13.10 -25.73
C GLY J 112 23.64 12.62 -24.67
N ASP J 113 23.20 12.62 -23.41
CA ASP J 113 24.03 12.03 -22.36
C ASP J 113 24.34 10.58 -22.69
N ALA J 114 23.30 9.78 -22.97
CA ALA J 114 23.53 8.37 -23.28
C ALA J 114 24.36 8.19 -24.54
N GLY J 115 24.06 8.96 -25.59
CA GLY J 115 24.74 8.78 -26.86
C GLY J 115 26.20 9.19 -26.83
N VAL J 116 26.51 10.30 -26.14
CA VAL J 116 27.91 10.69 -25.98
C VAL J 116 28.63 9.72 -25.07
N ARG J 117 27.98 9.25 -24.00
CA ARG J 117 28.60 8.29 -23.11
C ARG J 117 28.93 6.99 -23.82
N GLY J 118 28.10 6.58 -24.78
CA GLY J 118 28.39 5.39 -25.56
C GLY J 118 29.22 5.62 -26.79
N SER J 119 29.30 6.87 -27.25
CA SER J 119 29.90 7.17 -28.54
C SER J 119 31.41 6.98 -28.53
N SER J 120 32.06 7.24 -27.40
CA SER J 120 33.50 7.00 -27.30
C SER J 120 33.83 5.54 -27.52
N GLN J 121 32.89 4.65 -27.21
CA GLN J 121 33.11 3.22 -27.45
C GLN J 121 32.79 2.83 -28.90
N GLN J 122 31.91 3.58 -29.57
CA GLN J 122 31.51 3.28 -30.93
C GLN J 122 31.39 4.57 -31.73
N PRO J 123 32.38 4.87 -32.59
CA PRO J 123 32.23 6.03 -33.48
C PRO J 123 31.04 5.92 -34.42
N ARG J 124 30.68 4.71 -34.83
CA ARG J 124 29.52 4.52 -35.70
C ARG J 124 28.21 4.89 -35.01
N LEU J 125 28.20 4.94 -33.67
CA LEU J 125 27.00 5.31 -32.93
C LEU J 125 26.68 6.79 -33.09
N PHE J 126 27.64 7.59 -33.55
CA PHE J 126 27.48 9.03 -33.64
C PHE J 126 26.31 9.42 -34.54
N VAL J 127 26.24 8.84 -35.75
CA VAL J 127 25.19 9.21 -36.68
C VAL J 127 23.82 8.83 -36.13
N GLY J 128 23.70 7.66 -35.52
CA GLY J 128 22.43 7.27 -34.92
C GLY J 128 22.04 8.20 -33.79
N MET J 129 23.00 8.55 -32.94
CA MET J 129 22.72 9.45 -31.83
C MET J 129 22.19 10.78 -32.36
N ILE J 130 22.89 11.37 -33.33
CA ILE J 130 22.44 12.67 -33.85
C ILE J 130 21.07 12.53 -34.50
N LEU J 131 20.78 11.39 -35.12
CA LEU J 131 19.46 11.17 -35.69
C LEU J 131 18.38 11.20 -34.61
N ILE J 132 18.63 10.50 -33.49
CA ILE J 132 17.67 10.49 -32.40
C ILE J 132 17.48 11.90 -31.83
N LEU J 133 18.58 12.64 -31.67
CA LEU J 133 18.47 14.03 -31.23
C LEU J 133 17.70 14.89 -32.21
N ILE J 134 17.83 14.61 -33.51
CA ILE J 134 17.02 15.34 -34.49
C ILE J 134 15.54 15.07 -34.26
N PHE J 135 15.18 13.81 -34.03
CA PHE J 135 13.80 13.49 -33.72
C PHE J 135 13.35 14.14 -32.41
N ALA J 136 14.26 14.29 -31.46
CA ALA J 136 13.91 14.91 -30.19
C ALA J 136 13.80 16.43 -30.31
N GLU J 137 14.52 17.02 -31.26
CA GLU J 137 14.53 18.48 -31.43
C GLU J 137 13.37 18.94 -32.30
N VAL J 138 12.91 18.09 -33.22
CA VAL J 138 11.73 18.47 -34.00
C VAL J 138 10.51 18.60 -33.10
N LEU J 139 10.54 18.04 -31.88
CA LEU J 139 9.46 18.30 -30.94
C LEU J 139 9.41 19.78 -30.58
N GLY J 140 10.55 20.37 -30.25
CA GLY J 140 10.62 21.80 -30.04
C GLY J 140 10.31 22.58 -31.29
N LEU J 141 10.71 22.05 -32.45
CA LEU J 141 10.36 22.70 -33.72
C LEU J 141 8.84 22.75 -33.92
N TYR J 142 8.15 21.66 -33.60
CA TYR J 142 6.69 21.64 -33.67
C TYR J 142 6.09 22.66 -32.71
N GLY J 143 6.62 22.73 -31.50
CA GLY J 143 6.17 23.76 -30.57
C GLY J 143 6.34 25.15 -31.13
N LEU J 144 7.49 25.41 -31.74
CA LEU J 144 7.74 26.68 -32.41
C LEU J 144 6.72 26.95 -33.50
N ILE J 145 6.40 25.93 -34.30
CA ILE J 145 5.45 26.10 -35.39
C ILE J 145 4.09 26.49 -34.84
N VAL J 146 3.65 25.80 -33.79
CA VAL J 146 2.36 26.11 -33.17
C VAL J 146 2.36 27.53 -32.60
N ALA J 147 3.45 27.91 -31.94
CA ALA J 147 3.52 29.26 -31.38
C ALA J 147 3.49 30.32 -32.48
N LEU J 148 4.15 30.05 -33.62
CA LEU J 148 4.12 30.99 -34.74
C LEU J 148 2.73 31.10 -35.32
N LEU J 149 2.04 29.98 -35.48
CA LEU J 149 0.68 30.01 -36.00
C LEU J 149 -0.24 30.81 -35.08
N LEU J 150 -0.12 30.58 -33.76
CA LEU J 150 -0.91 31.34 -32.81
C LEU J 150 -0.60 32.83 -32.90
N ASN J 151 0.69 33.19 -32.97
CA ASN J 151 1.05 34.61 -33.08
C ASN J 151 0.48 35.24 -34.34
N SER J 152 0.44 34.48 -35.44
CA SER J 152 -0.25 34.97 -36.63
C SER J 152 -1.74 35.15 -36.37
N ARG J 153 -2.34 34.26 -35.58
CA ARG J 153 -3.76 34.36 -35.27
C ARG J 153 -4.07 35.54 -34.36
N ALA J 154 -3.07 36.04 -33.64
CA ALA J 154 -3.31 36.88 -32.47
C ALA J 154 -4.04 38.18 -32.80
N THR J 155 -3.83 38.74 -34.00
CA THR J 155 -4.35 40.07 -34.25
C THR J 155 -4.95 40.19 -35.66
N GLN J 156 -5.52 39.10 -36.20
CA GLN J 156 -6.08 39.17 -37.54
C GLN J 156 -7.38 39.96 -37.57
N ASP J 157 -8.41 39.47 -36.87
CA ASP J 157 -9.73 40.07 -36.91
C ASP J 157 -10.12 40.71 -35.58
N VAL J 158 -9.17 40.93 -34.68
CA VAL J 158 -9.49 41.39 -33.33
C VAL J 158 -10.08 42.80 -33.38
N VAL J 159 -10.86 43.12 -32.36
CA VAL J 159 -11.48 44.43 -32.24
C VAL J 159 -11.11 45.04 -30.89
N THR K 2 -7.90 55.72 -11.69
CA THR K 2 -8.09 55.42 -13.10
C THR K 2 -8.04 53.91 -13.30
N GLU K 3 -8.92 53.39 -14.16
CA GLU K 3 -8.97 51.95 -14.39
C GLU K 3 -7.71 51.45 -15.10
N LEU K 4 -7.19 52.24 -16.04
CA LEU K 4 -5.94 51.88 -16.69
C LEU K 4 -4.75 51.94 -15.74
N CYS K 5 -4.88 52.67 -14.62
CA CYS K 5 -3.79 52.85 -13.66
C CYS K 5 -4.28 52.50 -12.27
N PRO K 6 -4.47 51.21 -11.98
CA PRO K 6 -4.96 50.81 -10.66
C PRO K 6 -3.93 51.10 -9.58
N VAL K 7 -4.43 51.24 -8.34
CA VAL K 7 -3.56 51.48 -7.20
C VAL K 7 -2.61 50.30 -6.99
N TYR K 8 -3.05 49.08 -7.28
CA TYR K 8 -2.23 47.90 -7.09
C TYR K 8 -1.29 47.63 -8.26
N ALA K 9 -1.26 48.51 -9.26
CA ALA K 9 -0.36 48.30 -10.40
C ALA K 9 1.11 48.19 -10.02
N PRO K 10 1.68 48.99 -9.13
CA PRO K 10 3.11 48.85 -8.82
C PRO K 10 3.46 47.53 -8.14
N PHE K 11 2.48 46.76 -7.67
CA PHE K 11 2.77 45.46 -7.09
C PHE K 11 3.54 44.58 -8.06
N PHE K 12 3.01 44.42 -9.28
CA PHE K 12 3.67 43.59 -10.28
C PHE K 12 5.03 44.16 -10.66
N GLY K 13 5.16 45.49 -10.70
CA GLY K 13 6.46 46.08 -10.99
C GLY K 13 7.50 45.76 -9.93
N ALA K 14 7.14 45.93 -8.66
CA ALA K 14 8.06 45.62 -7.58
C ALA K 14 8.37 44.13 -7.54
N ILE K 15 7.38 43.27 -7.79
CA ILE K 15 7.63 41.84 -7.80
C ILE K 15 8.54 41.46 -8.96
N GLY K 16 8.41 42.13 -10.12
CA GLY K 16 9.34 41.87 -11.20
C GLY K 16 10.75 42.32 -10.87
N CYS K 17 10.88 43.53 -10.31
CA CYS K 17 12.19 44.04 -9.91
C CYS K 17 12.85 43.10 -8.90
N ALA K 18 12.09 42.63 -7.92
CA ALA K 18 12.62 41.71 -6.93
C ALA K 18 13.00 40.39 -7.59
N SER K 19 12.08 39.81 -8.37
CA SER K 19 12.26 38.46 -8.90
C SER K 19 13.45 38.39 -9.85
N ALA K 20 13.73 39.45 -10.60
CA ALA K 20 14.89 39.44 -11.47
C ALA K 20 16.15 39.10 -10.68
N ILE K 21 16.47 39.91 -9.68
CA ILE K 21 17.68 39.68 -8.91
C ILE K 21 17.56 38.43 -8.06
N ILE K 22 16.37 38.13 -7.52
CA ILE K 22 16.22 36.96 -6.67
C ILE K 22 16.52 35.68 -7.45
N PHE K 23 15.77 35.44 -8.52
CA PHE K 23 15.93 34.19 -9.25
C PHE K 23 17.30 34.11 -9.91
N THR K 24 17.81 35.21 -10.46
CA THR K 24 19.17 35.16 -11.00
C THR K 24 20.19 34.86 -9.91
N SER K 25 19.99 35.40 -8.71
CA SER K 25 20.90 35.12 -7.61
C SER K 25 20.82 33.67 -7.16
N LEU K 26 19.63 33.06 -7.20
CA LEU K 26 19.53 31.64 -6.90
C LEU K 26 20.22 30.78 -7.95
N GLY K 27 20.01 31.11 -9.23
CA GLY K 27 20.69 30.37 -10.28
C GLY K 27 22.20 30.51 -10.20
N ALA K 28 22.68 31.74 -10.06
CA ALA K 28 24.10 31.98 -9.90
C ALA K 28 24.64 31.36 -8.62
N ALA K 29 23.80 31.28 -7.57
CA ALA K 29 24.22 30.65 -6.34
C ALA K 29 24.44 29.16 -6.54
N TYR K 30 23.48 28.48 -7.17
CA TYR K 30 23.67 27.07 -7.51
C TYR K 30 24.91 26.88 -8.36
N GLY K 31 25.06 27.68 -9.42
CA GLY K 31 26.21 27.52 -10.29
C GLY K 31 27.52 27.72 -9.58
N THR K 32 27.63 28.83 -8.83
CA THR K 32 28.85 29.13 -8.10
C THR K 32 29.15 28.08 -7.05
N ALA K 33 28.13 27.63 -6.31
CA ALA K 33 28.33 26.66 -5.25
C ALA K 33 28.79 25.31 -5.81
N LYS K 34 28.06 24.79 -6.79
CA LYS K 34 28.38 23.46 -7.29
C LYS K 34 29.72 23.48 -8.04
N SER K 35 29.94 24.50 -8.86
CA SER K 35 31.23 24.60 -9.54
C SER K 35 32.37 24.85 -8.56
N GLY K 36 32.11 25.59 -7.48
CA GLY K 36 33.13 25.78 -6.45
C GLY K 36 33.49 24.49 -5.74
N VAL K 37 32.49 23.64 -5.48
CA VAL K 37 32.78 22.30 -4.98
C VAL K 37 33.67 21.56 -5.96
N GLY K 38 33.32 21.61 -7.24
CA GLY K 38 34.15 20.98 -8.26
C GLY K 38 35.57 21.51 -8.26
N ILE K 39 35.74 22.81 -8.08
CA ILE K 39 37.06 23.44 -8.08
C ILE K 39 37.84 23.07 -6.83
N CYS K 40 37.19 23.05 -5.67
CA CYS K 40 37.86 22.69 -4.44
C CYS K 40 38.27 21.22 -4.46
N ALA K 41 37.51 20.38 -5.15
CA ALA K 41 37.92 18.99 -5.32
C ALA K 41 39.06 18.87 -6.33
N THR K 42 39.02 19.66 -7.40
CA THR K 42 40.07 19.64 -8.40
C THR K 42 41.40 20.13 -7.84
N CYS K 43 41.36 21.11 -6.93
CA CYS K 43 42.60 21.66 -6.37
C CYS K 43 43.38 20.62 -5.58
N VAL K 44 42.74 19.52 -5.16
CA VAL K 44 43.49 18.40 -4.62
C VAL K 44 44.37 17.78 -5.69
N LEU K 45 43.94 17.84 -6.95
CA LEU K 45 44.69 17.28 -8.07
C LEU K 45 45.65 18.30 -8.68
N ARG K 46 45.18 19.52 -8.96
CA ARG K 46 45.97 20.52 -9.68
C ARG K 46 45.78 21.89 -9.03
N PRO K 47 46.57 22.20 -8.00
CA PRO K 47 46.47 23.52 -7.37
C PRO K 47 46.69 24.68 -8.32
N ASP K 48 47.56 24.53 -9.32
CA ASP K 48 47.90 25.62 -10.21
C ASP K 48 46.85 25.91 -11.27
N LEU K 49 45.88 25.03 -11.45
CA LEU K 49 44.87 25.17 -12.50
C LEU K 49 43.71 26.07 -12.11
N LEU K 50 43.72 26.64 -10.90
CA LEU K 50 42.55 27.35 -10.39
C LEU K 50 42.18 28.54 -11.28
N PHE K 51 43.18 29.23 -11.84
CA PHE K 51 42.89 30.39 -12.69
C PHE K 51 42.07 30.00 -13.91
N LYS K 52 42.33 28.83 -14.50
CA LYS K 52 41.51 28.34 -15.59
C LYS K 52 40.19 27.79 -15.07
N ASN K 53 40.22 27.11 -13.93
CA ASN K 53 39.04 26.45 -13.39
C ASN K 53 37.99 27.41 -12.85
N ILE K 54 38.35 28.69 -12.63
CA ILE K 54 37.42 29.64 -12.04
C ILE K 54 36.30 30.05 -13.00
N VAL K 55 36.39 29.68 -14.27
CA VAL K 55 35.49 30.19 -15.32
C VAL K 55 34.01 29.98 -15.02
N PRO K 56 33.55 28.78 -14.61
CA PRO K 56 32.11 28.62 -14.36
C PRO K 56 31.58 29.52 -13.26
N VAL K 57 32.39 29.83 -12.23
CA VAL K 57 31.96 30.76 -11.20
C VAL K 57 31.78 32.15 -11.80
N ILE K 58 32.70 32.57 -12.67
CA ILE K 58 32.57 33.84 -13.36
C ILE K 58 31.27 33.87 -14.18
N MET K 59 30.98 32.78 -14.90
CA MET K 59 29.78 32.72 -15.71
C MET K 59 28.52 32.85 -14.84
N ALA K 60 28.49 32.12 -13.73
CA ALA K 60 27.36 32.26 -12.81
C ALA K 60 27.24 33.70 -12.31
N GLY K 61 28.36 34.32 -11.95
CA GLY K 61 28.32 35.71 -11.53
C GLY K 61 27.77 36.63 -12.60
N ILE K 62 28.11 36.36 -13.86
CA ILE K 62 27.56 37.13 -14.97
C ILE K 62 26.04 36.98 -15.02
N ILE K 63 25.53 35.78 -14.70
CA ILE K 63 24.08 35.59 -14.65
C ILE K 63 23.45 36.57 -13.64
N ALA K 64 24.03 36.65 -12.45
CA ALA K 64 23.52 37.59 -11.46
C ALA K 64 23.70 39.04 -11.89
N ILE K 65 24.74 39.31 -12.69
CA ILE K 65 24.90 40.65 -13.25
C ILE K 65 23.74 40.98 -14.19
N TYR K 66 23.34 40.02 -15.03
CA TYR K 66 22.14 40.22 -15.85
C TYR K 66 20.93 40.52 -14.98
N GLY K 67 20.80 39.77 -13.89
CA GLY K 67 19.68 40.00 -12.98
C GLY K 67 19.68 41.39 -12.39
N LEU K 68 20.85 41.86 -11.94
CA LEU K 68 20.95 43.21 -11.41
C LEU K 68 20.61 44.25 -12.47
N VAL K 69 21.09 44.05 -13.70
CA VAL K 69 20.80 44.99 -14.77
C VAL K 69 19.29 45.14 -14.94
N VAL K 70 18.60 44.02 -15.07
CA VAL K 70 17.15 44.08 -15.27
C VAL K 70 16.47 44.66 -14.03
N SER K 71 16.95 44.31 -12.84
CA SER K 71 16.34 44.84 -11.62
C SER K 71 16.43 46.35 -11.57
N VAL K 72 17.59 46.93 -11.89
CA VAL K 72 17.71 48.38 -11.82
C VAL K 72 16.91 49.04 -12.94
N LEU K 73 16.86 48.41 -14.13
CA LEU K 73 16.06 48.98 -15.21
C LEU K 73 14.57 49.02 -14.83
N VAL K 74 14.08 47.95 -14.22
CA VAL K 74 12.69 47.93 -13.74
C VAL K 74 12.50 48.95 -12.62
N CYS K 75 13.46 49.01 -11.70
CA CYS K 75 13.34 49.90 -10.54
C CYS K 75 13.21 51.35 -10.96
N TYR K 76 14.07 51.80 -11.87
CA TYR K 76 13.99 53.18 -12.35
C TYR K 76 12.87 53.41 -13.35
N SER K 77 12.00 52.41 -13.57
CA SER K 77 10.78 52.60 -14.33
C SER K 77 9.54 52.57 -13.45
N LEU K 78 9.69 52.40 -12.14
CA LEU K 78 8.56 52.37 -11.26
C LEU K 78 8.03 53.78 -10.98
N GLY K 79 6.84 53.82 -10.38
CA GLY K 79 6.16 55.06 -10.08
C GLY K 79 4.80 54.78 -9.45
N GLN K 80 4.26 55.73 -8.70
CA GLN K 80 3.05 55.44 -7.93
C GLN K 80 1.84 55.32 -8.84
N LYS K 81 1.74 56.16 -9.85
CA LYS K 81 0.63 56.15 -10.79
C LYS K 81 1.15 55.51 -12.09
N GLN K 82 0.93 54.20 -12.22
CA GLN K 82 1.37 53.44 -13.37
C GLN K 82 0.18 52.81 -14.08
N ALA K 83 0.30 52.70 -15.40
CA ALA K 83 -0.58 51.80 -16.12
C ALA K 83 -0.35 50.38 -15.63
N LEU K 84 -1.43 49.61 -15.53
CA LEU K 84 -1.31 48.21 -15.13
C LEU K 84 -0.53 47.42 -16.18
N TYR K 85 -0.59 47.85 -17.44
CA TYR K 85 0.23 47.24 -18.48
C TYR K 85 1.72 47.35 -18.15
N THR K 86 2.15 48.48 -17.62
CA THR K 86 3.55 48.61 -17.20
C THR K 86 3.89 47.59 -16.13
N GLY K 87 2.98 47.40 -15.16
CA GLY K 87 3.22 46.40 -14.13
C GLY K 87 3.34 45.00 -14.71
N PHE K 88 2.44 44.63 -15.61
CA PHE K 88 2.52 43.31 -16.24
C PHE K 88 3.80 43.15 -17.03
N ILE K 89 4.20 44.18 -17.78
CA ILE K 89 5.39 44.07 -18.61
C ILE K 89 6.64 43.95 -17.74
N GLN K 90 6.70 44.73 -16.65
CA GLN K 90 7.84 44.66 -15.76
C GLN K 90 7.90 43.31 -15.04
N LEU K 91 6.74 42.78 -14.64
CA LEU K 91 6.72 41.43 -14.07
C LEU K 91 7.19 40.40 -15.10
N GLY K 92 6.75 40.53 -16.35
CA GLY K 92 7.19 39.60 -17.37
C GLY K 92 8.67 39.65 -17.60
N ALA K 93 9.25 40.86 -17.66
CA ALA K 93 10.69 40.99 -17.83
C ALA K 93 11.44 40.41 -16.64
N GLY K 94 10.97 40.71 -15.42
CA GLY K 94 11.63 40.17 -14.24
C GLY K 94 11.59 38.66 -14.20
N LEU K 95 10.43 38.07 -14.47
CA LEU K 95 10.33 36.61 -14.49
C LEU K 95 11.15 36.01 -15.61
N SER K 96 11.12 36.61 -16.80
CA SER K 96 11.92 36.15 -17.93
C SER K 96 13.39 36.05 -17.52
N VAL K 97 13.98 37.18 -17.14
CA VAL K 97 15.41 37.19 -16.84
C VAL K 97 15.71 36.32 -15.62
N GLY K 98 14.87 36.39 -14.59
CA GLY K 98 15.11 35.63 -13.38
C GLY K 98 15.11 34.13 -13.59
N LEU K 99 14.05 33.60 -14.20
CA LEU K 99 13.97 32.16 -14.36
C LEU K 99 14.87 31.65 -15.48
N SER K 100 15.10 32.45 -16.53
CA SER K 100 16.08 32.05 -17.53
C SER K 100 17.48 32.00 -16.94
N GLY K 101 17.82 32.97 -16.07
CA GLY K 101 19.10 32.93 -15.39
C GLY K 101 19.17 31.83 -14.35
N LEU K 102 18.04 31.46 -13.76
CA LEU K 102 18.01 30.31 -12.86
C LEU K 102 18.33 29.03 -13.62
N ALA K 103 17.70 28.85 -14.78
CA ALA K 103 18.02 27.69 -15.62
C ALA K 103 19.47 27.72 -16.08
N ALA K 104 19.95 28.90 -16.49
CA ALA K 104 21.34 29.02 -16.92
C ALA K 104 22.30 28.71 -15.78
N GLY K 105 21.98 29.15 -14.57
CA GLY K 105 22.83 28.86 -13.42
C GLY K 105 22.82 27.39 -13.07
N PHE K 106 21.67 26.73 -13.18
CA PHE K 106 21.61 25.28 -12.99
C PHE K 106 22.50 24.58 -14.00
N ALA K 107 22.39 24.96 -15.27
CA ALA K 107 23.22 24.35 -16.31
C ALA K 107 24.70 24.62 -16.06
N ILE K 108 25.05 25.85 -15.71
CA ILE K 108 26.44 26.19 -15.45
C ILE K 108 26.97 25.42 -14.25
N GLY K 109 26.15 25.28 -13.20
CA GLY K 109 26.59 24.52 -12.05
C GLY K 109 26.88 23.07 -12.37
N ILE K 110 25.96 22.41 -13.08
CA ILE K 110 26.18 21.00 -13.43
C ILE K 110 27.39 20.87 -14.36
N VAL K 111 27.44 21.70 -15.40
CA VAL K 111 28.51 21.61 -16.38
C VAL K 111 29.86 21.90 -15.73
N GLY K 112 29.93 22.92 -14.88
CA GLY K 112 31.17 23.24 -14.21
C GLY K 112 31.59 22.17 -13.22
N ASP K 113 30.61 21.58 -12.50
CA ASP K 113 30.94 20.51 -11.57
C ASP K 113 31.57 19.33 -12.30
N ALA K 114 31.03 18.98 -13.46
CA ALA K 114 31.65 17.90 -14.24
C ALA K 114 32.99 18.35 -14.84
N GLY K 115 33.00 19.52 -15.48
CA GLY K 115 34.16 19.96 -16.23
C GLY K 115 35.37 20.27 -15.38
N VAL K 116 35.18 20.79 -14.17
CA VAL K 116 36.31 21.06 -13.29
C VAL K 116 37.06 19.78 -13.00
N ARG K 117 36.33 18.72 -12.66
CA ARG K 117 36.95 17.42 -12.41
C ARG K 117 37.61 16.88 -13.68
N GLY K 118 36.92 17.00 -14.81
CA GLY K 118 37.49 16.51 -16.07
C GLY K 118 38.79 17.21 -16.43
N SER K 119 38.80 18.55 -16.31
CA SER K 119 39.98 19.32 -16.66
C SER K 119 41.11 19.12 -15.66
N SER K 120 40.79 18.93 -14.38
CA SER K 120 41.80 18.58 -13.41
C SER K 120 42.44 17.24 -13.75
N GLN K 121 41.62 16.28 -14.20
CA GLN K 121 42.17 15.01 -14.67
C GLN K 121 42.89 15.16 -16.00
N GLN K 122 42.40 16.03 -16.88
CA GLN K 122 42.99 16.21 -18.21
C GLN K 122 42.77 17.65 -18.64
N PRO K 123 43.82 18.48 -18.60
CA PRO K 123 43.64 19.91 -18.93
C PRO K 123 43.14 20.16 -20.35
N ARG K 124 43.31 19.21 -21.27
CA ARG K 124 42.94 19.43 -22.67
C ARG K 124 41.45 19.68 -22.84
N LEU K 125 40.62 19.35 -21.85
CA LEU K 125 39.18 19.54 -21.93
C LEU K 125 38.73 20.97 -21.67
N PHE K 126 39.67 21.90 -21.42
CA PHE K 126 39.30 23.26 -21.06
C PHE K 126 38.45 23.93 -22.16
N VAL K 127 38.84 23.77 -23.42
CA VAL K 127 38.11 24.41 -24.52
C VAL K 127 36.69 23.86 -24.61
N GLY K 128 36.54 22.54 -24.50
CA GLY K 128 35.21 21.96 -24.49
C GLY K 128 34.39 22.48 -23.32
N MET K 129 35.01 22.56 -22.14
CA MET K 129 34.35 23.14 -20.98
C MET K 129 33.81 24.52 -21.28
N ILE K 130 34.66 25.40 -21.81
CA ILE K 130 34.26 26.78 -22.01
C ILE K 130 33.18 26.88 -23.09
N LEU K 131 33.26 26.03 -24.12
CA LEU K 131 32.20 26.01 -25.13
C LEU K 131 30.85 25.66 -24.51
N ILE K 132 30.81 24.58 -23.74
CA ILE K 132 29.55 24.19 -23.10
C ILE K 132 29.08 25.27 -22.15
N LEU K 133 30.02 25.93 -21.45
CA LEU K 133 29.64 27.02 -20.55
C LEU K 133 29.04 28.20 -21.32
N ILE K 134 29.60 28.51 -22.49
CA ILE K 134 29.01 29.57 -23.32
C ILE K 134 27.59 29.20 -23.69
N PHE K 135 27.37 27.96 -24.13
CA PHE K 135 26.01 27.56 -24.49
C PHE K 135 25.07 27.57 -23.28
N ALA K 136 25.58 27.26 -22.09
CA ALA K 136 24.74 27.30 -20.90
C ALA K 136 24.45 28.73 -20.47
N GLU K 137 25.37 29.66 -20.73
CA GLU K 137 25.24 31.02 -20.26
C GLU K 137 24.44 31.88 -21.22
N VAL K 138 24.45 31.54 -22.51
CA VAL K 138 23.63 32.28 -23.46
C VAL K 138 22.15 32.07 -23.19
N LEU K 139 21.77 31.03 -22.43
CA LEU K 139 20.37 30.93 -22.02
C LEU K 139 19.99 32.09 -21.11
N GLY K 140 20.85 32.41 -20.15
CA GLY K 140 20.66 33.61 -19.35
C GLY K 140 20.74 34.87 -20.18
N LEU K 141 21.63 34.87 -21.18
CA LEU K 141 21.70 36.02 -22.10
C LEU K 141 20.38 36.22 -22.84
N TYR K 142 19.76 35.13 -23.31
CA TYR K 142 18.46 35.20 -23.96
C TYR K 142 17.42 35.76 -23.01
N GLY K 143 17.38 35.24 -21.78
CA GLY K 143 16.46 35.81 -20.80
C GLY K 143 16.70 37.29 -20.57
N LEU K 144 17.97 37.70 -20.55
CA LEU K 144 18.30 39.11 -20.39
C LEU K 144 17.75 39.94 -21.54
N ILE K 145 17.97 39.50 -22.78
CA ILE K 145 17.55 40.32 -23.91
C ILE K 145 16.03 40.37 -24.01
N VAL K 146 15.36 39.27 -23.67
CA VAL K 146 13.90 39.29 -23.60
C VAL K 146 13.43 40.31 -22.56
N ALA K 147 14.03 40.27 -21.37
CA ALA K 147 13.66 41.22 -20.33
C ALA K 147 13.93 42.66 -20.74
N LEU K 148 15.04 42.89 -21.44
CA LEU K 148 15.37 44.24 -21.90
C LEU K 148 14.37 44.71 -22.94
N LEU K 149 13.99 43.85 -23.87
CA LEU K 149 12.99 44.23 -24.87
C LEU K 149 11.67 44.57 -24.20
N LEU K 150 11.22 43.71 -23.29
CA LEU K 150 9.99 43.99 -22.53
C LEU K 150 10.08 45.32 -21.81
N ASN K 151 11.18 45.56 -21.10
CA ASN K 151 11.33 46.80 -20.34
C ASN K 151 11.33 48.01 -21.26
N SER K 152 11.95 47.89 -22.43
CA SER K 152 11.89 48.96 -23.42
C SER K 152 10.46 49.19 -23.88
N ARG K 153 9.63 48.15 -23.85
CA ARG K 153 8.22 48.29 -24.21
C ARG K 153 7.31 48.56 -23.00
N ALA K 154 7.88 48.68 -21.80
CA ALA K 154 7.05 48.84 -20.60
C ALA K 154 6.28 50.15 -20.61
N THR K 155 6.96 51.25 -20.92
CA THR K 155 6.35 52.58 -20.89
C THR K 155 6.09 53.13 -22.28
N GLN K 156 6.15 52.30 -23.31
CA GLN K 156 5.97 52.74 -24.68
C GLN K 156 4.49 52.92 -24.98
N ASP K 157 4.10 54.16 -25.32
CA ASP K 157 2.74 54.47 -25.76
C ASP K 157 1.71 54.04 -24.71
N VAL K 158 2.02 54.30 -23.44
CA VAL K 158 1.08 54.03 -22.36
C VAL K 158 0.28 55.29 -22.08
N VAL K 159 -0.85 55.13 -21.39
CA VAL K 159 -1.72 56.25 -21.04
C VAL K 159 -2.46 55.94 -19.75
N THR L 2 -8.78 58.14 1.07
CA THR L 2 -7.78 57.99 0.02
C THR L 2 -7.63 56.54 -0.40
N GLU L 3 -7.59 56.31 -1.72
CA GLU L 3 -7.45 54.96 -2.27
C GLU L 3 -6.01 54.58 -2.52
N LEU L 4 -5.13 55.54 -2.80
CA LEU L 4 -3.74 55.27 -3.09
C LEU L 4 -2.86 55.26 -1.84
N CYS L 5 -3.44 55.53 -0.67
CA CYS L 5 -2.77 55.34 0.62
C CYS L 5 -3.71 54.56 1.54
N PRO L 6 -3.96 53.29 1.22
CA PRO L 6 -4.94 52.52 1.99
C PRO L 6 -4.39 52.09 3.35
N VAL L 7 -5.31 51.66 4.22
CA VAL L 7 -4.94 51.29 5.58
C VAL L 7 -4.05 50.06 5.59
N TYR L 8 -4.22 49.17 4.62
CA TYR L 8 -3.42 47.95 4.55
C TYR L 8 -2.09 48.14 3.86
N ALA L 9 -1.78 49.36 3.43
CA ALA L 9 -0.49 49.64 2.80
C ALA L 9 0.71 49.28 3.67
N PRO L 10 0.76 49.61 4.97
CA PRO L 10 1.95 49.28 5.76
C PRO L 10 2.13 47.78 6.00
N PHE L 11 1.14 46.94 5.66
CA PHE L 11 1.35 45.51 5.77
C PHE L 11 2.52 45.06 4.92
N PHE L 12 2.53 45.45 3.64
CA PHE L 12 3.63 45.09 2.76
C PHE L 12 4.94 45.70 3.23
N GLY L 13 4.91 46.89 3.84
CA GLY L 13 6.13 47.47 4.36
C GLY L 13 6.70 46.68 5.53
N ALA L 14 5.84 46.30 6.48
CA ALA L 14 6.30 45.52 7.61
C ALA L 14 6.79 44.15 7.18
N ILE L 15 6.10 43.52 6.22
CA ILE L 15 6.56 42.23 5.73
C ILE L 15 7.86 42.36 4.95
N GLY L 16 8.08 43.49 4.26
CA GLY L 16 9.38 43.71 3.64
C GLY L 16 10.48 43.90 4.67
N CYS L 17 10.22 44.71 5.69
CA CYS L 17 11.18 44.91 6.77
C CYS L 17 11.51 43.59 7.46
N ALA L 18 10.49 42.76 7.70
CA ALA L 18 10.71 41.45 8.30
C ALA L 18 11.56 40.57 7.39
N SER L 19 11.16 40.44 6.13
CA SER L 19 11.85 39.53 5.21
C SER L 19 13.30 39.93 5.02
N ALA L 20 13.57 41.23 4.92
CA ALA L 20 14.93 41.72 4.68
C ALA L 20 15.91 41.17 5.71
N ILE L 21 15.50 41.09 6.98
CA ILE L 21 16.36 40.48 7.98
C ILE L 21 16.17 38.97 8.07
N ILE L 22 14.95 38.48 7.84
CA ILE L 22 14.65 37.06 8.06
C ILE L 22 15.39 36.20 7.05
N PHE L 23 15.18 36.46 5.75
CA PHE L 23 15.77 35.58 4.74
C PHE L 23 17.28 35.74 4.70
N THR L 24 17.80 36.94 4.94
CA THR L 24 19.25 37.11 5.03
C THR L 24 19.81 36.40 6.25
N SER L 25 19.07 36.40 7.36
CA SER L 25 19.53 35.70 8.56
C SER L 25 19.54 34.20 8.36
N LEU L 26 18.53 33.65 7.67
CA LEU L 26 18.57 32.22 7.33
C LEU L 26 19.71 31.90 6.37
N GLY L 27 19.93 32.75 5.37
CA GLY L 27 21.08 32.53 4.49
C GLY L 27 22.39 32.55 5.24
N ALA L 28 22.57 33.55 6.10
CA ALA L 28 23.78 33.64 6.93
C ALA L 28 23.88 32.45 7.88
N ALA L 29 22.75 31.99 8.41
CA ALA L 29 22.76 30.84 9.29
C ALA L 29 23.23 29.60 8.57
N TYR L 30 22.74 29.39 7.34
CA TYR L 30 23.21 28.24 6.55
C TYR L 30 24.69 28.37 6.23
N GLY L 31 25.12 29.56 5.82
CA GLY L 31 26.53 29.75 5.52
C GLY L 31 27.42 29.50 6.73
N THR L 32 27.05 30.07 7.87
CA THR L 32 27.82 29.91 9.09
C THR L 32 27.77 28.49 9.59
N ALA L 33 26.65 27.78 9.40
CA ALA L 33 26.53 26.41 9.84
C ALA L 33 27.44 25.50 9.03
N LYS L 34 27.27 25.52 7.71
CA LYS L 34 28.12 24.72 6.83
C LYS L 34 29.60 25.02 7.07
N SER L 35 29.96 26.31 7.04
CA SER L 35 31.35 26.70 7.24
C SER L 35 31.87 26.27 8.62
N GLY L 36 31.03 26.42 9.65
CA GLY L 36 31.46 26.02 10.99
C GLY L 36 31.71 24.54 11.09
N VAL L 37 30.85 23.74 10.47
CA VAL L 37 31.10 22.29 10.41
C VAL L 37 32.44 22.02 9.75
N GLY L 38 32.68 22.66 8.60
CA GLY L 38 33.95 22.47 7.94
C GLY L 38 35.15 22.85 8.81
N ILE L 39 35.06 24.00 9.48
CA ILE L 39 36.16 24.48 10.29
C ILE L 39 36.40 23.56 11.48
N CYS L 40 35.32 23.20 12.19
CA CYS L 40 35.45 22.36 13.37
C CYS L 40 35.95 20.98 13.01
N ALA L 41 35.66 20.51 11.78
CA ALA L 41 36.25 19.25 11.33
C ALA L 41 37.74 19.43 11.04
N THR L 42 38.11 20.51 10.33
CA THR L 42 39.50 20.67 9.93
C THR L 42 40.38 21.14 11.07
N CYS L 43 39.92 22.12 11.86
CA CYS L 43 40.77 22.74 12.86
C CYS L 43 41.26 21.74 13.91
N VAL L 44 40.54 20.63 14.08
CA VAL L 44 40.99 19.57 14.98
C VAL L 44 42.36 19.06 14.55
N LEU L 45 42.53 18.83 13.24
CA LEU L 45 43.77 18.31 12.72
C LEU L 45 44.82 19.38 12.42
N ARG L 46 44.41 20.64 12.31
CA ARG L 46 45.32 21.75 12.00
C ARG L 46 44.80 23.01 12.67
N PRO L 47 45.15 23.23 13.94
CA PRO L 47 44.50 24.27 14.73
C PRO L 47 45.06 25.68 14.56
N ASP L 48 45.84 25.92 13.50
CA ASP L 48 46.39 27.25 13.26
C ASP L 48 45.73 27.98 12.10
N LEU L 49 45.02 27.26 11.24
CA LEU L 49 44.30 27.83 10.10
C LEU L 49 42.91 28.38 10.45
N LEU L 50 42.63 28.63 11.74
CA LEU L 50 41.33 29.18 12.12
C LEU L 50 41.08 30.54 11.47
N PHE L 51 42.08 31.42 11.51
CA PHE L 51 41.93 32.73 10.89
C PHE L 51 41.80 32.64 9.39
N LYS L 52 42.37 31.61 8.76
CA LYS L 52 42.26 31.46 7.32
C LYS L 52 40.96 30.81 6.91
N ASN L 53 40.30 30.08 7.80
CA ASN L 53 39.09 29.37 7.44
C ASN L 53 37.81 29.94 8.05
N ILE L 54 37.89 30.97 8.90
CA ILE L 54 36.67 31.60 9.40
C ILE L 54 36.26 32.75 8.49
N VAL L 55 36.83 32.81 7.29
CA VAL L 55 36.48 33.85 6.32
C VAL L 55 35.05 33.69 5.81
N PRO L 56 34.60 32.51 5.35
CA PRO L 56 33.21 32.41 4.89
C PRO L 56 32.20 32.67 5.98
N VAL L 57 32.51 32.35 7.23
CA VAL L 57 31.63 32.75 8.34
C VAL L 57 31.49 34.26 8.37
N ILE L 58 32.61 34.97 8.21
CA ILE L 58 32.57 36.44 8.17
C ILE L 58 31.73 36.92 7.01
N MET L 59 31.86 36.29 5.84
CA MET L 59 31.07 36.70 4.68
C MET L 59 29.57 36.46 4.90
N ALA L 60 29.23 35.35 5.57
CA ALA L 60 27.84 35.13 5.95
C ALA L 60 27.35 36.22 6.89
N GLY L 61 28.18 36.60 7.85
CA GLY L 61 27.84 37.74 8.68
C GLY L 61 27.64 39.01 7.88
N ILE L 62 28.42 39.17 6.82
CA ILE L 62 28.32 40.36 5.98
C ILE L 62 26.98 40.40 5.24
N ILE L 63 26.56 39.25 4.70
CA ILE L 63 25.24 39.27 4.04
C ILE L 63 24.14 39.49 5.09
N ALA L 64 24.36 39.00 6.32
CA ALA L 64 23.40 39.28 7.39
C ALA L 64 23.32 40.77 7.68
N ILE L 65 24.45 41.48 7.68
CA ILE L 65 24.38 42.91 7.95
C ILE L 65 23.78 43.65 6.76
N TYR L 66 23.94 43.14 5.54
CA TYR L 66 23.17 43.67 4.42
C TYR L 66 21.68 43.61 4.72
N GLY L 67 21.23 42.46 5.22
CA GLY L 67 19.83 42.32 5.58
C GLY L 67 19.42 43.28 6.68
N LEU L 68 20.26 43.42 7.70
CA LEU L 68 19.99 44.36 8.78
C LEU L 68 19.84 45.79 8.25
N VAL L 69 20.76 46.20 7.37
CA VAL L 69 20.71 47.55 6.79
C VAL L 69 19.40 47.77 6.06
N VAL L 70 19.05 46.84 5.17
CA VAL L 70 17.80 47.01 4.42
C VAL L 70 16.61 47.03 5.37
N SER L 71 16.61 46.15 6.37
CA SER L 71 15.49 46.13 7.32
C SER L 71 15.34 47.45 8.05
N VAL L 72 16.45 48.02 8.53
CA VAL L 72 16.35 49.28 9.27
C VAL L 72 15.94 50.43 8.35
N LEU L 73 16.47 50.46 7.13
CA LEU L 73 16.08 51.51 6.19
C LEU L 73 14.61 51.40 5.82
N VAL L 74 14.11 50.18 5.61
CA VAL L 74 12.68 50.00 5.36
C VAL L 74 11.88 50.40 6.58
N CYS L 75 12.36 50.03 7.77
CA CYS L 75 11.65 50.33 9.01
C CYS L 75 11.46 51.83 9.19
N TYR L 76 12.50 52.61 8.92
CA TYR L 76 12.36 54.06 9.03
C TYR L 76 11.50 54.67 7.93
N SER L 77 11.08 53.89 6.94
CA SER L 77 10.18 54.38 5.90
C SER L 77 8.73 53.97 6.12
N LEU L 78 8.43 53.25 7.20
CA LEU L 78 7.08 52.78 7.46
C LEU L 78 6.24 53.87 8.13
N GLY L 79 5.01 54.02 7.67
CA GLY L 79 4.10 55.00 8.25
C GLY L 79 2.67 54.50 8.17
N GLN L 80 1.84 55.01 9.08
CA GLN L 80 0.45 54.56 9.15
C GLN L 80 -0.31 54.90 7.87
N LYS L 81 -0.11 56.12 7.36
CA LYS L 81 -0.76 56.56 6.12
C LYS L 81 0.20 56.54 4.94
N GLN L 82 1.11 55.58 4.91
CA GLN L 82 2.01 55.42 3.78
C GLN L 82 1.25 54.89 2.57
N ALA L 83 1.73 55.24 1.38
CA ALA L 83 1.06 54.85 0.15
C ALA L 83 1.17 53.33 -0.04
N LEU L 84 0.25 52.80 -0.85
CA LEU L 84 0.34 51.39 -1.21
C LEU L 84 1.56 51.15 -2.11
N TYR L 85 1.90 52.13 -2.94
CA TYR L 85 3.12 52.07 -3.74
C TYR L 85 4.37 51.87 -2.90
N THR L 86 4.54 52.70 -1.87
CA THR L 86 5.71 52.53 -1.03
C THR L 86 5.65 51.22 -0.26
N GLY L 87 4.45 50.71 0.01
CA GLY L 87 4.34 49.38 0.60
C GLY L 87 4.86 48.29 -0.32
N PHE L 88 4.44 48.32 -1.59
CA PHE L 88 4.93 47.35 -2.56
C PHE L 88 6.44 47.47 -2.75
N ILE L 89 6.96 48.70 -2.79
CA ILE L 89 8.40 48.85 -2.96
C ILE L 89 9.17 48.39 -1.74
N GLN L 90 8.66 48.64 -0.53
CA GLN L 90 9.34 48.12 0.66
C GLN L 90 9.31 46.59 0.68
N LEU L 91 8.18 45.99 0.29
CA LEU L 91 8.13 44.53 0.16
C LEU L 91 9.12 44.03 -0.88
N GLY L 92 9.20 44.72 -2.02
CA GLY L 92 10.12 44.31 -3.06
C GLY L 92 11.57 44.42 -2.64
N ALA L 93 11.91 45.50 -1.93
CA ALA L 93 13.28 45.65 -1.43
C ALA L 93 13.59 44.59 -0.39
N GLY L 94 12.65 44.32 0.51
CA GLY L 94 12.85 43.26 1.49
C GLY L 94 13.11 41.92 0.83
N LEU L 95 12.29 41.57 -0.17
CA LEU L 95 12.51 40.31 -0.88
C LEU L 95 13.81 40.32 -1.67
N SER L 96 14.13 41.44 -2.32
CA SER L 96 15.32 41.54 -3.13
C SER L 96 16.57 41.28 -2.30
N VAL L 97 16.64 41.90 -1.13
CA VAL L 97 17.81 41.63 -0.28
C VAL L 97 17.70 40.25 0.36
N GLY L 98 16.51 39.87 0.84
CA GLY L 98 16.35 38.63 1.58
C GLY L 98 16.61 37.37 0.80
N LEU L 99 15.92 37.17 -0.32
CA LEU L 99 16.09 35.91 -1.05
C LEU L 99 17.41 35.86 -1.81
N SER L 100 17.90 37.01 -2.28
CA SER L 100 19.23 37.03 -2.88
C SER L 100 20.32 36.76 -1.84
N GLY L 101 20.15 37.26 -0.62
CA GLY L 101 21.08 36.93 0.44
C GLY L 101 20.93 35.51 0.93
N LEU L 102 19.73 34.93 0.80
CA LEU L 102 19.54 33.52 1.07
C LEU L 102 20.31 32.67 0.08
N ALA L 103 20.22 33.02 -1.21
CA ALA L 103 21.01 32.33 -2.23
C ALA L 103 22.49 32.53 -1.99
N ALA L 104 22.89 33.75 -1.64
CA ALA L 104 24.28 34.01 -1.32
C ALA L 104 24.73 33.20 -0.11
N GLY L 105 23.85 33.04 0.88
CA GLY L 105 24.19 32.24 2.04
C GLY L 105 24.35 30.77 1.71
N PHE L 106 23.48 30.23 0.86
CA PHE L 106 23.66 28.87 0.38
C PHE L 106 25.00 28.72 -0.32
N ALA L 107 25.30 29.65 -1.24
CA ALA L 107 26.55 29.57 -1.98
C ALA L 107 27.76 29.69 -1.05
N ILE L 108 27.74 30.65 -0.14
CA ILE L 108 28.85 30.83 0.78
C ILE L 108 29.02 29.62 1.68
N GLY L 109 27.91 29.07 2.19
CA GLY L 109 28.01 27.90 3.04
C GLY L 109 28.61 26.71 2.33
N ILE L 110 28.11 26.41 1.12
CA ILE L 110 28.60 25.25 0.39
C ILE L 110 30.05 25.44 -0.02
N VAL L 111 30.37 26.59 -0.60
CA VAL L 111 31.73 26.86 -1.05
C VAL L 111 32.70 26.89 0.13
N GLY L 112 32.31 27.54 1.24
CA GLY L 112 33.17 27.60 2.39
C GLY L 112 33.38 26.23 3.03
N ASP L 113 32.33 25.42 3.08
CA ASP L 113 32.47 24.06 3.58
C ASP L 113 33.50 23.29 2.76
N ALA L 114 33.32 23.28 1.43
CA ALA L 114 34.26 22.56 0.57
C ALA L 114 35.67 23.12 0.68
N GLY L 115 35.80 24.45 0.66
CA GLY L 115 37.11 25.07 0.66
C GLY L 115 37.81 24.99 1.99
N VAL L 116 37.06 24.91 3.09
CA VAL L 116 37.68 24.69 4.39
C VAL L 116 38.17 23.25 4.50
N ARG L 117 37.34 22.29 4.07
CA ARG L 117 37.81 20.90 4.13
C ARG L 117 38.92 20.62 3.12
N GLY L 118 39.08 21.46 2.10
CA GLY L 118 40.17 21.30 1.15
C GLY L 118 41.43 22.07 1.50
N SER L 119 41.26 23.28 2.05
CA SER L 119 42.41 24.15 2.32
C SER L 119 43.35 23.53 3.34
N SER L 120 42.80 22.89 4.38
CA SER L 120 43.64 22.20 5.35
C SER L 120 44.50 21.15 4.66
N GLN L 121 43.94 20.47 3.66
CA GLN L 121 44.70 19.46 2.92
C GLN L 121 45.63 20.08 1.88
N GLN L 122 45.32 21.29 1.40
CA GLN L 122 46.13 21.94 0.37
C GLN L 122 46.02 23.45 0.57
N PRO L 123 47.03 24.07 1.17
CA PRO L 123 46.96 25.52 1.46
C PRO L 123 46.87 26.40 0.22
N ARG L 124 47.30 25.93 -0.95
CA ARG L 124 47.24 26.75 -2.15
C ARG L 124 45.79 27.07 -2.54
N LEU L 125 44.85 26.23 -2.12
CA LEU L 125 43.43 26.42 -2.41
C LEU L 125 42.85 27.64 -1.68
N PHE L 126 43.60 28.23 -0.75
CA PHE L 126 43.06 29.27 0.12
C PHE L 126 42.61 30.50 -0.68
N VAL L 127 43.50 31.02 -1.53
CA VAL L 127 43.14 32.22 -2.30
C VAL L 127 42.03 31.91 -3.30
N GLY L 128 42.02 30.71 -3.87
CA GLY L 128 40.93 30.34 -4.76
C GLY L 128 39.58 30.30 -4.04
N MET L 129 39.57 29.70 -2.85
CA MET L 129 38.36 29.69 -2.04
C MET L 129 37.90 31.11 -1.72
N ILE L 130 38.84 31.99 -1.38
CA ILE L 130 38.50 33.38 -1.12
C ILE L 130 37.84 34.00 -2.34
N LEU L 131 38.41 33.76 -3.52
CA LEU L 131 37.87 34.33 -4.75
C LEU L 131 36.44 33.86 -4.99
N ILE L 132 36.20 32.55 -4.85
CA ILE L 132 34.87 32.01 -5.07
C ILE L 132 33.89 32.59 -4.05
N LEU L 133 34.32 32.69 -2.78
CA LEU L 133 33.48 33.29 -1.76
C LEU L 133 33.18 34.75 -2.07
N ILE L 134 34.13 35.46 -2.68
CA ILE L 134 33.90 36.84 -3.09
C ILE L 134 32.81 36.89 -4.14
N PHE L 135 32.85 35.99 -5.12
CA PHE L 135 31.74 35.91 -6.07
C PHE L 135 30.42 35.62 -5.35
N ALA L 136 30.43 34.66 -4.44
CA ALA L 136 29.20 34.23 -3.77
C ALA L 136 28.65 35.29 -2.83
N GLU L 137 29.49 36.22 -2.37
CA GLU L 137 29.09 37.28 -1.46
C GLU L 137 28.72 38.56 -2.18
N VAL L 138 29.45 38.91 -3.24
CA VAL L 138 28.99 39.95 -4.16
C VAL L 138 27.66 39.55 -4.76
N LEU L 139 27.37 38.25 -4.79
CA LEU L 139 26.04 37.78 -5.17
C LEU L 139 24.95 38.38 -4.29
N GLY L 140 25.16 38.44 -2.98
CA GLY L 140 24.21 39.09 -2.10
C GLY L 140 24.36 40.60 -2.09
N LEU L 141 25.57 41.08 -2.38
CA LEU L 141 25.76 42.51 -2.53
C LEU L 141 24.91 43.08 -3.66
N TYR L 142 24.72 42.30 -4.72
CA TYR L 142 23.79 42.70 -5.78
C TYR L 142 22.38 42.89 -5.23
N GLY L 143 21.91 41.95 -4.41
CA GLY L 143 20.61 42.12 -3.78
C GLY L 143 20.55 43.34 -2.88
N LEU L 144 21.64 43.61 -2.16
CA LEU L 144 21.70 44.83 -1.34
C LEU L 144 21.57 46.07 -2.21
N ILE L 145 22.27 46.12 -3.33
CA ILE L 145 22.23 47.28 -4.22
C ILE L 145 20.81 47.46 -4.77
N VAL L 146 20.19 46.36 -5.21
CA VAL L 146 18.82 46.44 -5.71
C VAL L 146 17.88 46.95 -4.63
N ALA L 147 18.01 46.43 -3.41
CA ALA L 147 17.14 46.86 -2.32
C ALA L 147 17.35 48.32 -1.97
N LEU L 148 18.60 48.80 -2.02
CA LEU L 148 18.85 50.20 -1.71
C LEU L 148 18.30 51.12 -2.78
N LEU L 149 18.51 50.78 -4.05
CA LEU L 149 17.95 51.58 -5.14
C LEU L 149 16.42 51.57 -5.09
N LEU L 150 15.84 50.40 -4.84
CA LEU L 150 14.39 50.30 -4.76
C LEU L 150 13.84 51.12 -3.60
N ASN L 151 14.47 51.02 -2.42
CA ASN L 151 13.97 51.74 -1.26
C ASN L 151 14.12 53.25 -1.44
N SER L 152 15.19 53.69 -2.11
CA SER L 152 15.36 55.11 -2.37
C SER L 152 14.21 55.67 -3.18
N ARG L 153 13.60 54.85 -4.02
CA ARG L 153 12.45 55.26 -4.84
C ARG L 153 11.11 55.07 -4.14
N ALA L 154 11.11 54.56 -2.91
CA ALA L 154 9.86 54.24 -2.24
C ALA L 154 9.03 55.49 -1.97
N THR L 155 9.68 56.60 -1.61
CA THR L 155 8.97 57.82 -1.22
C THR L 155 9.38 58.99 -2.13
N GLN L 156 9.86 58.70 -3.34
CA GLN L 156 10.37 59.75 -4.22
C GLN L 156 9.25 60.67 -4.70
N ASP L 157 8.29 60.13 -5.45
CA ASP L 157 7.20 60.91 -6.02
C ASP L 157 5.84 60.55 -5.43
N VAL L 158 5.82 60.13 -4.17
CA VAL L 158 4.60 59.62 -3.55
C VAL L 158 3.66 60.77 -3.22
N VAL L 159 2.39 60.61 -3.58
CA VAL L 159 1.34 61.54 -3.19
C VAL L 159 0.55 60.97 -2.02
N THR M 2 -14.14 52.60 13.01
CA THR M 2 -13.07 53.35 12.38
C THR M 2 -12.25 52.46 11.44
N GLU M 3 -11.84 53.03 10.30
CA GLU M 3 -11.14 52.26 9.29
C GLU M 3 -9.66 52.09 9.60
N LEU M 4 -9.02 53.10 10.21
CA LEU M 4 -7.60 52.98 10.54
C LEU M 4 -7.35 52.04 11.70
N CYS M 5 -8.36 51.78 12.54
CA CYS M 5 -8.21 50.91 13.71
C CYS M 5 -9.31 49.86 13.70
N PRO M 6 -9.31 48.95 12.72
CA PRO M 6 -10.37 47.94 12.66
C PRO M 6 -10.27 46.94 13.80
N VAL M 7 -11.39 46.27 14.06
CA VAL M 7 -11.44 45.33 15.18
C VAL M 7 -10.49 44.16 14.99
N TYR M 8 -10.10 43.85 13.76
CA TYR M 8 -9.15 42.77 13.52
C TYR M 8 -7.71 43.23 13.62
N ALA M 9 -7.47 44.52 13.90
CA ALA M 9 -6.10 44.99 14.07
C ALA M 9 -5.33 44.25 15.16
N PRO M 10 -5.87 44.00 16.36
CA PRO M 10 -5.08 43.29 17.37
C PRO M 10 -4.78 41.84 17.01
N PHE M 11 -5.43 41.27 15.99
CA PHE M 11 -5.08 39.92 15.56
C PHE M 11 -3.62 39.84 15.14
N PHE M 12 -3.20 40.74 14.24
CA PHE M 12 -1.81 40.76 13.81
C PHE M 12 -0.86 41.06 14.97
N GLY M 13 -1.27 41.92 15.89
CA GLY M 13 -0.42 42.20 17.05
C GLY M 13 -0.22 40.97 17.93
N ALA M 14 -1.31 40.26 18.23
CA ALA M 14 -1.21 39.04 19.03
C ALA M 14 -0.43 37.96 18.31
N ILE M 15 -0.61 37.84 16.99
CA ILE M 15 0.17 36.86 16.24
C ILE M 15 1.65 37.23 16.24
N GLY M 16 1.96 38.52 16.19
CA GLY M 16 3.36 38.93 16.34
C GLY M 16 3.92 38.59 17.70
N CYS M 17 3.16 38.92 18.76
CA CYS M 17 3.58 38.59 20.12
C CYS M 17 3.83 37.10 20.28
N ALA M 18 2.89 36.29 19.82
CA ALA M 18 3.03 34.84 19.87
C ALA M 18 4.26 34.39 19.10
N SER M 19 4.40 34.84 17.85
CA SER M 19 5.50 34.38 17.00
C SER M 19 6.85 34.73 17.60
N ALA M 20 6.96 35.91 18.21
CA ALA M 20 8.22 36.36 18.77
C ALA M 20 8.79 35.37 19.76
N ILE M 21 7.94 34.66 20.49
CA ILE M 21 8.40 33.68 21.46
C ILE M 21 8.35 32.26 20.88
N ILE M 22 7.34 31.96 20.04
CA ILE M 22 7.21 30.67 19.36
C ILE M 22 8.42 30.33 18.49
N PHE M 23 8.68 31.14 17.45
CA PHE M 23 9.75 30.79 16.52
C PHE M 23 11.11 30.91 17.19
N THR M 24 11.27 31.90 18.06
CA THR M 24 12.53 32.04 18.79
C THR M 24 12.77 30.83 19.69
N SER M 25 11.72 30.33 20.34
CA SER M 25 11.86 29.15 21.18
C SER M 25 12.09 27.90 20.35
N LEU M 26 11.55 27.83 19.13
CA LEU M 26 11.88 26.71 18.25
C LEU M 26 13.35 26.74 17.87
N GLY M 27 13.86 27.92 17.50
CA GLY M 27 15.27 28.04 17.22
C GLY M 27 16.13 27.69 18.41
N ALA M 28 15.80 28.25 19.58
CA ALA M 28 16.53 27.93 20.81
C ALA M 28 16.42 26.45 21.15
N ALA M 29 15.29 25.82 20.82
CA ALA M 29 15.13 24.40 21.10
C ALA M 29 16.03 23.56 20.23
N TYR M 30 16.07 23.86 18.92
CA TYR M 30 17.02 23.18 18.04
C TYR M 30 18.45 23.40 18.51
N GLY M 31 18.81 24.65 18.82
CA GLY M 31 20.15 24.94 19.27
C GLY M 31 20.52 24.22 20.55
N THR M 32 19.58 24.12 21.49
CA THR M 32 19.85 23.42 22.74
C THR M 32 19.90 21.92 22.52
N ALA M 33 18.99 21.38 21.72
CA ALA M 33 18.88 19.94 21.56
C ALA M 33 20.08 19.36 20.80
N LYS M 34 20.38 19.91 19.63
CA LYS M 34 21.46 19.33 18.85
C LYS M 34 22.82 19.61 19.49
N SER M 35 22.96 20.77 20.13
CA SER M 35 24.17 21.02 20.91
C SER M 35 24.27 20.04 22.07
N GLY M 36 23.15 19.72 22.73
CA GLY M 36 23.20 18.79 23.84
C GLY M 36 23.59 17.39 23.41
N VAL M 37 23.03 16.91 22.31
CA VAL M 37 23.43 15.58 21.83
C VAL M 37 24.90 15.58 21.43
N GLY M 38 25.38 16.71 20.87
CA GLY M 38 26.81 16.83 20.66
C GLY M 38 27.62 16.81 21.94
N ILE M 39 27.14 17.50 22.97
CA ILE M 39 27.81 17.57 24.26
C ILE M 39 27.82 16.21 24.94
N CYS M 40 26.92 15.31 24.52
CA CYS M 40 26.92 13.94 25.03
C CYS M 40 28.23 13.22 24.73
N ALA M 41 29.02 13.71 23.78
CA ALA M 41 30.38 13.21 23.60
C ALA M 41 31.26 13.46 24.81
N THR M 42 30.87 14.39 25.69
CA THR M 42 31.58 14.63 26.94
C THR M 42 31.27 13.56 27.99
N CYS M 43 30.62 12.46 27.61
CA CYS M 43 30.44 11.35 28.53
C CYS M 43 31.77 10.81 29.02
N VAL M 44 32.80 10.88 28.17
CA VAL M 44 34.14 10.47 28.58
C VAL M 44 34.84 11.58 29.35
N LEU M 45 34.91 12.77 28.74
CA LEU M 45 35.62 13.91 29.33
C LEU M 45 34.67 14.65 30.25
N ARG M 46 34.71 14.31 31.54
CA ARG M 46 33.93 15.03 32.55
C ARG M 46 34.28 16.51 32.67
N PRO M 47 35.56 16.93 32.73
CA PRO M 47 35.84 18.34 33.08
C PRO M 47 35.37 19.35 32.05
N ASP M 48 34.99 18.94 30.85
CA ASP M 48 34.42 19.88 29.89
C ASP M 48 32.91 20.01 30.02
N LEU M 49 32.24 18.92 30.41
CA LEU M 49 30.80 18.97 30.64
C LEU M 49 30.47 19.96 31.75
N LEU M 50 29.48 20.82 31.49
CA LEU M 50 28.96 21.82 32.42
C LEU M 50 29.98 22.90 32.76
N PHE M 51 31.12 22.96 32.08
CA PHE M 51 32.10 24.00 32.29
C PHE M 51 32.37 24.82 31.04
N LYS M 52 32.64 24.17 29.91
CA LYS M 52 32.97 24.89 28.68
C LYS M 52 32.09 24.45 27.52
N ASN M 53 31.74 23.16 27.47
CA ASN M 53 30.96 22.63 26.36
C ASN M 53 29.54 23.17 26.29
N ILE M 54 29.04 23.79 27.37
CA ILE M 54 27.65 24.23 27.42
C ILE M 54 27.44 25.61 26.81
N VAL M 55 28.48 26.24 26.29
CA VAL M 55 28.33 27.56 25.68
C VAL M 55 27.22 27.60 24.62
N PRO M 56 27.14 26.66 23.68
CA PRO M 56 26.05 26.74 22.68
C PRO M 56 24.65 26.73 23.27
N VAL M 57 24.40 25.97 24.33
CA VAL M 57 23.05 25.94 24.88
C VAL M 57 22.74 27.25 25.59
N ILE M 58 23.73 27.88 26.23
CA ILE M 58 23.50 29.19 26.82
C ILE M 58 23.24 30.23 25.74
N MET M 59 23.91 30.10 24.59
CA MET M 59 23.66 31.04 23.50
C MET M 59 22.27 30.84 22.90
N ALA M 60 21.82 29.59 22.79
CA ALA M 60 20.44 29.35 22.37
C ALA M 60 19.45 29.93 23.38
N GLY M 61 19.75 29.78 24.67
CA GLY M 61 18.92 30.40 25.69
C GLY M 61 18.88 31.91 25.58
N ILE M 62 20.01 32.52 25.21
CA ILE M 62 20.04 33.97 25.03
C ILE M 62 19.21 34.38 23.81
N ILE M 63 19.22 33.56 22.76
CA ILE M 63 18.29 33.77 21.65
C ILE M 63 16.86 33.79 22.16
N ALA M 64 16.50 32.79 22.97
CA ALA M 64 15.15 32.75 23.53
C ALA M 64 14.88 33.95 24.43
N ILE M 65 15.92 34.48 25.08
CA ILE M 65 15.77 35.72 25.86
C ILE M 65 15.41 36.87 24.94
N TYR M 66 16.06 36.97 23.78
CA TYR M 66 15.67 37.99 22.80
C TYR M 66 14.22 37.85 22.42
N GLY M 67 13.80 36.61 22.14
CA GLY M 67 12.41 36.38 21.78
C GLY M 67 11.44 36.78 22.87
N LEU M 68 11.76 36.43 24.11
CA LEU M 68 10.94 36.83 25.25
C LEU M 68 10.85 38.34 25.38
N VAL M 69 11.98 39.02 25.22
CA VAL M 69 12.01 40.47 25.34
C VAL M 69 11.10 41.11 24.30
N VAL M 70 11.24 40.69 23.04
CA VAL M 70 10.42 41.27 21.99
C VAL M 70 8.95 40.94 22.20
N SER M 71 8.65 39.70 22.61
CA SER M 71 7.26 39.31 22.82
C SER M 71 6.61 40.13 23.93
N VAL M 72 7.32 40.34 25.04
CA VAL M 72 6.78 41.16 26.11
C VAL M 72 6.59 42.61 25.66
N LEU M 73 7.60 43.15 24.95
CA LEU M 73 7.51 44.54 24.49
C LEU M 73 6.30 44.74 23.59
N VAL M 74 6.11 43.84 22.62
CA VAL M 74 4.96 43.97 21.73
C VAL M 74 3.66 43.63 22.44
N CYS M 75 3.72 42.86 23.53
CA CYS M 75 2.51 42.59 24.31
C CYS M 75 2.02 43.85 25.01
N TYR M 76 2.92 44.64 25.57
CA TYR M 76 2.48 45.82 26.29
C TYR M 76 2.07 46.99 25.39
N SER M 77 2.39 46.93 24.10
CA SER M 77 1.86 47.91 23.15
C SER M 77 0.55 47.46 22.53
N LEU M 78 0.10 46.24 22.82
CA LEU M 78 -1.13 45.70 22.28
C LEU M 78 -2.36 46.28 22.99
N GLY M 79 -3.43 46.42 22.23
CA GLY M 79 -4.64 47.04 22.74
C GLY M 79 -5.81 46.77 21.83
N GLN M 80 -7.02 46.95 22.40
CA GLN M 80 -8.23 46.62 21.66
C GLN M 80 -8.45 47.54 20.47
N LYS M 81 -8.26 48.84 20.67
CA LYS M 81 -8.54 49.84 19.64
C LYS M 81 -7.26 50.30 18.94
N GLN M 82 -6.21 49.49 18.97
CA GLN M 82 -4.95 49.86 18.34
C GLN M 82 -5.09 49.97 16.83
N ALA M 83 -4.23 50.76 16.22
CA ALA M 83 -4.27 50.96 14.79
C ALA M 83 -3.87 49.68 14.07
N LEU M 84 -4.35 49.54 12.83
CA LEU M 84 -3.95 48.43 12.00
C LEU M 84 -2.48 48.54 11.59
N TYR M 85 -1.99 49.77 11.44
CA TYR M 85 -0.55 49.97 11.26
C TYR M 85 0.23 49.42 12.44
N THR M 86 -0.26 49.65 13.66
CA THR M 86 0.39 49.06 14.83
C THR M 86 0.37 47.54 14.73
N GLY M 87 -0.74 46.95 14.27
CA GLY M 87 -0.79 45.51 14.09
C GLY M 87 0.24 45.00 13.11
N PHE M 88 0.36 45.67 11.95
CA PHE M 88 1.35 45.25 10.97
C PHE M 88 2.78 45.41 11.49
N ILE M 89 3.07 46.55 12.11
CA ILE M 89 4.42 46.79 12.63
C ILE M 89 4.75 45.75 13.69
N GLN M 90 3.77 45.40 14.52
CA GLN M 90 3.99 44.50 15.64
C GLN M 90 4.16 43.07 15.15
N LEU M 91 3.37 42.67 14.15
CA LEU M 91 3.58 41.38 13.51
C LEU M 91 4.94 41.33 12.83
N GLY M 92 5.36 42.43 12.19
CA GLY M 92 6.67 42.45 11.56
C GLY M 92 7.79 42.29 12.57
N ALA M 93 7.68 42.97 13.71
CA ALA M 93 8.69 42.81 14.76
C ALA M 93 8.70 41.37 15.27
N GLY M 94 7.52 40.80 15.52
CA GLY M 94 7.45 39.43 16.00
C GLY M 94 8.07 38.45 15.02
N LEU M 95 7.72 38.57 13.74
CA LEU M 95 8.26 37.66 12.72
C LEU M 95 9.76 37.87 12.56
N SER M 96 10.23 39.12 12.53
CA SER M 96 11.64 39.41 12.44
C SER M 96 12.41 38.68 13.53
N VAL M 97 12.07 38.96 14.79
CA VAL M 97 12.82 38.35 15.88
C VAL M 97 12.64 36.84 15.88
N GLY M 98 11.43 36.36 15.63
CA GLY M 98 11.18 34.92 15.69
C GLY M 98 11.97 34.14 14.66
N LEU M 99 11.88 34.55 13.39
CA LEU M 99 12.53 33.79 12.34
C LEU M 99 14.04 34.03 12.30
N SER M 100 14.50 35.24 12.66
CA SER M 100 15.94 35.43 12.81
C SER M 100 16.49 34.60 13.95
N GLY M 101 15.76 34.50 15.07
CA GLY M 101 16.17 33.62 16.14
C GLY M 101 16.10 32.15 15.77
N LEU M 102 15.14 31.79 14.91
CA LEU M 102 15.09 30.42 14.40
C LEU M 102 16.33 30.09 13.57
N ALA M 103 16.71 31.00 12.67
CA ALA M 103 17.93 30.81 11.90
C ALA M 103 19.15 30.76 12.80
N ALA M 104 19.23 31.68 13.77
CA ALA M 104 20.36 31.70 14.69
C ALA M 104 20.41 30.42 15.51
N GLY M 105 19.26 29.90 15.92
CA GLY M 105 19.22 28.67 16.68
C GLY M 105 19.66 27.47 15.86
N PHE M 106 19.24 27.41 14.59
CA PHE M 106 19.72 26.35 13.71
C PHE M 106 21.25 26.40 13.59
N ALA M 107 21.78 27.60 13.31
CA ALA M 107 23.23 27.74 13.17
C ALA M 107 23.94 27.38 14.48
N ILE M 108 23.42 27.85 15.61
CA ILE M 108 24.02 27.56 16.90
C ILE M 108 24.01 26.06 17.17
N GLY M 109 22.90 25.39 16.90
CA GLY M 109 22.86 23.95 17.11
C GLY M 109 23.86 23.21 16.25
N ILE M 110 23.90 23.52 14.95
CA ILE M 110 24.78 22.80 14.05
C ILE M 110 26.24 23.02 14.45
N VAL M 111 26.63 24.28 14.61
CA VAL M 111 28.02 24.60 14.89
C VAL M 111 28.40 24.15 16.29
N GLY M 112 27.48 24.25 17.26
CA GLY M 112 27.78 23.81 18.60
C GLY M 112 27.99 22.31 18.68
N ASP M 113 27.15 21.53 18.02
CA ASP M 113 27.37 20.09 17.97
C ASP M 113 28.74 19.78 17.38
N ALA M 114 29.01 20.31 16.18
CA ALA M 114 30.26 20.00 15.52
C ALA M 114 31.46 20.43 16.36
N GLY M 115 31.40 21.65 16.91
CA GLY M 115 32.53 22.19 17.64
C GLY M 115 32.75 21.53 19.00
N VAL M 116 31.67 21.20 19.70
CA VAL M 116 31.82 20.51 20.97
C VAL M 116 32.42 19.13 20.75
N ARG M 117 31.98 18.42 19.72
CA ARG M 117 32.60 17.13 19.43
C ARG M 117 34.08 17.29 19.07
N GLY M 118 34.39 18.29 18.24
CA GLY M 118 35.78 18.52 17.87
C GLY M 118 36.66 18.89 19.04
N SER M 119 36.16 19.77 19.92
CA SER M 119 36.92 20.18 21.09
C SER M 119 37.08 19.04 22.08
N SER M 120 36.07 18.18 22.21
CA SER M 120 36.24 16.95 22.96
C SER M 120 37.29 16.06 22.32
N GLN M 121 37.51 16.19 21.02
CA GLN M 121 38.64 15.52 20.39
C GLN M 121 39.93 16.31 20.55
N GLN M 122 39.89 17.63 20.38
CA GLN M 122 41.10 18.43 20.48
C GLN M 122 40.74 19.83 21.01
N PRO M 123 41.13 20.15 22.24
CA PRO M 123 40.57 21.33 22.91
C PRO M 123 40.85 22.67 22.24
N ARG M 124 41.92 22.81 21.46
CA ARG M 124 42.27 24.12 20.92
C ARG M 124 41.21 24.68 19.98
N LEU M 125 40.33 23.83 19.45
CA LEU M 125 39.23 24.27 18.60
C LEU M 125 38.25 25.18 19.35
N PHE M 126 38.27 25.17 20.69
CA PHE M 126 37.23 25.82 21.47
C PHE M 126 37.19 27.33 21.22
N VAL M 127 38.35 27.97 21.12
CA VAL M 127 38.38 29.42 20.94
C VAL M 127 37.78 29.80 19.58
N GLY M 128 38.04 29.00 18.55
CA GLY M 128 37.39 29.22 17.27
C GLY M 128 35.90 28.94 17.33
N MET M 129 35.53 27.88 18.04
CA MET M 129 34.12 27.51 18.16
C MET M 129 33.30 28.64 18.76
N ILE M 130 33.79 29.23 19.85
CA ILE M 130 33.02 30.30 20.49
C ILE M 130 32.88 31.49 19.56
N LEU M 131 33.91 31.78 18.77
CA LEU M 131 33.82 32.88 17.81
C LEU M 131 32.75 32.61 16.76
N ILE M 132 32.76 31.40 16.20
CA ILE M 132 31.75 31.06 15.20
C ILE M 132 30.35 31.09 15.81
N LEU M 133 30.23 30.60 17.05
CA LEU M 133 28.95 30.66 17.74
C LEU M 133 28.50 32.09 17.97
N ILE M 134 29.46 33.00 18.23
CA ILE M 134 29.14 34.42 18.35
C ILE M 134 28.57 34.94 17.04
N PHE M 135 29.22 34.59 15.92
CA PHE M 135 28.70 35.00 14.61
C PHE M 135 27.28 34.46 14.40
N ALA M 136 27.04 33.22 14.82
CA ALA M 136 25.71 32.62 14.66
C ALA M 136 24.66 33.32 15.53
N GLU M 137 25.03 33.67 16.76
CA GLU M 137 24.10 34.30 17.70
C GLU M 137 23.81 35.74 17.31
N VAL M 138 24.80 36.40 16.70
CA VAL M 138 24.64 37.78 16.28
C VAL M 138 23.53 37.92 15.24
N LEU M 139 23.21 36.83 14.52
CA LEU M 139 22.05 36.86 13.62
C LEU M 139 20.76 37.12 14.39
N GLY M 140 20.58 36.41 15.50
CA GLY M 140 19.44 36.68 16.37
C GLY M 140 19.52 38.03 17.03
N LEU M 141 20.73 38.51 17.32
CA LEU M 141 20.87 39.87 17.83
C LEU M 141 20.37 40.90 16.81
N TYR M 142 20.70 40.70 15.53
CA TYR M 142 20.16 41.56 14.47
C TYR M 142 18.64 41.50 14.42
N GLY M 143 18.09 40.29 14.53
CA GLY M 143 16.63 40.17 14.59
C GLY M 143 16.04 40.94 15.75
N LEU M 144 16.71 40.88 16.90
CA LEU M 144 16.29 41.65 18.06
C LEU M 144 16.30 43.14 17.76
N ILE M 145 17.37 43.61 17.12
CA ILE M 145 17.51 45.04 16.83
C ILE M 145 16.38 45.50 15.91
N VAL M 146 16.11 44.74 14.85
CA VAL M 146 15.04 45.08 13.91
C VAL M 146 13.70 45.10 14.62
N ALA M 147 13.42 44.06 15.42
CA ALA M 147 12.14 44.00 16.12
C ALA M 147 12.00 45.14 17.12
N LEU M 148 13.10 45.54 17.77
CA LEU M 148 13.05 46.65 18.72
C LEU M 148 12.80 47.98 18.01
N LEU M 149 13.43 48.19 16.86
CA LEU M 149 13.16 49.41 16.10
C LEU M 149 11.70 49.47 15.66
N LEU M 150 11.21 48.35 15.09
CA LEU M 150 9.80 48.29 14.70
C LEU M 150 8.89 48.60 15.88
N ASN M 151 9.09 47.94 17.01
CA ASN M 151 8.28 48.21 18.19
C ASN M 151 8.42 49.67 18.64
N SER M 152 9.60 50.26 18.46
CA SER M 152 9.81 51.65 18.82
C SER M 152 8.94 52.58 17.98
N ARG M 153 8.68 52.22 16.72
CA ARG M 153 7.80 53.03 15.90
C ARG M 153 6.40 52.44 15.75
N ALA M 154 6.04 51.43 16.55
CA ALA M 154 4.73 50.81 16.43
C ALA M 154 3.59 51.76 16.80
N THR M 155 3.82 52.71 17.71
CA THR M 155 2.79 53.63 18.17
C THR M 155 3.29 55.07 18.17
N GLN M 156 4.21 55.40 17.26
CA GLN M 156 4.83 56.73 17.27
C GLN M 156 3.87 57.79 16.75
N ASP M 157 3.45 57.69 15.49
CA ASP M 157 2.58 58.66 14.86
C ASP M 157 1.18 58.11 14.58
N VAL M 158 0.76 57.10 15.33
CA VAL M 158 -0.50 56.41 15.05
C VAL M 158 -1.68 57.29 15.46
N VAL M 159 -2.72 57.27 14.63
CA VAL M 159 -3.95 57.99 14.91
C VAL M 159 -5.09 56.99 15.13
N THR N 2 -22.19 42.87 18.48
CA THR N 2 -21.62 44.21 18.27
C THR N 2 -20.36 44.14 17.43
N GLU N 3 -19.86 45.29 17.00
CA GLU N 3 -18.64 45.33 16.20
C GLU N 3 -17.44 44.86 17.02
N LEU N 4 -17.31 45.36 18.24
CA LEU N 4 -16.19 44.99 19.09
C LEU N 4 -16.28 43.55 19.56
N CYS N 5 -17.49 43.03 19.74
CA CYS N 5 -17.71 41.71 20.34
C CYS N 5 -18.59 40.87 19.42
N PRO N 6 -18.04 40.42 18.28
CA PRO N 6 -18.83 39.59 17.37
C PRO N 6 -19.22 38.27 18.01
N VAL N 7 -20.21 37.62 17.40
CA VAL N 7 -20.65 36.31 17.90
C VAL N 7 -19.54 35.28 17.75
N TYR N 8 -18.70 35.43 16.72
CA TYR N 8 -17.60 34.49 16.50
C TYR N 8 -16.34 34.86 17.29
N ALA N 9 -16.39 35.90 18.12
CA ALA N 9 -15.23 36.25 18.93
C ALA N 9 -14.73 35.10 19.81
N PRO N 10 -15.56 34.32 20.51
CA PRO N 10 -15.02 33.25 21.34
C PRO N 10 -14.32 32.16 20.55
N PHE N 11 -14.45 32.12 19.23
CA PHE N 11 -13.75 31.11 18.44
C PHE N 11 -12.25 31.16 18.66
N PHE N 12 -11.66 32.36 18.56
CA PHE N 12 -10.22 32.50 18.76
C PHE N 12 -9.81 32.15 20.18
N GLY N 13 -10.62 32.51 21.16
CA GLY N 13 -10.32 32.12 22.53
C GLY N 13 -10.34 30.62 22.73
N ALA N 14 -11.34 29.95 22.16
CA ALA N 14 -11.41 28.50 22.25
C ALA N 14 -10.25 27.84 21.52
N ILE N 15 -9.85 28.38 20.37
CA ILE N 15 -8.70 27.83 19.66
C ILE N 15 -7.42 28.06 20.45
N GLY N 16 -7.30 29.19 21.15
CA GLY N 16 -6.14 29.39 22.02
C GLY N 16 -6.13 28.40 23.17
N CYS N 17 -7.30 28.19 23.79
CA CYS N 17 -7.41 27.20 24.86
C CYS N 17 -7.04 25.81 24.35
N ALA N 18 -7.51 25.47 23.14
CA ALA N 18 -7.20 24.17 22.57
C ALA N 18 -5.70 24.03 22.30
N SER N 19 -5.09 25.07 21.71
CA SER N 19 -3.67 25.00 21.38
C SER N 19 -2.82 24.87 22.63
N ALA N 20 -3.19 25.59 23.70
CA ALA N 20 -2.45 25.51 24.95
C ALA N 20 -2.32 24.08 25.43
N ILE N 21 -3.37 23.29 25.28
CA ILE N 21 -3.30 21.88 25.63
C ILE N 21 -2.60 21.08 24.54
N ILE N 22 -3.06 21.21 23.29
CA ILE N 22 -2.60 20.40 22.17
C ILE N 22 -1.07 20.41 22.07
N PHE N 23 -0.48 21.59 21.92
CA PHE N 23 0.94 21.63 21.58
C PHE N 23 1.82 21.37 22.80
N THR N 24 1.40 21.79 23.98
CA THR N 24 2.16 21.46 25.19
C THR N 24 2.11 19.97 25.47
N SER N 25 0.95 19.34 25.29
CA SER N 25 0.83 17.91 25.49
C SER N 25 1.65 17.14 24.46
N LEU N 26 1.66 17.60 23.21
CA LEU N 26 2.51 16.98 22.20
C LEU N 26 3.98 17.06 22.60
N GLY N 27 4.42 18.25 23.03
CA GLY N 27 5.79 18.40 23.48
C GLY N 27 6.12 17.52 24.66
N ALA N 28 5.22 17.48 25.65
CA ALA N 28 5.44 16.65 26.83
C ALA N 28 5.46 15.17 26.47
N ALA N 29 4.60 14.74 25.55
CA ALA N 29 4.57 13.35 25.13
C ALA N 29 5.86 12.99 24.41
N TYR N 30 6.32 13.86 23.51
CA TYR N 30 7.59 13.62 22.84
C TYR N 30 8.73 13.54 23.84
N GLY N 31 8.80 14.47 24.79
CA GLY N 31 9.85 14.43 25.78
C GLY N 31 9.83 13.16 26.61
N THR N 32 8.65 12.76 27.10
CA THR N 32 8.52 11.57 27.93
C THR N 32 8.86 10.32 27.13
N ALA N 33 8.36 10.22 25.89
CA ALA N 33 8.62 9.06 25.06
C ALA N 33 10.10 8.97 24.70
N LYS N 34 10.63 10.04 24.11
CA LYS N 34 12.02 10.07 23.67
C LYS N 34 12.98 9.83 24.82
N SER N 35 12.62 10.25 26.03
CA SER N 35 13.50 10.04 27.17
C SER N 35 13.38 8.62 27.72
N GLY N 36 12.17 8.22 28.11
CA GLY N 36 12.00 6.93 28.76
C GLY N 36 12.29 5.73 27.86
N VAL N 37 12.12 5.89 26.55
CA VAL N 37 12.36 4.79 25.63
C VAL N 37 13.81 4.68 25.20
N GLY N 38 14.63 5.70 25.45
CA GLY N 38 16.01 5.69 25.02
C GLY N 38 16.95 4.97 25.96
N ILE N 39 16.52 4.72 27.19
CA ILE N 39 17.40 4.10 28.18
C ILE N 39 17.76 2.70 27.74
N CYS N 40 19.06 2.43 27.66
CA CYS N 40 19.57 1.12 27.24
C CYS N 40 20.97 0.95 27.81
N ALA N 41 21.68 -0.06 27.29
CA ALA N 41 23.05 -0.38 27.72
C ALA N 41 23.14 -0.54 29.23
N THR N 42 23.90 0.35 29.88
CA THR N 42 24.03 0.28 31.34
C THR N 42 22.69 0.52 32.04
N CYS N 43 21.83 1.34 31.44
CA CYS N 43 20.50 1.59 32.02
C CYS N 43 19.61 0.36 32.00
N VAL N 44 19.96 -0.67 31.22
CA VAL N 44 19.17 -1.90 31.24
C VAL N 44 19.30 -2.61 32.57
N LEU N 45 20.47 -2.55 33.20
CA LEU N 45 20.64 -3.11 34.54
C LEU N 45 20.14 -2.15 35.61
N ARG N 46 20.74 -0.97 35.69
CA ARG N 46 20.36 0.11 36.60
C ARG N 46 20.11 -0.40 38.03
N PRO N 47 21.12 -0.97 38.70
CA PRO N 47 20.89 -1.54 40.03
C PRO N 47 20.83 -0.49 41.14
N ASP N 48 21.54 0.62 40.96
CA ASP N 48 21.78 1.55 42.07
C ASP N 48 20.54 2.33 42.48
N LEU N 49 19.45 2.27 41.72
CA LEU N 49 18.26 3.05 42.05
C LEU N 49 17.05 2.43 41.37
N LEU N 50 15.87 2.79 41.88
CA LEU N 50 14.62 2.34 41.28
C LEU N 50 14.31 3.05 39.96
N PHE N 51 14.93 4.21 39.74
CA PHE N 51 14.67 5.02 38.55
C PHE N 51 15.85 5.92 38.26
N LYS N 52 16.21 6.03 36.97
CA LYS N 52 17.37 6.82 36.57
C LYS N 52 17.14 7.70 35.37
N ASN N 53 15.95 7.68 34.76
CA ASN N 53 15.67 8.46 33.56
C ASN N 53 14.45 9.36 33.73
N ILE N 54 14.17 9.79 34.95
CA ILE N 54 12.90 10.45 35.25
C ILE N 54 12.97 11.96 34.99
N VAL N 55 14.14 12.58 35.18
CA VAL N 55 14.21 14.04 35.13
C VAL N 55 13.72 14.61 33.81
N PRO N 56 14.11 14.10 32.64
CA PRO N 56 13.48 14.59 31.40
C PRO N 56 11.97 14.41 31.40
N VAL N 57 11.48 13.32 31.98
CA VAL N 57 10.05 13.09 32.07
C VAL N 57 9.41 14.09 33.03
N ILE N 58 10.10 14.41 34.13
CA ILE N 58 9.61 15.45 35.04
C ILE N 58 9.45 16.76 34.30
N MET N 59 10.45 17.13 33.50
CA MET N 59 10.39 18.43 32.84
C MET N 59 9.36 18.44 31.71
N ALA N 60 9.17 17.32 31.02
CA ALA N 60 8.08 17.24 30.05
C ALA N 60 6.73 17.39 30.74
N GLY N 61 6.55 16.73 31.89
CA GLY N 61 5.34 16.92 32.65
C GLY N 61 5.14 18.35 33.09
N ILE N 62 6.24 19.04 33.41
CA ILE N 62 6.16 20.45 33.79
C ILE N 62 5.71 21.30 32.60
N ILE N 63 6.19 20.97 31.40
CA ILE N 63 5.70 21.65 30.20
C ILE N 63 4.20 21.44 30.04
N ALA N 64 3.75 20.21 30.24
CA ALA N 64 2.32 19.93 30.17
C ALA N 64 1.56 20.71 31.23
N ILE N 65 2.15 20.89 32.41
CA ILE N 65 1.51 21.67 33.47
C ILE N 65 1.41 23.13 33.07
N TYR N 66 2.42 23.66 32.40
CA TYR N 66 2.32 25.03 31.87
C TYR N 66 1.15 25.15 30.91
N GLY N 67 1.03 24.19 29.99
CA GLY N 67 -0.10 24.19 29.07
C GLY N 67 -1.43 24.13 29.80
N LEU N 68 -1.52 23.27 30.81
CA LEU N 68 -2.74 23.15 31.61
C LEU N 68 -3.09 24.47 32.29
N VAL N 69 -2.09 25.12 32.88
CA VAL N 69 -2.35 26.37 33.61
C VAL N 69 -2.88 27.44 32.66
N VAL N 70 -2.20 27.61 31.52
CA VAL N 70 -2.64 28.65 30.57
C VAL N 70 -4.02 28.31 30.04
N SER N 71 -4.27 27.04 29.73
CA SER N 71 -5.56 26.64 29.20
C SER N 71 -6.68 26.91 30.21
N VAL N 72 -6.44 26.59 31.48
CA VAL N 72 -7.46 26.85 32.51
C VAL N 72 -7.71 28.34 32.67
N LEU N 73 -6.64 29.14 32.65
CA LEU N 73 -6.81 30.58 32.77
C LEU N 73 -7.64 31.15 31.62
N VAL N 74 -7.36 30.71 30.39
CA VAL N 74 -8.14 31.21 29.27
C VAL N 74 -9.55 30.62 29.26
N CYS N 75 -9.74 29.43 29.82
CA CYS N 75 -11.10 28.93 30.06
C CYS N 75 -11.88 29.92 30.91
N TYR N 76 -11.33 30.28 32.06
CA TYR N 76 -12.02 31.21 32.94
C TYR N 76 -12.00 32.64 32.43
N SER N 77 -11.26 32.93 31.36
CA SER N 77 -11.34 34.22 30.70
C SER N 77 -12.30 34.23 29.52
N LEU N 78 -12.84 33.08 29.13
CA LEU N 78 -13.74 32.98 27.99
C LEU N 78 -15.15 33.45 28.37
N GLY N 79 -15.89 33.91 27.36
CA GLY N 79 -17.24 34.39 27.58
C GLY N 79 -18.03 34.38 26.28
N GLN N 80 -19.35 34.49 26.44
CA GLN N 80 -20.24 34.49 25.28
C GLN N 80 -20.19 35.82 24.54
N LYS N 81 -20.32 36.92 25.28
CA LYS N 81 -20.21 38.27 24.71
C LYS N 81 -18.78 38.80 24.78
N GLN N 82 -17.81 37.89 24.73
CA GLN N 82 -16.40 38.24 24.81
C GLN N 82 -16.00 39.11 23.62
N ALA N 83 -15.10 40.07 23.87
CA ALA N 83 -14.62 40.95 22.83
C ALA N 83 -13.74 40.19 21.84
N LEU N 84 -13.73 40.67 20.59
CA LEU N 84 -12.87 40.07 19.58
C LEU N 84 -11.40 40.22 19.94
N TYR N 85 -11.03 41.37 20.49
CA TYR N 85 -9.68 41.56 21.01
C TYR N 85 -9.33 40.51 22.04
N THR N 86 -10.26 40.21 22.95
CA THR N 86 -10.01 39.16 23.94
C THR N 86 -9.81 37.82 23.25
N GLY N 87 -10.55 37.56 22.17
CA GLY N 87 -10.34 36.33 21.43
C GLY N 87 -8.94 36.24 20.83
N PHE N 88 -8.50 37.33 20.21
CA PHE N 88 -7.14 37.35 19.66
C PHE N 88 -6.09 37.19 20.76
N ILE N 89 -6.32 37.80 21.92
CA ILE N 89 -5.35 37.71 23.01
C ILE N 89 -5.27 36.29 23.55
N GLN N 90 -6.43 35.64 23.72
CA GLN N 90 -6.43 34.27 24.20
C GLN N 90 -5.80 33.34 23.18
N LEU N 91 -6.06 33.58 21.88
CA LEU N 91 -5.39 32.80 20.84
C LEU N 91 -3.89 33.00 20.89
N GLY N 92 -3.44 34.24 21.06
CA GLY N 92 -2.00 34.49 21.12
C GLY N 92 -1.35 33.84 22.31
N ALA N 93 -1.98 33.93 23.48
CA ALA N 93 -1.43 33.29 24.68
C ALA N 93 -1.39 31.77 24.51
N GLY N 94 -2.47 31.19 23.98
CA GLY N 94 -2.49 29.76 23.76
C GLY N 94 -1.42 29.31 22.80
N LEU N 95 -1.26 30.01 21.68
CA LEU N 95 -0.23 29.65 20.71
C LEU N 95 1.16 29.84 21.30
N SER N 96 1.39 30.93 22.01
CA SER N 96 2.67 31.14 22.68
C SER N 96 3.03 29.97 23.56
N VAL N 97 2.18 29.68 24.56
CA VAL N 97 2.51 28.63 25.50
C VAL N 97 2.60 27.28 24.80
N GLY N 98 1.67 26.99 23.89
CA GLY N 98 1.64 25.71 23.21
C GLY N 98 2.87 25.44 22.38
N LEU N 99 3.21 26.34 21.46
CA LEU N 99 4.33 26.07 20.58
C LEU N 99 5.67 26.26 21.27
N SER N 100 5.77 27.18 22.24
CA SER N 100 7.00 27.26 23.03
C SER N 100 7.21 26.00 23.85
N GLY N 101 6.13 25.45 24.42
CA GLY N 101 6.24 24.19 25.14
C GLY N 101 6.49 23.01 24.23
N LEU N 102 5.99 23.07 23.00
CA LEU N 102 6.31 22.03 22.01
C LEU N 102 7.80 22.05 21.69
N ALA N 103 8.36 23.24 21.48
CA ALA N 103 9.80 23.36 21.26
C ALA N 103 10.58 22.86 22.47
N ALA N 104 10.15 23.25 23.67
CA ALA N 104 10.82 22.80 24.88
C ALA N 104 10.72 21.29 25.04
N GLY N 105 9.58 20.70 24.68
CA GLY N 105 9.43 19.27 24.76
C GLY N 105 10.31 18.53 23.78
N PHE N 106 10.42 19.05 22.55
CA PHE N 106 11.35 18.47 21.60
C PHE N 106 12.78 18.53 22.11
N ALA N 107 13.18 19.68 22.66
CA ALA N 107 14.53 19.83 23.19
C ALA N 107 14.77 18.87 24.35
N ILE N 108 13.81 18.78 25.27
CA ILE N 108 13.95 17.89 26.43
C ILE N 108 14.03 16.44 25.97
N GLY N 109 13.18 16.06 25.02
CA GLY N 109 13.21 14.70 24.51
C GLY N 109 14.54 14.35 23.86
N ILE N 110 15.07 15.24 23.04
CA ILE N 110 16.33 14.96 22.36
C ILE N 110 17.47 14.90 23.36
N VAL N 111 17.53 15.85 24.29
CA VAL N 111 18.61 15.87 25.28
C VAL N 111 18.53 14.64 26.18
N GLY N 112 17.33 14.28 26.63
CA GLY N 112 17.19 13.10 27.47
C GLY N 112 17.51 11.82 26.73
N ASP N 113 17.11 11.73 25.47
CA ASP N 113 17.47 10.57 24.65
C ASP N 113 18.98 10.45 24.52
N ALA N 114 19.66 11.56 24.28
CA ALA N 114 21.11 11.54 24.22
C ALA N 114 21.71 11.11 25.56
N GLY N 115 21.18 11.64 26.66
CA GLY N 115 21.75 11.34 27.97
C GLY N 115 21.59 9.88 28.37
N VAL N 116 20.40 9.33 28.17
CA VAL N 116 20.15 7.97 28.62
C VAL N 116 20.67 6.95 27.61
N ARG N 117 20.63 7.28 26.31
CA ARG N 117 21.20 6.40 25.30
C ARG N 117 22.71 6.28 25.48
N GLY N 118 23.38 7.39 25.79
CA GLY N 118 24.79 7.38 26.08
C GLY N 118 25.08 7.13 27.55
N SER N 119 24.32 6.21 28.14
CA SER N 119 24.49 5.90 29.56
C SER N 119 25.91 5.42 29.85
N SER N 120 26.44 5.86 30.99
CA SER N 120 27.78 5.47 31.40
C SER N 120 27.86 5.49 32.92
N GLN N 121 28.84 4.77 33.46
CA GLN N 121 29.01 4.71 34.90
C GLN N 121 29.49 6.02 35.49
N GLN N 122 30.08 6.90 34.68
CA GLN N 122 30.56 8.18 35.17
C GLN N 122 29.36 9.04 35.58
N PRO N 123 29.43 9.70 36.74
CA PRO N 123 28.30 10.54 37.19
C PRO N 123 28.16 11.84 36.40
N ARG N 124 29.15 12.18 35.56
CA ARG N 124 29.19 13.51 34.94
C ARG N 124 27.89 13.85 34.22
N LEU N 125 27.41 12.93 33.36
CA LEU N 125 26.22 13.21 32.59
C LEU N 125 25.00 13.41 33.48
N PHE N 126 24.74 12.46 34.38
CA PHE N 126 23.52 12.52 35.16
C PHE N 126 23.55 13.59 36.25
N VAL N 127 24.69 14.25 36.45
CA VAL N 127 24.74 15.39 37.37
C VAL N 127 24.90 16.73 36.63
N GLY N 128 25.24 16.72 35.35
CA GLY N 128 25.48 17.96 34.64
C GLY N 128 24.53 18.26 33.50
N MET N 129 23.99 17.22 32.85
CA MET N 129 23.05 17.40 31.77
C MET N 129 21.71 17.94 32.23
N ILE N 130 21.43 17.89 33.54
CA ILE N 130 20.24 18.54 34.05
C ILE N 130 20.31 20.04 33.82
N LEU N 131 21.50 20.61 33.67
CA LEU N 131 21.61 22.02 33.33
C LEU N 131 21.13 22.28 31.90
N ILE N 132 21.55 21.43 30.95
CA ILE N 132 21.04 21.53 29.60
C ILE N 132 19.54 21.30 29.58
N LEU N 133 19.06 20.38 30.41
CA LEU N 133 17.63 20.12 30.51
C LEU N 133 16.88 21.33 31.04
N ILE N 134 17.48 22.06 31.99
CA ILE N 134 16.89 23.30 32.49
C ILE N 134 16.86 24.34 31.39
N PHE N 135 17.94 24.44 30.60
CA PHE N 135 17.93 25.38 29.48
C PHE N 135 16.88 25.01 28.44
N ALA N 136 16.56 23.72 28.31
CA ALA N 136 15.49 23.31 27.41
C ALA N 136 14.11 23.63 27.98
N GLU N 137 13.93 23.40 29.28
CA GLU N 137 12.63 23.61 29.91
C GLU N 137 12.33 25.08 30.13
N VAL N 138 13.36 25.92 30.23
CA VAL N 138 13.12 27.34 30.44
C VAL N 138 12.56 27.97 29.18
N LEU N 139 12.66 27.30 28.02
CA LEU N 139 11.95 27.77 26.84
C LEU N 139 10.45 27.68 27.02
N GLY N 140 9.97 26.54 27.54
CA GLY N 140 8.57 26.45 27.91
C GLY N 140 8.20 27.41 29.02
N LEU N 141 9.14 27.68 29.93
CA LEU N 141 8.89 28.69 30.95
C LEU N 141 8.71 30.08 30.34
N TYR N 142 9.52 30.43 29.34
CA TYR N 142 9.34 31.70 28.63
C TYR N 142 7.98 31.75 27.93
N GLY N 143 7.61 30.65 27.27
CA GLY N 143 6.29 30.59 26.68
C GLY N 143 5.18 30.79 27.70
N LEU N 144 5.34 30.20 28.88
CA LEU N 144 4.38 30.40 29.96
C LEU N 144 4.32 31.85 30.39
N ILE N 145 5.49 32.51 30.52
CA ILE N 145 5.50 33.90 30.94
C ILE N 145 4.79 34.78 29.93
N VAL N 146 5.08 34.57 28.64
CA VAL N 146 4.41 35.33 27.59
C VAL N 146 2.90 35.10 27.64
N ALA N 147 2.50 33.84 27.78
CA ALA N 147 1.07 33.53 27.81
C ALA N 147 0.39 34.18 29.00
N LEU N 148 1.02 34.11 30.18
CA LEU N 148 0.40 34.69 31.38
C LEU N 148 0.28 36.20 31.27
N LEU N 149 1.32 36.89 30.81
CA LEU N 149 1.24 38.33 30.64
C LEU N 149 0.16 38.71 29.63
N LEU N 150 0.19 38.04 28.47
CA LEU N 150 -0.78 38.37 27.42
C LEU N 150 -2.20 38.13 27.90
N ASN N 151 -2.44 36.99 28.56
CA ASN N 151 -3.77 36.70 29.08
C ASN N 151 -4.19 37.71 30.16
N SER N 152 -3.24 38.13 30.99
CA SER N 152 -3.54 39.21 31.94
C SER N 152 -3.97 40.47 31.21
N ARG N 153 -3.46 40.69 30.00
CA ARG N 153 -3.92 41.82 29.20
C ARG N 153 -5.18 41.51 28.40
N ALA N 154 -5.72 40.30 28.48
CA ALA N 154 -6.86 39.93 27.64
C ALA N 154 -8.10 40.77 27.94
N THR N 155 -8.36 41.05 29.21
CA THR N 155 -9.53 41.80 29.62
C THR N 155 -9.10 43.04 30.41
N GLN N 156 -8.13 43.77 29.85
CA GLN N 156 -7.63 45.00 30.43
C GLN N 156 -8.03 46.16 29.53
N ASP N 157 -8.77 47.12 30.09
CA ASP N 157 -9.26 48.28 29.35
C ASP N 157 -10.08 47.85 28.12
N VAL N 158 -10.86 46.77 28.29
CA VAL N 158 -11.67 46.22 27.21
C VAL N 158 -13.11 46.69 27.38
N VAL N 159 -13.72 47.10 26.28
CA VAL N 159 -15.12 47.53 26.29
C VAL N 159 -15.94 46.68 25.34
N SER O 7 -33.82 35.15 15.31
CA SER O 7 -34.34 34.86 16.64
C SER O 7 -33.32 35.26 17.72
N ASN O 8 -32.11 34.71 17.60
CA ASN O 8 -31.04 34.99 18.56
C ASN O 8 -29.72 34.98 17.82
N ILE O 9 -29.04 36.13 17.77
CA ILE O 9 -27.78 36.23 17.05
C ILE O 9 -26.70 35.38 17.70
N TYR O 10 -26.79 35.17 19.01
CA TYR O 10 -25.79 34.39 19.73
C TYR O 10 -26.02 32.89 19.62
N ALA O 11 -27.14 32.46 19.05
CA ALA O 11 -27.44 31.04 18.88
C ALA O 11 -27.84 30.75 17.44
N PRO O 12 -26.91 30.88 16.50
CA PRO O 12 -27.21 30.52 15.12
C PRO O 12 -27.36 29.02 14.95
N LEU O 13 -28.09 28.63 13.92
CA LEU O 13 -28.46 27.23 13.73
C LEU O 13 -27.27 26.33 13.40
N TYR O 14 -26.14 26.89 12.95
CA TYR O 14 -24.99 26.08 12.61
C TYR O 14 -24.08 25.78 13.80
N ALA O 15 -24.39 26.28 14.99
CA ALA O 15 -23.60 25.95 16.18
C ALA O 15 -23.50 24.46 16.47
N PRO O 16 -24.56 23.64 16.32
CA PRO O 16 -24.39 22.20 16.53
C PRO O 16 -23.36 21.55 15.65
N PHE O 17 -23.04 22.13 14.49
CA PHE O 17 -21.91 21.63 13.70
C PHE O 17 -20.66 21.60 14.56
N PHE O 18 -20.35 22.71 15.21
CA PHE O 18 -19.16 22.77 16.06
C PHE O 18 -19.32 21.92 17.30
N GLY O 19 -20.54 21.80 17.84
CA GLY O 19 -20.73 20.90 18.98
C GLY O 19 -20.39 19.45 18.64
N PHE O 20 -20.93 18.96 17.53
CA PHE O 20 -20.66 17.59 17.09
C PHE O 20 -19.21 17.44 16.63
N ALA O 21 -18.61 18.50 16.08
CA ALA O 21 -17.19 18.46 15.80
C ALA O 21 -16.38 18.28 17.07
N GLY O 22 -16.79 18.93 18.16
CA GLY O 22 -16.17 18.67 19.44
C GLY O 22 -16.31 17.23 19.88
N CYS O 23 -17.51 16.66 19.67
CA CYS O 23 -17.72 15.25 19.99
C CYS O 23 -16.74 14.36 19.21
N ALA O 24 -16.65 14.59 17.90
CA ALA O 24 -15.77 13.78 17.05
C ALA O 24 -14.31 13.97 17.43
N ALA O 25 -13.89 15.21 17.65
CA ALA O 25 -12.50 15.46 18.03
C ALA O 25 -12.17 14.80 19.36
N ALA O 26 -13.13 14.74 20.27
CA ALA O 26 -12.91 13.99 21.50
C ALA O 26 -12.73 12.52 21.21
N MET O 27 -13.72 11.89 20.57
CA MET O 27 -13.74 10.43 20.49
C MET O 27 -12.71 9.89 19.50
N VAL O 28 -12.65 10.43 18.29
CA VAL O 28 -11.73 9.93 17.28
C VAL O 28 -10.29 10.01 17.77
N LEU O 29 -9.91 11.16 18.31
CA LEU O 29 -8.53 11.36 18.72
C LEU O 29 -8.21 10.58 20.00
N SER O 30 -9.18 10.46 20.91
CA SER O 30 -8.96 9.61 22.07
C SER O 30 -8.79 8.17 21.65
N CYS O 31 -9.53 7.74 20.63
CA CYS O 31 -9.32 6.41 20.05
C CYS O 31 -7.93 6.30 19.45
N LEU O 32 -7.45 7.33 18.76
CA LEU O 32 -6.08 7.32 18.27
C LEU O 32 -5.10 7.10 19.41
N GLY O 33 -5.23 7.88 20.48
CA GLY O 33 -4.34 7.71 21.61
C GLY O 33 -4.42 6.33 22.22
N ALA O 34 -5.63 5.83 22.44
CA ALA O 34 -5.81 4.53 23.06
C ALA O 34 -5.28 3.41 22.19
N ALA O 35 -5.47 3.51 20.87
CA ALA O 35 -5.00 2.47 19.96
C ALA O 35 -3.48 2.50 19.82
N ILE O 36 -2.89 3.68 19.68
CA ILE O 36 -1.44 3.77 19.63
C ILE O 36 -0.84 3.18 20.91
N GLY O 37 -1.35 3.61 22.07
CA GLY O 37 -0.82 3.08 23.32
C GLY O 37 -0.99 1.58 23.43
N THR O 38 -2.20 1.09 23.14
CA THR O 38 -2.52 -0.32 23.34
C THR O 38 -1.76 -1.21 22.37
N ALA O 39 -1.77 -0.87 21.08
CA ALA O 39 -1.05 -1.67 20.09
C ALA O 39 0.45 -1.62 20.31
N LYS O 40 1.01 -0.42 20.47
CA LYS O 40 2.45 -0.28 20.63
C LYS O 40 2.93 -1.04 21.86
N SER O 41 2.25 -0.85 23.00
CA SER O 41 2.61 -1.58 24.20
C SER O 41 2.38 -3.08 24.05
N GLY O 42 1.34 -3.49 23.31
CA GLY O 42 1.11 -4.90 23.08
C GLY O 42 2.23 -5.56 22.30
N ILE O 43 2.84 -4.81 21.38
CA ILE O 43 4.00 -5.35 20.67
C ILE O 43 5.09 -5.76 21.65
N GLY O 44 5.35 -4.93 22.66
CA GLY O 44 6.30 -5.30 23.70
C GLY O 44 5.80 -6.45 24.55
N ILE O 45 4.52 -6.40 24.95
CA ILE O 45 3.96 -7.40 25.86
C ILE O 45 4.00 -8.79 25.24
N ALA O 46 3.87 -8.88 23.92
CA ALA O 46 3.83 -10.18 23.25
C ALA O 46 5.12 -10.96 23.44
N GLY O 47 6.26 -10.29 23.46
CA GLY O 47 7.53 -10.97 23.57
C GLY O 47 7.94 -11.17 25.01
N ILE O 48 7.59 -10.22 25.87
CA ILE O 48 7.90 -10.31 27.29
C ILE O 48 6.88 -11.20 27.98
N GLY O 49 7.15 -11.56 29.23
CA GLY O 49 6.21 -12.28 30.05
C GLY O 49 6.57 -13.72 30.33
N THR O 50 7.32 -14.38 29.44
CA THR O 50 7.77 -15.76 29.63
C THR O 50 6.62 -16.69 30.06
N PHE O 51 5.40 -16.34 29.64
CA PHE O 51 4.20 -17.15 29.89
C PHE O 51 3.89 -17.32 31.37
N LYS O 52 4.37 -16.42 32.22
CA LYS O 52 4.05 -16.49 33.65
C LYS O 52 2.65 -15.92 33.88
N PRO O 53 1.71 -16.71 34.41
CA PRO O 53 0.32 -16.24 34.52
C PRO O 53 0.12 -15.10 35.52
N GLU O 54 0.64 -15.26 36.74
CA GLU O 54 0.27 -14.34 37.82
C GLU O 54 0.74 -12.91 37.58
N LEU O 55 1.82 -12.70 36.82
CA LEU O 55 2.35 -11.37 36.60
C LEU O 55 1.77 -10.70 35.35
N ILE O 56 0.82 -11.35 34.69
CA ILE O 56 0.18 -10.75 33.52
C ILE O 56 -0.51 -9.45 33.89
N MET O 57 -1.04 -9.36 35.11
CA MET O 57 -1.70 -8.14 35.55
C MET O 57 -0.73 -6.97 35.73
N LYS O 58 0.56 -7.25 35.93
CA LYS O 58 1.56 -6.20 35.89
C LYS O 58 2.06 -5.96 34.47
N SER O 59 1.99 -6.99 33.62
CA SER O 59 2.35 -6.80 32.21
C SER O 59 1.35 -5.91 31.49
N LEU O 60 0.07 -5.94 31.88
CA LEU O 60 -0.99 -5.27 31.15
C LEU O 60 -1.20 -3.82 31.55
N ILE O 61 -0.39 -3.26 32.44
CA ILE O 61 -0.58 -1.88 32.91
C ILE O 61 -0.64 -0.88 31.75
N PRO O 62 0.29 -0.91 30.78
CA PRO O 62 0.22 0.09 29.70
C PRO O 62 -1.08 0.06 28.91
N VAL O 63 -1.63 -1.13 28.63
CA VAL O 63 -2.87 -1.17 27.86
C VAL O 63 -4.04 -0.74 28.74
N VAL O 64 -3.96 -0.93 30.05
CA VAL O 64 -4.98 -0.40 30.94
C VAL O 64 -4.99 1.12 30.89
N MET O 65 -3.81 1.74 31.03
CA MET O 65 -3.73 3.19 30.96
C MET O 65 -4.19 3.71 29.59
N SER O 66 -3.79 3.00 28.53
CA SER O 66 -4.23 3.36 27.18
C SER O 66 -5.75 3.32 27.06
N GLY O 67 -6.37 2.29 27.64
CA GLY O 67 -7.83 2.24 27.66
C GLY O 67 -8.44 3.36 28.48
N ILE O 68 -7.78 3.74 29.58
CA ILE O 68 -8.27 4.86 30.38
C ILE O 68 -8.30 6.14 29.56
N LEU O 69 -7.33 6.31 28.65
CA LEU O 69 -7.38 7.47 27.76
C LEU O 69 -8.67 7.50 26.95
N ALA O 70 -9.04 6.36 26.36
CA ALA O 70 -10.31 6.29 25.64
C ALA O 70 -11.49 6.52 26.57
N ILE O 71 -11.34 6.13 27.84
CA ILE O 71 -12.40 6.42 28.82
C ILE O 71 -12.57 7.92 28.97
N TYR O 72 -11.47 8.65 29.08
CA TYR O 72 -11.55 10.11 29.12
C TYR O 72 -12.26 10.65 27.90
N GLY O 73 -11.87 10.15 26.72
CA GLY O 73 -12.51 10.60 25.50
C GLY O 73 -14.00 10.33 25.48
N LEU O 74 -14.41 9.13 25.88
CA LEU O 74 -15.82 8.79 25.94
C LEU O 74 -16.56 9.70 26.90
N VAL O 75 -15.99 9.92 28.10
CA VAL O 75 -16.63 10.79 29.08
C VAL O 75 -16.89 12.16 28.47
N VAL O 76 -15.86 12.74 27.83
CA VAL O 76 -15.98 14.09 27.30
C VAL O 76 -16.98 14.12 26.15
N ALA O 77 -16.91 13.15 25.24
CA ALA O 77 -17.84 13.12 24.12
C ALA O 77 -19.28 12.94 24.59
N VAL O 78 -19.49 12.15 25.64
CA VAL O 78 -20.84 11.98 26.19
C VAL O 78 -21.32 13.28 26.81
N LEU O 79 -20.46 13.95 27.58
CA LEU O 79 -20.88 15.20 28.19
C LEU O 79 -21.21 16.25 27.14
N ILE O 80 -20.44 16.29 26.06
CA ILE O 80 -20.74 17.23 24.98
C ILE O 80 -22.05 16.87 24.30
N ALA O 81 -22.23 15.59 23.96
CA ALA O 81 -23.44 15.16 23.25
C ALA O 81 -24.69 15.37 24.08
N GLY O 82 -24.58 15.24 25.40
CA GLY O 82 -25.73 15.47 26.27
C GLY O 82 -26.18 16.90 26.32
N ASN O 83 -25.32 17.84 25.95
CA ASN O 83 -25.69 19.25 25.85
C ASN O 83 -26.13 19.65 24.46
N LEU O 84 -26.18 18.69 23.53
CA LEU O 84 -26.61 18.92 22.16
C LEU O 84 -28.03 18.39 21.97
N SER O 85 -28.92 19.24 21.46
CA SER O 85 -30.29 18.83 21.18
C SER O 85 -30.88 19.82 20.18
N PRO O 86 -31.73 19.36 19.27
CA PRO O 86 -32.27 20.26 18.24
C PRO O 86 -33.28 21.26 18.79
N THR O 87 -33.92 20.97 19.92
CA THR O 87 -34.95 21.84 20.46
C THR O 87 -34.42 22.84 21.48
N GLU O 88 -33.16 22.75 21.87
CA GLU O 88 -32.59 23.66 22.86
C GLU O 88 -31.96 24.86 22.17
N ASP O 89 -31.78 25.93 22.96
CA ASP O 89 -31.22 27.19 22.48
C ASP O 89 -29.69 27.15 22.50
N TYR O 90 -29.15 26.24 21.70
CA TYR O 90 -27.71 26.00 21.68
C TYR O 90 -26.99 27.17 21.01
N THR O 91 -26.13 27.84 21.78
CA THR O 91 -25.44 29.04 21.32
C THR O 91 -24.18 28.69 20.55
N LEU O 92 -23.69 29.66 19.78
CA LEU O 92 -22.44 29.48 19.05
C LEU O 92 -21.24 29.49 19.99
N PHE O 93 -21.30 30.30 21.04
CA PHE O 93 -20.29 30.23 22.09
C PHE O 93 -20.15 28.81 22.62
N ASN O 94 -21.28 28.17 22.92
CA ASN O 94 -21.24 26.79 23.38
C ASN O 94 -20.69 25.87 22.29
N GLY O 95 -20.94 26.19 21.02
CA GLY O 95 -20.37 25.41 19.94
C GLY O 95 -18.85 25.44 19.94
N PHE O 96 -18.27 26.64 20.05
CA PHE O 96 -16.83 26.75 20.12
C PHE O 96 -16.29 26.13 21.41
N MET O 97 -17.02 26.25 22.51
CA MET O 97 -16.58 25.67 23.77
C MET O 97 -16.52 24.15 23.66
N HIS O 98 -17.51 23.54 23.03
CA HIS O 98 -17.50 22.08 22.85
C HIS O 98 -16.43 21.66 21.84
N LEU O 99 -16.21 22.46 20.80
CA LEU O 99 -15.12 22.16 19.87
C LEU O 99 -13.78 22.20 20.57
N SER O 100 -13.56 23.18 21.46
CA SER O 100 -12.32 23.23 22.23
C SER O 100 -12.23 22.08 23.22
N CYS O 101 -13.36 21.68 23.82
CA CYS O 101 -13.37 20.47 24.63
C CYS O 101 -12.84 19.29 23.84
N GLY O 102 -13.41 19.07 22.66
CA GLY O 102 -13.00 17.95 21.84
C GLY O 102 -11.53 18.02 21.46
N LEU O 103 -11.08 19.18 20.99
CA LEU O 103 -9.69 19.31 20.59
C LEU O 103 -8.75 19.08 21.78
N CYS O 104 -9.03 19.70 22.92
CA CYS O 104 -8.18 19.56 24.10
C CYS O 104 -8.07 18.10 24.52
N VAL O 105 -9.21 17.44 24.74
CA VAL O 105 -9.16 16.08 25.27
C VAL O 105 -8.60 15.13 24.21
N GLY O 106 -8.99 15.31 22.95
CA GLY O 106 -8.52 14.39 21.92
C GLY O 106 -7.03 14.47 21.70
N PHE O 107 -6.48 15.69 21.62
CA PHE O 107 -5.05 15.80 21.40
C PHE O 107 -4.24 15.46 22.65
N ALA O 108 -4.76 15.77 23.84
CA ALA O 108 -4.08 15.33 25.05
C ALA O 108 -4.04 13.82 25.15
N CYS O 109 -5.15 13.15 24.81
CA CYS O 109 -5.16 11.69 24.84
C CYS O 109 -4.33 11.10 23.71
N LEU O 110 -4.24 11.77 22.56
CA LEU O 110 -3.38 11.31 21.48
C LEU O 110 -1.91 11.37 21.91
N SER O 111 -1.51 12.49 22.50
CA SER O 111 -0.16 12.61 23.03
C SER O 111 0.11 11.58 24.11
N SER O 112 -0.86 11.39 25.02
CA SER O 112 -0.71 10.41 26.08
C SER O 112 -0.57 9.01 25.51
N GLY O 113 -1.34 8.69 24.47
CA GLY O 113 -1.22 7.37 23.86
C GLY O 113 0.11 7.16 23.17
N TYR O 114 0.58 8.16 22.44
CA TYR O 114 1.91 8.08 21.84
C TYR O 114 2.97 7.79 22.90
N ALA O 115 2.97 8.59 23.97
CA ALA O 115 3.99 8.42 25.00
C ALA O 115 3.82 7.10 25.75
N ILE O 116 2.57 6.69 26.03
CA ILE O 116 2.33 5.41 26.67
C ILE O 116 2.87 4.27 25.83
N GLY O 117 2.60 4.27 24.53
CA GLY O 117 3.11 3.19 23.70
C GLY O 117 4.63 3.17 23.64
N MET O 118 5.23 4.33 23.35
CA MET O 118 6.68 4.39 23.19
C MET O 118 7.41 4.03 24.47
N VAL O 119 6.91 4.51 25.61
CA VAL O 119 7.51 4.11 26.89
C VAL O 119 7.23 2.64 27.17
N GLY O 120 5.98 2.21 26.99
CA GLY O 120 5.52 0.97 27.59
C GLY O 120 6.04 -0.27 26.88
N ASP O 121 6.26 -0.20 25.57
CA ASP O 121 6.79 -1.37 24.89
C ASP O 121 8.15 -1.77 25.48
N VAL O 122 9.12 -0.86 25.43
CA VAL O 122 10.43 -1.13 26.01
C VAL O 122 10.33 -1.27 27.53
N GLY O 123 9.36 -0.60 28.15
CA GLY O 123 9.21 -0.74 29.59
C GLY O 123 8.87 -2.15 30.00
N VAL O 124 7.82 -2.72 29.39
CA VAL O 124 7.41 -4.08 29.72
C VAL O 124 8.50 -5.06 29.32
N ARG O 125 9.20 -4.80 28.20
CA ARG O 125 10.31 -5.68 27.86
C ARG O 125 11.43 -5.60 28.89
N LYS O 126 11.56 -4.47 29.60
CA LYS O 126 12.58 -4.36 30.64
C LYS O 126 12.13 -4.93 31.98
N TYR O 127 11.09 -4.33 32.59
CA TYR O 127 10.77 -4.67 33.98
C TYR O 127 10.12 -6.04 34.12
N MET O 128 9.55 -6.60 33.06
CA MET O 128 9.07 -7.98 33.14
C MET O 128 10.24 -8.95 33.31
N HIS O 129 11.43 -8.55 32.87
CA HIS O 129 12.64 -9.33 33.09
C HIS O 129 13.54 -8.73 34.15
N GLN O 130 13.35 -7.46 34.49
CA GLN O 130 14.11 -6.77 35.54
C GLN O 130 13.12 -6.09 36.47
N PRO O 131 12.50 -6.85 37.38
CA PRO O 131 11.42 -6.27 38.22
C PRO O 131 11.84 -5.07 39.03
N ARG O 132 13.14 -4.82 39.18
CA ARG O 132 13.59 -3.63 39.89
C ARG O 132 13.12 -2.35 39.23
N LEU O 133 13.07 -2.33 37.89
CA LEU O 133 12.69 -1.15 37.13
C LEU O 133 11.19 -0.93 37.06
N PHE O 134 10.40 -1.80 37.70
CA PHE O 134 8.95 -1.72 37.65
C PHE O 134 8.43 -0.37 38.11
N VAL O 135 8.83 0.06 39.30
CA VAL O 135 8.30 1.30 39.86
C VAL O 135 8.71 2.49 39.01
N GLY O 136 9.93 2.48 38.49
CA GLY O 136 10.37 3.56 37.61
C GLY O 136 9.56 3.65 36.34
N ILE O 137 9.38 2.51 35.66
CA ILE O 137 8.62 2.50 34.42
C ILE O 137 7.17 2.91 34.68
N VAL O 138 6.59 2.43 35.76
CA VAL O 138 5.21 2.79 36.10
C VAL O 138 5.10 4.28 36.39
N LEU O 139 6.10 4.85 37.07
CA LEU O 139 6.09 6.29 37.33
C LEU O 139 6.13 7.08 36.02
N ILE O 140 6.97 6.63 35.08
CA ILE O 140 7.02 7.28 33.78
C ILE O 140 5.67 7.17 33.07
N LEU O 141 5.03 5.99 33.14
CA LEU O 141 3.72 5.82 32.53
C LEU O 141 2.67 6.72 33.18
N ILE O 142 2.78 6.93 34.49
CA ILE O 142 1.87 7.82 35.20
C ILE O 142 2.04 9.25 34.69
N PHE O 143 3.29 9.69 34.54
CA PHE O 143 3.53 11.01 33.98
C PHE O 143 3.05 11.10 32.54
N SER O 144 3.04 9.98 31.83
CA SER O 144 2.48 9.91 30.49
C SER O 144 0.96 10.00 30.46
N GLU O 145 0.30 9.48 31.50
CA GLU O 145 -1.15 9.37 31.53
C GLU O 145 -1.79 10.64 32.09
N VAL O 146 -1.07 11.32 32.99
CA VAL O 146 -1.57 12.59 33.49
C VAL O 146 -1.73 13.62 32.39
N LEU O 147 -1.04 13.44 31.25
CA LEU O 147 -1.27 14.34 30.11
C LEU O 147 -2.72 14.28 29.65
N GLY O 148 -3.20 13.06 29.40
CA GLY O 148 -4.60 12.88 29.06
C GLY O 148 -5.52 13.33 30.19
N LEU O 149 -5.08 13.10 31.43
CA LEU O 149 -5.87 13.61 32.56
C LEU O 149 -6.01 15.14 32.51
N TYR O 150 -4.92 15.84 32.19
CA TYR O 150 -4.97 17.30 32.05
C TYR O 150 -5.94 17.70 30.95
N GLY O 151 -5.85 17.03 29.81
CA GLY O 151 -6.77 17.34 28.71
C GLY O 151 -8.22 17.13 29.09
N MET O 152 -8.50 16.05 29.84
CA MET O 152 -9.86 15.80 30.30
C MET O 152 -10.32 16.87 31.28
N ILE O 153 -9.42 17.33 32.16
CA ILE O 153 -9.77 18.38 33.11
C ILE O 153 -10.17 19.65 32.36
N VAL O 154 -9.36 20.03 31.37
CA VAL O 154 -9.68 21.19 30.56
C VAL O 154 -11.02 21.01 29.85
N ALA O 155 -11.24 19.82 29.30
CA ALA O 155 -12.51 19.55 28.62
C ALA O 155 -13.69 19.71 29.58
N LEU O 156 -13.54 19.19 30.80
CA LEU O 156 -14.62 19.30 31.79
C LEU O 156 -14.89 20.77 32.14
N ILE O 157 -13.83 21.55 32.32
CA ILE O 157 -14.01 22.96 32.65
C ILE O 157 -14.71 23.69 31.52
N LEU O 158 -14.27 23.45 30.28
CA LEU O 158 -14.89 24.09 29.12
C LEU O 158 -16.34 23.66 28.96
N ASN O 159 -16.66 22.40 29.31
CA ASN O 159 -18.04 21.95 29.31
C ASN O 159 -18.89 22.77 30.29
N THR O 160 -18.43 22.85 31.54
CA THR O 160 -19.21 23.60 32.54
C THR O 160 -19.36 25.06 32.17
N ARG O 161 -18.31 25.69 31.64
CA ARG O 161 -18.41 27.11 31.32
C ARG O 161 -19.24 27.37 30.08
N GLY O 162 -19.07 26.57 29.03
CA GLY O 162 -19.78 26.83 27.79
C GLY O 162 -21.27 26.56 27.88
N SER O 163 -21.65 25.46 28.52
CA SER O 163 -23.05 25.03 28.59
C SER O 163 -23.79 25.66 29.76
N GLU O 164 -23.37 26.84 30.20
CA GLU O 164 -24.03 27.55 31.29
C GLU O 164 -25.39 28.11 30.84
N ALA P 8 4.87 -18.05 -40.20
CA ALA P 8 3.43 -18.17 -40.06
C ALA P 8 2.90 -17.20 -39.00
N VAL P 9 3.52 -17.22 -37.82
CA VAL P 9 3.10 -16.33 -36.75
C VAL P 9 3.38 -14.88 -37.12
N ILE P 10 4.48 -14.63 -37.83
CA ILE P 10 4.86 -13.27 -38.18
C ILE P 10 3.78 -12.58 -39.01
N ASN P 11 3.05 -13.35 -39.83
CA ASN P 11 2.01 -12.81 -40.69
C ASN P 11 0.64 -12.80 -40.01
N LYS P 12 0.23 -13.93 -39.44
CA LYS P 12 -1.09 -13.99 -38.82
C LYS P 12 -1.18 -13.10 -37.59
N LEU P 13 -0.08 -12.88 -36.89
CA LEU P 13 -0.12 -11.95 -35.75
C LEU P 13 -0.22 -10.51 -36.23
N MET P 14 0.37 -10.20 -37.39
CA MET P 14 0.09 -8.92 -38.05
C MET P 14 -1.40 -8.81 -38.36
N LEU P 15 -2.00 -9.90 -38.85
CA LEU P 15 -3.44 -9.89 -39.11
C LEU P 15 -4.22 -9.62 -37.83
N PHE P 16 -3.82 -10.23 -36.71
CA PHE P 16 -4.55 -10.00 -35.46
C PHE P 16 -4.39 -8.58 -34.94
N THR P 17 -3.18 -8.00 -35.02
CA THR P 17 -3.03 -6.62 -34.58
C THR P 17 -3.83 -5.67 -35.48
N ALA P 18 -3.83 -5.92 -36.79
CA ALA P 18 -4.63 -5.10 -37.69
C ALA P 18 -6.12 -5.24 -37.38
N ALA P 19 -6.56 -6.47 -37.11
CA ALA P 19 -7.96 -6.71 -36.76
C ALA P 19 -8.34 -5.94 -35.51
N MET P 20 -7.53 -6.05 -34.45
CA MET P 20 -7.85 -5.37 -33.21
C MET P 20 -7.85 -3.86 -33.38
N VAL P 21 -6.92 -3.32 -34.17
CA VAL P 21 -6.87 -1.88 -34.35
C VAL P 21 -8.07 -1.38 -35.16
N VAL P 22 -8.45 -2.13 -36.21
CA VAL P 22 -9.37 -1.60 -37.21
C VAL P 22 -10.81 -2.08 -36.99
N LEU P 23 -11.00 -3.39 -36.94
CA LEU P 23 -12.36 -3.96 -37.00
C LEU P 23 -13.29 -3.45 -35.91
N PRO P 24 -12.88 -3.36 -34.62
CA PRO P 24 -13.81 -2.75 -33.64
C PRO P 24 -14.21 -1.33 -34.00
N VAL P 25 -13.27 -0.54 -34.53
CA VAL P 25 -13.56 0.84 -34.87
C VAL P 25 -14.49 0.92 -36.09
N LEU P 26 -14.22 0.08 -37.11
CA LEU P 26 -15.10 0.07 -38.27
C LEU P 26 -16.50 -0.41 -37.91
N THR P 27 -16.61 -1.46 -37.09
CA THR P 27 -17.91 -1.92 -36.65
C THR P 27 -18.64 -0.82 -35.87
N PHE P 28 -17.91 -0.14 -34.98
CA PHE P 28 -18.45 0.97 -34.22
C PHE P 28 -19.06 2.02 -35.15
N PHE P 29 -18.28 2.51 -36.11
CA PHE P 29 -18.77 3.59 -36.96
C PHE P 29 -19.88 3.12 -37.91
N ILE P 30 -19.81 1.89 -38.41
CA ILE P 30 -20.85 1.39 -39.29
C ILE P 30 -22.18 1.27 -38.54
N ILE P 31 -22.14 0.69 -37.34
CA ILE P 31 -23.36 0.57 -36.55
C ILE P 31 -23.88 1.94 -36.14
N GLN P 32 -22.96 2.87 -35.84
CA GLN P 32 -23.37 4.24 -35.51
C GLN P 32 -24.08 4.89 -36.70
N GLN P 33 -23.58 4.66 -37.91
CA GLN P 33 -24.22 5.19 -39.10
C GLN P 33 -25.60 4.56 -39.31
N PHE P 34 -25.71 3.25 -39.13
CA PHE P 34 -26.98 2.58 -39.39
C PHE P 34 -28.02 2.80 -38.29
N THR P 35 -27.58 2.98 -37.05
CA THR P 35 -28.52 3.08 -35.94
C THR P 35 -28.21 4.30 -35.08
N PRO P 36 -29.25 5.03 -34.65
CA PRO P 36 -29.02 6.14 -33.72
C PRO P 36 -28.87 5.73 -32.26
N ASN P 37 -29.23 4.48 -31.93
CA ASN P 37 -29.18 4.02 -30.55
C ASN P 37 -27.73 3.83 -30.13
N THR P 38 -27.24 4.70 -29.23
CA THR P 38 -25.85 4.66 -28.82
C THR P 38 -25.51 3.38 -28.08
N LEU P 39 -26.43 2.89 -27.25
CA LEU P 39 -26.14 1.76 -26.37
C LEU P 39 -25.75 0.53 -27.17
N ILE P 40 -26.57 0.16 -28.16
CA ILE P 40 -26.25 -1.03 -28.95
C ILE P 40 -25.07 -0.76 -29.88
N SER P 41 -24.81 0.49 -30.24
CA SER P 41 -23.62 0.79 -31.03
C SER P 41 -22.35 0.47 -30.24
N GLY P 42 -22.28 0.96 -29.00
CA GLY P 42 -21.15 0.62 -28.16
C GLY P 42 -21.11 -0.86 -27.85
N GLY P 43 -22.28 -1.48 -27.68
CA GLY P 43 -22.31 -2.91 -27.46
C GLY P 43 -21.72 -3.70 -28.61
N LEU P 44 -22.06 -3.32 -29.84
CA LEU P 44 -21.50 -3.98 -31.01
C LEU P 44 -20.01 -3.73 -31.14
N ALA P 45 -19.56 -2.51 -30.86
CA ALA P 45 -18.12 -2.24 -30.91
C ALA P 45 -17.36 -3.10 -29.91
N ALA P 46 -17.83 -3.14 -28.66
CA ALA P 46 -17.19 -3.96 -27.66
C ALA P 46 -17.28 -5.44 -27.99
N ALA P 47 -18.40 -5.88 -28.57
CA ALA P 47 -18.55 -7.27 -28.97
C ALA P 47 -17.54 -7.63 -30.05
N MET P 48 -17.34 -6.75 -31.04
CA MET P 48 -16.35 -7.01 -32.07
C MET P 48 -14.95 -7.09 -31.47
N ALA P 49 -14.61 -6.16 -30.58
CA ALA P 49 -13.30 -6.20 -29.94
C ALA P 49 -13.10 -7.50 -29.17
N ASN P 50 -14.09 -7.87 -28.35
CA ASN P 50 -13.96 -9.08 -27.54
C ASN P 50 -13.99 -10.35 -28.40
N VAL P 51 -14.68 -10.32 -29.54
CA VAL P 51 -14.66 -11.47 -30.43
C VAL P 51 -13.29 -11.64 -31.07
N VAL P 52 -12.66 -10.53 -31.47
CA VAL P 52 -11.29 -10.61 -31.97
C VAL P 52 -10.37 -11.17 -30.89
N LEU P 53 -10.55 -10.71 -29.65
CA LEU P 53 -9.76 -11.22 -28.53
C LEU P 53 -9.99 -12.71 -28.32
N ILE P 54 -11.23 -13.16 -28.38
CA ILE P 54 -11.54 -14.56 -28.13
C ILE P 54 -10.98 -15.44 -29.23
N VAL P 55 -11.10 -15.01 -30.49
CA VAL P 55 -10.51 -15.77 -31.60
C VAL P 55 -9.00 -15.86 -31.43
N TYR P 56 -8.37 -14.75 -31.03
CA TYR P 56 -6.93 -14.76 -30.81
C TYR P 56 -6.55 -15.73 -29.69
N ILE P 57 -7.31 -15.74 -28.60
CA ILE P 57 -7.01 -16.67 -27.51
C ILE P 57 -7.21 -18.12 -27.96
N VAL P 58 -8.24 -18.36 -28.77
CA VAL P 58 -8.48 -19.73 -29.26
C VAL P 58 -7.30 -20.20 -30.10
N VAL P 59 -6.85 -19.36 -31.04
CA VAL P 59 -5.73 -19.77 -31.88
C VAL P 59 -4.45 -19.87 -31.05
N ALA P 60 -4.33 -19.06 -29.99
CA ALA P 60 -3.16 -19.17 -29.10
C ALA P 60 -3.15 -20.50 -28.37
N PHE P 61 -4.32 -20.95 -27.90
CA PHE P 61 -4.40 -22.30 -27.32
C PHE P 61 -4.09 -23.37 -28.34
N ARG P 62 -4.59 -23.21 -29.57
CA ARG P 62 -4.35 -24.23 -30.59
C ARG P 62 -2.85 -24.35 -30.90
N GLU P 63 -2.15 -23.23 -30.92
CA GLU P 63 -0.69 -23.19 -31.07
C GLU P 63 -0.23 -23.83 -32.38
#